data_8ULK
#
_entry.id   8ULK
#
_cell.length_a   143.982
_cell.length_b   174.605
_cell.length_c   226.286
_cell.angle_alpha   90.00
_cell.angle_beta   90.00
_cell.angle_gamma   90.00
#
_symmetry.space_group_name_H-M   'P 21 21 21'
#
loop_
_entity.id
_entity.type
_entity.pdbx_description
1 polymer 'Fusion glycoprotein F2'
2 polymer '1G12 Fab heavy chain'
3 polymer '1G12 Fab light chain'
4 polymer 'Fusion glycoprotein F0,Fibritin'
#
loop_
_entity_poly.entity_id
_entity_poly.type
_entity_poly.pdbx_seq_one_letter_code
_entity_poly.pdbx_strand_id
1 'polypeptide(L)' QNITEEFYQSTCSAVSKGYLSALRTGWYTSVITIELSNIKENKCNGTDAKVKLIKQELDKYKNAVTELQLLM A,B,C
2 'polypeptide(L)'
;QVQLVQSGAEVKKSGASVQVSCKASGYPFGNYGITWVRQAPGQGLEWMGWISAYNGQTYYAEKFQGRVTMTTDTSTSTGY
MELRSLRSDDTAVYFCARDVPVVAAVLRDYWGQGVTVSSSSASTKGPSVFPLAPGTAALGCLVKDYFPEPVTVSWNSGAL
TSGVHTFPAVLQSSGLYSLSSVVTVPSSSLGTQTYICNVNHKPSNTKVDKRVEPKSCDKGSENLYFQGSHHHHHH
;
D,H,F
3 'polypeptide(L)'
;VKGMTQSPLFLPVTLGQPASISCRSSQSLVHSDGNIYLSWFQQRPGQSPRRLIYKVFDRDSGVPDRFSGSGSGTDFTLKI
SRVEAEDVAHYYCMQATHWPGTFGGGTKLTVLRTVAAPSVFLFPPSSEELQANKATLVCLISDFYPGAVTVAWKADSSPS
KAGVETTTPSKQSNNKYSLSSVLSLTPEQWKSHRSYSCQVTHEGSTVEKTFAPT
;
E,L,G
4 'polypeptide(L)'
;FLGFLLGVGSAIASGVAVCKVLHLEGEVNKIKSALLSTNKAVVSLSNGVSVLTFKVLDLKNYIDKQLLPILNKQSCSISN
IETVIEFQQKNNRLLEITREFSVNAGVTTPVSTYMLTNSELLSLINDMPITNDQKKLMSNNVQIVRQQSYSIMCIIKEEV
LAYVVQLPLYGVIDTPCWKLHTSPLCTTNTKEGSNICLTRTDRGWYCDNAGSVSFFPQAETCKVQSNRVFCDTMNSLTLP
SEVNLCNVDIFNPKYDCKIMTSKTDVSSSVITSLGAIVSCYGKTKCTASNKNRGIIKTFSNGCDYVSNKGVDTVSVGNTL
YYVNKQEGKSLYVKGEPIINFYDPLVFPSDEFDASISQVNEKINQSLAFIRKSDELLSAIGGYIPEAPRDGQAYVRKDGE
WVLLSTFLGGLVPR
;
I,J,K
#
# COMPACT_ATOMS: atom_id res chain seq x y z
N GLN A 1 12.00 40.92 2.54
CA GLN A 1 12.55 41.94 3.43
C GLN A 1 13.07 41.32 4.73
N ASN A 2 13.37 40.03 4.68
CA ASN A 2 13.94 39.32 5.82
C ASN A 2 15.24 38.60 5.49
N ILE A 3 15.35 38.05 4.29
CA ILE A 3 16.53 37.30 3.86
C ILE A 3 17.32 38.14 2.87
N THR A 4 18.63 38.21 3.07
CA THR A 4 19.52 38.98 2.21
C THR A 4 20.67 38.08 1.74
N GLU A 5 21.21 38.41 0.57
CA GLU A 5 22.29 37.66 -0.03
C GLU A 5 23.36 38.60 -0.54
N GLU A 6 24.62 38.19 -0.44
CA GLU A 6 25.76 38.98 -0.88
C GLU A 6 26.67 38.12 -1.75
N PHE A 7 27.14 38.70 -2.85
CA PHE A 7 28.07 38.03 -3.75
C PHE A 7 29.40 38.78 -3.72
N TYR A 8 30.48 38.06 -3.41
CA TYR A 8 31.83 38.62 -3.40
C TYR A 8 32.53 38.19 -4.67
N GLN A 9 32.81 39.15 -5.56
CA GLN A 9 33.43 38.83 -6.84
C GLN A 9 34.90 38.48 -6.70
N SER A 10 35.57 39.01 -5.66
CA SER A 10 36.98 38.71 -5.47
C SER A 10 37.22 37.22 -5.27
N THR A 11 36.49 36.61 -4.33
CA THR A 11 36.60 35.19 -4.06
C THR A 11 35.57 34.36 -4.81
N CYS A 12 34.68 34.99 -5.56
CA CYS A 12 33.63 34.31 -6.32
C CYS A 12 32.81 33.37 -5.42
N SER A 13 32.13 33.98 -4.47
CA SER A 13 31.29 33.25 -3.52
C SER A 13 30.03 34.05 -3.22
N ALA A 14 29.01 33.35 -2.73
CA ALA A 14 27.74 33.96 -2.35
C ALA A 14 27.33 33.50 -0.96
N VAL A 15 26.88 34.44 -0.15
CA VAL A 15 26.44 34.17 1.22
C VAL A 15 24.99 34.61 1.36
N SER A 16 24.12 33.69 1.73
CA SER A 16 22.71 33.98 1.98
C SER A 16 22.50 34.11 3.48
N LYS A 17 22.18 35.33 3.93
CA LYS A 17 22.37 35.72 5.32
C LYS A 17 21.07 35.85 6.11
N GLY A 18 19.93 35.45 5.54
CA GLY A 18 18.67 35.73 6.20
C GLY A 18 18.03 34.56 6.95
N TYR A 19 18.81 33.54 7.28
CA TYR A 19 18.27 32.30 7.82
C TYR A 19 18.41 32.25 9.35
N LEU A 20 17.59 31.40 9.95
CA LEU A 20 17.66 31.06 11.37
C LEU A 20 17.91 29.56 11.52
N SER A 21 18.25 29.15 12.73
CA SER A 21 18.82 27.84 12.98
C SER A 21 17.82 26.88 13.62
N ALA A 22 18.06 25.60 13.39
CA ALA A 22 17.44 24.52 14.17
C ALA A 22 18.37 23.32 14.08
N LEU A 23 19.20 23.15 15.11
CA LEU A 23 20.23 22.10 15.12
C LEU A 23 19.77 20.93 15.97
N ARG A 24 20.17 19.72 15.55
CA ARG A 24 19.67 18.50 16.18
C ARG A 24 20.16 18.36 17.62
N THR A 25 21.47 18.21 17.80
CA THR A 25 22.13 18.33 19.11
C THR A 25 21.74 17.21 20.08
N GLY A 26 20.79 16.35 19.70
CA GLY A 26 20.39 15.30 20.62
C GLY A 26 19.28 14.44 20.05
N TRP A 27 19.07 13.30 20.71
CA TRP A 27 18.04 12.34 20.36
C TRP A 27 17.00 12.24 21.48
N TYR A 28 15.76 11.97 21.08
CA TYR A 28 14.65 11.77 22.02
C TYR A 28 14.06 10.40 21.73
N THR A 29 14.05 9.54 22.73
CA THR A 29 13.61 8.15 22.58
C THR A 29 12.21 7.96 23.18
N SER A 30 11.42 7.13 22.51
CA SER A 30 10.10 6.74 22.98
C SER A 30 9.77 5.35 22.45
N VAL A 31 8.81 4.70 23.08
CA VAL A 31 8.46 3.32 22.78
C VAL A 31 6.98 3.24 22.42
N ILE A 32 6.67 2.56 21.31
CA ILE A 32 5.31 2.35 20.85
C ILE A 32 5.03 0.84 20.89
N THR A 33 3.89 0.47 21.44
CA THR A 33 3.53 -0.94 21.60
C THR A 33 2.15 -1.21 21.03
N ILE A 34 1.98 -2.44 20.55
CA ILE A 34 0.68 -2.95 20.10
C ILE A 34 0.50 -4.35 20.69
N GLU A 35 -0.59 -4.54 21.42
CA GLU A 35 -0.85 -5.83 22.05
C GLU A 35 -1.40 -6.82 21.02
N LEU A 36 -0.74 -7.96 20.88
CA LEU A 36 -1.12 -8.99 19.93
C LEU A 36 -1.81 -10.14 20.66
N SER A 37 -2.24 -11.14 19.89
CA SER A 37 -2.86 -12.34 20.44
C SER A 37 -2.35 -13.56 19.69
N ASN A 38 -1.87 -14.55 20.44
CA ASN A 38 -1.48 -15.81 19.83
C ASN A 38 -2.71 -16.56 19.33
N ILE A 39 -2.59 -17.17 18.15
CA ILE A 39 -3.71 -17.77 17.45
C ILE A 39 -3.46 -19.26 17.28
N LYS A 40 -4.32 -20.08 17.88
CA LYS A 40 -4.39 -21.51 17.62
C LYS A 40 -5.60 -21.71 16.71
N GLU A 41 -5.35 -21.95 15.42
CA GLU A 41 -6.39 -21.82 14.42
C GLU A 41 -7.46 -22.90 14.57
N ASN A 42 -8.69 -22.51 14.23
CA ASN A 42 -9.83 -23.42 14.26
C ASN A 42 -9.70 -24.49 13.18
N LYS A 43 -10.31 -25.64 13.44
CA LYS A 43 -10.35 -26.75 12.49
C LYS A 43 -11.72 -26.86 11.84
N CYS A 44 -12.34 -25.72 11.53
CA CYS A 44 -13.68 -25.71 10.95
C CYS A 44 -13.70 -26.42 9.61
N ASN A 45 -14.50 -27.47 9.51
CA ASN A 45 -14.68 -28.22 8.28
C ASN A 45 -15.72 -27.61 7.36
N GLY A 46 -16.10 -26.36 7.59
CA GLY A 46 -17.05 -25.67 6.74
C GLY A 46 -16.40 -24.64 5.85
N THR A 47 -16.56 -24.79 4.55
CA THR A 47 -15.97 -23.87 3.58
C THR A 47 -16.92 -22.73 3.22
N ASP A 48 -17.42 -22.04 4.24
CA ASP A 48 -18.28 -20.89 4.02
C ASP A 48 -17.46 -19.71 3.49
N ALA A 49 -18.06 -18.92 2.60
CA ALA A 49 -17.33 -17.83 1.96
C ALA A 49 -16.84 -16.81 2.98
N LYS A 50 -17.73 -16.35 3.86
CA LYS A 50 -17.30 -15.41 4.89
C LYS A 50 -16.27 -16.03 5.81
N VAL A 51 -16.49 -17.29 6.21
CA VAL A 51 -15.56 -17.94 7.14
C VAL A 51 -14.22 -18.20 6.47
N LYS A 52 -14.23 -18.59 5.19
CA LYS A 52 -12.97 -18.80 4.49
C LYS A 52 -12.22 -17.49 4.27
N LEU A 53 -12.94 -16.38 4.07
CA LEU A 53 -12.27 -15.10 3.98
C LEU A 53 -11.71 -14.65 5.33
N ILE A 54 -12.44 -14.93 6.41
CA ILE A 54 -11.91 -14.71 7.75
C ILE A 54 -10.64 -15.52 7.95
N LYS A 55 -10.64 -16.77 7.49
CA LYS A 55 -9.47 -17.63 7.65
C LYS A 55 -8.30 -17.10 6.83
N GLN A 56 -8.56 -16.59 5.62
CA GLN A 56 -7.49 -16.01 4.83
C GLN A 56 -6.91 -14.76 5.49
N GLU A 57 -7.77 -13.90 6.06
CA GLU A 57 -7.27 -12.73 6.75
C GLU A 57 -6.50 -13.10 8.03
N LEU A 58 -6.96 -14.15 8.72
CA LEU A 58 -6.23 -14.64 9.89
C LEU A 58 -4.89 -15.23 9.50
N ASP A 59 -4.83 -15.90 8.36
CA ASP A 59 -3.56 -16.38 7.83
C ASP A 59 -2.65 -15.22 7.50
N LYS A 60 -3.22 -14.13 6.95
CA LYS A 60 -2.41 -12.93 6.71
C LYS A 60 -1.88 -12.36 8.01
N TYR A 61 -2.70 -12.35 9.07
CA TYR A 61 -2.25 -11.82 10.36
C TYR A 61 -1.15 -12.69 10.95
N LYS A 62 -1.32 -14.01 10.90
CA LYS A 62 -0.29 -14.91 11.42
C LYS A 62 0.99 -14.82 10.58
N ASN A 63 0.84 -14.67 9.26
CA ASN A 63 1.99 -14.43 8.40
C ASN A 63 2.70 -13.16 8.80
N ALA A 64 1.96 -12.09 9.08
CA ALA A 64 2.57 -10.85 9.53
C ALA A 64 3.26 -11.00 10.87
N VAL A 65 2.70 -11.84 11.75
CA VAL A 65 3.37 -12.16 13.00
C VAL A 65 4.73 -12.80 12.72
N THR A 66 4.77 -13.74 11.77
CA THR A 66 6.04 -14.38 11.44
C THR A 66 7.01 -13.42 10.76
N GLU A 67 6.51 -12.57 9.85
CA GLU A 67 7.37 -11.57 9.21
C GLU A 67 7.87 -10.53 10.20
N LEU A 68 7.17 -10.36 11.32
CA LEU A 68 7.66 -9.51 12.39
C LEU A 68 8.73 -10.19 13.21
N GLN A 69 8.83 -11.52 13.11
CA GLN A 69 9.88 -12.27 13.80
C GLN A 69 11.25 -12.05 13.18
N LEU A 70 11.33 -11.32 12.07
CA LEU A 70 12.60 -10.99 11.46
C LEU A 70 13.33 -9.93 12.27
N LEU A 71 13.76 -10.28 13.48
CA LEU A 71 14.57 -9.40 14.30
C LEU A 71 16.03 -9.54 13.90
N MET A 72 16.93 -8.97 14.69
CA MET A 72 18.35 -9.10 14.44
C MET A 72 18.91 -10.32 15.18
N GLN B 1 31.60 -11.89 24.47
CA GLN B 1 32.73 -12.75 24.82
C GLN B 1 33.28 -13.46 23.58
N ASN B 2 32.99 -12.91 22.41
CA ASN B 2 33.44 -13.50 21.15
C ASN B 2 34.15 -12.46 20.28
N ILE B 3 33.75 -11.21 20.41
CA ILE B 3 34.27 -10.11 19.59
C ILE B 3 35.32 -9.35 20.39
N THR B 4 36.45 -9.06 19.74
CA THR B 4 37.54 -8.31 20.35
C THR B 4 37.96 -7.18 19.43
N GLU B 5 38.50 -6.11 20.03
CA GLU B 5 38.90 -4.94 19.29
C GLU B 5 40.26 -4.46 19.76
N GLU B 6 41.07 -3.96 18.83
CA GLU B 6 42.39 -3.42 19.14
C GLU B 6 42.53 -2.04 18.53
N PHE B 7 43.09 -1.11 19.30
CA PHE B 7 43.37 0.24 18.84
C PHE B 7 44.88 0.44 18.74
N TYR B 8 45.34 0.86 17.57
CA TYR B 8 46.76 1.12 17.34
C TYR B 8 46.98 2.63 17.31
N GLN B 9 47.67 3.15 18.34
CA GLN B 9 47.88 4.58 18.46
C GLN B 9 48.91 5.11 17.47
N SER B 10 49.84 4.26 17.04
CA SER B 10 50.89 4.71 16.13
C SER B 10 50.30 5.18 14.80
N THR B 11 49.38 4.41 14.23
CA THR B 11 48.71 4.77 12.99
C THR B 11 47.34 5.39 13.23
N CYS B 12 46.90 5.49 14.48
CA CYS B 12 45.58 6.03 14.84
C CYS B 12 44.47 5.32 14.08
N SER B 13 44.34 4.02 14.34
CA SER B 13 43.32 3.19 13.70
C SER B 13 42.85 2.14 14.69
N ALA B 14 41.68 1.57 14.41
CA ALA B 14 41.08 0.54 15.26
C ALA B 14 40.65 -0.63 14.39
N VAL B 15 40.97 -1.84 14.83
CA VAL B 15 40.62 -3.07 14.12
C VAL B 15 39.76 -3.94 15.04
N SER B 16 38.55 -4.25 14.60
CA SER B 16 37.65 -5.14 15.33
C SER B 16 37.73 -6.53 14.70
N LYS B 17 38.29 -7.49 15.44
CA LYS B 17 38.72 -8.77 14.87
C LYS B 17 37.80 -9.93 15.21
N GLY B 18 36.65 -9.68 15.82
CA GLY B 18 35.80 -10.75 16.30
C GLY B 18 34.69 -11.19 15.37
N TYR B 19 34.71 -10.78 14.10
CA TYR B 19 33.62 -11.06 13.18
C TYR B 19 33.93 -12.25 12.28
N LEU B 20 32.87 -12.82 11.73
CA LEU B 20 32.96 -13.89 10.74
C LEU B 20 32.31 -13.43 9.44
N SER B 21 32.59 -14.15 8.37
CA SER B 21 32.30 -13.68 7.02
C SER B 21 31.08 -14.36 6.43
N ALA B 22 30.45 -13.66 5.49
CA ALA B 22 29.45 -14.25 4.60
C ALA B 22 29.49 -13.45 3.31
N LEU B 23 30.26 -13.94 2.34
CA LEU B 23 30.46 -13.25 1.07
C LEU B 23 29.56 -13.84 0.01
N ARG B 24 29.07 -12.99 -0.89
CA ARG B 24 28.06 -13.41 -1.86
C ARG B 24 28.63 -14.40 -2.86
N THR B 25 29.58 -13.95 -3.70
CA THR B 25 30.37 -14.82 -4.57
C THR B 25 29.54 -15.47 -5.67
N GLY B 26 28.22 -15.28 -5.64
CA GLY B 26 27.38 -15.96 -6.63
C GLY B 26 25.90 -15.64 -6.56
N TRP B 27 25.23 -15.72 -7.71
CA TRP B 27 23.81 -15.46 -7.84
C TRP B 27 23.08 -16.72 -8.25
N TYR B 28 21.86 -16.90 -7.74
CA TYR B 28 20.96 -17.93 -8.22
C TYR B 28 19.70 -17.28 -8.77
N THR B 29 19.33 -17.63 -9.99
CA THR B 29 18.17 -17.06 -10.66
C THR B 29 16.98 -18.00 -10.52
N SER B 30 15.80 -17.43 -10.29
CA SER B 30 14.56 -18.18 -10.21
C SER B 30 13.46 -17.38 -10.88
N VAL B 31 12.39 -18.08 -11.27
CA VAL B 31 11.30 -17.50 -12.04
C VAL B 31 10.01 -17.67 -11.26
N ILE B 32 9.27 -16.57 -11.10
CA ILE B 32 7.97 -16.57 -10.43
C ILE B 32 6.91 -16.19 -11.46
N THR B 33 5.85 -17.01 -11.54
CA THR B 33 4.81 -16.81 -12.55
C THR B 33 3.44 -16.74 -11.90
N ILE B 34 2.55 -15.99 -12.53
CA ILE B 34 1.14 -15.93 -12.16
C ILE B 34 0.31 -16.07 -13.42
N GLU B 35 -0.56 -17.09 -13.46
CA GLU B 35 -1.40 -17.31 -14.62
C GLU B 35 -2.59 -16.36 -14.59
N LEU B 36 -2.77 -15.61 -15.68
CA LEU B 36 -3.81 -14.60 -15.80
C LEU B 36 -4.92 -15.09 -16.72
N SER B 37 -5.92 -14.23 -16.91
CA SER B 37 -7.03 -14.51 -17.82
C SER B 37 -7.40 -13.22 -18.54
N ASN B 38 -7.49 -13.28 -19.86
CA ASN B 38 -7.93 -12.13 -20.63
C ASN B 38 -9.41 -11.88 -20.41
N ILE B 39 -9.77 -10.62 -20.21
CA ILE B 39 -11.14 -10.24 -19.85
C ILE B 39 -11.66 -9.26 -20.89
N LYS B 40 -12.73 -9.64 -21.57
CA LYS B 40 -13.47 -8.74 -22.45
C LYS B 40 -14.76 -8.37 -21.70
N GLU B 41 -14.88 -7.10 -21.33
CA GLU B 41 -15.88 -6.69 -20.35
C GLU B 41 -17.30 -6.93 -20.85
N ASN B 42 -18.16 -7.35 -19.92
CA ASN B 42 -19.58 -7.40 -20.19
C ASN B 42 -20.14 -5.98 -20.38
N LYS B 43 -21.16 -5.87 -21.22
CA LYS B 43 -21.83 -4.61 -21.48
C LYS B 43 -23.16 -4.52 -20.74
N CYS B 44 -23.19 -5.06 -19.52
CA CYS B 44 -24.41 -5.09 -18.74
C CYS B 44 -24.86 -3.68 -18.39
N ASN B 45 -26.10 -3.35 -18.72
CA ASN B 45 -26.66 -2.03 -18.48
C ASN B 45 -27.35 -1.93 -17.12
N GLY B 46 -26.99 -2.79 -16.17
CA GLY B 46 -27.55 -2.75 -14.84
C GLY B 46 -26.62 -2.05 -13.87
N THR B 47 -27.10 -0.94 -13.31
CA THR B 47 -26.30 -0.14 -12.38
C THR B 47 -26.54 -0.54 -10.93
N ASP B 48 -26.41 -1.83 -10.63
CA ASP B 48 -26.51 -2.29 -9.26
C ASP B 48 -25.24 -1.94 -8.50
N ALA B 49 -25.39 -1.62 -7.21
CA ALA B 49 -24.26 -1.18 -6.41
C ALA B 49 -23.16 -2.23 -6.37
N LYS B 50 -23.54 -3.48 -6.07
CA LYS B 50 -22.54 -4.56 -6.06
C LYS B 50 -21.94 -4.76 -7.44
N VAL B 51 -22.78 -4.75 -8.48
CA VAL B 51 -22.28 -4.96 -9.84
C VAL B 51 -21.41 -3.78 -10.27
N LYS B 52 -21.79 -2.56 -9.89
CA LYS B 52 -20.96 -1.40 -10.22
C LYS B 52 -19.61 -1.47 -9.53
N LEU B 53 -19.58 -1.95 -8.28
CA LEU B 53 -18.31 -2.12 -7.58
C LEU B 53 -17.48 -3.23 -8.22
N ILE B 54 -18.12 -4.30 -8.67
CA ILE B 54 -17.40 -5.35 -9.42
C ILE B 54 -16.79 -4.75 -10.68
N LYS B 55 -17.55 -3.90 -11.38
CA LYS B 55 -17.04 -3.24 -12.58
C LYS B 55 -15.82 -2.37 -12.25
N GLN B 56 -15.89 -1.63 -11.15
CA GLN B 56 -14.76 -0.79 -10.74
C GLN B 56 -13.53 -1.62 -10.43
N GLU B 57 -13.71 -2.73 -9.70
CA GLU B 57 -12.56 -3.56 -9.35
C GLU B 57 -11.98 -4.25 -10.58
N LEU B 58 -12.82 -4.67 -11.52
CA LEU B 58 -12.32 -5.25 -12.76
C LEU B 58 -11.58 -4.19 -13.58
N ASP B 59 -12.06 -2.95 -13.56
CA ASP B 59 -11.34 -1.87 -14.22
C ASP B 59 -9.97 -1.66 -13.58
N LYS B 60 -9.90 -1.73 -12.25
CA LYS B 60 -8.61 -1.64 -11.57
C LYS B 60 -7.70 -2.80 -11.98
N TYR B 61 -8.27 -4.00 -12.09
CA TYR B 61 -7.47 -5.16 -12.49
C TYR B 61 -6.90 -4.98 -13.89
N LYS B 62 -7.72 -4.53 -14.84
CA LYS B 62 -7.22 -4.35 -16.20
C LYS B 62 -6.28 -3.16 -16.30
N ASN B 63 -6.49 -2.12 -15.50
CA ASN B 63 -5.54 -1.01 -15.46
C ASN B 63 -4.19 -1.47 -14.95
N ALA B 64 -4.18 -2.32 -13.92
CA ALA B 64 -2.93 -2.92 -13.46
C ALA B 64 -2.30 -3.78 -14.55
N VAL B 65 -3.13 -4.53 -15.28
CA VAL B 65 -2.62 -5.38 -16.37
C VAL B 65 -1.92 -4.53 -17.42
N THR B 66 -2.56 -3.42 -17.83
CA THR B 66 -1.97 -2.57 -18.86
C THR B 66 -0.74 -1.84 -18.33
N GLU B 67 -0.78 -1.38 -17.08
CA GLU B 67 0.39 -0.73 -16.49
C GLU B 67 1.55 -1.70 -16.35
N LEU B 68 1.27 -2.99 -16.24
CA LEU B 68 2.30 -4.01 -16.25
C LEU B 68 2.73 -4.42 -17.65
N GLN B 69 1.86 -4.21 -18.64
CA GLN B 69 2.26 -4.46 -20.03
C GLN B 69 3.39 -3.54 -20.47
N LEU B 70 3.64 -2.49 -19.70
CA LEU B 70 4.74 -1.57 -19.94
C LEU B 70 6.02 -2.16 -19.33
N LEU B 71 6.45 -3.29 -19.89
CA LEU B 71 7.66 -3.93 -19.39
C LEU B 71 8.87 -3.15 -19.86
N MET B 72 9.72 -2.76 -18.91
CA MET B 72 10.90 -1.95 -19.17
C MET B 72 10.55 -0.71 -19.99
N GLN C 1 22.98 -5.71 -33.91
CA GLN C 1 23.44 -5.44 -35.26
C GLN C 1 23.34 -3.94 -35.56
N ASN C 2 23.23 -3.13 -34.51
CA ASN C 2 23.12 -1.69 -34.66
C ASN C 2 24.18 -0.97 -33.84
N ILE C 3 24.56 -1.57 -32.70
CA ILE C 3 25.51 -0.98 -31.77
C ILE C 3 26.88 -1.61 -32.00
N THR C 4 27.92 -0.78 -32.02
CA THR C 4 29.29 -1.24 -32.19
C THR C 4 30.15 -0.69 -31.06
N GLU C 5 31.23 -1.40 -30.74
CA GLU C 5 32.10 -1.05 -29.64
C GLU C 5 33.56 -1.18 -30.06
N GLU C 6 34.38 -0.25 -29.60
CA GLU C 6 35.81 -0.25 -29.90
C GLU C 6 36.60 -0.08 -28.60
N PHE C 7 37.70 -0.81 -28.49
CA PHE C 7 38.60 -0.74 -27.34
C PHE C 7 39.93 -0.17 -27.78
N TYR C 8 40.36 0.93 -27.15
CA TYR C 8 41.64 1.55 -27.43
C TYR C 8 42.63 1.12 -26.35
N GLN C 9 43.60 0.31 -26.74
CA GLN C 9 44.53 -0.27 -25.78
C GLN C 9 45.55 0.73 -25.28
N SER C 10 45.88 1.75 -26.09
CA SER C 10 46.86 2.74 -25.66
C SER C 10 46.38 3.51 -24.44
N THR C 11 45.13 3.96 -24.45
CA THR C 11 44.54 4.68 -23.34
C THR C 11 43.74 3.78 -22.41
N CYS C 12 43.62 2.49 -22.73
CA CYS C 12 42.87 1.53 -21.92
C CYS C 12 41.44 2.01 -21.67
N SER C 13 40.70 2.13 -22.77
CA SER C 13 39.32 2.61 -22.70
C SER C 13 38.49 1.93 -23.77
N ALA C 14 37.18 1.93 -23.57
CA ALA C 14 36.22 1.34 -24.50
C ALA C 14 35.11 2.32 -24.79
N VAL C 15 34.69 2.39 -26.06
CA VAL C 15 33.65 3.31 -26.50
C VAL C 15 32.54 2.50 -27.18
N SER C 16 31.31 2.68 -26.71
CA SER C 16 30.13 2.06 -27.31
C SER C 16 29.40 3.12 -28.12
N LYS C 17 29.33 2.94 -29.44
CA LYS C 17 29.05 4.03 -30.37
C LYS C 17 27.68 3.96 -31.03
N GLY C 18 26.82 3.05 -30.60
CA GLY C 18 25.58 2.82 -31.34
C GLY C 18 24.32 3.45 -30.78
N TYR C 19 24.46 4.47 -29.93
CA TYR C 19 23.33 5.00 -29.17
C TYR C 19 22.77 6.28 -29.77
N LEU C 20 21.50 6.52 -29.48
CA LEU C 20 20.80 7.76 -29.78
C LEU C 20 20.51 8.50 -28.47
N SER C 21 20.05 9.74 -28.60
CA SER C 21 19.94 10.64 -27.46
C SER C 21 18.49 10.92 -27.10
N ALA C 22 18.27 11.22 -25.82
CA ALA C 22 17.03 11.83 -25.36
C ALA C 22 17.38 12.63 -24.10
N LEU C 23 17.63 13.93 -24.28
CA LEU C 23 18.10 14.78 -23.19
C LEU C 23 16.96 15.65 -22.69
N ARG C 24 16.93 15.88 -21.38
CA ARG C 24 15.78 16.53 -20.76
C ARG C 24 15.66 17.98 -21.20
N THR C 25 16.64 18.81 -20.85
CA THR C 25 16.83 20.19 -21.32
C THR C 25 15.64 21.10 -21.02
N GLY C 26 14.61 20.58 -20.35
CA GLY C 26 13.43 21.38 -20.10
C GLY C 26 12.34 20.69 -19.30
N TRP C 27 11.57 21.49 -18.56
CA TRP C 27 10.48 21.00 -17.72
C TRP C 27 9.15 21.50 -18.27
N TYR C 28 8.12 20.68 -18.14
CA TYR C 28 6.74 21.10 -18.35
C TYR C 28 5.95 20.76 -17.10
N THR C 29 5.27 21.77 -16.54
CA THR C 29 4.52 21.62 -15.31
C THR C 29 3.03 21.54 -15.58
N SER C 30 2.34 20.69 -14.83
CA SER C 30 0.90 20.57 -14.90
C SER C 30 0.37 20.34 -13.49
N VAL C 31 -0.93 20.58 -13.31
CA VAL C 31 -1.57 20.57 -12.00
C VAL C 31 -2.66 19.50 -12.01
N ILE C 32 -2.66 18.66 -10.97
CA ILE C 32 -3.68 17.65 -10.76
C ILE C 32 -4.48 18.04 -9.53
N THR C 33 -5.81 17.99 -9.65
CA THR C 33 -6.70 18.42 -8.57
C THR C 33 -7.70 17.34 -8.22
N ILE C 34 -8.09 17.30 -6.95
CA ILE C 34 -9.13 16.42 -6.45
C ILE C 34 -10.09 17.27 -5.62
N GLU C 35 -11.37 17.28 -5.99
CA GLU C 35 -12.37 18.05 -5.26
C GLU C 35 -12.74 17.31 -3.99
N LEU C 36 -12.57 17.97 -2.84
CA LEU C 36 -12.85 17.39 -1.54
C LEU C 36 -14.12 18.00 -0.96
N SER C 37 -14.45 17.57 0.26
CA SER C 37 -15.60 18.11 0.98
C SER C 37 -15.32 18.02 2.47
N ASN C 38 -15.37 19.16 3.15
CA ASN C 38 -15.19 19.20 4.60
C ASN C 38 -16.47 18.78 5.29
N ILE C 39 -16.33 17.96 6.33
CA ILE C 39 -17.46 17.41 7.07
C ILE C 39 -17.29 17.79 8.54
N LYS C 40 -18.13 18.71 9.01
CA LYS C 40 -18.12 19.09 10.42
C LYS C 40 -19.57 19.21 10.89
N GLU C 41 -20.06 18.17 11.57
CA GLU C 41 -19.48 16.87 11.85
C GLU C 41 -20.62 15.88 12.03
N ASN C 42 -20.37 14.60 11.72
CA ASN C 42 -21.43 13.60 11.85
C ASN C 42 -21.75 13.36 13.32
N LYS C 43 -23.04 13.19 13.61
CA LYS C 43 -23.51 12.87 14.96
C LYS C 43 -24.08 11.46 15.03
N CYS C 44 -23.55 10.54 14.23
CA CYS C 44 -24.06 9.17 14.16
C CYS C 44 -23.84 8.48 15.49
N ASN C 45 -24.92 8.21 16.21
CA ASN C 45 -24.85 7.50 17.47
C ASN C 45 -24.97 5.99 17.25
N GLY C 46 -24.54 5.22 18.26
CA GLY C 46 -24.67 3.78 18.20
C GLY C 46 -23.41 3.08 17.70
N THR C 47 -22.95 2.09 18.44
CA THR C 47 -21.78 1.29 18.05
C THR C 47 -22.20 0.07 17.24
N ASP C 48 -22.99 0.30 16.21
CA ASP C 48 -23.38 -0.77 15.30
C ASP C 48 -22.25 -1.06 14.33
N ALA C 49 -22.09 -2.35 13.99
CA ALA C 49 -20.96 -2.77 13.15
C ALA C 49 -20.91 -1.98 11.85
N LYS C 50 -22.05 -1.87 11.16
CA LYS C 50 -22.10 -1.06 9.94
C LYS C 50 -21.82 0.41 10.26
N VAL C 51 -22.48 0.93 11.29
CA VAL C 51 -22.32 2.33 11.67
C VAL C 51 -20.90 2.59 12.18
N LYS C 52 -20.38 1.70 13.02
CA LYS C 52 -19.02 1.88 13.51
C LYS C 52 -18.02 1.83 12.36
N LEU C 53 -18.23 0.96 11.38
CA LEU C 53 -17.31 0.88 10.26
C LEU C 53 -17.35 2.12 9.38
N ILE C 54 -18.56 2.63 9.08
CA ILE C 54 -18.61 3.83 8.26
C ILE C 54 -18.01 5.02 9.01
N LYS C 55 -18.27 5.11 10.32
CA LYS C 55 -17.70 6.19 11.11
C LYS C 55 -16.18 6.09 11.18
N GLN C 56 -15.64 4.87 11.31
CA GLN C 56 -14.20 4.69 11.36
C GLN C 56 -13.55 5.04 10.03
N GLU C 57 -14.21 4.69 8.92
CA GLU C 57 -13.66 5.07 7.61
C GLU C 57 -13.71 6.59 7.42
N LEU C 58 -14.77 7.23 7.91
CA LEU C 58 -14.84 8.68 7.87
C LEU C 58 -13.73 9.30 8.72
N ASP C 59 -13.43 8.69 9.87
CA ASP C 59 -12.32 9.13 10.70
C ASP C 59 -11.01 8.98 9.95
N LYS C 60 -10.85 7.88 9.20
CA LYS C 60 -9.65 7.71 8.38
C LYS C 60 -9.54 8.81 7.34
N TYR C 61 -10.65 9.15 6.69
CA TYR C 61 -10.64 10.22 5.69
C TYR C 61 -10.24 11.56 6.31
N LYS C 62 -10.85 11.89 7.46
CA LYS C 62 -10.51 13.15 8.12
C LYS C 62 -9.07 13.16 8.60
N ASN C 63 -8.58 12.01 9.07
CA ASN C 63 -7.19 11.89 9.47
C ASN C 63 -6.27 12.14 8.29
N ALA C 64 -6.61 11.59 7.11
CA ALA C 64 -5.82 11.85 5.92
C ALA C 64 -5.83 13.33 5.56
N VAL C 65 -7.00 13.97 5.67
CA VAL C 65 -7.11 15.39 5.37
C VAL C 65 -6.17 16.20 6.28
N THR C 66 -6.20 15.90 7.59
CA THR C 66 -5.37 16.64 8.52
C THR C 66 -3.88 16.33 8.33
N GLU C 67 -3.55 15.06 8.05
CA GLU C 67 -2.17 14.70 7.75
C GLU C 67 -1.67 15.43 6.51
N LEU C 68 -2.56 15.75 5.58
CA LEU C 68 -2.17 16.48 4.38
C LEU C 68 -2.13 17.98 4.63
N GLN C 69 -2.87 18.48 5.63
CA GLN C 69 -2.94 19.90 5.93
C GLN C 69 -1.57 20.52 6.21
N LEU C 70 -0.57 19.68 6.47
CA LEU C 70 0.83 20.05 6.67
C LEU C 70 1.52 20.28 5.33
N LEU C 71 2.85 20.14 5.33
CA LEU C 71 3.65 20.13 4.09
C LEU C 71 3.70 21.49 3.39
N MET C 72 4.35 22.46 4.02
CA MET C 72 4.71 23.73 3.40
C MET C 72 3.48 24.61 3.20
N GLN D 1 9.63 -37.14 -26.86
CA GLN D 1 8.87 -38.30 -26.40
C GLN D 1 9.41 -38.81 -25.06
N VAL D 2 8.62 -38.59 -24.01
CA VAL D 2 9.03 -38.97 -22.66
C VAL D 2 8.84 -40.47 -22.49
N GLN D 3 9.92 -41.17 -22.12
CA GLN D 3 9.89 -42.60 -21.89
C GLN D 3 10.47 -42.91 -20.53
N LEU D 4 9.81 -43.81 -19.80
CA LEU D 4 10.35 -44.42 -18.59
C LEU D 4 10.16 -45.91 -18.74
N VAL D 5 11.26 -46.65 -18.85
CA VAL D 5 11.22 -48.09 -19.05
C VAL D 5 11.95 -48.76 -17.90
N GLN D 6 11.29 -49.76 -17.30
CA GLN D 6 11.79 -50.42 -16.10
C GLN D 6 12.50 -51.73 -16.45
N SER D 7 13.12 -52.31 -15.44
CA SER D 7 13.90 -53.53 -15.61
C SER D 7 12.98 -54.72 -15.87
N GLY D 8 13.59 -55.90 -16.04
CA GLY D 8 12.81 -57.10 -16.25
C GLY D 8 12.18 -57.62 -14.97
N ALA D 9 11.25 -58.54 -15.14
CA ALA D 9 10.56 -59.15 -14.00
C ALA D 9 11.53 -59.95 -13.15
N GLU D 10 11.26 -60.00 -11.85
CA GLU D 10 12.16 -60.63 -10.89
C GLU D 10 11.42 -61.65 -10.05
N VAL D 11 12.09 -62.77 -9.81
CA VAL D 11 11.63 -63.81 -8.88
C VAL D 11 12.70 -63.96 -7.81
N LYS D 12 12.30 -63.79 -6.55
CA LYS D 12 13.24 -63.79 -5.44
C LYS D 12 12.73 -64.68 -4.32
N LYS D 13 13.68 -65.23 -3.56
CA LYS D 13 13.37 -66.00 -2.37
C LYS D 13 13.05 -65.09 -1.20
N SER D 14 12.28 -65.61 -0.25
CA SER D 14 11.91 -64.82 0.93
C SER D 14 13.15 -64.46 1.73
N GLY D 15 13.24 -63.19 2.13
CA GLY D 15 14.37 -62.69 2.87
C GLY D 15 15.50 -62.13 2.01
N ALA D 16 15.42 -62.25 0.70
CA ALA D 16 16.44 -61.72 -0.19
C ALA D 16 16.17 -60.24 -0.45
N SER D 17 16.94 -59.65 -1.37
CA SER D 17 16.79 -58.26 -1.74
C SER D 17 16.60 -58.15 -3.25
N VAL D 18 15.89 -57.12 -3.68
CA VAL D 18 15.62 -56.88 -5.09
C VAL D 18 15.93 -55.42 -5.41
N GLN D 19 16.52 -55.20 -6.59
CA GLN D 19 16.80 -53.85 -7.08
C GLN D 19 16.14 -53.69 -8.44
N VAL D 20 15.27 -52.69 -8.57
CA VAL D 20 14.51 -52.43 -9.78
C VAL D 20 15.02 -51.13 -10.39
N SER D 21 15.32 -51.17 -11.69
CA SER D 21 15.81 -50.01 -12.41
C SER D 21 14.69 -49.38 -13.23
N CYS D 22 14.90 -48.11 -13.59
CA CYS D 22 13.92 -47.34 -14.36
C CYS D 22 14.69 -46.26 -15.10
N LYS D 23 14.91 -46.47 -16.39
CA LYS D 23 15.65 -45.52 -17.20
C LYS D 23 14.70 -44.61 -17.94
N ALA D 24 15.00 -43.31 -17.93
CA ALA D 24 14.17 -42.28 -18.54
C ALA D 24 14.89 -41.65 -19.72
N SER D 25 14.09 -41.20 -20.68
CA SER D 25 14.61 -40.55 -21.88
C SER D 25 13.60 -39.53 -22.38
N GLY D 26 14.10 -38.50 -23.06
CA GLY D 26 13.24 -37.50 -23.67
C GLY D 26 12.95 -36.29 -22.84
N TYR D 27 13.57 -36.14 -21.67
CA TYR D 27 13.38 -34.97 -20.83
C TYR D 27 14.61 -34.81 -19.93
N PRO D 28 14.87 -33.60 -19.42
CA PRO D 28 16.00 -33.43 -18.51
C PRO D 28 15.82 -34.21 -17.21
N PHE D 29 16.67 -35.22 -17.00
CA PHE D 29 16.51 -36.10 -15.86
C PHE D 29 16.70 -35.34 -14.54
N GLY D 30 17.67 -34.43 -14.50
CA GLY D 30 17.92 -33.68 -13.28
C GLY D 30 16.85 -32.65 -12.94
N ASN D 31 15.91 -32.42 -13.84
CA ASN D 31 14.83 -31.47 -13.59
C ASN D 31 13.57 -32.12 -13.03
N TYR D 32 13.60 -33.42 -12.73
CA TYR D 32 12.43 -34.14 -12.25
C TYR D 32 12.84 -35.14 -11.19
N GLY D 33 11.85 -35.84 -10.63
CA GLY D 33 12.08 -36.92 -9.69
C GLY D 33 11.31 -38.16 -10.11
N ILE D 34 11.51 -39.21 -9.32
CA ILE D 34 10.86 -40.49 -9.55
C ILE D 34 10.06 -40.88 -8.31
N THR D 35 8.77 -41.16 -8.50
CA THR D 35 7.91 -41.68 -7.46
C THR D 35 7.67 -43.16 -7.71
N TRP D 36 7.93 -44.00 -6.71
CA TRP D 36 7.72 -45.43 -6.81
C TRP D 36 6.44 -45.80 -6.08
N VAL D 37 5.55 -46.51 -6.79
CA VAL D 37 4.25 -46.94 -6.29
C VAL D 37 4.05 -48.40 -6.68
N ARG D 38 3.60 -49.22 -5.74
CA ARG D 38 3.44 -50.64 -6.00
C ARG D 38 1.97 -51.05 -5.94
N GLN D 39 1.64 -52.09 -6.70
CA GLN D 39 0.28 -52.62 -6.82
C GLN D 39 0.33 -54.11 -6.51
N ALA D 40 -0.30 -54.50 -5.41
CA ALA D 40 -0.40 -55.89 -5.05
C ALA D 40 -1.41 -56.59 -5.95
N PRO D 41 -1.31 -57.91 -6.08
CA PRO D 41 -2.25 -58.64 -6.96
C PRO D 41 -3.70 -58.41 -6.56
N GLY D 42 -4.49 -57.94 -7.52
CA GLY D 42 -5.91 -57.70 -7.29
C GLY D 42 -6.22 -56.52 -6.37
N GLN D 43 -5.25 -55.65 -6.12
CA GLN D 43 -5.43 -54.52 -5.22
C GLN D 43 -5.22 -53.21 -5.97
N GLY D 44 -5.32 -52.11 -5.24
CA GLY D 44 -5.15 -50.78 -5.80
C GLY D 44 -3.70 -50.34 -5.78
N LEU D 45 -3.50 -49.03 -5.91
CA LEU D 45 -2.18 -48.42 -5.96
C LEU D 45 -1.78 -47.94 -4.58
N GLU D 46 -0.56 -48.30 -4.16
CA GLU D 46 -0.07 -48.00 -2.82
C GLU D 46 1.24 -47.25 -2.94
N TRP D 47 1.29 -46.05 -2.36
CA TRP D 47 2.48 -45.21 -2.47
C TRP D 47 3.64 -45.81 -1.69
N MET D 48 4.80 -45.89 -2.32
CA MET D 48 6.01 -46.39 -1.67
C MET D 48 7.00 -45.28 -1.35
N GLY D 49 7.31 -44.42 -2.31
CA GLY D 49 8.25 -43.35 -2.00
C GLY D 49 8.49 -42.43 -3.17
N TRP D 50 9.42 -41.51 -2.98
CA TRP D 50 9.75 -40.50 -3.97
C TRP D 50 11.18 -40.03 -3.75
N ILE D 51 11.90 -39.82 -4.84
CA ILE D 51 13.27 -39.32 -4.81
C ILE D 51 13.43 -38.24 -5.87
N SER D 52 14.11 -37.15 -5.50
CA SER D 52 14.37 -36.07 -6.43
C SER D 52 15.74 -36.25 -7.07
N ALA D 53 15.78 -36.13 -8.40
CA ALA D 53 17.04 -36.09 -9.13
C ALA D 53 17.60 -34.68 -9.22
N TYR D 54 16.90 -33.69 -8.65
CA TYR D 54 17.35 -32.30 -8.65
C TYR D 54 18.15 -31.96 -7.39
N ASN D 55 17.58 -32.23 -6.21
CA ASN D 55 18.25 -31.92 -4.95
C ASN D 55 18.53 -33.15 -4.09
N GLY D 56 18.15 -34.34 -4.53
CA GLY D 56 18.47 -35.55 -3.83
C GLY D 56 17.59 -35.88 -2.63
N GLN D 57 16.55 -35.10 -2.38
CA GLN D 57 15.66 -35.39 -1.26
C GLN D 57 14.94 -36.70 -1.49
N THR D 58 14.72 -37.45 -0.42
CA THR D 58 14.05 -38.74 -0.49
C THR D 58 12.97 -38.82 0.59
N TYR D 59 11.86 -39.46 0.25
CA TYR D 59 10.76 -39.69 1.17
C TYR D 59 10.25 -41.11 0.97
N TYR D 60 9.99 -41.80 2.07
CA TYR D 60 9.58 -43.19 2.03
C TYR D 60 8.29 -43.38 2.83
N ALA D 61 7.49 -44.35 2.40
CA ALA D 61 6.29 -44.70 3.15
C ALA D 61 6.68 -45.30 4.50
N GLU D 62 5.79 -45.13 5.48
CA GLU D 62 6.09 -45.59 6.83
C GLU D 62 6.31 -47.10 6.88
N LYS D 63 5.48 -47.86 6.17
CA LYS D 63 5.60 -49.31 6.19
C LYS D 63 6.82 -49.82 5.43
N PHE D 64 7.48 -48.97 4.64
CA PHE D 64 8.67 -49.35 3.90
C PHE D 64 9.93 -48.67 4.41
N GLN D 65 9.83 -47.73 5.35
CA GLN D 65 11.00 -47.03 5.84
C GLN D 65 11.98 -48.00 6.49
N GLY D 66 13.25 -47.89 6.11
CA GLY D 66 14.28 -48.80 6.54
C GLY D 66 14.40 -50.05 5.69
N ARG D 67 13.40 -50.34 4.85
CA ARG D 67 13.43 -51.47 3.95
C ARG D 67 13.67 -51.07 2.50
N VAL D 68 13.40 -49.83 2.13
CA VAL D 68 13.50 -49.36 0.75
C VAL D 68 14.51 -48.24 0.68
N THR D 69 15.32 -48.26 -0.38
CA THR D 69 16.29 -47.21 -0.65
C THR D 69 16.21 -46.83 -2.12
N MET D 70 16.06 -45.53 -2.38
CA MET D 70 15.95 -45.02 -3.75
C MET D 70 17.18 -44.19 -4.10
N THR D 71 17.68 -44.41 -5.31
CA THR D 71 18.86 -43.71 -5.79
C THR D 71 18.63 -43.29 -7.24
N THR D 72 19.44 -42.35 -7.70
CA THR D 72 19.40 -41.93 -9.10
C THR D 72 20.82 -41.82 -9.64
N ASP D 73 20.94 -42.03 -10.94
CA ASP D 73 22.20 -41.86 -11.66
C ASP D 73 21.92 -40.92 -12.82
N THR D 74 22.48 -39.72 -12.75
CA THR D 74 22.21 -38.68 -13.73
C THR D 74 22.93 -38.93 -15.06
N SER D 75 24.11 -39.57 -15.02
CA SER D 75 24.85 -39.82 -16.25
C SER D 75 24.10 -40.79 -17.16
N THR D 76 23.43 -41.78 -16.59
CA THR D 76 22.65 -42.75 -17.36
C THR D 76 21.16 -42.42 -17.37
N SER D 77 20.73 -41.38 -16.66
CA SER D 77 19.32 -41.03 -16.54
C SER D 77 18.50 -42.21 -16.04
N THR D 78 18.98 -42.84 -14.97
CA THR D 78 18.37 -44.08 -14.49
C THR D 78 18.17 -44.03 -12.98
N GLY D 79 16.94 -44.27 -12.55
CA GLY D 79 16.63 -44.38 -11.13
C GLY D 79 16.60 -45.84 -10.70
N TYR D 80 16.91 -46.07 -9.43
CA TYR D 80 16.93 -47.40 -8.86
C TYR D 80 16.16 -47.41 -7.54
N MET D 81 15.46 -48.50 -7.28
CA MET D 81 14.74 -48.71 -6.03
C MET D 81 15.07 -50.11 -5.53
N GLU D 82 15.66 -50.18 -4.34
CA GLU D 82 16.05 -51.46 -3.74
C GLU D 82 15.19 -51.72 -2.52
N LEU D 83 14.57 -52.89 -2.48
CA LEU D 83 13.79 -53.35 -1.34
C LEU D 83 14.45 -54.58 -0.75
N ARG D 84 14.67 -54.54 0.56
CA ARG D 84 15.36 -55.60 1.29
C ARG D 84 14.38 -56.33 2.20
N SER D 85 14.84 -57.47 2.72
CA SER D 85 14.04 -58.31 3.62
C SER D 85 12.68 -58.63 3.00
N LEU D 86 12.73 -59.07 1.74
CA LEU D 86 11.51 -59.33 1.00
C LEU D 86 10.68 -60.43 1.64
N ARG D 87 9.37 -60.22 1.69
CA ARG D 87 8.44 -61.19 2.25
C ARG D 87 7.49 -61.66 1.17
N SER D 88 6.68 -62.66 1.52
CA SER D 88 5.74 -63.25 0.55
C SER D 88 4.72 -62.24 0.08
N ASP D 89 4.31 -61.31 0.95
CA ASP D 89 3.31 -60.32 0.59
C ASP D 89 3.88 -59.12 -0.17
N ASP D 90 5.20 -59.04 -0.34
CA ASP D 90 5.81 -57.99 -1.15
C ASP D 90 5.68 -58.25 -2.64
N THR D 91 5.27 -59.45 -3.03
CA THR D 91 5.04 -59.76 -4.44
C THR D 91 4.02 -58.80 -5.04
N ALA D 92 4.45 -58.03 -6.04
CA ALA D 92 3.60 -56.98 -6.59
C ALA D 92 4.23 -56.46 -7.87
N VAL D 93 3.48 -55.57 -8.55
CA VAL D 93 3.99 -54.87 -9.72
C VAL D 93 4.41 -53.47 -9.27
N TYR D 94 5.67 -53.12 -9.53
CA TYR D 94 6.27 -51.90 -9.03
C TYR D 94 6.44 -50.91 -10.18
N PHE D 95 5.92 -49.71 -10.01
CA PHE D 95 5.95 -48.68 -11.04
C PHE D 95 6.82 -47.51 -10.59
N CYS D 96 7.60 -47.00 -11.54
CA CYS D 96 8.26 -45.71 -11.41
C CYS D 96 7.50 -44.70 -12.25
N ALA D 97 7.33 -43.49 -11.71
CA ALA D 97 6.61 -42.44 -12.42
C ALA D 97 7.38 -41.13 -12.30
N ARG D 98 7.45 -40.39 -13.41
CA ARG D 98 8.03 -39.06 -13.37
C ARG D 98 7.19 -38.16 -12.47
N ASP D 99 7.86 -37.39 -11.61
CA ASP D 99 7.19 -36.53 -10.66
C ASP D 99 7.98 -35.24 -10.51
N VAL D 100 7.43 -34.34 -9.70
CA VAL D 100 8.02 -33.00 -9.56
C VAL D 100 9.40 -33.10 -8.92
N PRO D 101 10.35 -32.24 -9.28
CA PRO D 101 11.70 -32.33 -8.67
C PRO D 101 11.74 -31.85 -7.22
N VAL D 102 10.75 -31.11 -6.77
CA VAL D 102 10.68 -30.63 -5.39
C VAL D 102 9.28 -30.89 -4.87
N VAL D 103 9.15 -30.91 -3.54
CA VAL D 103 7.87 -31.23 -2.93
C VAL D 103 6.84 -30.20 -3.36
N ALA D 104 5.82 -30.65 -4.08
CA ALA D 104 4.78 -29.80 -4.62
C ALA D 104 3.59 -30.69 -4.99
N ALA D 105 2.60 -30.10 -5.66
CA ALA D 105 1.48 -30.88 -6.16
C ALA D 105 1.99 -31.97 -7.09
N VAL D 106 1.84 -33.23 -6.69
CA VAL D 106 2.47 -34.32 -7.43
C VAL D 106 1.95 -34.37 -8.86
N LEU D 107 2.78 -34.90 -9.75
CA LEU D 107 2.51 -34.88 -11.18
C LEU D 107 2.16 -36.25 -11.72
N ARG D 108 3.06 -37.23 -11.59
CA ARG D 108 2.85 -38.59 -12.07
C ARG D 108 2.19 -38.64 -13.43
N ASP D 109 2.63 -37.76 -14.33
CA ASP D 109 2.04 -37.66 -15.66
C ASP D 109 2.47 -38.82 -16.55
N TYR D 110 3.76 -39.17 -16.51
CA TYR D 110 4.29 -40.27 -17.32
C TYR D 110 4.69 -41.41 -16.39
N TRP D 111 4.30 -42.63 -16.75
CA TRP D 111 4.57 -43.81 -15.95
C TRP D 111 5.54 -44.73 -16.68
N GLY D 112 6.00 -45.75 -15.96
CA GLY D 112 6.75 -46.84 -16.54
C GLY D 112 5.83 -47.95 -16.98
N GLN D 113 6.41 -49.13 -17.20
CA GLN D 113 5.63 -50.31 -17.52
C GLN D 113 5.43 -51.23 -16.32
N GLY D 114 6.20 -51.06 -15.27
CA GLY D 114 6.08 -51.89 -14.08
C GLY D 114 7.00 -53.10 -14.14
N VAL D 115 7.40 -53.55 -12.95
CA VAL D 115 8.20 -54.76 -12.78
C VAL D 115 7.48 -55.70 -11.83
N THR D 116 7.25 -56.93 -12.27
CA THR D 116 6.60 -57.93 -11.43
C THR D 116 7.66 -58.59 -10.56
N VAL D 117 7.59 -58.36 -9.26
CA VAL D 117 8.50 -58.99 -8.30
C VAL D 117 7.69 -60.04 -7.55
N SER D 118 8.07 -61.30 -7.74
CA SER D 118 7.42 -62.43 -7.08
C SER D 118 8.38 -62.96 -6.02
N SER D 119 8.03 -62.77 -4.75
CA SER D 119 8.86 -63.18 -3.63
C SER D 119 8.21 -64.37 -2.94
N SER D 120 8.94 -65.48 -2.88
CA SER D 120 8.39 -66.69 -2.26
C SER D 120 9.53 -67.61 -1.86
N SER D 121 9.24 -68.49 -0.90
CA SER D 121 10.23 -69.46 -0.43
C SER D 121 10.31 -70.70 -1.31
N ALA D 122 9.38 -70.88 -2.24
CA ALA D 122 9.39 -72.05 -3.10
C ALA D 122 10.50 -71.94 -4.14
N SER D 123 10.83 -73.10 -4.74
CA SER D 123 11.82 -73.19 -5.79
C SER D 123 11.14 -73.64 -7.08
N THR D 124 11.90 -73.61 -8.17
CA THR D 124 11.36 -73.97 -9.47
C THR D 124 10.89 -75.42 -9.47
N LYS D 125 9.68 -75.65 -9.98
CA LYS D 125 9.09 -76.98 -10.01
C LYS D 125 8.17 -77.10 -11.22
N GLY D 126 8.27 -78.21 -11.93
CA GLY D 126 7.41 -78.48 -13.06
C GLY D 126 6.04 -78.96 -12.62
N PRO D 127 5.02 -78.68 -13.43
CA PRO D 127 3.65 -79.07 -13.07
C PRO D 127 3.31 -80.49 -13.46
N SER D 128 2.23 -80.97 -12.88
CA SER D 128 1.60 -82.22 -13.28
C SER D 128 0.29 -81.92 -13.98
N VAL D 129 0.05 -82.59 -15.12
CA VAL D 129 -1.13 -82.35 -15.94
C VAL D 129 -2.03 -83.57 -15.81
N PHE D 130 -3.29 -83.33 -15.43
CA PHE D 130 -4.26 -84.38 -15.25
C PHE D 130 -5.48 -84.14 -16.13
N PRO D 131 -6.10 -85.19 -16.65
CA PRO D 131 -7.29 -85.01 -17.47
C PRO D 131 -8.54 -84.78 -16.64
N LEU D 132 -9.48 -84.04 -17.22
CA LEU D 132 -10.81 -83.83 -16.68
C LEU D 132 -11.74 -84.36 -17.75
N ALA D 133 -12.08 -85.65 -17.65
CA ALA D 133 -12.77 -86.41 -18.68
C ALA D 133 -14.25 -86.06 -18.70
N PRO D 134 -14.89 -86.14 -19.88
CA PRO D 134 -16.34 -85.95 -20.02
C PRO D 134 -17.14 -87.14 -19.51
N GLY D 135 -26.04 -82.96 -26.73
CA GLY D 135 -25.91 -81.59 -26.29
C GLY D 135 -24.49 -81.06 -26.33
N THR D 136 -24.05 -80.52 -25.20
CA THR D 136 -22.69 -79.97 -25.07
C THR D 136 -22.01 -80.64 -23.88
N ALA D 137 -20.78 -81.11 -24.09
CA ALA D 137 -20.00 -81.75 -23.05
C ALA D 137 -18.75 -80.93 -22.77
N ALA D 138 -18.31 -80.97 -21.52
CA ALA D 138 -17.14 -80.23 -21.09
C ALA D 138 -16.01 -81.19 -20.74
N LEU D 139 -14.79 -80.86 -21.17
CA LEU D 139 -13.61 -81.60 -20.78
C LEU D 139 -12.50 -80.61 -20.50
N GLY D 140 -11.39 -81.08 -19.95
CA GLY D 140 -10.33 -80.14 -19.63
C GLY D 140 -9.08 -80.80 -19.10
N CYS D 141 -8.19 -79.96 -18.60
CA CYS D 141 -6.92 -80.36 -18.00
C CYS D 141 -6.65 -79.53 -16.76
N LEU D 142 -6.16 -80.19 -15.72
CA LEU D 142 -5.71 -79.52 -14.51
C LEU D 142 -4.19 -79.52 -14.49
N VAL D 143 -3.60 -78.32 -14.43
CA VAL D 143 -2.16 -78.15 -14.37
C VAL D 143 -1.83 -77.70 -12.96
N LYS D 144 -1.20 -78.59 -12.18
CA LYS D 144 -1.09 -78.42 -10.73
C LYS D 144 0.36 -78.43 -10.29
N ASP D 145 0.62 -77.72 -9.19
CA ASP D 145 1.88 -77.86 -8.44
C ASP D 145 3.09 -77.47 -9.27
N TYR D 146 3.11 -76.22 -9.72
CA TYR D 146 4.26 -75.67 -10.43
C TYR D 146 4.63 -74.33 -9.83
N PHE D 147 5.91 -73.95 -10.03
CA PHE D 147 6.41 -72.67 -9.56
C PHE D 147 7.66 -72.33 -10.37
N PRO D 148 7.81 -71.07 -10.81
CA PRO D 148 6.86 -69.96 -10.70
C PRO D 148 5.96 -69.89 -11.92
N GLU D 149 5.10 -68.87 -12.00
CA GLU D 149 4.30 -68.66 -13.18
C GLU D 149 5.17 -68.19 -14.34
N PRO D 150 4.69 -68.34 -15.58
CA PRO D 150 3.42 -68.91 -16.02
C PRO D 150 3.52 -70.26 -16.73
N VAL D 151 2.37 -70.86 -17.02
CA VAL D 151 2.26 -71.98 -17.92
C VAL D 151 1.26 -71.61 -19.01
N THR D 152 1.44 -72.20 -20.19
CA THR D 152 0.58 -71.94 -21.33
C THR D 152 -0.10 -73.24 -21.74
N VAL D 153 -1.42 -73.19 -21.93
CA VAL D 153 -2.22 -74.36 -22.28
C VAL D 153 -2.89 -74.09 -23.62
N SER D 154 -2.71 -75.02 -24.55
CA SER D 154 -3.39 -75.01 -25.83
C SER D 154 -4.13 -76.33 -26.01
N TRP D 155 -5.09 -76.34 -26.95
CA TRP D 155 -5.89 -77.53 -27.21
C TRP D 155 -5.67 -77.96 -28.65
N ASN D 156 -5.24 -79.21 -28.83
CA ASN D 156 -4.94 -79.77 -30.14
C ASN D 156 -3.95 -78.89 -30.90
N SER D 157 -2.90 -78.46 -30.19
CA SER D 157 -1.82 -77.66 -30.77
C SER D 157 -2.34 -76.36 -31.37
N GLY D 158 -3.31 -75.73 -30.70
CA GLY D 158 -3.87 -74.47 -31.13
C GLY D 158 -5.00 -74.57 -32.12
N ALA D 159 -5.32 -75.77 -32.60
CA ALA D 159 -6.43 -75.92 -33.53
C ALA D 159 -7.77 -75.66 -32.87
N LEU D 160 -7.88 -75.93 -31.57
CA LEU D 160 -9.12 -75.75 -30.82
C LEU D 160 -8.96 -74.51 -29.94
N THR D 161 -9.71 -73.46 -30.28
CA THR D 161 -9.66 -72.21 -29.53
C THR D 161 -11.05 -71.78 -29.08
N SER D 162 -12.06 -72.08 -29.89
CA SER D 162 -13.42 -71.69 -29.56
C SER D 162 -13.94 -72.46 -28.35
N GLY D 163 -14.57 -71.75 -27.42
CA GLY D 163 -15.12 -72.36 -26.24
C GLY D 163 -14.11 -72.77 -25.20
N VAL D 164 -12.85 -72.36 -25.35
CA VAL D 164 -11.80 -72.74 -24.40
C VAL D 164 -11.68 -71.65 -23.35
N HIS D 165 -11.77 -72.05 -22.08
CA HIS D 165 -11.55 -71.17 -20.94
C HIS D 165 -10.34 -71.69 -20.18
N THR D 166 -9.22 -70.97 -20.28
CA THR D 166 -8.01 -71.31 -19.54
C THR D 166 -7.96 -70.40 -18.31
N PHE D 167 -8.23 -70.96 -17.14
CA PHE D 167 -8.42 -70.16 -15.95
C PHE D 167 -7.09 -69.64 -15.42
N PRO D 168 -7.09 -68.43 -14.84
CA PRO D 168 -5.87 -67.94 -14.17
C PRO D 168 -5.43 -68.87 -13.05
N ALA D 169 -4.13 -68.82 -12.75
CA ALA D 169 -3.58 -69.68 -11.71
C ALA D 169 -3.97 -69.18 -10.32
N VAL D 170 -4.10 -70.13 -9.40
CA VAL D 170 -4.30 -69.86 -7.98
C VAL D 170 -3.11 -70.42 -7.22
N LEU D 171 -2.67 -69.67 -6.20
CA LEU D 171 -1.50 -70.03 -5.41
C LEU D 171 -1.96 -70.86 -4.21
N GLN D 172 -1.64 -72.16 -4.23
CA GLN D 172 -1.99 -73.07 -3.17
C GLN D 172 -1.00 -72.96 -2.01
N SER D 173 -1.54 -73.09 -0.79
CA SER D 173 -0.80 -72.87 0.45
C SER D 173 0.47 -73.71 0.55
N SER D 174 0.60 -74.76 -0.27
CA SER D 174 1.90 -75.38 -0.46
C SER D 174 2.89 -74.43 -1.12
N GLY D 175 2.44 -73.24 -1.52
CA GLY D 175 3.27 -72.31 -2.24
C GLY D 175 3.35 -72.55 -3.72
N LEU D 176 2.40 -73.28 -4.29
CA LEU D 176 2.54 -73.75 -5.67
C LEU D 176 1.29 -73.41 -6.48
N TYR D 177 1.50 -73.09 -7.75
CA TYR D 177 0.40 -72.62 -8.58
C TYR D 177 -0.37 -73.77 -9.21
N SER D 178 -1.66 -73.56 -9.42
CA SER D 178 -2.52 -74.55 -10.05
C SER D 178 -3.62 -73.84 -10.83
N LEU D 179 -3.90 -74.34 -12.03
CA LEU D 179 -4.95 -73.78 -12.87
C LEU D 179 -5.66 -74.90 -13.61
N SER D 180 -6.79 -74.56 -14.22
CA SER D 180 -7.58 -75.48 -15.02
C SER D 180 -7.88 -74.84 -16.37
N SER D 181 -7.84 -75.67 -17.42
CA SER D 181 -8.18 -75.22 -18.77
C SER D 181 -9.24 -76.15 -19.33
N VAL D 182 -10.42 -75.62 -19.61
CA VAL D 182 -11.56 -76.42 -20.02
C VAL D 182 -11.99 -76.01 -21.42
N VAL D 183 -12.77 -76.88 -22.05
CA VAL D 183 -13.32 -76.64 -23.38
C VAL D 183 -14.66 -77.36 -23.48
N THR D 184 -15.62 -76.68 -24.11
CA THR D 184 -16.94 -77.24 -24.40
C THR D 184 -16.97 -77.69 -25.85
N VAL D 185 -17.44 -78.93 -26.07
CA VAL D 185 -17.44 -79.56 -27.39
C VAL D 185 -18.77 -80.26 -27.59
N PRO D 186 -19.12 -80.54 -28.84
CA PRO D 186 -20.29 -81.39 -29.09
C PRO D 186 -20.11 -82.77 -28.49
N SER D 187 -21.18 -83.30 -27.90
CA SER D 187 -21.12 -84.65 -27.33
C SER D 187 -20.88 -85.70 -28.41
N SER D 188 -21.47 -85.48 -29.60
CA SER D 188 -21.27 -86.40 -30.72
C SER D 188 -19.80 -86.49 -31.13
N SER D 189 -18.99 -85.48 -30.79
CA SER D 189 -17.57 -85.51 -31.11
C SER D 189 -16.74 -86.26 -30.06
N LEU D 190 -17.37 -86.69 -28.96
CA LEU D 190 -16.61 -87.41 -27.94
C LEU D 190 -16.07 -88.73 -28.48
N GLY D 191 -16.86 -89.44 -29.30
CA GLY D 191 -16.42 -90.72 -29.82
C GLY D 191 -15.53 -90.64 -31.04
N THR D 192 -15.58 -89.54 -31.79
CA THR D 192 -14.84 -89.44 -33.04
C THR D 192 -13.64 -88.52 -32.99
N GLN D 193 -13.66 -87.48 -32.16
CA GLN D 193 -12.61 -86.49 -32.14
C GLN D 193 -11.67 -86.72 -30.95
N THR D 194 -10.37 -86.61 -31.22
CA THR D 194 -9.34 -86.74 -30.20
C THR D 194 -8.98 -85.36 -29.67
N TYR D 195 -9.05 -85.19 -28.35
CA TYR D 195 -8.72 -83.94 -27.68
C TYR D 195 -7.49 -84.14 -26.81
N ILE D 196 -6.44 -83.38 -27.09
CA ILE D 196 -5.21 -83.41 -26.31
C ILE D 196 -4.84 -81.99 -25.92
N CYS D 197 -4.58 -81.78 -24.64
CA CYS D 197 -4.14 -80.49 -24.14
C CYS D 197 -2.62 -80.46 -24.06
N ASN D 198 -2.04 -79.39 -24.57
CA ASN D 198 -0.59 -79.19 -24.59
C ASN D 198 -0.24 -78.08 -23.60
N VAL D 199 0.49 -78.44 -22.55
CA VAL D 199 0.84 -77.53 -21.46
C VAL D 199 2.34 -77.34 -21.47
N ASN D 200 2.77 -76.08 -21.42
CA ASN D 200 4.19 -75.74 -21.47
C ASN D 200 4.53 -74.82 -20.31
N HIS D 201 5.55 -75.21 -19.54
CA HIS D 201 6.09 -74.40 -18.44
C HIS D 201 7.56 -74.15 -18.77
N LYS D 202 7.86 -72.96 -19.27
CA LYS D 202 9.22 -72.62 -19.65
C LYS D 202 10.22 -72.61 -18.48
N PRO D 203 9.91 -72.05 -17.31
CA PRO D 203 10.95 -71.96 -16.26
C PRO D 203 11.55 -73.31 -15.87
N SER D 204 10.77 -74.38 -15.87
CA SER D 204 11.27 -75.70 -15.54
C SER D 204 11.49 -76.58 -16.76
N ASN D 205 11.32 -76.05 -17.97
CA ASN D 205 11.49 -76.81 -19.21
C ASN D 205 10.59 -78.03 -19.25
N THR D 206 9.28 -77.80 -19.07
CA THR D 206 8.28 -78.86 -19.05
C THR D 206 7.34 -78.70 -20.24
N LYS D 207 7.16 -79.79 -20.99
CA LYS D 207 6.22 -79.81 -22.11
C LYS D 207 5.44 -81.12 -22.02
N VAL D 208 4.13 -81.03 -21.78
CA VAL D 208 3.30 -82.20 -21.53
C VAL D 208 2.11 -82.17 -22.49
N ASP D 209 1.93 -83.26 -23.23
CA ASP D 209 0.73 -83.47 -24.05
C ASP D 209 -0.09 -84.55 -23.38
N LYS D 210 -1.32 -84.21 -22.99
CA LYS D 210 -2.18 -85.13 -22.26
C LYS D 210 -3.51 -85.29 -22.99
N ARG D 211 -3.87 -86.52 -23.29
CA ARG D 211 -5.13 -86.82 -23.96
C ARG D 211 -6.24 -86.98 -22.94
N VAL D 212 -7.39 -86.36 -23.23
CA VAL D 212 -8.57 -86.43 -22.37
C VAL D 212 -9.61 -87.27 -23.09
N GLU D 213 -9.96 -88.41 -22.50
CA GLU D 213 -10.90 -89.36 -23.08
C GLU D 213 -11.93 -89.76 -22.05
N PRO D 214 -13.16 -90.10 -22.49
CA PRO D 214 -14.22 -90.53 -21.57
C PRO D 214 -13.88 -91.84 -20.86
N VAL E 1 -2.90 -38.53 5.75
CA VAL E 1 -3.84 -39.61 6.03
C VAL E 1 -5.24 -39.20 5.52
N LYS E 2 -5.32 -38.99 4.21
CA LYS E 2 -6.56 -38.59 3.56
C LYS E 2 -7.24 -39.82 2.97
N GLY E 3 -8.56 -39.90 3.17
CA GLY E 3 -9.33 -41.06 2.74
C GLY E 3 -10.10 -40.75 1.48
N MET E 4 -9.92 -41.58 0.46
CA MET E 4 -10.60 -41.42 -0.81
C MET E 4 -11.52 -42.61 -1.04
N THR E 5 -12.80 -42.31 -1.23
CA THR E 5 -13.84 -43.32 -1.37
C THR E 5 -14.37 -43.30 -2.80
N GLN E 6 -14.25 -44.42 -3.50
CA GLN E 6 -14.80 -44.57 -4.84
C GLN E 6 -16.12 -45.31 -4.78
N SER E 7 -17.05 -44.92 -5.64
CA SER E 7 -18.37 -45.50 -5.67
C SER E 7 -18.90 -45.53 -7.09
N PRO E 8 -19.37 -46.69 -7.58
CA PRO E 8 -19.32 -48.01 -6.94
C PRO E 8 -17.99 -48.71 -7.24
N LEU E 9 -17.71 -49.84 -6.59
CA LEU E 9 -16.49 -50.60 -6.88
C LEU E 9 -16.65 -51.55 -8.06
N PHE E 10 -17.87 -51.76 -8.53
CA PHE E 10 -18.13 -52.63 -9.68
C PHE E 10 -19.27 -52.00 -10.47
N LEU E 11 -18.95 -51.47 -11.65
CA LEU E 11 -19.91 -50.67 -12.42
C LEU E 11 -20.24 -51.34 -13.75
N PRO E 12 -21.37 -52.04 -13.84
CA PRO E 12 -21.81 -52.56 -15.13
C PRO E 12 -22.43 -51.46 -15.97
N VAL E 13 -21.96 -51.31 -17.21
CA VAL E 13 -22.42 -50.26 -18.10
C VAL E 13 -22.93 -50.89 -19.39
N THR E 14 -23.63 -50.08 -20.19
CA THR E 14 -24.09 -50.46 -21.50
C THR E 14 -23.42 -49.57 -22.53
N LEU E 15 -22.90 -50.16 -23.60
CA LEU E 15 -22.22 -49.38 -24.63
C LEU E 15 -23.19 -48.39 -25.26
N GLY E 16 -22.73 -47.15 -25.40
CA GLY E 16 -23.57 -46.06 -25.87
C GLY E 16 -24.33 -45.33 -24.80
N GLN E 17 -24.31 -45.84 -23.54
CA GLN E 17 -24.97 -45.28 -22.37
C GLN E 17 -23.94 -44.60 -21.47
N PRO E 18 -24.32 -43.55 -20.75
CA PRO E 18 -23.36 -42.84 -19.91
C PRO E 18 -22.99 -43.63 -18.66
N ALA E 19 -21.82 -43.29 -18.12
CA ALA E 19 -21.35 -43.87 -16.87
C ALA E 19 -20.73 -42.77 -16.01
N SER E 20 -20.76 -42.98 -14.70
CA SER E 20 -20.20 -41.99 -13.78
C SER E 20 -19.67 -42.69 -12.55
N ILE E 21 -18.54 -42.22 -12.05
CA ILE E 21 -17.90 -42.73 -10.84
C ILE E 21 -17.72 -41.58 -9.86
N SER E 22 -18.13 -41.79 -8.61
CA SER E 22 -18.02 -40.77 -7.59
C SER E 22 -16.80 -41.03 -6.71
N CYS E 23 -16.08 -39.95 -6.37
CA CYS E 23 -14.90 -40.03 -5.53
C CYS E 23 -14.99 -38.96 -4.46
N ARG E 24 -14.97 -39.38 -3.20
CA ARG E 24 -15.13 -38.48 -2.07
C ARG E 24 -13.85 -38.43 -1.25
N SER E 25 -13.52 -37.25 -0.75
CA SER E 25 -12.31 -37.04 0.03
C SER E 25 -12.65 -36.85 1.50
N SER E 26 -11.82 -37.42 2.37
CA SER E 26 -12.01 -37.27 3.81
C SER E 26 -11.67 -35.87 4.29
N GLN E 27 -10.88 -35.12 3.53
CA GLN E 27 -10.48 -33.76 3.89
C GLN E 27 -10.75 -32.84 2.70
N SER E 28 -10.73 -31.53 2.97
CA SER E 28 -10.84 -30.56 1.91
C SER E 28 -9.59 -30.57 1.04
N LEU E 29 -9.78 -30.60 -0.27
CA LEU E 29 -8.69 -30.76 -1.23
C LEU E 29 -8.26 -29.44 -1.87
N VAL E 30 -8.75 -28.31 -1.35
CA VAL E 30 -8.39 -27.03 -1.93
C VAL E 30 -6.96 -26.67 -1.54
N HIS E 31 -6.14 -26.33 -2.52
CA HIS E 31 -4.74 -26.01 -2.30
C HIS E 31 -4.58 -24.52 -1.96
N SER E 32 -3.45 -24.20 -1.32
CA SER E 32 -3.21 -22.84 -0.85
C SER E 32 -3.06 -21.84 -1.99
N ASP E 33 -2.84 -22.30 -3.22
CA ASP E 33 -2.71 -21.41 -4.36
C ASP E 33 -4.02 -21.16 -5.10
N GLY E 34 -5.14 -21.66 -4.55
CA GLY E 34 -6.44 -21.46 -5.17
C GLY E 34 -6.90 -22.57 -6.08
N ASN E 35 -6.08 -23.60 -6.29
CA ASN E 35 -6.43 -24.71 -7.16
C ASN E 35 -6.84 -25.93 -6.34
N ILE E 36 -7.45 -26.90 -7.03
CA ILE E 36 -7.71 -28.21 -6.49
C ILE E 36 -7.06 -29.22 -7.41
N TYR E 37 -6.13 -30.01 -6.89
CA TYR E 37 -5.34 -30.96 -7.68
C TYR E 37 -5.91 -32.36 -7.49
N LEU E 38 -6.92 -32.70 -8.29
CA LEU E 38 -7.47 -34.04 -8.33
C LEU E 38 -7.36 -34.57 -9.75
N SER E 39 -6.87 -35.80 -9.88
CA SER E 39 -6.60 -36.44 -11.14
C SER E 39 -7.37 -37.75 -11.25
N TRP E 40 -7.78 -38.06 -12.48
CA TRP E 40 -8.43 -39.32 -12.82
C TRP E 40 -7.53 -40.10 -13.77
N PHE E 41 -7.29 -41.37 -13.43
CA PHE E 41 -6.38 -42.27 -14.12
C PHE E 41 -7.15 -43.49 -14.62
N GLN E 42 -6.71 -44.01 -15.76
CA GLN E 42 -7.21 -45.27 -16.30
C GLN E 42 -6.11 -46.32 -16.27
N GLN E 43 -6.47 -47.55 -15.95
CA GLN E 43 -5.53 -48.68 -15.96
C GLN E 43 -6.22 -49.87 -16.61
N ARG E 44 -5.74 -50.25 -17.78
CA ARG E 44 -6.17 -51.48 -18.44
C ARG E 44 -5.37 -52.66 -17.90
N PRO E 45 -5.92 -53.87 -17.98
CA PRO E 45 -5.20 -55.03 -17.44
C PRO E 45 -3.81 -55.18 -18.06
N GLY E 46 -2.82 -55.39 -17.20
CA GLY E 46 -1.44 -55.55 -17.63
C GLY E 46 -0.73 -54.27 -17.98
N GLN E 47 -1.39 -53.12 -17.91
CA GLN E 47 -0.80 -51.85 -18.28
C GLN E 47 -0.65 -50.96 -17.04
N SER E 48 0.18 -49.94 -17.19
CA SER E 48 0.35 -48.94 -16.14
C SER E 48 -0.76 -47.90 -16.22
N PRO E 49 -1.05 -47.22 -15.10
CA PRO E 49 -2.09 -46.18 -15.13
C PRO E 49 -1.76 -45.06 -16.10
N ARG E 50 -2.80 -44.55 -16.76
CA ARG E 50 -2.69 -43.43 -17.68
C ARG E 50 -3.54 -42.28 -17.16
N ARG E 51 -2.93 -41.12 -16.99
CA ARG E 51 -3.66 -39.96 -16.48
C ARG E 51 -4.62 -39.43 -17.54
N LEU E 52 -5.87 -39.21 -17.14
CA LEU E 52 -6.86 -38.64 -18.04
C LEU E 52 -7.29 -37.24 -17.62
N ILE E 53 -7.48 -37.01 -16.33
CA ILE E 53 -8.01 -35.74 -15.85
C ILE E 53 -7.05 -35.15 -14.84
N TYR E 54 -6.71 -33.87 -15.00
CA TYR E 54 -5.95 -33.13 -14.01
C TYR E 54 -6.66 -31.81 -13.73
N LYS E 55 -6.37 -31.23 -12.56
CA LYS E 55 -7.04 -30.02 -12.11
C LYS E 55 -8.56 -30.18 -12.13
N VAL E 56 -9.02 -31.35 -11.70
CA VAL E 56 -10.45 -31.67 -11.58
C VAL E 56 -11.14 -31.69 -12.94
N PHE E 57 -10.91 -30.67 -13.76
CA PHE E 57 -11.64 -30.48 -15.00
C PHE E 57 -10.80 -30.69 -16.26
N ASP E 58 -9.53 -30.30 -16.24
CA ASP E 58 -8.73 -30.31 -17.46
C ASP E 58 -8.49 -31.74 -17.93
N ARG E 59 -8.72 -31.98 -19.22
CA ARG E 59 -8.48 -33.28 -19.83
C ARG E 59 -7.05 -33.32 -20.39
N ASP E 60 -6.39 -34.45 -20.20
CA ASP E 60 -5.02 -34.62 -20.67
C ASP E 60 -4.99 -34.78 -22.19
N SER E 61 -3.80 -34.62 -22.76
CA SER E 61 -3.62 -34.78 -24.20
C SER E 61 -3.89 -36.22 -24.60
N GLY E 62 -4.66 -36.40 -25.68
CA GLY E 62 -5.02 -37.73 -26.12
C GLY E 62 -6.09 -38.40 -25.29
N VAL E 63 -6.94 -37.64 -24.64
CA VAL E 63 -8.02 -38.16 -23.81
C VAL E 63 -9.34 -37.95 -24.54
N PRO E 64 -10.20 -38.96 -24.63
CA PRO E 64 -11.49 -38.76 -25.31
C PRO E 64 -12.31 -37.67 -24.66
N ASP E 65 -13.01 -36.89 -25.50
CA ASP E 65 -13.84 -35.80 -24.99
C ASP E 65 -14.99 -36.31 -24.12
N ARG E 66 -15.37 -37.59 -24.25
CA ARG E 66 -16.40 -38.15 -23.40
C ARG E 66 -16.00 -38.06 -21.93
N PHE E 67 -14.72 -38.24 -21.63
CA PHE E 67 -14.26 -38.22 -20.25
C PHE E 67 -14.24 -36.78 -19.75
N SER E 68 -14.94 -36.54 -18.63
CA SER E 68 -14.96 -35.23 -18.00
C SER E 68 -14.88 -35.40 -16.50
N GLY E 69 -14.27 -34.42 -15.85
CA GLY E 69 -14.16 -34.40 -14.40
C GLY E 69 -14.89 -33.21 -13.83
N SER E 70 -15.54 -33.41 -12.69
CA SER E 70 -16.29 -32.34 -12.04
C SER E 70 -16.20 -32.50 -10.54
N GLY E 71 -16.55 -31.44 -9.82
CA GLY E 71 -16.63 -31.54 -8.38
C GLY E 71 -16.08 -30.35 -7.61
N SER E 72 -16.23 -30.39 -6.30
CA SER E 72 -15.77 -29.33 -5.41
C SER E 72 -15.80 -29.87 -3.98
N GLY E 73 -15.20 -29.10 -3.08
CA GLY E 73 -15.17 -29.48 -1.68
C GLY E 73 -14.52 -30.83 -1.45
N THR E 74 -15.35 -31.82 -1.13
CA THR E 74 -14.88 -33.19 -0.93
C THR E 74 -15.59 -34.19 -1.84
N ASP E 75 -16.32 -33.73 -2.86
CA ASP E 75 -17.06 -34.61 -3.75
C ASP E 75 -16.67 -34.34 -5.18
N PHE E 76 -16.35 -35.41 -5.92
CA PHE E 76 -15.91 -35.29 -7.30
C PHE E 76 -16.50 -36.44 -8.11
N THR E 77 -16.55 -36.24 -9.43
CA THR E 77 -17.19 -37.20 -10.32
C THR E 77 -16.45 -37.27 -11.64
N LEU E 78 -16.24 -38.50 -12.12
CA LEU E 78 -15.75 -38.75 -13.46
C LEU E 78 -16.91 -39.26 -14.32
N LYS E 79 -17.09 -38.65 -15.48
CA LYS E 79 -18.22 -38.93 -16.35
C LYS E 79 -17.75 -39.34 -17.73
N ILE E 80 -18.36 -40.40 -18.27
CA ILE E 80 -18.18 -40.83 -19.65
C ILE E 80 -19.55 -40.70 -20.30
N SER E 81 -19.68 -39.78 -21.26
CA SER E 81 -20.97 -39.51 -21.86
C SER E 81 -21.47 -40.70 -22.67
N ARG E 82 -20.65 -41.22 -23.57
CA ARG E 82 -20.99 -42.38 -24.39
C ARG E 82 -19.91 -43.43 -24.17
N VAL E 83 -20.24 -44.49 -23.44
CA VAL E 83 -19.26 -45.53 -23.12
C VAL E 83 -19.05 -46.40 -24.35
N GLU E 84 -17.79 -46.57 -24.74
CA GLU E 84 -17.38 -47.45 -25.82
C GLU E 84 -16.70 -48.69 -25.26
N ALA E 85 -16.30 -49.58 -26.17
CA ALA E 85 -15.68 -50.84 -25.75
C ALA E 85 -14.34 -50.62 -25.07
N GLU E 86 -13.53 -49.68 -25.58
CA GLU E 86 -12.20 -49.44 -25.03
C GLU E 86 -12.23 -48.86 -23.63
N ASP E 87 -13.38 -48.35 -23.17
CA ASP E 87 -13.49 -47.77 -21.84
C ASP E 87 -13.59 -48.81 -20.74
N VAL E 88 -13.66 -50.10 -21.09
CA VAL E 88 -13.77 -51.18 -20.12
C VAL E 88 -12.38 -51.37 -19.51
N ALA E 89 -12.17 -50.83 -18.32
CA ALA E 89 -10.89 -50.92 -17.61
C ALA E 89 -11.12 -50.45 -16.18
N HIS E 90 -10.03 -50.30 -15.43
CA HIS E 90 -10.07 -49.75 -14.09
C HIS E 90 -9.88 -48.24 -14.12
N TYR E 91 -10.50 -47.55 -13.16
CA TYR E 91 -10.38 -46.10 -13.05
C TYR E 91 -10.10 -45.73 -11.59
N TYR E 92 -9.13 -44.86 -11.39
CA TYR E 92 -8.69 -44.46 -10.06
C TYR E 92 -8.70 -42.94 -9.93
N CYS E 93 -9.16 -42.46 -8.79
CA CYS E 93 -9.07 -41.04 -8.46
C CYS E 93 -7.93 -40.82 -7.48
N MET E 94 -7.21 -39.72 -7.68
CA MET E 94 -6.05 -39.38 -6.85
C MET E 94 -6.05 -37.87 -6.60
N GLN E 95 -6.03 -37.47 -5.35
CA GLN E 95 -5.91 -36.05 -5.02
C GLN E 95 -4.44 -35.73 -4.86
N ALA E 96 -4.03 -34.54 -5.33
CA ALA E 96 -2.63 -34.20 -5.35
C ALA E 96 -2.30 -32.93 -4.55
N THR E 97 -3.28 -32.35 -3.86
CA THR E 97 -3.04 -31.13 -3.09
C THR E 97 -2.06 -31.40 -1.95
N HIS E 98 -2.31 -32.45 -1.18
CA HIS E 98 -1.52 -32.77 0.00
C HIS E 98 -0.50 -33.85 -0.34
N TRP E 99 0.76 -33.58 0.00
CA TRP E 99 1.83 -34.52 -0.26
C TRP E 99 1.60 -35.81 0.55
N PRO E 100 1.88 -36.98 -0.03
CA PRO E 100 2.35 -37.22 -1.39
C PRO E 100 1.30 -37.86 -2.29
N GLY E 101 0.02 -37.68 -1.98
CA GLY E 101 -1.03 -38.26 -2.78
C GLY E 101 -1.56 -39.57 -2.19
N THR E 102 -2.77 -39.90 -2.59
CA THR E 102 -3.49 -41.07 -2.09
C THR E 102 -4.43 -41.54 -3.18
N PHE E 103 -4.69 -42.85 -3.20
CA PHE E 103 -5.53 -43.43 -4.24
C PHE E 103 -6.75 -44.08 -3.61
N GLY E 104 -7.86 -44.04 -4.35
CA GLY E 104 -9.07 -44.69 -3.92
C GLY E 104 -8.99 -46.20 -4.05
N GLY E 105 -10.08 -46.85 -3.68
CA GLY E 105 -10.12 -48.30 -3.76
C GLY E 105 -10.02 -48.82 -5.18
N GLY E 106 -10.58 -48.10 -6.13
CA GLY E 106 -10.57 -48.51 -7.51
C GLY E 106 -11.93 -49.02 -7.95
N THR E 107 -12.21 -48.86 -9.24
CA THR E 107 -13.49 -49.26 -9.82
C THR E 107 -13.24 -50.07 -11.09
N LYS E 108 -13.87 -51.23 -11.19
CA LYS E 108 -13.83 -52.04 -12.39
C LYS E 108 -15.08 -51.79 -13.23
N LEU E 109 -14.88 -51.54 -14.52
CA LEU E 109 -15.98 -51.32 -15.45
C LEU E 109 -16.17 -52.57 -16.30
N THR E 110 -17.39 -53.08 -16.32
CA THR E 110 -17.76 -54.22 -17.15
C THR E 110 -19.04 -53.91 -17.91
N VAL E 111 -19.38 -54.78 -18.85
CA VAL E 111 -20.53 -54.56 -19.73
C VAL E 111 -21.77 -55.18 -19.12
N LEU E 112 -22.81 -54.38 -18.98
CA LEU E 112 -24.09 -54.89 -18.47
C LEU E 112 -24.79 -55.71 -19.55
N ARG E 113 -25.31 -56.88 -19.18
CA ARG E 113 -26.04 -57.72 -20.11
C ARG E 113 -27.15 -58.43 -19.35
N THR E 114 -27.94 -59.22 -20.08
CA THR E 114 -29.01 -59.99 -19.48
C THR E 114 -28.44 -61.11 -18.61
N VAL E 115 -29.25 -61.55 -17.65
CA VAL E 115 -28.84 -62.64 -16.76
C VAL E 115 -28.70 -63.93 -17.56
N ALA E 116 -27.59 -64.62 -17.36
CA ALA E 116 -27.32 -65.89 -18.05
C ALA E 116 -27.01 -66.94 -17.00
N ALA E 117 -27.81 -67.99 -16.96
CA ALA E 117 -27.56 -69.07 -16.01
C ALA E 117 -26.35 -69.90 -16.48
N PRO E 118 -25.49 -70.30 -15.55
CA PRO E 118 -24.29 -71.06 -15.93
C PRO E 118 -24.60 -72.50 -16.28
N SER E 119 -23.66 -73.10 -17.01
CA SER E 119 -23.64 -74.54 -17.24
C SER E 119 -22.65 -75.15 -16.25
N VAL E 120 -23.12 -76.09 -15.44
CA VAL E 120 -22.35 -76.65 -14.33
C VAL E 120 -21.90 -78.05 -14.70
N PHE E 121 -20.60 -78.30 -14.53
CA PHE E 121 -20.01 -79.62 -14.76
C PHE E 121 -19.13 -79.99 -13.58
N LEU E 122 -18.96 -81.29 -13.37
CA LEU E 122 -18.11 -81.77 -12.30
C LEU E 122 -17.14 -82.82 -12.85
N PHE E 123 -15.89 -82.73 -12.42
CA PHE E 123 -14.81 -83.57 -12.94
C PHE E 123 -14.10 -84.23 -11.76
N PRO E 124 -14.09 -85.55 -11.70
CA PRO E 124 -13.39 -86.26 -10.63
C PRO E 124 -11.89 -86.23 -10.85
N PRO E 125 -11.11 -86.48 -9.80
CA PRO E 125 -9.66 -86.66 -10.01
C PRO E 125 -9.38 -87.86 -10.89
N SER E 126 -8.35 -87.74 -11.73
CA SER E 126 -7.95 -88.85 -12.57
C SER E 126 -7.20 -89.89 -11.77
N SER E 127 -7.08 -91.08 -12.34
CA SER E 127 -6.33 -92.15 -11.67
C SER E 127 -4.86 -91.79 -11.52
N GLU E 128 -4.31 -91.05 -12.49
CA GLU E 128 -2.89 -90.71 -12.43
C GLU E 128 -2.57 -89.83 -11.23
N GLU E 129 -3.42 -88.84 -10.94
CA GLU E 129 -3.22 -88.03 -9.75
C GLU E 129 -3.40 -88.85 -8.48
N LEU E 130 -4.32 -89.83 -8.51
CA LEU E 130 -4.45 -90.74 -7.38
C LEU E 130 -3.17 -91.52 -7.14
N GLN E 131 -2.46 -91.87 -8.22
CA GLN E 131 -1.12 -92.40 -8.07
C GLN E 131 -0.18 -91.35 -7.47
N ALA E 132 -0.33 -90.09 -7.88
CA ALA E 132 0.50 -88.98 -7.43
C ALA E 132 0.27 -88.60 -5.94
N ASN E 133 -0.54 -89.36 -5.21
CA ASN E 133 -0.77 -89.17 -3.78
C ASN E 133 -1.46 -87.85 -3.46
N LYS E 134 -2.33 -87.38 -4.35
CA LYS E 134 -3.23 -86.26 -4.08
C LYS E 134 -4.51 -86.46 -4.89
N ALA E 135 -5.54 -85.73 -4.52
CA ALA E 135 -6.83 -85.81 -5.19
C ALA E 135 -7.41 -84.41 -5.34
N THR E 136 -7.93 -84.12 -6.54
CA THR E 136 -8.53 -82.82 -6.82
C THR E 136 -9.84 -83.01 -7.58
N LEU E 137 -10.86 -82.28 -7.15
CA LEU E 137 -12.18 -82.32 -7.75
C LEU E 137 -12.48 -80.94 -8.34
N VAL E 138 -12.89 -80.90 -9.60
CA VAL E 138 -13.03 -79.64 -10.33
C VAL E 138 -14.49 -79.40 -10.66
N CYS E 139 -15.00 -78.22 -10.31
CA CYS E 139 -16.36 -77.81 -10.62
C CYS E 139 -16.29 -76.65 -11.60
N LEU E 140 -16.90 -76.81 -12.77
CA LEU E 140 -16.83 -75.85 -13.86
C LEU E 140 -18.17 -75.14 -14.00
N ILE E 141 -18.11 -73.81 -14.11
CA ILE E 141 -19.28 -72.94 -14.17
C ILE E 141 -19.10 -72.10 -15.43
N SER E 142 -19.79 -72.45 -16.50
CA SER E 142 -19.50 -71.92 -17.84
C SER E 142 -20.56 -70.93 -18.27
N ASP E 143 -20.12 -69.78 -18.79
CA ASP E 143 -20.93 -68.85 -19.58
C ASP E 143 -22.14 -68.34 -18.78
N PHE E 144 -21.82 -67.55 -17.74
CA PHE E 144 -22.84 -66.98 -16.88
C PHE E 144 -22.60 -65.48 -16.70
N TYR E 145 -23.66 -64.80 -16.23
CA TYR E 145 -23.64 -63.40 -15.83
C TYR E 145 -24.79 -63.20 -14.86
N PRO E 146 -24.61 -62.40 -13.78
CA PRO E 146 -23.43 -61.61 -13.41
C PRO E 146 -22.34 -62.44 -12.73
N GLY E 147 -21.23 -61.80 -12.37
CA GLY E 147 -20.09 -62.51 -11.80
C GLY E 147 -20.34 -63.05 -10.41
N ALA E 148 -21.34 -62.53 -9.71
CA ALA E 148 -21.63 -63.00 -8.36
C ALA E 148 -22.21 -64.42 -8.43
N VAL E 149 -21.60 -65.34 -7.66
CA VAL E 149 -21.99 -66.74 -7.68
C VAL E 149 -21.36 -67.40 -6.46
N THR E 150 -22.07 -68.38 -5.90
CA THR E 150 -21.61 -69.10 -4.70
C THR E 150 -21.40 -70.56 -5.03
N VAL E 151 -20.26 -71.10 -4.61
CA VAL E 151 -19.91 -72.51 -4.81
C VAL E 151 -19.62 -73.12 -3.45
N ALA E 152 -20.27 -74.25 -3.17
CA ALA E 152 -20.07 -74.99 -1.93
C ALA E 152 -19.73 -76.44 -2.25
N TRP E 153 -18.82 -77.01 -1.48
CA TRP E 153 -18.40 -78.40 -1.64
C TRP E 153 -18.91 -79.23 -0.47
N LYS E 154 -19.51 -80.38 -0.78
CA LYS E 154 -19.96 -81.32 0.24
C LYS E 154 -19.38 -82.70 -0.05
N ALA E 155 -18.64 -83.24 0.91
CA ALA E 155 -18.11 -84.60 0.83
C ALA E 155 -18.92 -85.46 1.78
N ASP E 156 -19.76 -86.34 1.23
CA ASP E 156 -20.73 -87.11 2.00
C ASP E 156 -21.63 -86.18 2.81
N SER E 157 -22.13 -85.14 2.14
CA SER E 157 -23.05 -84.14 2.68
C SER E 157 -22.44 -83.26 3.76
N SER E 158 -21.11 -83.24 3.89
CA SER E 158 -20.45 -82.39 4.87
C SER E 158 -19.81 -81.20 4.17
N PRO E 159 -20.28 -79.98 4.41
CA PRO E 159 -19.65 -78.81 3.76
C PRO E 159 -18.20 -78.66 4.18
N SER E 160 -17.36 -78.34 3.21
CA SER E 160 -15.92 -78.21 3.43
C SER E 160 -15.54 -76.73 3.47
N LYS E 161 -14.79 -76.36 4.50
CA LYS E 161 -14.21 -75.03 4.62
C LYS E 161 -12.71 -75.14 4.47
N ALA E 162 -12.13 -74.23 3.67
CA ALA E 162 -10.75 -74.32 3.20
C ALA E 162 -10.58 -75.55 2.32
N GLY E 163 -9.37 -75.74 1.78
CA GLY E 163 -9.17 -76.81 0.83
C GLY E 163 -9.89 -76.62 -0.49
N VAL E 164 -10.36 -75.40 -0.77
CA VAL E 164 -11.05 -75.08 -2.02
C VAL E 164 -10.53 -73.74 -2.52
N GLU E 165 -10.31 -73.66 -3.83
CA GLU E 165 -9.85 -72.43 -4.46
C GLU E 165 -10.64 -72.16 -5.72
N THR E 166 -10.96 -70.89 -5.95
CA THR E 166 -11.87 -70.48 -7.02
C THR E 166 -11.14 -69.55 -7.98
N THR E 167 -11.38 -69.75 -9.27
CA THR E 167 -10.79 -68.92 -10.32
C THR E 167 -11.91 -68.43 -11.25
N THR E 168 -11.79 -67.17 -11.68
CA THR E 168 -12.73 -66.56 -12.61
C THR E 168 -11.96 -65.85 -13.71
N PRO E 169 -12.29 -66.10 -14.98
CA PRO E 169 -11.69 -65.33 -16.07
C PRO E 169 -12.42 -64.00 -16.24
N SER E 170 -11.79 -63.11 -17.01
CA SER E 170 -12.38 -61.82 -17.29
C SER E 170 -13.58 -61.96 -18.22
N LYS E 171 -14.35 -60.89 -18.32
CA LYS E 171 -15.58 -60.91 -19.12
C LYS E 171 -15.26 -61.21 -20.58
N GLN E 172 -16.01 -62.14 -21.16
CA GLN E 172 -15.77 -62.59 -22.52
C GLN E 172 -16.51 -61.69 -23.52
N SER E 173 -16.44 -62.05 -24.80
CA SER E 173 -17.10 -61.30 -25.85
C SER E 173 -18.58 -61.58 -25.97
N ASN E 174 -19.10 -62.57 -25.22
CA ASN E 174 -20.52 -62.72 -25.01
C ASN E 174 -20.98 -62.07 -23.72
N ASN E 175 -20.09 -61.28 -23.09
CA ASN E 175 -20.35 -60.58 -21.83
C ASN E 175 -20.62 -61.54 -20.68
N LYS E 176 -20.16 -62.78 -20.80
CA LYS E 176 -20.35 -63.80 -19.78
C LYS E 176 -19.02 -64.07 -19.06
N TYR E 177 -19.12 -64.80 -17.95
CA TYR E 177 -17.97 -65.22 -17.18
C TYR E 177 -17.96 -66.75 -17.06
N SER E 178 -16.87 -67.25 -16.49
CA SER E 178 -16.73 -68.67 -16.14
C SER E 178 -16.18 -68.75 -14.71
N LEU E 179 -15.97 -69.98 -14.24
CA LEU E 179 -15.47 -70.20 -12.89
C LEU E 179 -15.03 -71.64 -12.70
N SER E 180 -13.86 -71.83 -12.10
CA SER E 180 -13.36 -73.17 -11.78
C SER E 180 -13.15 -73.23 -10.27
N SER E 181 -13.78 -74.20 -9.63
CA SER E 181 -13.64 -74.43 -8.19
C SER E 181 -12.93 -75.75 -7.98
N VAL E 182 -11.74 -75.70 -7.39
CA VAL E 182 -10.89 -76.87 -7.21
C VAL E 182 -10.86 -77.20 -5.73
N LEU E 183 -11.28 -78.43 -5.39
CA LEU E 183 -11.22 -78.94 -4.03
C LEU E 183 -10.09 -79.96 -3.94
N SER E 184 -9.17 -79.74 -3.01
CA SER E 184 -8.00 -80.58 -2.85
C SER E 184 -8.12 -81.41 -1.58
N LEU E 185 -7.93 -82.72 -1.70
CA LEU E 185 -7.93 -83.64 -0.57
C LEU E 185 -6.79 -84.64 -0.75
N THR E 186 -6.34 -85.19 0.37
CA THR E 186 -5.38 -86.28 0.31
C THR E 186 -6.04 -87.52 -0.27
N PRO E 187 -5.27 -88.40 -0.93
CA PRO E 187 -5.88 -89.60 -1.50
C PRO E 187 -6.51 -90.51 -0.45
N GLU E 188 -5.95 -90.55 0.77
CA GLU E 188 -6.56 -91.33 1.84
C GLU E 188 -7.94 -90.78 2.18
N GLN E 189 -8.04 -89.47 2.39
CA GLN E 189 -9.32 -88.85 2.70
C GLN E 189 -10.28 -88.98 1.53
N TRP E 190 -9.77 -88.92 0.30
CA TRP E 190 -10.62 -89.08 -0.87
C TRP E 190 -11.23 -90.49 -0.91
N LYS E 191 -10.40 -91.51 -0.68
CA LYS E 191 -10.88 -92.88 -0.66
C LYS E 191 -11.71 -93.18 0.57
N SER E 192 -11.66 -92.33 1.60
CA SER E 192 -12.41 -92.57 2.82
C SER E 192 -13.90 -92.25 2.69
N HIS E 193 -14.30 -91.52 1.65
CA HIS E 193 -15.67 -91.06 1.52
C HIS E 193 -16.22 -91.42 0.14
N ARG E 194 -17.53 -91.27 -0.02
CA ARG E 194 -18.22 -91.70 -1.23
C ARG E 194 -18.81 -90.56 -2.04
N SER E 195 -19.68 -89.75 -1.46
CA SER E 195 -20.45 -88.77 -2.22
C SER E 195 -19.73 -87.42 -2.25
N TYR E 196 -19.52 -86.89 -3.45
CA TYR E 196 -18.88 -85.58 -3.64
C TYR E 196 -19.80 -84.71 -4.48
N SER E 197 -20.14 -83.54 -3.96
CA SER E 197 -21.12 -82.67 -4.61
C SER E 197 -20.65 -81.23 -4.61
N CYS E 198 -20.89 -80.57 -5.75
CA CYS E 198 -20.67 -79.14 -5.93
C CYS E 198 -22.03 -78.46 -6.06
N GLN E 199 -22.31 -77.52 -5.17
CA GLN E 199 -23.58 -76.82 -5.11
C GLN E 199 -23.36 -75.37 -5.51
N VAL E 200 -24.15 -74.91 -6.49
CA VAL E 200 -23.96 -73.60 -7.11
C VAL E 200 -25.23 -72.78 -6.90
N THR E 201 -25.04 -71.56 -6.41
CA THR E 201 -26.09 -70.57 -6.26
C THR E 201 -25.79 -69.39 -7.16
N HIS E 202 -26.77 -69.03 -8.00
CA HIS E 202 -26.64 -67.96 -8.97
C HIS E 202 -28.05 -67.45 -9.26
N GLU E 203 -28.19 -66.55 -10.24
CA GLU E 203 -29.52 -66.08 -10.61
C GLU E 203 -30.19 -67.06 -11.54
N GLY E 204 -30.12 -68.34 -11.19
CA GLY E 204 -30.94 -69.39 -11.77
C GLY E 204 -31.77 -70.02 -10.66
N SER E 205 -31.29 -71.15 -10.18
CA SER E 205 -31.77 -71.76 -8.93
C SER E 205 -30.55 -72.28 -8.19
N THR E 206 -30.78 -73.09 -7.16
CA THR E 206 -29.70 -73.77 -6.47
C THR E 206 -29.53 -75.16 -7.10
N VAL E 207 -28.33 -75.41 -7.65
CA VAL E 207 -28.12 -76.59 -8.50
C VAL E 207 -26.92 -77.36 -7.99
N GLU E 208 -27.08 -78.67 -7.80
CA GLU E 208 -26.02 -79.54 -7.32
C GLU E 208 -25.63 -80.55 -8.40
N LYS E 209 -24.33 -80.73 -8.57
CA LYS E 209 -23.78 -81.78 -9.42
C LYS E 209 -22.88 -82.67 -8.56
N THR E 210 -23.07 -83.99 -8.65
CA THR E 210 -22.42 -84.88 -7.69
C THR E 210 -22.01 -86.18 -8.37
N PHE E 211 -21.13 -86.91 -7.69
CA PHE E 211 -20.70 -88.22 -8.14
C PHE E 211 -20.17 -89.02 -6.95
N ALA E 212 -20.13 -90.34 -7.12
CA ALA E 212 -19.78 -91.29 -6.05
C ALA E 212 -18.60 -92.15 -6.48
N PRO E 213 -17.36 -91.73 -6.17
CA PRO E 213 -16.18 -92.51 -6.56
C PRO E 213 -16.11 -93.90 -5.92
N THR E 214 -16.09 -93.91 -4.59
CA THR E 214 -15.80 -95.14 -3.84
C THR E 214 -16.73 -95.28 -2.64
N GLN F 1 -17.67 38.74 -18.87
CA GLN F 1 -18.20 39.44 -20.04
C GLN F 1 -17.85 38.68 -21.31
N VAL F 2 -17.97 37.36 -21.27
CA VAL F 2 -17.63 36.52 -22.40
C VAL F 2 -18.65 36.76 -23.51
N GLN F 3 -18.16 37.12 -24.70
CA GLN F 3 -19.03 37.37 -25.84
C GLN F 3 -18.40 36.73 -27.08
N LEU F 4 -19.25 36.20 -27.95
CA LEU F 4 -18.81 35.58 -29.20
C LEU F 4 -19.73 36.07 -30.31
N VAL F 5 -19.15 36.80 -31.28
CA VAL F 5 -19.91 37.42 -32.36
C VAL F 5 -19.41 36.90 -33.69
N GLN F 6 -20.34 36.52 -34.56
CA GLN F 6 -20.04 35.89 -35.83
C GLN F 6 -20.25 36.87 -36.97
N SER F 7 -19.83 36.46 -38.17
CA SER F 7 -19.93 37.31 -39.35
C SER F 7 -21.39 37.36 -39.84
N GLY F 8 -21.59 38.05 -40.96
CA GLY F 8 -22.92 38.22 -41.50
C GLY F 8 -23.43 36.99 -42.22
N ALA F 9 -24.74 36.98 -42.47
CA ALA F 9 -25.37 35.88 -43.18
C ALA F 9 -24.92 35.82 -44.62
N GLU F 10 -24.95 34.62 -45.21
CA GLU F 10 -24.43 34.41 -46.55
C GLU F 10 -25.43 33.64 -47.41
N VAL F 11 -25.48 34.01 -48.70
CA VAL F 11 -26.22 33.28 -49.72
C VAL F 11 -25.22 32.81 -50.76
N LYS F 12 -25.22 31.51 -51.04
CA LYS F 12 -24.20 30.87 -51.87
C LYS F 12 -24.88 29.97 -52.89
N LYS F 13 -24.23 29.86 -54.06
CA LYS F 13 -24.65 28.92 -55.07
C LYS F 13 -24.16 27.53 -54.73
N SER F 14 -24.89 26.52 -55.22
CA SER F 14 -24.52 25.13 -54.95
C SER F 14 -23.16 24.83 -55.56
N GLY F 15 -22.29 24.21 -54.76
CA GLY F 15 -20.95 23.89 -55.19
C GLY F 15 -19.89 24.90 -54.83
N ALA F 16 -20.27 26.06 -54.29
CA ALA F 16 -19.30 27.08 -53.90
C ALA F 16 -18.76 26.77 -52.50
N SER F 17 -17.98 27.69 -51.95
CA SER F 17 -17.41 27.55 -50.63
C SER F 17 -17.74 28.78 -49.79
N VAL F 18 -17.88 28.57 -48.48
CA VAL F 18 -18.21 29.65 -47.56
C VAL F 18 -17.32 29.56 -46.33
N GLN F 19 -16.86 30.72 -45.85
CA GLN F 19 -16.07 30.79 -44.61
C GLN F 19 -16.78 31.69 -43.62
N VAL F 20 -17.03 31.16 -42.42
CA VAL F 20 -17.71 31.88 -41.35
C VAL F 20 -16.72 32.14 -40.23
N SER F 21 -16.74 33.37 -39.73
CA SER F 21 -15.84 33.80 -38.66
C SER F 21 -16.60 33.87 -37.33
N CYS F 22 -15.84 33.77 -36.25
CA CYS F 22 -16.39 33.82 -34.90
C CYS F 22 -15.34 34.46 -34.00
N LYS F 23 -15.57 35.72 -33.62
CA LYS F 23 -14.62 36.50 -32.85
C LYS F 23 -15.08 36.55 -31.39
N ALA F 24 -14.18 36.20 -30.48
CA ALA F 24 -14.49 36.07 -29.07
C ALA F 24 -13.77 37.15 -28.27
N SER F 25 -14.41 37.57 -27.18
CA SER F 25 -13.87 38.62 -26.32
C SER F 25 -14.28 38.35 -24.88
N GLY F 26 -13.44 38.80 -23.96
CA GLY F 26 -13.72 38.70 -22.54
C GLY F 26 -13.05 37.55 -21.82
N TYR F 27 -12.20 36.79 -22.49
CA TYR F 27 -11.50 35.66 -21.86
C TYR F 27 -10.26 35.34 -22.68
N PRO F 28 -9.26 34.69 -22.08
CA PRO F 28 -8.05 34.33 -22.85
C PRO F 28 -8.38 33.32 -23.94
N PHE F 29 -8.13 33.72 -25.19
CA PHE F 29 -8.48 32.88 -26.33
C PHE F 29 -7.69 31.59 -26.35
N GLY F 30 -6.40 31.65 -26.01
CA GLY F 30 -5.55 30.48 -26.07
C GLY F 30 -5.87 29.43 -25.03
N ASN F 31 -6.72 29.72 -24.07
CA ASN F 31 -7.07 28.78 -23.02
C ASN F 31 -8.32 27.95 -23.33
N TYR F 32 -8.91 28.13 -24.52
CA TYR F 32 -10.15 27.44 -24.86
C TYR F 32 -10.13 27.06 -26.33
N GLY F 33 -11.15 26.31 -26.74
CA GLY F 33 -11.38 25.99 -28.12
C GLY F 33 -12.74 26.49 -28.58
N ILE F 34 -13.06 26.17 -29.83
CA ILE F 34 -14.34 26.56 -30.43
C ILE F 34 -14.98 25.34 -31.08
N THR F 35 -16.25 25.13 -30.77
CA THR F 35 -17.06 24.06 -31.34
C THR F 35 -18.11 24.67 -32.27
N TRP F 36 -18.22 24.13 -33.47
CA TRP F 36 -19.19 24.57 -34.45
C TRP F 36 -20.31 23.55 -34.55
N VAL F 37 -21.55 24.02 -34.44
CA VAL F 37 -22.75 23.20 -34.48
C VAL F 37 -23.78 23.91 -35.37
N ARG F 38 -24.43 23.16 -36.25
CA ARG F 38 -25.38 23.76 -37.18
C ARG F 38 -26.80 23.27 -36.91
N GLN F 39 -27.77 24.11 -37.24
CA GLN F 39 -29.18 23.85 -37.06
C GLN F 39 -29.89 24.10 -38.39
N ALA F 40 -30.42 23.04 -38.98
CA ALA F 40 -31.21 23.18 -40.19
C ALA F 40 -32.54 23.85 -39.86
N PRO F 41 -33.17 24.52 -40.83
CA PRO F 41 -34.46 25.18 -40.56
C PRO F 41 -35.49 24.20 -40.06
N GLY F 42 -36.01 24.46 -38.86
CA GLY F 42 -36.99 23.60 -38.25
C GLY F 42 -36.46 22.30 -37.68
N GLN F 43 -35.14 22.14 -37.61
CA GLN F 43 -34.52 20.93 -37.11
C GLN F 43 -33.75 21.22 -35.82
N GLY F 44 -33.12 20.18 -35.28
CA GLY F 44 -32.37 20.29 -34.05
C GLY F 44 -30.94 20.76 -34.29
N LEU F 45 -30.11 20.56 -33.27
CA LEU F 45 -28.72 20.98 -33.29
C LEU F 45 -27.84 19.82 -33.71
N GLU F 46 -26.98 20.04 -34.70
CA GLU F 46 -26.14 19.00 -35.29
C GLU F 46 -24.69 19.38 -35.10
N TRP F 47 -23.94 18.53 -34.41
CA TRP F 47 -22.52 18.81 -34.15
C TRP F 47 -21.73 18.74 -35.44
N MET F 48 -20.98 19.80 -35.73
CA MET F 48 -20.10 19.82 -36.89
C MET F 48 -18.65 19.52 -36.54
N GLY F 49 -18.09 20.22 -35.57
CA GLY F 49 -16.70 19.96 -35.26
C GLY F 49 -16.19 20.79 -34.10
N TRP F 50 -14.91 20.62 -33.82
CA TRP F 50 -14.26 21.27 -32.69
C TRP F 50 -12.79 21.48 -33.00
N ILE F 51 -12.28 22.67 -32.67
CA ILE F 51 -10.87 22.99 -32.85
C ILE F 51 -10.34 23.67 -31.59
N SER F 52 -9.15 23.24 -31.16
CA SER F 52 -8.51 23.80 -29.98
C SER F 52 -7.51 24.87 -30.37
N ALA F 53 -7.55 26.00 -29.67
CA ALA F 53 -6.55 27.04 -29.80
C ALA F 53 -5.38 26.84 -28.85
N TYR F 54 -5.39 25.77 -28.07
CA TYR F 54 -4.33 25.47 -27.10
C TYR F 54 -3.25 24.59 -27.70
N ASN F 55 -3.63 23.48 -28.33
CA ASN F 55 -2.68 22.57 -28.95
C ASN F 55 -2.93 22.34 -30.44
N GLY F 56 -3.93 22.99 -31.02
CA GLY F 56 -4.19 22.90 -32.44
C GLY F 56 -4.92 21.66 -32.89
N GLN F 57 -5.35 20.80 -31.98
CA GLN F 57 -6.07 19.60 -32.35
C GLN F 57 -7.40 19.95 -32.99
N THR F 58 -7.81 19.16 -33.99
CA THR F 58 -9.07 19.37 -34.69
C THR F 58 -9.81 18.05 -34.81
N TYR F 59 -11.13 18.11 -34.69
CA TYR F 59 -12.00 16.96 -34.87
C TYR F 59 -13.21 17.38 -35.68
N TYR F 60 -13.55 16.60 -36.71
CA TYR F 60 -14.67 16.89 -37.59
C TYR F 60 -15.67 15.74 -37.54
N ALA F 61 -16.93 16.07 -37.77
CA ALA F 61 -17.95 15.04 -37.88
C ALA F 61 -17.71 14.19 -39.13
N GLU F 62 -18.18 12.95 -39.07
CA GLU F 62 -17.91 12.01 -40.16
C GLU F 62 -18.49 12.49 -41.48
N LYS F 63 -19.70 13.05 -41.44
CA LYS F 63 -20.37 13.49 -42.67
C LYS F 63 -19.73 14.73 -43.28
N PHE F 64 -18.87 15.44 -42.55
CA PHE F 64 -18.25 16.66 -43.06
C PHE F 64 -16.75 16.52 -43.31
N GLN F 65 -16.16 15.36 -43.03
CA GLN F 65 -14.71 15.21 -43.22
C GLN F 65 -14.35 15.39 -44.69
N GLY F 66 -13.31 16.20 -44.94
CA GLY F 66 -12.93 16.57 -46.28
C GLY F 66 -13.69 17.74 -46.85
N ARG F 67 -14.79 18.15 -46.21
CA ARG F 67 -15.58 19.29 -46.66
C ARG F 67 -15.47 20.51 -45.75
N VAL F 68 -15.06 20.33 -44.49
CA VAL F 68 -15.00 21.40 -43.50
C VAL F 68 -13.57 21.53 -43.01
N THR F 69 -13.13 22.78 -42.86
CA THR F 69 -11.82 23.09 -42.31
C THR F 69 -11.98 24.17 -41.25
N MET F 70 -11.47 23.91 -40.05
CA MET F 70 -11.53 24.86 -38.95
C MET F 70 -10.12 25.35 -38.62
N THR F 71 -10.01 26.66 -38.40
CA THR F 71 -8.75 27.30 -38.09
C THR F 71 -8.96 28.31 -36.96
N THR F 72 -7.86 28.73 -36.35
CA THR F 72 -7.90 29.75 -35.31
C THR F 72 -6.81 30.79 -35.55
N ASP F 73 -7.12 32.02 -35.18
CA ASP F 73 -6.17 33.13 -35.23
C ASP F 73 -6.13 33.72 -33.83
N THR F 74 -5.02 33.51 -33.12
CA THR F 74 -4.92 33.87 -31.72
C THR F 74 -4.76 35.37 -31.53
N SER F 75 -4.06 36.04 -32.45
CA SER F 75 -3.85 37.48 -32.30
C SER F 75 -5.17 38.26 -32.38
N THR F 76 -6.11 37.78 -33.19
CA THR F 76 -7.43 38.39 -33.30
C THR F 76 -8.49 37.66 -32.49
N SER F 77 -8.13 36.56 -31.83
CA SER F 77 -9.06 35.75 -31.04
C SER F 77 -10.27 35.32 -31.87
N THR F 78 -10.00 34.83 -33.07
CA THR F 78 -11.07 34.54 -34.02
C THR F 78 -10.93 33.13 -34.58
N GLY F 79 -12.00 32.35 -34.48
CA GLY F 79 -12.07 31.06 -35.14
C GLY F 79 -12.75 31.18 -36.50
N TYR F 80 -12.33 30.31 -37.42
CA TYR F 80 -12.88 30.28 -38.76
C TYR F 80 -13.30 28.86 -39.12
N MET F 81 -14.45 28.75 -39.79
CA MET F 81 -14.96 27.47 -40.26
C MET F 81 -15.33 27.62 -41.73
N GLU F 82 -14.66 26.87 -42.60
CA GLU F 82 -14.92 26.92 -44.03
C GLU F 82 -15.53 25.61 -44.49
N LEU F 83 -16.66 25.69 -45.17
CA LEU F 83 -17.34 24.55 -45.75
C LEU F 83 -17.29 24.67 -47.27
N ARG F 84 -16.86 23.61 -47.93
CA ARG F 84 -16.72 23.55 -49.38
C ARG F 84 -17.69 22.54 -49.96
N SER F 85 -17.79 22.55 -51.30
CA SER F 85 -18.71 21.68 -52.03
C SER F 85 -20.13 21.80 -51.47
N LEU F 86 -20.59 23.03 -51.34
CA LEU F 86 -21.89 23.30 -50.74
C LEU F 86 -23.01 22.69 -51.58
N ARG F 87 -23.95 22.04 -50.90
CA ARG F 87 -25.13 21.47 -51.53
C ARG F 87 -26.37 22.16 -50.98
N SER F 88 -27.52 21.86 -51.59
CA SER F 88 -28.76 22.55 -51.26
C SER F 88 -29.17 22.30 -49.81
N ASP F 89 -28.86 21.12 -49.27
CA ASP F 89 -29.28 20.76 -47.92
C ASP F 89 -28.34 21.25 -46.83
N ASP F 90 -27.22 21.89 -47.18
CA ASP F 90 -26.36 22.50 -46.18
C ASP F 90 -26.93 23.81 -45.63
N THR F 91 -27.99 24.34 -46.22
CA THR F 91 -28.60 25.57 -45.75
C THR F 91 -29.02 25.44 -44.30
N ALA F 92 -28.44 26.26 -43.43
CA ALA F 92 -28.68 26.14 -42.00
C ALA F 92 -28.12 27.36 -41.28
N VAL F 93 -28.40 27.43 -39.98
CA VAL F 93 -27.84 28.45 -39.11
C VAL F 93 -26.68 27.82 -38.34
N TYR F 94 -25.50 28.41 -38.46
CA TYR F 94 -24.27 27.84 -37.92
C TYR F 94 -23.88 28.62 -36.68
N PHE F 95 -23.70 27.92 -35.56
CA PHE F 95 -23.35 28.50 -34.28
C PHE F 95 -21.93 28.12 -33.90
N CYS F 96 -21.20 29.07 -33.31
CA CYS F 96 -19.90 28.83 -32.69
C CYS F 96 -20.05 28.98 -31.19
N ALA F 97 -19.41 28.09 -30.44
CA ALA F 97 -19.50 28.10 -28.99
C ALA F 97 -18.14 27.85 -28.38
N ARG F 98 -17.84 28.55 -27.29
CA ARG F 98 -16.62 28.31 -26.55
C ARG F 98 -16.65 26.91 -25.94
N ASP F 99 -15.54 26.18 -26.07
CA ASP F 99 -15.45 24.79 -25.62
C ASP F 99 -14.10 24.56 -24.97
N VAL F 100 -13.90 23.34 -24.50
CA VAL F 100 -12.71 22.95 -23.75
C VAL F 100 -11.48 22.99 -24.65
N PRO F 101 -10.29 23.28 -24.10
CA PRO F 101 -9.09 23.32 -24.93
C PRO F 101 -8.51 21.96 -25.27
N VAL F 102 -8.86 20.91 -24.53
CA VAL F 102 -8.41 19.54 -24.81
C VAL F 102 -9.63 18.63 -24.74
N VAL F 103 -9.44 17.40 -25.23
CA VAL F 103 -10.52 16.42 -25.19
C VAL F 103 -10.92 16.19 -23.75
N ALA F 104 -12.15 16.55 -23.41
CA ALA F 104 -12.64 16.50 -22.04
C ALA F 104 -14.15 16.68 -22.09
N ALA F 105 -14.77 16.73 -20.91
CA ALA F 105 -16.20 16.98 -20.82
C ALA F 105 -16.51 18.37 -21.38
N VAL F 106 -17.20 18.41 -22.52
CA VAL F 106 -17.50 19.67 -23.17
C VAL F 106 -18.44 20.49 -22.31
N LEU F 107 -18.34 21.83 -22.43
CA LEU F 107 -19.11 22.72 -21.59
C LEU F 107 -20.06 23.62 -22.37
N ARG F 108 -19.61 24.21 -23.48
CA ARG F 108 -20.45 25.09 -24.32
C ARG F 108 -21.18 26.14 -23.48
N ASP F 109 -20.42 26.87 -22.68
CA ASP F 109 -21.04 27.79 -21.71
C ASP F 109 -21.61 29.02 -22.41
N TYR F 110 -20.77 29.76 -23.14
CA TYR F 110 -21.21 30.95 -23.85
C TYR F 110 -21.20 30.69 -25.36
N TRP F 111 -22.26 31.13 -26.02
CA TRP F 111 -22.51 30.82 -27.42
C TRP F 111 -22.37 32.07 -28.28
N GLY F 112 -22.52 31.89 -29.58
CA GLY F 112 -22.53 32.99 -30.53
C GLY F 112 -23.95 33.48 -30.80
N GLN F 113 -24.13 34.06 -31.98
CA GLN F 113 -25.45 34.47 -32.43
C GLN F 113 -25.97 33.64 -33.60
N GLY F 114 -25.08 32.96 -34.32
CA GLY F 114 -25.47 32.16 -35.46
C GLY F 114 -25.36 32.93 -36.76
N VAL F 115 -25.06 32.20 -37.84
CA VAL F 115 -24.99 32.76 -39.18
C VAL F 115 -25.86 31.92 -40.10
N THR F 116 -26.79 32.56 -40.81
CA THR F 116 -27.64 31.86 -41.75
C THR F 116 -26.91 31.72 -43.08
N VAL F 117 -26.59 30.49 -43.46
CA VAL F 117 -25.98 30.19 -44.74
C VAL F 117 -27.05 29.49 -45.58
N SER F 118 -27.47 30.15 -46.65
CA SER F 118 -28.41 29.59 -47.61
C SER F 118 -27.63 29.14 -48.83
N SER F 119 -27.82 27.88 -49.24
CA SER F 119 -27.13 27.31 -50.38
C SER F 119 -28.17 26.85 -51.39
N SER F 120 -28.12 27.39 -52.61
CA SER F 120 -29.11 27.03 -53.61
C SER F 120 -28.57 27.31 -54.99
N SER F 121 -29.18 26.65 -55.98
CA SER F 121 -28.83 26.85 -57.38
C SER F 121 -29.57 28.01 -58.02
N ALA F 122 -30.57 28.57 -57.35
CA ALA F 122 -31.35 29.66 -57.91
C ALA F 122 -30.60 30.98 -57.81
N SER F 123 -31.06 31.95 -58.59
CA SER F 123 -30.53 33.31 -58.57
C SER F 123 -31.59 34.26 -58.03
N THR F 124 -31.18 35.51 -57.80
CA THR F 124 -32.09 36.51 -57.26
C THR F 124 -33.24 36.76 -58.23
N LYS F 125 -34.46 36.77 -57.69
CA LYS F 125 -35.65 36.95 -58.51
C LYS F 125 -36.75 37.60 -57.67
N GLY F 126 -37.42 38.58 -58.25
CA GLY F 126 -38.53 39.23 -57.61
C GLY F 126 -39.78 38.36 -57.62
N PRO F 127 -40.65 38.56 -56.63
CA PRO F 127 -41.86 37.75 -56.51
C PRO F 127 -43.01 38.29 -57.37
N SER F 128 -43.97 37.40 -57.61
CA SER F 128 -45.23 37.75 -58.23
C SER F 128 -46.31 37.80 -57.14
N VAL F 129 -47.12 38.85 -57.16
CA VAL F 129 -48.16 39.06 -56.16
C VAL F 129 -49.50 38.87 -56.85
N PHE F 130 -50.30 37.94 -56.32
CA PHE F 130 -51.60 37.65 -56.89
C PHE F 130 -52.68 37.80 -55.81
N PRO F 131 -53.89 38.22 -56.18
CA PRO F 131 -54.95 38.36 -55.19
C PRO F 131 -55.60 37.02 -54.84
N LEU F 132 -56.05 36.93 -53.59
CA LEU F 132 -56.86 35.83 -53.10
C LEU F 132 -58.17 36.51 -52.66
N ALA F 133 -59.11 36.62 -53.59
CA ALA F 133 -60.32 37.40 -53.43
C ALA F 133 -61.35 36.67 -52.58
N PRO F 134 -62.17 37.41 -51.82
CA PRO F 134 -63.25 36.82 -51.02
C PRO F 134 -64.45 36.40 -51.87
N GLY F 135 -71.35 37.79 -42.22
CA GLY F 135 -70.42 37.23 -41.26
C GLY F 135 -69.02 37.79 -41.38
N THR F 136 -68.04 36.89 -41.45
CA THR F 136 -66.64 37.27 -41.59
C THR F 136 -66.08 36.67 -42.87
N ALA F 137 -65.36 37.48 -43.63
CA ALA F 137 -64.79 37.07 -44.91
C ALA F 137 -63.27 37.09 -44.83
N ALA F 138 -62.64 36.27 -45.65
CA ALA F 138 -61.18 36.18 -45.70
C ALA F 138 -60.68 36.58 -47.08
N LEU F 139 -59.61 37.37 -47.11
CA LEU F 139 -58.97 37.72 -48.37
C LEU F 139 -57.47 37.70 -48.14
N GLY F 140 -56.69 37.90 -49.21
CA GLY F 140 -55.25 37.90 -49.03
C GLY F 140 -54.49 38.06 -50.32
N CYS F 141 -53.18 37.82 -50.21
CA CYS F 141 -52.25 37.91 -51.33
C CYS F 141 -51.34 36.70 -51.32
N LEU F 142 -51.01 36.22 -52.52
CA LEU F 142 -50.03 35.16 -52.71
C LEU F 142 -48.76 35.78 -53.29
N VAL F 143 -47.66 35.63 -52.57
CA VAL F 143 -46.35 36.14 -52.98
C VAL F 143 -45.52 34.93 -53.37
N LYS F 144 -45.35 34.71 -54.66
CA LYS F 144 -44.83 33.46 -55.19
C LYS F 144 -43.56 33.71 -56.01
N ASP F 145 -42.69 32.71 -56.02
CA ASP F 145 -41.58 32.61 -56.98
C ASP F 145 -40.57 33.75 -56.77
N TYR F 146 -40.02 33.80 -55.56
CA TYR F 146 -38.95 34.74 -55.26
C TYR F 146 -37.79 34.01 -54.60
N PHE F 147 -36.62 34.62 -54.73
CA PHE F 147 -35.40 34.11 -54.12
C PHE F 147 -34.43 35.25 -53.96
N PRO F 148 -33.76 35.37 -52.82
CA PRO F 148 -33.91 34.55 -51.61
C PRO F 148 -34.93 35.14 -50.65
N GLU F 149 -35.09 34.55 -49.46
CA GLU F 149 -35.93 35.14 -48.44
C GLU F 149 -35.28 36.42 -47.90
N PRO F 150 -36.08 37.31 -47.29
CA PRO F 150 -37.52 37.28 -47.13
C PRO F 150 -38.27 38.35 -47.93
N VAL F 151 -39.60 38.30 -47.89
CA VAL F 151 -40.45 39.40 -48.34
C VAL F 151 -41.29 39.84 -47.16
N THR F 152 -41.67 41.11 -47.15
CA THR F 152 -42.50 41.68 -46.10
C THR F 152 -43.84 42.09 -46.69
N VAL F 153 -44.93 41.66 -46.06
CA VAL F 153 -46.27 41.96 -46.52
C VAL F 153 -46.98 42.77 -45.45
N SER F 154 -47.44 43.95 -45.81
CA SER F 154 -48.25 44.80 -44.95
C SER F 154 -49.61 45.01 -45.62
N TRP F 155 -50.57 45.50 -44.85
CA TRP F 155 -51.92 45.73 -45.36
C TRP F 155 -52.32 47.18 -45.12
N ASN F 156 -52.76 47.86 -46.20
CA ASN F 156 -53.13 49.26 -46.16
C ASN F 156 -52.00 50.13 -45.60
N SER F 157 -50.78 49.82 -46.03
CA SER F 157 -49.57 50.53 -45.60
C SER F 157 -49.43 50.50 -44.08
N GLY F 158 -49.76 49.35 -43.48
CA GLY F 158 -49.66 49.18 -42.04
C GLY F 158 -50.90 49.54 -41.26
N ALA F 159 -51.94 50.06 -41.91
CA ALA F 159 -53.15 50.43 -41.19
C ALA F 159 -53.92 49.21 -40.70
N LEU F 160 -53.85 48.09 -41.42
CA LEU F 160 -54.58 46.88 -41.07
C LEU F 160 -53.60 45.88 -40.47
N THR F 161 -53.76 45.61 -39.17
CA THR F 161 -52.86 44.71 -38.46
C THR F 161 -53.58 43.57 -37.75
N SER F 162 -54.76 43.84 -37.18
CA SER F 162 -55.47 42.81 -36.42
C SER F 162 -56.06 41.77 -37.37
N GLY F 163 -55.88 40.50 -37.01
CA GLY F 163 -56.39 39.40 -37.81
C GLY F 163 -55.56 39.04 -39.01
N VAL F 164 -54.37 39.62 -39.17
CA VAL F 164 -53.51 39.37 -40.32
C VAL F 164 -52.60 38.19 -39.99
N HIS F 165 -52.60 37.19 -40.86
CA HIS F 165 -51.72 36.03 -40.74
C HIS F 165 -50.80 36.00 -41.95
N THR F 166 -49.51 36.27 -41.73
CA THR F 166 -48.49 36.18 -42.77
C THR F 166 -47.75 34.87 -42.58
N PHE F 167 -47.98 33.93 -43.49
CA PHE F 167 -47.46 32.59 -43.33
C PHE F 167 -45.95 32.54 -43.62
N PRO F 168 -45.21 31.69 -42.93
CA PRO F 168 -43.81 31.46 -43.28
C PRO F 168 -43.67 30.98 -44.72
N ALA F 169 -42.58 31.39 -45.35
CA ALA F 169 -42.34 31.00 -46.74
C ALA F 169 -41.99 29.52 -46.85
N VAL F 170 -42.37 28.92 -47.98
CA VAL F 170 -42.04 27.54 -48.30
C VAL F 170 -41.18 27.53 -49.55
N LEU F 171 -40.22 26.61 -49.58
CA LEU F 171 -39.29 26.48 -50.70
C LEU F 171 -39.87 25.48 -51.71
N GLN F 172 -40.31 25.98 -52.86
CA GLN F 172 -40.86 25.15 -53.92
C GLN F 172 -39.74 24.59 -54.79
N SER F 173 -39.96 23.34 -55.24
CA SER F 173 -38.95 22.53 -55.92
C SER F 173 -38.34 23.23 -57.14
N SER F 174 -38.99 24.27 -57.66
CA SER F 174 -38.31 25.15 -58.59
C SER F 174 -37.15 25.89 -57.93
N GLY F 175 -36.98 25.72 -56.61
CA GLY F 175 -35.97 26.45 -55.87
C GLY F 175 -36.39 27.83 -55.44
N LEU F 176 -37.69 28.12 -55.41
CA LEU F 176 -38.16 29.48 -55.21
C LEU F 176 -39.13 29.54 -54.03
N TYR F 177 -39.11 30.65 -53.32
CA TYR F 177 -39.93 30.78 -52.12
C TYR F 177 -41.32 31.30 -52.46
N SER F 178 -42.30 30.85 -51.68
CA SER F 178 -43.68 31.27 -51.85
C SER F 178 -44.36 31.33 -50.50
N LEU F 179 -45.20 32.34 -50.31
CA LEU F 179 -45.96 32.48 -49.07
C LEU F 179 -47.31 33.12 -49.38
N SER F 180 -48.19 33.07 -48.39
CA SER F 180 -49.51 33.68 -48.48
C SER F 180 -49.73 34.56 -47.25
N SER F 181 -50.34 35.72 -47.46
CA SER F 181 -50.71 36.61 -46.38
C SER F 181 -52.22 36.83 -46.43
N VAL F 182 -52.91 36.41 -45.38
CA VAL F 182 -54.36 36.45 -45.36
C VAL F 182 -54.82 37.37 -44.22
N VAL F 183 -56.07 37.81 -44.33
CA VAL F 183 -56.69 38.67 -43.33
C VAL F 183 -58.19 38.41 -43.33
N THR F 184 -58.76 38.39 -42.12
CA THR F 184 -60.19 38.24 -41.92
C THR F 184 -60.79 39.60 -41.57
N VAL F 185 -61.86 39.95 -42.28
CA VAL F 185 -62.50 41.27 -42.14
C VAL F 185 -64.01 41.07 -42.08
N PRO F 186 -64.74 42.06 -41.57
CA PRO F 186 -66.20 42.01 -41.69
C PRO F 186 -66.62 41.97 -43.14
N SER F 187 -67.64 41.15 -43.42
CA SER F 187 -68.14 41.03 -44.79
C SER F 187 -68.72 42.36 -45.28
N SER F 188 -69.43 43.06 -44.39
CA SER F 188 -69.99 44.36 -44.75
C SER F 188 -68.92 45.37 -45.14
N SER F 189 -67.68 45.16 -44.71
CA SER F 189 -66.59 46.05 -45.08
C SER F 189 -65.99 45.75 -46.45
N LEU F 190 -66.40 44.65 -47.09
CA LEU F 190 -65.84 44.31 -48.40
C LEU F 190 -66.20 45.35 -49.45
N GLY F 191 -67.41 45.91 -49.39
CA GLY F 191 -67.82 46.89 -50.36
C GLY F 191 -67.36 48.31 -50.09
N THR F 192 -67.07 48.65 -48.84
CA THR F 192 -66.72 50.01 -48.46
C THR F 192 -65.24 50.20 -48.16
N GLN F 193 -64.55 49.18 -47.65
CA GLN F 193 -63.15 49.31 -47.25
C GLN F 193 -62.24 48.78 -48.35
N THR F 194 -61.19 49.53 -48.66
CA THR F 194 -60.21 49.14 -49.66
C THR F 194 -59.06 48.40 -48.98
N TYR F 195 -58.73 47.21 -49.48
CA TYR F 195 -57.68 46.38 -48.92
C TYR F 195 -56.56 46.25 -49.93
N ILE F 196 -55.37 46.72 -49.55
CA ILE F 196 -54.19 46.68 -50.40
C ILE F 196 -53.07 46.00 -49.64
N CYS F 197 -52.43 45.02 -50.28
CA CYS F 197 -51.26 44.37 -49.71
C CYS F 197 -50.00 44.94 -50.35
N ASN F 198 -49.07 45.40 -49.51
CA ASN F 198 -47.80 45.93 -49.95
C ASN F 198 -46.74 44.89 -49.67
N VAL F 199 -46.10 44.39 -50.73
CA VAL F 199 -45.10 43.33 -50.65
C VAL F 199 -43.76 43.90 -51.06
N ASN F 200 -42.76 43.67 -50.23
CA ASN F 200 -41.42 44.22 -50.44
C ASN F 200 -40.40 43.09 -50.40
N HIS F 201 -39.59 42.99 -51.46
CA HIS F 201 -38.50 42.02 -51.58
C HIS F 201 -37.23 42.84 -51.80
N LYS F 202 -36.49 43.08 -50.73
CA LYS F 202 -35.28 43.88 -50.81
C LYS F 202 -34.19 43.29 -51.70
N PRO F 203 -33.88 41.98 -51.64
CA PRO F 203 -32.78 41.46 -52.49
C PRO F 203 -32.96 41.73 -53.97
N SER F 204 -34.20 41.72 -54.46
CA SER F 204 -34.47 42.01 -55.87
C SER F 204 -34.97 43.41 -56.10
N ASN F 205 -35.09 44.23 -55.05
CA ASN F 205 -35.60 45.60 -55.15
C ASN F 205 -36.99 45.62 -55.78
N THR F 206 -37.89 44.77 -55.27
CA THR F 206 -39.24 44.65 -55.77
C THR F 206 -40.22 45.21 -54.75
N LYS F 207 -41.08 46.13 -55.18
CA LYS F 207 -42.10 46.73 -54.31
C LYS F 207 -43.42 46.71 -55.07
N VAL F 208 -44.36 45.88 -54.62
CA VAL F 208 -45.62 45.67 -55.33
C VAL F 208 -46.77 45.99 -54.39
N ASP F 209 -47.65 46.89 -54.82
CA ASP F 209 -48.89 47.18 -54.12
C ASP F 209 -50.03 46.57 -54.92
N LYS F 210 -50.75 45.63 -54.31
CA LYS F 210 -51.81 44.89 -55.00
C LYS F 210 -53.12 45.07 -54.26
N ARG F 211 -54.16 45.48 -54.99
CA ARG F 211 -55.49 45.65 -54.42
C ARG F 211 -56.25 44.33 -54.51
N VAL F 212 -56.92 43.95 -53.42
CA VAL F 212 -57.74 42.75 -53.36
C VAL F 212 -59.19 43.18 -53.27
N GLU F 213 -59.97 42.86 -54.30
CA GLU F 213 -61.35 43.25 -54.41
C GLU F 213 -62.20 42.05 -54.78
N PRO F 214 -63.49 42.05 -54.40
CA PRO F 214 -64.41 40.96 -54.76
C PRO F 214 -64.62 40.84 -56.26
N VAL G 1 -21.73 6.82 -30.07
CA VAL G 1 -23.00 6.57 -30.74
C VAL G 1 -24.10 6.44 -29.68
N LYS G 2 -24.29 7.51 -28.92
CA LYS G 2 -25.31 7.57 -27.88
C LYS G 2 -26.59 8.20 -28.41
N GLY G 3 -27.73 7.59 -28.10
CA GLY G 3 -29.01 8.08 -28.52
C GLY G 3 -29.71 8.79 -27.38
N MET G 4 -30.07 10.05 -27.61
CA MET G 4 -30.73 10.88 -26.62
C MET G 4 -32.18 11.05 -27.01
N THR G 5 -33.10 10.58 -26.16
CA THR G 5 -34.53 10.59 -26.44
C THR G 5 -35.21 11.59 -25.51
N GLN G 6 -35.85 12.60 -26.10
CA GLN G 6 -36.61 13.58 -25.34
C GLN G 6 -38.10 13.25 -25.39
N SER G 7 -38.79 13.52 -24.28
CA SER G 7 -40.19 13.19 -24.15
C SER G 7 -40.91 14.22 -23.29
N PRO G 8 -42.01 14.80 -23.79
CA PRO G 8 -42.57 14.65 -25.13
C PRO G 8 -41.88 15.58 -26.13
N LEU G 9 -42.12 15.41 -27.43
CA LEU G 9 -41.57 16.32 -28.42
C LEU G 9 -42.44 17.56 -28.63
N PHE G 10 -43.63 17.59 -28.05
CA PHE G 10 -44.53 18.74 -28.14
C PHE G 10 -45.28 18.82 -26.83
N LEU G 11 -44.96 19.82 -26.01
CA LEU G 11 -45.45 19.90 -24.62
C LEU G 11 -46.33 21.12 -24.43
N PRO G 12 -47.65 20.96 -24.42
CA PRO G 12 -48.54 22.08 -24.06
C PRO G 12 -48.57 22.28 -22.56
N VAL G 13 -48.40 23.54 -22.13
CA VAL G 13 -48.34 23.88 -20.72
C VAL G 13 -49.37 24.96 -20.42
N THR G 14 -49.65 25.14 -19.13
CA THR G 14 -50.51 26.20 -18.64
C THR G 14 -49.67 27.08 -17.71
N LEU G 15 -49.78 28.40 -17.88
CA LEU G 15 -48.99 29.31 -17.06
C LEU G 15 -49.42 29.20 -15.59
N GLY G 16 -48.42 29.20 -14.70
CA GLY G 16 -48.65 28.95 -13.29
C GLY G 16 -48.65 27.49 -12.91
N GLN G 17 -48.63 26.57 -13.89
CA GLN G 17 -48.63 25.14 -13.71
C GLN G 17 -47.24 24.57 -14.02
N PRO G 18 -46.85 23.48 -13.37
CA PRO G 18 -45.52 22.92 -13.61
C PRO G 18 -45.42 22.22 -14.96
N ALA G 19 -44.18 22.10 -15.43
CA ALA G 19 -43.88 21.35 -16.64
C ALA G 19 -42.62 20.52 -16.40
N SER G 20 -42.52 19.40 -17.14
CA SER G 20 -41.37 18.52 -17.00
C SER G 20 -41.07 17.86 -18.33
N ILE G 21 -39.78 17.74 -18.63
CA ILE G 21 -39.30 17.09 -19.86
C ILE G 21 -38.33 15.99 -19.45
N SER G 22 -38.54 14.78 -19.98
CA SER G 22 -37.71 13.63 -19.68
C SER G 22 -36.71 13.41 -20.81
N CYS G 23 -35.48 13.07 -20.44
CA CYS G 23 -34.41 12.80 -21.41
C CYS G 23 -33.74 11.50 -21.03
N ARG G 24 -33.69 10.56 -21.96
CA ARG G 24 -33.15 9.23 -21.74
C ARG G 24 -31.93 9.00 -22.61
N SER G 25 -30.91 8.38 -22.03
CA SER G 25 -29.66 8.11 -22.72
C SER G 25 -29.53 6.62 -23.01
N SER G 26 -28.96 6.30 -24.18
CA SER G 26 -28.76 4.90 -24.54
C SER G 26 -27.63 4.25 -23.76
N GLN G 27 -26.75 5.05 -23.14
CA GLN G 27 -25.62 4.54 -22.39
C GLN G 27 -25.56 5.21 -21.04
N SER G 28 -24.83 4.60 -20.11
CA SER G 28 -24.58 5.21 -18.81
C SER G 28 -23.67 6.43 -18.98
N LEU G 29 -24.02 7.51 -18.26
CA LEU G 29 -23.34 8.79 -18.42
C LEU G 29 -22.39 9.11 -17.27
N VAL G 30 -22.04 8.13 -16.44
CA VAL G 30 -21.13 8.38 -15.33
C VAL G 30 -19.71 8.51 -15.85
N HIS G 31 -19.04 9.59 -15.45
CA HIS G 31 -17.69 9.88 -15.91
C HIS G 31 -16.68 9.28 -14.93
N SER G 32 -15.45 9.10 -15.43
CA SER G 32 -14.39 8.46 -14.65
C SER G 32 -14.00 9.24 -13.41
N ASP G 33 -14.33 10.53 -13.35
CA ASP G 33 -14.02 11.35 -12.18
C ASP G 33 -15.15 11.39 -11.16
N GLY G 34 -16.22 10.64 -11.38
CA GLY G 34 -17.32 10.55 -10.44
C GLY G 34 -18.48 11.49 -10.73
N ASN G 35 -18.40 12.31 -11.76
CA ASN G 35 -19.46 13.26 -12.10
C ASN G 35 -20.29 12.75 -13.26
N ILE G 36 -21.45 13.37 -13.44
CA ILE G 36 -22.29 13.18 -14.62
C ILE G 36 -22.43 14.53 -15.28
N TYR G 37 -21.97 14.64 -16.52
CA TYR G 37 -21.97 15.91 -17.26
C TYR G 37 -23.11 15.87 -18.27
N LEU G 38 -24.30 16.27 -17.82
CA LEU G 38 -25.45 16.46 -18.68
C LEU G 38 -25.97 17.88 -18.49
N SER G 39 -26.22 18.56 -19.60
CA SER G 39 -26.65 19.95 -19.57
C SER G 39 -28.04 20.08 -20.19
N TRP G 40 -28.79 21.05 -19.68
CA TRP G 40 -30.07 21.45 -20.26
C TRP G 40 -29.95 22.86 -20.81
N PHE G 41 -30.35 23.02 -22.07
CA PHE G 41 -30.21 24.24 -22.85
C PHE G 41 -31.59 24.72 -23.30
N GLN G 42 -31.74 26.04 -23.40
CA GLN G 42 -32.96 26.66 -23.87
C GLN G 42 -32.67 27.50 -25.11
N GLN G 43 -33.57 27.43 -26.09
CA GLN G 43 -33.44 28.19 -27.33
C GLN G 43 -34.76 28.87 -27.64
N ARG G 44 -34.74 30.21 -27.74
CA ARG G 44 -35.85 31.00 -28.22
C ARG G 44 -35.75 31.20 -29.73
N PRO G 45 -36.88 31.39 -30.40
CA PRO G 45 -36.84 31.52 -31.87
C PRO G 45 -35.91 32.64 -32.32
N GLY G 46 -35.05 32.33 -33.29
CA GLY G 46 -34.09 33.28 -33.81
C GLY G 46 -32.89 33.51 -32.93
N GLN G 47 -32.86 32.94 -31.73
CA GLN G 47 -31.79 33.15 -30.77
C GLN G 47 -30.91 31.91 -30.67
N SER G 48 -29.72 32.11 -30.12
CA SER G 48 -28.82 30.99 -29.89
C SER G 48 -29.18 30.27 -28.60
N PRO G 49 -28.88 28.97 -28.51
CA PRO G 49 -29.13 28.23 -27.27
C PRO G 49 -28.32 28.82 -26.11
N ARG G 50 -28.93 28.80 -24.92
CA ARG G 50 -28.27 29.23 -23.69
C ARG G 50 -28.28 28.07 -22.71
N ARG G 51 -27.14 27.84 -22.06
CA ARG G 51 -27.05 26.78 -21.07
C ARG G 51 -27.71 27.24 -19.78
N LEU G 52 -28.66 26.46 -19.29
CA LEU G 52 -29.29 26.71 -18.00
C LEU G 52 -28.86 25.73 -16.93
N ILE G 53 -28.72 24.44 -17.26
CA ILE G 53 -28.35 23.45 -16.26
C ILE G 53 -27.10 22.71 -16.71
N TYR G 54 -26.16 22.51 -15.80
CA TYR G 54 -24.99 21.68 -16.04
C TYR G 54 -24.79 20.75 -14.84
N LYS G 55 -24.13 19.62 -15.11
CA LYS G 55 -23.92 18.57 -14.10
C LYS G 55 -25.24 18.13 -13.48
N VAL G 56 -26.26 17.97 -14.33
CA VAL G 56 -27.58 17.46 -13.95
C VAL G 56 -28.30 18.42 -13.02
N PHE G 57 -27.64 18.86 -11.96
CA PHE G 57 -28.27 19.65 -10.91
C PHE G 57 -27.89 21.12 -10.92
N ASP G 58 -26.63 21.44 -11.21
CA ASP G 58 -26.14 22.80 -11.01
C ASP G 58 -26.74 23.77 -12.03
N ARG G 59 -27.21 24.91 -11.53
CA ARG G 59 -27.76 25.97 -12.37
C ARG G 59 -26.66 26.96 -12.74
N ASP G 60 -26.72 27.46 -13.97
CA ASP G 60 -25.76 28.46 -14.42
C ASP G 60 -26.07 29.81 -13.76
N SER G 61 -25.11 30.72 -13.86
CA SER G 61 -25.29 32.04 -13.29
C SER G 61 -26.43 32.79 -14.00
N GLY G 62 -27.33 33.35 -13.21
CA GLY G 62 -28.45 34.07 -13.78
C GLY G 62 -29.59 33.22 -14.29
N VAL G 63 -29.76 32.03 -13.73
CA VAL G 63 -30.87 31.14 -14.07
C VAL G 63 -31.93 31.25 -12.98
N PRO G 64 -33.19 31.56 -13.30
CA PRO G 64 -34.23 31.60 -12.28
C PRO G 64 -34.35 30.26 -11.57
N ASP G 65 -34.60 30.32 -10.26
CA ASP G 65 -34.68 29.10 -9.45
C ASP G 65 -35.89 28.25 -9.78
N ARG G 66 -36.84 28.77 -10.57
CA ARG G 66 -37.98 27.96 -11.00
C ARG G 66 -37.54 26.76 -11.83
N PHE G 67 -36.39 26.86 -12.49
CA PHE G 67 -35.84 25.74 -13.23
C PHE G 67 -35.05 24.83 -12.30
N SER G 68 -35.23 23.52 -12.47
CA SER G 68 -34.48 22.54 -11.71
C SER G 68 -34.17 21.34 -12.59
N GLY G 69 -33.09 20.65 -12.24
CA GLY G 69 -32.68 19.46 -12.95
C GLY G 69 -32.52 18.29 -12.00
N SER G 70 -32.85 17.09 -12.47
CA SER G 70 -32.77 15.90 -11.65
C SER G 70 -32.49 14.71 -12.56
N GLY G 71 -32.13 13.59 -11.93
CA GLY G 71 -31.93 12.37 -12.70
C GLY G 71 -30.73 11.55 -12.28
N SER G 72 -30.62 10.35 -12.84
CA SER G 72 -29.53 9.44 -12.53
C SER G 72 -29.54 8.33 -13.58
N GLY G 73 -28.47 7.54 -13.59
CA GLY G 73 -28.36 6.42 -14.50
C GLY G 73 -28.46 6.82 -15.95
N THR G 74 -29.58 6.48 -16.58
CA THR G 74 -29.85 6.84 -17.97
C THR G 74 -31.13 7.66 -18.12
N ASP G 75 -31.70 8.14 -17.03
CA ASP G 75 -32.96 8.89 -17.08
C ASP G 75 -32.79 10.21 -16.34
N PHE G 76 -33.18 11.31 -16.97
CA PHE G 76 -33.02 12.64 -16.40
C PHE G 76 -34.28 13.45 -16.69
N THR G 77 -34.48 14.50 -15.89
CA THR G 77 -35.69 15.32 -15.97
C THR G 77 -35.34 16.79 -15.76
N LEU G 78 -35.90 17.64 -16.61
CA LEU G 78 -35.88 19.08 -16.42
C LEU G 78 -37.26 19.53 -15.98
N LYS G 79 -37.32 20.34 -14.93
CA LYS G 79 -38.58 20.73 -14.33
C LYS G 79 -38.69 22.25 -14.24
N ILE G 80 -39.86 22.76 -14.57
CA ILE G 80 -40.22 24.16 -14.37
C ILE G 80 -41.36 24.17 -13.36
N SER G 81 -41.10 24.73 -12.17
CA SER G 81 -42.11 24.69 -11.11
C SER G 81 -43.34 25.49 -11.50
N ARG G 82 -43.15 26.75 -11.89
CA ARG G 82 -44.25 27.61 -12.37
C ARG G 82 -43.86 28.12 -13.74
N VAL G 83 -44.53 27.63 -14.78
CA VAL G 83 -44.19 28.04 -16.14
C VAL G 83 -44.69 29.46 -16.38
N GLU G 84 -43.79 30.34 -16.80
CA GLU G 84 -44.14 31.70 -17.14
C GLU G 84 -44.20 31.87 -18.66
N ALA G 85 -44.50 33.10 -19.09
CA ALA G 85 -44.61 33.37 -20.52
C ALA G 85 -43.27 33.20 -21.22
N GLU G 86 -42.19 33.65 -20.60
CA GLU G 86 -40.87 33.57 -21.21
C GLU G 86 -40.37 32.12 -21.34
N ASP G 87 -40.99 31.17 -20.65
CA ASP G 87 -40.57 29.78 -20.71
C ASP G 87 -41.00 29.08 -21.99
N VAL G 88 -41.87 29.69 -22.79
CA VAL G 88 -42.33 29.07 -24.03
C VAL G 88 -41.22 29.19 -25.07
N ALA G 89 -40.51 28.08 -25.29
CA ALA G 89 -39.38 28.03 -26.24
C ALA G 89 -39.02 26.56 -26.44
N HIS G 90 -37.92 26.32 -27.14
CA HIS G 90 -37.41 24.97 -27.33
C HIS G 90 -36.40 24.65 -26.23
N TYR G 91 -36.37 23.38 -25.83
CA TYR G 91 -35.46 22.93 -24.79
C TYR G 91 -34.77 21.65 -25.23
N TYR G 92 -33.46 21.59 -25.05
CA TYR G 92 -32.63 20.47 -25.48
C TYR G 92 -31.86 19.91 -24.30
N CYS G 93 -31.75 18.59 -24.24
CA CYS G 93 -30.85 17.92 -23.32
C CYS G 93 -29.60 17.51 -24.08
N MET G 94 -28.45 17.64 -23.42
CA MET G 94 -27.16 17.43 -24.07
C MET G 94 -26.27 16.62 -23.13
N GLN G 95 -25.89 15.43 -23.55
CA GLN G 95 -24.89 14.66 -22.80
C GLN G 95 -23.50 15.18 -23.13
N ALA G 96 -22.65 15.24 -22.11
CA ALA G 96 -21.28 15.74 -22.28
C ALA G 96 -20.23 14.80 -21.71
N THR G 97 -20.62 13.65 -21.17
CA THR G 97 -19.65 12.73 -20.59
C THR G 97 -18.75 12.13 -21.66
N HIS G 98 -19.34 11.66 -22.76
CA HIS G 98 -18.60 11.02 -23.84
C HIS G 98 -18.37 12.01 -24.97
N TRP G 99 -17.12 12.09 -25.43
CA TRP G 99 -16.79 13.01 -26.50
C TRP G 99 -17.52 12.60 -27.78
N PRO G 100 -18.02 13.56 -28.58
CA PRO G 100 -18.02 15.00 -28.34
C PRO G 100 -19.40 15.53 -27.91
N GLY G 101 -20.22 14.70 -27.29
CA GLY G 101 -21.53 15.15 -26.86
C GLY G 101 -22.61 14.88 -27.88
N THR G 102 -23.84 14.74 -27.38
CA THR G 102 -25.00 14.46 -28.23
C THR G 102 -26.18 15.30 -27.76
N PHE G 103 -26.96 15.79 -28.72
CA PHE G 103 -28.18 16.54 -28.45
C PHE G 103 -29.41 15.67 -28.71
N GLY G 104 -30.45 15.90 -27.92
CA GLY G 104 -31.71 15.24 -28.14
C GLY G 104 -32.45 15.85 -29.32
N GLY G 105 -33.59 15.24 -29.64
CA GLY G 105 -34.39 15.73 -30.75
C GLY G 105 -34.93 17.13 -30.52
N GLY G 106 -35.13 17.49 -29.27
CA GLY G 106 -35.66 18.79 -28.92
C GLY G 106 -37.13 18.71 -28.52
N THR G 107 -37.52 19.60 -27.61
CA THR G 107 -38.88 19.68 -27.12
C THR G 107 -39.42 21.08 -27.32
N LYS G 108 -40.58 21.20 -27.95
CA LYS G 108 -41.24 22.47 -28.17
C LYS G 108 -42.28 22.71 -27.07
N LEU G 109 -42.21 23.87 -26.43
CA LEU G 109 -43.18 24.26 -25.42
C LEU G 109 -44.22 25.17 -26.06
N THR G 110 -45.49 24.87 -25.78
CA THR G 110 -46.59 25.62 -26.35
C THR G 110 -47.65 25.83 -25.26
N VAL G 111 -48.58 26.74 -25.51
CA VAL G 111 -49.58 27.12 -24.53
C VAL G 111 -50.81 26.23 -24.71
N LEU G 112 -51.22 25.57 -23.64
CA LEU G 112 -52.43 24.76 -23.67
C LEU G 112 -53.67 25.63 -23.57
N ARG G 113 -54.67 25.35 -24.41
CA ARG G 113 -55.92 26.09 -24.41
C ARG G 113 -57.04 25.14 -24.81
N THR G 114 -58.26 25.68 -24.84
CA THR G 114 -59.42 24.90 -25.22
C THR G 114 -59.39 24.57 -26.72
N VAL G 115 -60.07 23.49 -27.08
CA VAL G 115 -60.14 23.08 -28.48
C VAL G 115 -60.92 24.11 -29.26
N ALA G 116 -60.37 24.55 -30.39
CA ALA G 116 -61.00 25.54 -31.26
C ALA G 116 -61.11 24.98 -32.66
N ALA G 117 -62.33 24.88 -33.17
CA ALA G 117 -62.54 24.41 -34.53
C ALA G 117 -62.10 25.49 -35.53
N PRO G 118 -61.43 25.11 -36.61
CA PRO G 118 -60.93 26.10 -37.56
C PRO G 118 -62.04 26.66 -38.45
N SER G 119 -61.76 27.83 -39.00
CA SER G 119 -62.57 28.40 -40.08
C SER G 119 -61.88 28.09 -41.40
N VAL G 120 -62.60 27.45 -42.31
CA VAL G 120 -62.03 26.93 -43.55
C VAL G 120 -62.51 27.79 -44.71
N PHE G 121 -61.55 28.25 -45.51
CA PHE G 121 -61.84 29.01 -46.73
C PHE G 121 -61.05 28.44 -47.89
N LEU G 122 -61.57 28.63 -49.10
CA LEU G 122 -60.90 28.19 -50.31
C LEU G 122 -60.82 29.34 -51.30
N PHE G 123 -59.66 29.47 -51.94
CA PHE G 123 -59.37 30.60 -52.83
C PHE G 123 -58.90 30.04 -54.17
N PRO G 124 -59.62 30.32 -55.26
CA PRO G 124 -59.20 29.87 -56.58
C PRO G 124 -58.01 30.67 -57.09
N PRO G 125 -57.30 30.17 -58.10
CA PRO G 125 -56.24 30.97 -58.71
C PRO G 125 -56.81 32.22 -59.37
N SER G 126 -56.02 33.29 -59.30
CA SER G 126 -56.42 34.55 -59.92
C SER G 126 -56.25 34.48 -61.43
N SER G 127 -56.89 35.42 -62.13
CA SER G 127 -56.78 35.48 -63.58
C SER G 127 -55.36 35.80 -64.01
N GLU G 128 -54.68 36.70 -63.28
CA GLU G 128 -53.31 37.08 -63.64
C GLU G 128 -52.37 35.89 -63.55
N GLU G 129 -52.49 35.09 -62.49
CA GLU G 129 -51.65 33.89 -62.37
C GLU G 129 -51.97 32.89 -63.46
N LEU G 130 -53.25 32.80 -63.86
CA LEU G 130 -53.61 31.92 -64.96
C LEU G 130 -52.99 32.40 -66.27
N GLN G 131 -52.85 33.71 -66.45
CA GLN G 131 -52.04 34.22 -67.56
C GLN G 131 -50.58 33.84 -67.39
N ALA G 132 -50.10 33.80 -66.15
CA ALA G 132 -48.70 33.42 -65.88
C ALA G 132 -48.44 31.95 -66.13
N ASN G 133 -49.42 31.20 -66.67
CA ASN G 133 -49.26 29.81 -67.10
C ASN G 133 -48.98 28.86 -65.93
N LYS G 134 -49.52 29.18 -64.75
CA LYS G 134 -49.60 28.24 -63.64
C LYS G 134 -50.84 28.57 -62.81
N ALA G 135 -51.28 27.59 -62.02
CA ALA G 135 -52.46 27.74 -61.20
C ALA G 135 -52.16 27.25 -59.79
N THR G 136 -52.58 28.03 -58.80
CA THR G 136 -52.45 27.65 -57.40
C THR G 136 -53.78 27.87 -56.69
N LEU G 137 -54.19 26.87 -55.90
CA LEU G 137 -55.43 26.92 -55.13
C LEU G 137 -55.07 26.91 -53.66
N VAL G 138 -55.63 27.85 -52.90
CA VAL G 138 -55.19 28.09 -51.53
C VAL G 138 -56.33 27.74 -50.57
N CYS G 139 -56.05 26.84 -49.63
CA CYS G 139 -57.01 26.49 -48.59
C CYS G 139 -56.51 27.05 -47.27
N LEU G 140 -57.34 27.87 -46.63
CA LEU G 140 -56.98 28.57 -45.40
C LEU G 140 -57.72 27.96 -44.22
N ILE G 141 -56.98 27.67 -43.16
CA ILE G 141 -57.49 27.05 -41.94
C ILE G 141 -57.14 28.01 -40.81
N SER G 142 -58.12 28.78 -40.35
CA SER G 142 -57.86 29.92 -39.49
C SER G 142 -58.30 29.64 -38.06
N ASP G 143 -57.43 29.98 -37.10
CA ASP G 143 -57.77 30.08 -35.68
C ASP G 143 -58.29 28.75 -35.13
N PHE G 144 -57.39 27.77 -35.09
CA PHE G 144 -57.70 26.45 -34.58
C PHE G 144 -56.68 26.05 -33.52
N TYR G 145 -57.05 25.03 -32.73
CA TYR G 145 -56.17 24.42 -31.74
C TYR G 145 -56.70 23.02 -31.46
N PRO G 146 -55.83 22.01 -31.32
CA PRO G 146 -54.37 22.05 -31.39
C PRO G 146 -53.83 22.10 -32.82
N GLY G 147 -52.51 22.16 -32.98
CA GLY G 147 -51.92 22.30 -34.30
C GLY G 147 -52.09 21.11 -35.20
N ALA G 148 -52.40 19.95 -34.65
CA ALA G 148 -52.60 18.75 -35.47
C ALA G 148 -53.86 18.89 -36.31
N VAL G 149 -53.74 18.67 -37.62
CA VAL G 149 -54.85 18.86 -38.56
C VAL G 149 -54.47 18.16 -39.86
N THR G 150 -55.48 17.65 -40.56
CA THR G 150 -55.28 16.96 -41.83
C THR G 150 -55.99 17.71 -42.94
N VAL G 151 -55.29 17.91 -44.06
CA VAL G 151 -55.81 18.61 -45.22
C VAL G 151 -55.71 17.70 -46.42
N ALA G 152 -56.83 17.54 -47.14
CA ALA G 152 -56.89 16.73 -48.35
C ALA G 152 -57.39 17.58 -49.50
N TRP G 153 -56.82 17.36 -50.68
CA TRP G 153 -57.22 18.07 -51.89
C TRP G 153 -57.85 17.10 -52.86
N LYS G 154 -58.99 17.48 -53.44
CA LYS G 154 -59.65 16.67 -54.45
C LYS G 154 -59.95 17.52 -55.68
N ALA G 155 -59.48 17.06 -56.83
CA ALA G 155 -59.78 17.68 -58.12
C ALA G 155 -60.69 16.72 -58.88
N ASP G 156 -61.96 17.08 -59.01
CA ASP G 156 -62.99 16.20 -59.55
C ASP G 156 -63.03 14.89 -58.77
N SER G 157 -63.04 15.02 -57.44
CA SER G 157 -63.14 13.91 -56.48
C SER G 157 -61.90 13.00 -56.50
N SER G 158 -60.79 13.46 -57.09
CA SER G 158 -59.58 12.66 -57.12
C SER G 158 -58.58 13.22 -56.12
N PRO G 159 -58.24 12.48 -55.05
CA PRO G 159 -57.23 12.97 -54.11
C PRO G 159 -55.88 13.13 -54.80
N SER G 160 -55.23 14.26 -54.52
CA SER G 160 -53.95 14.59 -55.12
C SER G 160 -52.81 14.27 -54.15
N LYS G 161 -51.81 13.55 -54.64
CA LYS G 161 -50.60 13.26 -53.89
C LYS G 161 -49.45 14.04 -54.51
N ALA G 162 -48.67 14.71 -53.65
CA ALA G 162 -47.69 15.71 -54.06
C ALA G 162 -48.39 16.91 -54.70
N GLY G 163 -47.62 17.90 -55.11
CA GLY G 163 -48.23 19.11 -55.65
C GLY G 163 -48.98 19.94 -54.62
N VAL G 164 -48.73 19.70 -53.34
CA VAL G 164 -49.38 20.45 -52.26
C VAL G 164 -48.34 20.75 -51.19
N GLU G 165 -48.39 21.97 -50.66
CA GLU G 165 -47.45 22.41 -49.62
C GLU G 165 -48.21 23.09 -48.50
N THR G 166 -47.78 22.84 -47.26
CA THR G 166 -48.49 23.28 -46.07
C THR G 166 -47.61 24.21 -45.24
N THR G 167 -48.22 25.28 -44.72
CA THR G 167 -47.55 26.23 -43.86
C THR G 167 -48.38 26.46 -42.60
N THR G 168 -47.70 26.58 -41.46
CA THR G 168 -48.36 26.81 -40.17
C THR G 168 -47.65 27.94 -39.44
N PRO G 169 -48.35 29.02 -39.08
CA PRO G 169 -47.74 30.06 -38.26
C PRO G 169 -47.54 29.60 -36.82
N SER G 170 -46.72 30.36 -36.10
CA SER G 170 -46.54 30.12 -34.68
C SER G 170 -47.78 30.57 -33.91
N LYS G 171 -47.86 30.14 -32.65
CA LYS G 171 -49.04 30.38 -31.84
C LYS G 171 -49.22 31.88 -31.61
N GLN G 172 -50.47 32.34 -31.75
CA GLN G 172 -50.80 33.76 -31.66
C GLN G 172 -51.13 34.10 -30.20
N SER G 173 -51.58 35.34 -29.97
CA SER G 173 -51.92 35.80 -28.63
C SER G 173 -53.31 35.34 -28.18
N ASN G 174 -54.08 34.71 -29.07
CA ASN G 174 -55.29 33.99 -28.67
C ASN G 174 -55.01 32.50 -28.51
N ASN G 175 -53.73 32.10 -28.55
CA ASN G 175 -53.29 30.73 -28.38
C ASN G 175 -53.76 29.80 -29.48
N LYS G 176 -54.12 30.35 -30.65
CA LYS G 176 -54.58 29.55 -31.77
C LYS G 176 -53.53 29.50 -32.87
N TYR G 177 -53.71 28.56 -33.79
CA TYR G 177 -52.86 28.40 -34.96
C TYR G 177 -53.64 28.72 -36.23
N SER G 178 -52.90 28.84 -37.33
CA SER G 178 -53.45 28.94 -38.68
C SER G 178 -52.71 27.97 -39.57
N LEU G 179 -53.15 27.85 -40.82
CA LEU G 179 -52.52 26.93 -41.77
C LEU G 179 -52.96 27.23 -43.20
N SER G 180 -51.99 27.33 -44.11
CA SER G 180 -52.26 27.56 -45.52
C SER G 180 -51.76 26.36 -46.32
N SER G 181 -52.66 25.76 -47.10
CA SER G 181 -52.32 24.63 -47.96
C SER G 181 -52.46 25.08 -49.41
N VAL G 182 -51.35 25.08 -50.14
CA VAL G 182 -51.31 25.55 -51.52
C VAL G 182 -51.15 24.34 -52.43
N LEU G 183 -52.09 24.17 -53.36
CA LEU G 183 -52.03 23.13 -54.37
C LEU G 183 -51.65 23.75 -55.70
N SER G 184 -50.60 23.23 -56.33
CA SER G 184 -50.06 23.77 -57.57
C SER G 184 -50.37 22.82 -58.71
N LEU G 185 -50.95 23.36 -59.78
CA LEU G 185 -51.23 22.62 -61.00
C LEU G 185 -50.90 23.49 -62.20
N THR G 186 -50.61 22.85 -63.33
CA THR G 186 -50.45 23.58 -64.57
C THR G 186 -51.81 24.13 -65.01
N PRO G 187 -51.83 25.26 -65.73
CA PRO G 187 -53.12 25.81 -66.18
C PRO G 187 -53.91 24.87 -67.07
N GLU G 188 -53.22 24.06 -67.89
CA GLU G 188 -53.93 23.07 -68.71
C GLU G 188 -54.64 22.05 -67.84
N GLN G 189 -53.94 21.52 -66.83
CA GLN G 189 -54.56 20.56 -65.92
C GLN G 189 -55.68 21.21 -65.12
N TRP G 190 -55.51 22.49 -64.75
CA TRP G 190 -56.57 23.20 -64.04
C TRP G 190 -57.82 23.33 -64.89
N LYS G 191 -57.65 23.69 -66.16
CA LYS G 191 -58.77 23.83 -67.08
C LYS G 191 -59.33 22.48 -67.50
N SER G 192 -58.60 21.39 -67.26
CA SER G 192 -59.07 20.05 -67.62
C SER G 192 -60.13 19.52 -66.66
N HIS G 193 -60.28 20.10 -65.48
CA HIS G 193 -61.17 19.59 -64.46
C HIS G 193 -62.12 20.69 -63.99
N ARG G 194 -63.17 20.28 -63.28
CA ARG G 194 -64.24 21.18 -62.87
C ARG G 194 -64.31 21.42 -61.37
N SER G 195 -64.41 20.37 -60.56
CA SER G 195 -64.64 20.52 -59.13
C SER G 195 -63.33 20.48 -58.38
N TYR G 196 -63.09 21.49 -57.55
CA TYR G 196 -61.91 21.56 -56.70
C TYR G 196 -62.36 21.75 -55.26
N SER G 197 -61.91 20.86 -54.37
CA SER G 197 -62.39 20.83 -53.00
C SER G 197 -61.24 20.62 -52.03
N CYS G 198 -61.31 21.33 -50.91
CA CYS G 198 -60.40 21.17 -49.78
C CYS G 198 -61.19 20.56 -48.62
N GLN G 199 -60.71 19.42 -48.14
CA GLN G 199 -61.34 18.67 -47.07
C GLN G 199 -60.47 18.74 -45.83
N VAL G 200 -61.07 19.12 -44.70
CA VAL G 200 -60.35 19.41 -43.47
C VAL G 200 -60.83 18.44 -42.40
N THR G 201 -59.87 17.78 -41.75
CA THR G 201 -60.10 16.93 -40.59
C THR G 201 -59.38 17.53 -39.39
N HIS G 202 -60.13 17.76 -38.31
CA HIS G 202 -59.62 18.38 -37.10
C HIS G 202 -60.46 17.87 -35.95
N GLU G 203 -60.29 18.44 -34.75
CA GLU G 203 -61.14 18.04 -33.64
C GLU G 203 -62.47 18.78 -33.69
N GLY G 204 -63.05 18.85 -34.89
CA GLY G 204 -64.43 19.25 -35.10
C GLY G 204 -65.20 18.10 -35.73
N SER G 205 -65.39 18.22 -37.05
CA SER G 205 -65.89 17.15 -37.90
C SER G 205 -65.08 17.20 -39.19
N THR G 206 -65.53 16.48 -40.21
CA THR G 206 -64.92 16.55 -41.53
C THR G 206 -65.66 17.61 -42.36
N VAL G 207 -64.94 18.63 -42.82
CA VAL G 207 -65.57 19.80 -43.44
C VAL G 207 -64.93 20.07 -44.79
N GLU G 208 -65.76 20.22 -45.82
CA GLU G 208 -65.28 20.43 -47.19
C GLU G 208 -65.71 21.81 -47.68
N LYS G 209 -64.78 22.50 -48.34
CA LYS G 209 -65.05 23.73 -49.07
C LYS G 209 -64.71 23.50 -50.54
N THR G 210 -65.65 23.79 -51.43
CA THR G 210 -65.48 23.40 -52.83
C THR G 210 -65.93 24.51 -53.76
N PHE G 211 -65.46 24.45 -55.00
CA PHE G 211 -65.89 25.37 -56.05
C PHE G 211 -65.66 24.73 -57.41
N ALA G 212 -66.31 25.30 -58.43
CA ALA G 212 -66.35 24.72 -59.78
C ALA G 212 -65.93 25.75 -60.82
N PRO G 213 -64.63 25.84 -61.13
CA PRO G 213 -64.16 26.83 -62.12
C PRO G 213 -64.71 26.64 -63.52
N THR G 214 -64.47 25.49 -64.12
CA THR G 214 -64.70 25.30 -65.55
C THR G 214 -65.13 23.88 -65.92
N GLN H 1 5.21 -2.54 47.32
CA GLN H 1 4.17 -2.10 48.25
C GLN H 1 3.90 -0.59 48.10
N VAL H 2 3.17 -0.25 47.03
CA VAL H 2 2.86 1.15 46.76
C VAL H 2 2.02 1.73 47.88
N GLN H 3 2.50 2.83 48.47
CA GLN H 3 1.81 3.49 49.57
C GLN H 3 1.75 4.99 49.32
N LEU H 4 0.59 5.56 49.64
CA LEU H 4 0.40 7.02 49.63
C LEU H 4 -0.14 7.43 50.99
N VAL H 5 0.62 8.26 51.70
CA VAL H 5 0.27 8.68 53.05
C VAL H 5 0.06 10.18 53.05
N GLN H 6 -1.08 10.61 53.58
CA GLN H 6 -1.46 12.02 53.57
C GLN H 6 -1.22 12.64 54.95
N SER H 7 -1.33 13.98 54.99
CA SER H 7 -1.04 14.72 56.20
C SER H 7 -2.15 14.52 57.25
N GLY H 8 -2.01 15.21 58.37
CA GLY H 8 -3.00 15.13 59.42
C GLY H 8 -4.24 15.95 59.12
N ALA H 9 -5.29 15.70 59.91
CA ALA H 9 -6.55 16.41 59.74
C ALA H 9 -6.36 17.90 60.06
N GLU H 10 -7.13 18.72 59.36
CA GLU H 10 -7.01 20.18 59.48
C GLU H 10 -8.36 20.81 59.79
N VAL H 11 -8.34 21.78 60.70
CA VAL H 11 -9.47 22.64 60.99
C VAL H 11 -9.05 24.07 60.66
N LYS H 12 -9.82 24.74 59.80
CA LYS H 12 -9.47 26.06 59.32
C LYS H 12 -10.66 27.00 59.45
N LYS H 13 -10.34 28.27 59.68
CA LYS H 13 -11.36 29.30 59.73
C LYS H 13 -11.77 29.72 58.32
N SER H 14 -12.98 30.25 58.21
CA SER H 14 -13.47 30.71 56.91
C SER H 14 -12.59 31.83 56.38
N GLY H 15 -12.21 31.72 55.11
CA GLY H 15 -11.34 32.69 54.49
C GLY H 15 -9.86 32.37 54.54
N ALA H 16 -9.47 31.31 55.26
CA ALA H 16 -8.08 30.93 55.37
C ALA H 16 -7.71 30.00 54.20
N SER H 17 -6.50 29.45 54.25
CA SER H 17 -6.01 28.53 53.22
C SER H 17 -5.50 27.27 53.90
N VAL H 18 -5.59 26.14 53.19
CA VAL H 18 -5.13 24.87 53.73
C VAL H 18 -4.31 24.14 52.67
N GLN H 19 -3.21 23.54 53.10
CA GLN H 19 -2.34 22.76 52.22
C GLN H 19 -2.30 21.32 52.70
N VAL H 20 -2.60 20.39 51.80
CA VAL H 20 -2.65 18.95 52.09
C VAL H 20 -1.51 18.28 51.35
N SER H 21 -0.77 17.43 52.05
CA SER H 21 0.39 16.72 51.50
C SER H 21 0.04 15.26 51.24
N CYS H 22 0.86 14.64 50.38
CA CYS H 22 0.64 13.25 49.99
C CYS H 22 2.00 12.68 49.57
N LYS H 23 2.61 11.89 50.45
CA LYS H 23 3.92 11.29 50.19
C LYS H 23 3.74 9.88 49.68
N ALA H 24 4.45 9.54 48.61
CA ALA H 24 4.34 8.25 47.96
C ALA H 24 5.64 7.46 48.12
N SER H 25 5.48 6.13 48.20
CA SER H 25 6.63 5.23 48.29
C SER H 25 6.31 3.93 47.58
N GLY H 26 7.35 3.28 47.08
CA GLY H 26 7.22 1.99 46.44
C GLY H 26 7.14 2.00 44.92
N TYR H 27 7.29 3.15 44.28
CA TYR H 27 7.23 3.23 42.83
C TYR H 27 7.96 4.50 42.40
N PRO H 28 8.42 4.56 41.14
CA PRO H 28 9.04 5.81 40.66
C PRO H 28 8.04 6.96 40.61
N PHE H 29 8.26 7.96 41.47
CA PHE H 29 7.30 9.05 41.60
C PHE H 29 7.21 9.86 40.32
N GLY H 30 8.33 10.09 39.64
CA GLY H 30 8.34 10.88 38.44
C GLY H 30 7.70 10.23 37.23
N ASN H 31 7.38 8.94 37.32
CA ASN H 31 6.72 8.22 36.23
C ASN H 31 5.20 8.24 36.36
N TYR H 32 4.65 8.95 37.34
CA TYR H 32 3.22 9.00 37.56
C TYR H 32 2.81 10.42 37.89
N GLY H 33 1.51 10.62 38.07
CA GLY H 33 0.96 11.88 38.56
C GLY H 33 0.07 11.65 39.76
N ILE H 34 -0.45 12.75 40.30
CA ILE H 34 -1.34 12.72 41.44
C ILE H 34 -2.64 13.42 41.08
N THR H 35 -3.75 12.72 41.30
CA THR H 35 -5.09 13.27 41.10
C THR H 35 -5.72 13.53 42.47
N TRP H 36 -6.21 14.75 42.66
CA TRP H 36 -6.87 15.14 43.90
C TRP H 36 -8.38 15.14 43.70
N VAL H 37 -9.08 14.41 44.56
CA VAL H 37 -10.53 14.27 44.54
C VAL H 37 -11.05 14.44 45.95
N ARG H 38 -12.09 15.24 46.12
CA ARG H 38 -12.64 15.51 47.45
C ARG H 38 -14.03 14.91 47.58
N GLN H 39 -14.38 14.57 48.83
CA GLN H 39 -15.67 13.98 49.16
C GLN H 39 -16.30 14.79 50.29
N ALA H 40 -17.39 15.49 49.98
CA ALA H 40 -18.15 16.20 50.98
C ALA H 40 -18.90 15.20 51.87
N PRO H 41 -19.23 15.60 53.11
CA PRO H 41 -19.93 14.67 54.00
C PRO H 41 -21.24 14.16 53.40
N GLY H 42 -21.37 12.84 53.34
CA GLY H 42 -22.57 12.22 52.83
C GLY H 42 -22.79 12.35 51.34
N GLN H 43 -21.77 12.75 50.59
CA GLN H 43 -21.89 12.97 49.16
C GLN H 43 -20.92 12.06 48.40
N GLY H 44 -20.93 12.20 47.08
CA GLY H 44 -20.12 11.37 46.22
C GLY H 44 -18.71 11.90 46.04
N LEU H 45 -18.04 11.36 45.02
CA LEU H 45 -16.65 11.72 44.73
C LEU H 45 -16.64 12.80 43.65
N GLU H 46 -15.90 13.89 43.92
CA GLU H 46 -15.88 15.06 43.05
C GLU H 46 -14.44 15.33 42.63
N TRP H 47 -14.19 15.32 41.33
CA TRP H 47 -12.85 15.54 40.82
C TRP H 47 -12.42 16.98 41.06
N MET H 48 -11.26 17.16 41.71
CA MET H 48 -10.70 18.49 41.92
C MET H 48 -9.62 18.83 40.90
N GLY H 49 -8.67 17.94 40.68
CA GLY H 49 -7.65 18.24 39.70
C GLY H 49 -6.62 17.14 39.56
N TRP H 50 -5.60 17.43 38.77
CA TRP H 50 -4.55 16.47 38.46
C TRP H 50 -3.26 17.21 38.15
N ILE H 51 -2.15 16.70 38.68
CA ILE H 51 -0.83 17.28 38.42
C ILE H 51 0.15 16.15 38.13
N SER H 52 0.96 16.33 37.09
CA SER H 52 1.96 15.35 36.71
C SER H 52 3.32 15.73 37.29
N ALA H 53 3.99 14.74 37.89
CA ALA H 53 5.38 14.88 38.31
C ALA H 53 6.34 14.53 37.18
N TYR H 54 5.81 14.18 36.01
CA TYR H 54 6.60 13.78 34.84
C TYR H 54 6.89 14.96 33.92
N ASN H 55 5.86 15.72 33.55
CA ASN H 55 6.01 16.89 32.70
C ASN H 55 5.50 18.18 33.32
N GLY H 56 4.98 18.12 34.54
CA GLY H 56 4.54 19.32 35.25
C GLY H 56 3.19 19.86 34.86
N GLN H 57 2.48 19.19 33.95
CA GLN H 57 1.17 19.68 33.54
C GLN H 57 0.17 19.62 34.69
N THR H 58 -0.72 20.59 34.75
CA THR H 58 -1.75 20.64 35.78
C THR H 58 -3.10 20.95 35.14
N TYR H 59 -4.14 20.34 35.68
CA TYR H 59 -5.51 20.59 35.25
C TYR H 59 -6.41 20.72 36.47
N TYR H 60 -7.27 21.72 36.47
CA TYR H 60 -8.15 22.02 37.58
C TYR H 60 -9.60 22.00 37.13
N ALA H 61 -10.49 21.62 38.04
CA ALA H 61 -11.91 21.75 37.78
C ALA H 61 -12.29 23.23 37.70
N GLU H 62 -13.37 23.51 36.95
CA GLU H 62 -13.75 24.89 36.71
C GLU H 62 -14.13 25.60 38.01
N LYS H 63 -14.85 24.91 38.89
CA LYS H 63 -15.27 25.53 40.15
C LYS H 63 -14.10 25.81 41.08
N PHE H 64 -12.95 25.15 40.87
CA PHE H 64 -11.77 25.36 41.71
C PHE H 64 -10.68 26.18 41.04
N GLN H 65 -10.82 26.51 39.76
CA GLN H 65 -9.80 27.27 39.06
C GLN H 65 -9.60 28.63 39.71
N GLY H 66 -8.35 28.97 39.98
CA GLY H 66 -8.02 30.18 40.71
C GLY H 66 -8.06 30.03 42.21
N ARG H 67 -8.63 28.94 42.72
CA ARG H 67 -8.69 28.68 44.15
C ARG H 67 -7.79 27.54 44.60
N VAL H 68 -7.40 26.66 43.69
CA VAL H 68 -6.62 25.47 44.02
C VAL H 68 -5.28 25.54 43.27
N THR H 69 -4.23 25.12 43.94
CA THR H 69 -2.89 25.04 43.34
C THR H 69 -2.26 23.72 43.74
N MET H 70 -1.80 22.96 42.75
CA MET H 70 -1.15 21.68 42.98
C MET H 70 0.32 21.76 42.62
N THR H 71 1.16 21.16 43.46
CA THR H 71 2.60 21.17 43.28
C THR H 71 3.15 19.78 43.55
N THR H 72 4.36 19.53 43.07
CA THR H 72 5.05 18.28 43.30
C THR H 72 6.48 18.54 43.76
N ASP H 73 6.99 17.63 44.57
CA ASP H 73 8.38 17.67 45.05
C ASP H 73 8.95 16.29 44.75
N THR H 74 9.82 16.22 43.74
CA THR H 74 10.37 14.95 43.29
C THR H 74 11.42 14.39 44.25
N SER H 75 12.17 15.25 44.92
CA SER H 75 13.21 14.78 45.84
C SER H 75 12.59 14.06 47.03
N THR H 76 11.45 14.53 47.51
CA THR H 76 10.76 13.90 48.64
C THR H 76 9.61 13.01 48.19
N SER H 77 9.35 12.93 46.89
CA SER H 77 8.26 12.12 46.34
C SER H 77 6.92 12.50 46.98
N THR H 78 6.63 13.80 47.00
CA THR H 78 5.46 14.29 47.72
C THR H 78 4.69 15.30 46.87
N GLY H 79 3.39 15.06 46.73
CA GLY H 79 2.51 16.02 46.09
C GLY H 79 1.80 16.88 47.12
N TYR H 80 1.48 18.11 46.73
CA TYR H 80 0.81 19.06 47.61
C TYR H 80 -0.37 19.68 46.86
N MET H 81 -1.45 19.94 47.60
CA MET H 81 -2.63 20.61 47.07
C MET H 81 -3.06 21.68 48.06
N GLU H 82 -3.04 22.93 47.63
CA GLU H 82 -3.44 24.05 48.47
C GLU H 82 -4.75 24.63 47.96
N LEU H 83 -5.70 24.80 48.87
CA LEU H 83 -6.98 25.45 48.59
C LEU H 83 -7.05 26.74 49.38
N ARG H 84 -7.35 27.84 48.69
CA ARG H 84 -7.43 29.17 49.28
C ARG H 84 -8.87 29.65 49.27
N SER H 85 -9.12 30.72 50.02
CA SER H 85 -10.46 31.30 50.18
C SER H 85 -11.46 30.24 50.63
N LEU H 86 -11.06 29.49 51.66
CA LEU H 86 -11.89 28.39 52.15
C LEU H 86 -13.23 28.90 52.67
N ARG H 87 -14.29 28.19 52.32
CA ARG H 87 -15.64 28.48 52.78
C ARG H 87 -16.17 27.30 53.58
N SER H 88 -17.35 27.50 54.17
CA SER H 88 -17.94 26.47 55.03
C SER H 88 -18.27 25.21 54.25
N ASP H 89 -18.64 25.35 52.97
CA ASP H 89 -19.01 24.19 52.16
C ASP H 89 -17.81 23.43 51.60
N ASP H 90 -16.59 23.94 51.78
CA ASP H 90 -15.39 23.21 51.36
C ASP H 90 -15.02 22.09 52.31
N THR H 91 -15.67 22.00 53.46
CA THR H 91 -15.39 20.93 54.42
C THR H 91 -15.60 19.58 53.77
N ALA H 92 -14.53 18.77 53.74
CA ALA H 92 -14.59 17.50 53.02
C ALA H 92 -13.36 16.67 53.39
N VAL H 93 -13.39 15.41 52.97
CA VAL H 93 -12.23 14.53 53.06
C VAL H 93 -11.56 14.51 51.69
N TYR H 94 -10.28 14.85 51.65
CA TYR H 94 -9.55 15.05 50.41
C TYR H 94 -8.60 13.88 50.20
N PHE H 95 -8.65 13.28 49.01
CA PHE H 95 -7.86 12.11 48.67
C PHE H 95 -6.93 12.43 47.51
N CYS H 96 -5.71 11.89 47.60
CA CYS H 96 -4.74 11.86 46.52
C CYS H 96 -4.65 10.45 45.97
N ALA H 97 -4.60 10.33 44.64
CA ALA H 97 -4.53 9.03 44.00
C ALA H 97 -3.46 9.02 42.93
N ARG H 98 -2.72 7.92 42.84
CA ARG H 98 -1.76 7.75 41.76
C ARG H 98 -2.51 7.70 40.42
N ASP H 99 -1.98 8.42 39.44
CA ASP H 99 -2.64 8.55 38.15
C ASP H 99 -1.59 8.58 37.04
N VAL H 100 -2.08 8.68 35.81
CA VAL H 100 -1.20 8.64 34.64
C VAL H 100 -0.30 9.87 34.62
N PRO H 101 0.94 9.77 34.15
CA PRO H 101 1.81 10.96 34.07
C PRO H 101 1.47 11.90 32.92
N VAL H 102 0.67 11.46 31.96
CA VAL H 102 0.29 12.26 30.80
C VAL H 102 -1.22 12.15 30.63
N VAL H 103 -1.78 13.08 29.87
CA VAL H 103 -3.22 13.06 29.62
C VAL H 103 -3.58 11.78 28.89
N ALA H 104 -4.35 10.92 29.55
CA ALA H 104 -4.68 9.60 29.03
C ALA H 104 -5.85 9.07 29.84
N ALA H 105 -6.22 7.82 29.58
CA ALA H 105 -7.23 7.15 30.37
C ALA H 105 -6.74 7.03 31.81
N VAL H 106 -7.49 7.64 32.75
CA VAL H 106 -7.01 7.74 34.12
C VAL H 106 -6.89 6.35 34.75
N LEU H 107 -6.03 6.26 35.76
CA LEU H 107 -5.69 4.99 36.40
C LEU H 107 -6.27 4.87 37.80
N ARG H 108 -5.93 5.78 38.70
CA ARG H 108 -6.45 5.81 40.07
C ARG H 108 -6.48 4.42 40.69
N ASP H 109 -5.34 3.73 40.64
CA ASP H 109 -5.27 2.36 41.15
C ASP H 109 -5.01 2.32 42.65
N TYR H 110 -4.10 3.16 43.14
CA TYR H 110 -3.78 3.24 44.55
C TYR H 110 -4.17 4.61 45.10
N TRP H 111 -4.81 4.60 46.27
CA TRP H 111 -5.28 5.82 46.92
C TRP H 111 -4.51 6.05 48.22
N GLY H 112 -4.75 7.21 48.82
CA GLY H 112 -4.25 7.53 50.13
C GLY H 112 -5.24 7.17 51.20
N GLN H 113 -5.08 7.79 52.37
CA GLN H 113 -6.03 7.61 53.46
C GLN H 113 -7.00 8.77 53.62
N GLY H 114 -6.71 9.90 52.99
CA GLY H 114 -7.59 11.05 53.06
C GLY H 114 -7.24 11.99 54.21
N VAL H 115 -7.53 13.26 54.01
CA VAL H 115 -7.37 14.29 55.03
C VAL H 115 -8.69 14.99 55.23
N THR H 116 -9.17 15.03 56.48
CA THR H 116 -10.41 15.72 56.79
C THR H 116 -10.11 17.20 57.01
N VAL H 117 -10.60 18.04 56.10
CA VAL H 117 -10.46 19.49 56.22
C VAL H 117 -11.83 20.03 56.59
N SER H 118 -11.93 20.59 57.80
CA SER H 118 -13.16 21.18 58.31
C SER H 118 -12.98 22.69 58.36
N SER H 119 -13.74 23.41 57.53
CA SER H 119 -13.64 24.85 57.42
C SER H 119 -14.90 25.48 58.01
N SER H 120 -14.72 26.35 59.00
CA SER H 120 -15.86 26.98 59.65
C SER H 120 -15.41 28.26 60.34
N SER H 121 -16.38 29.13 60.60
CA SER H 121 -16.12 30.38 61.31
C SER H 121 -16.12 30.22 62.82
N ALA H 122 -16.56 29.09 63.33
CA ALA H 122 -16.61 28.87 64.77
C ALA H 122 -15.22 28.58 65.33
N SER H 123 -15.10 28.71 66.65
CA SER H 123 -13.87 28.41 67.37
C SER H 123 -14.12 27.24 68.33
N THR H 124 -13.05 26.81 68.99
CA THR H 124 -13.14 25.67 69.90
C THR H 124 -14.11 25.98 71.03
N LYS H 125 -14.99 25.01 71.31
CA LYS H 125 -16.01 25.19 72.35
C LYS H 125 -16.39 23.83 72.93
N GLY H 126 -16.47 23.76 74.25
CA GLY H 126 -16.90 22.55 74.92
C GLY H 126 -18.40 22.39 74.90
N PRO H 127 -18.89 21.16 75.00
CA PRO H 127 -20.32 20.91 74.91
C PRO H 127 -21.03 21.03 76.26
N SER H 128 -22.35 21.14 76.17
CA SER H 128 -23.23 21.07 77.32
C SER H 128 -23.95 19.73 77.28
N VAL H 129 -24.01 19.05 78.42
CA VAL H 129 -24.62 17.73 78.53
C VAL H 129 -25.90 17.85 79.32
N PHE H 130 -27.00 17.37 78.75
CA PHE H 130 -28.30 17.43 79.40
C PHE H 130 -28.91 16.04 79.48
N PRO H 131 -29.55 15.70 80.60
CA PRO H 131 -30.14 14.37 80.72
C PRO H 131 -31.40 14.23 79.88
N LEU H 132 -31.68 12.99 79.50
CA LEU H 132 -32.91 12.59 78.83
C LEU H 132 -33.48 11.49 79.73
N ALA H 133 -34.29 11.90 80.70
CA ALA H 133 -34.78 11.04 81.77
C ALA H 133 -35.94 10.17 81.28
N PRO H 134 -36.09 8.96 81.84
CA PRO H 134 -37.21 8.07 81.50
C PRO H 134 -38.51 8.53 82.13
N GLY H 135 -41.71 -3.13 81.26
CA GLY H 135 -41.28 -3.32 79.87
C GLY H 135 -39.87 -2.83 79.61
N THR H 136 -39.72 -1.99 78.59
CA THR H 136 -38.43 -1.42 78.20
C THR H 136 -38.53 0.10 78.27
N ALA H 137 -37.54 0.73 78.90
CA ALA H 137 -37.51 2.18 79.04
C ALA H 137 -36.27 2.71 78.32
N ALA H 138 -36.38 3.95 77.83
CA ALA H 138 -35.29 4.60 77.13
C ALA H 138 -34.83 5.82 77.92
N LEU H 139 -33.51 5.99 78.00
CA LEU H 139 -32.94 7.19 78.60
C LEU H 139 -31.73 7.59 77.77
N GLY H 140 -31.15 8.74 78.09
CA GLY H 140 -30.01 9.16 77.30
C GLY H 140 -29.41 10.47 77.75
N CYS H 141 -28.51 10.98 76.91
CA CYS H 141 -27.83 12.25 77.13
C CYS H 141 -27.81 13.02 75.82
N LEU H 142 -27.99 14.35 75.93
CA LEU H 142 -27.88 15.26 74.80
C LEU H 142 -26.59 16.04 74.96
N VAL H 143 -25.70 15.92 73.96
CA VAL H 143 -24.43 16.64 73.94
C VAL H 143 -24.55 17.73 72.89
N LYS H 144 -24.69 18.97 73.34
CA LYS H 144 -25.10 20.08 72.49
C LYS H 144 -24.03 21.17 72.46
N ASP H 145 -23.95 21.86 71.33
CA ASP H 145 -23.20 23.12 71.21
C ASP H 145 -21.71 22.92 71.50
N TYR H 146 -21.08 22.08 70.68
CA TYR H 146 -19.64 21.90 70.74
C TYR H 146 -19.04 22.05 69.35
N PHE H 147 -17.75 22.38 69.32
CA PHE H 147 -17.02 22.53 68.07
C PHE H 147 -15.53 22.43 68.38
N PRO H 148 -14.76 21.71 67.57
CA PRO H 148 -15.17 20.91 66.41
C PRO H 148 -15.47 19.47 66.80
N GLU H 149 -15.83 18.63 65.83
CA GLU H 149 -16.01 17.21 66.11
C GLU H 149 -14.66 16.56 66.41
N PRO H 150 -14.67 15.42 67.12
CA PRO H 150 -15.82 14.72 67.70
C PRO H 150 -15.88 14.76 69.23
N VAL H 151 -16.95 14.20 69.79
CA VAL H 151 -17.02 13.89 71.21
C VAL H 151 -17.27 12.39 71.35
N THR H 152 -16.78 11.83 72.44
CA THR H 152 -16.92 10.40 72.72
C THR H 152 -17.82 10.22 73.93
N VAL H 153 -18.84 9.39 73.79
CA VAL H 153 -19.81 9.15 74.86
C VAL H 153 -19.76 7.67 75.23
N SER H 154 -19.54 7.41 76.52
CA SER H 154 -19.63 6.07 77.08
C SER H 154 -20.68 6.07 78.17
N TRP H 155 -21.13 4.88 78.56
CA TRP H 155 -22.16 4.74 79.58
C TRP H 155 -21.59 3.92 80.74
N ASN H 156 -21.63 4.50 81.94
CA ASN H 156 -21.09 3.87 83.15
C ASN H 156 -19.63 3.47 82.95
N SER H 157 -18.86 4.38 82.35
CA SER H 157 -17.42 4.19 82.13
C SER H 157 -17.14 2.90 81.36
N GLY H 158 -18.00 2.60 80.38
CA GLY H 158 -17.85 1.41 79.56
C GLY H 158 -18.55 0.18 80.07
N ALA H 159 -19.14 0.23 81.27
CA ALA H 159 -19.84 -0.94 81.80
C ALA H 159 -21.13 -1.22 81.04
N LEU H 160 -21.78 -0.18 80.52
CA LEU H 160 -23.03 -0.31 79.78
C LEU H 160 -22.74 -0.11 78.29
N THR H 161 -22.85 -1.17 77.52
CA THR H 161 -22.61 -1.12 76.08
C THR H 161 -23.77 -1.65 75.26
N SER H 162 -24.44 -2.69 75.72
CA SER H 162 -25.53 -3.28 74.95
C SER H 162 -26.75 -2.35 74.93
N GLY H 163 -27.35 -2.24 73.75
CA GLY H 163 -28.53 -1.39 73.59
C GLY H 163 -28.23 0.09 73.48
N VAL H 164 -26.97 0.48 73.39
CA VAL H 164 -26.60 1.89 73.33
C VAL H 164 -26.51 2.32 71.88
N HIS H 165 -27.20 3.41 71.55
CA HIS H 165 -27.13 4.03 70.23
C HIS H 165 -26.62 5.46 70.42
N THR H 166 -25.38 5.69 69.99
CA THR H 166 -24.80 7.03 70.02
C THR H 166 -24.90 7.61 68.61
N PHE H 167 -25.80 8.57 68.44
CA PHE H 167 -26.13 9.07 67.12
C PHE H 167 -25.03 9.99 66.57
N PRO H 168 -24.83 9.98 65.26
CA PRO H 168 -23.89 10.93 64.65
C PRO H 168 -24.30 12.37 64.92
N ALA H 169 -23.29 13.25 64.95
CA ALA H 169 -23.55 14.65 65.22
C ALA H 169 -24.20 15.35 64.03
N VAL H 170 -25.02 16.35 64.32
CA VAL H 170 -25.61 17.23 63.33
C VAL H 170 -25.10 18.64 63.57
N LEU H 171 -24.84 19.37 62.48
CA LEU H 171 -24.28 20.72 62.55
C LEU H 171 -25.42 21.72 62.60
N GLN H 172 -25.57 22.40 63.73
CA GLN H 172 -26.61 23.41 63.91
C GLN H 172 -26.14 24.75 63.36
N SER H 173 -27.10 25.48 62.78
CA SER H 173 -26.86 26.73 62.06
C SER H 173 -26.09 27.77 62.88
N SER H 174 -26.04 27.60 64.20
CA SER H 174 -25.07 28.34 64.99
C SER H 174 -23.63 27.94 64.64
N GLY H 175 -23.45 26.94 63.77
CA GLY H 175 -22.14 26.43 63.47
C GLY H 175 -21.63 25.43 64.47
N LEU H 176 -22.51 24.82 65.27
CA LEU H 176 -22.07 24.02 66.40
C LEU H 176 -22.70 22.63 66.35
N TYR H 177 -21.94 21.63 66.79
CA TYR H 177 -22.39 20.25 66.67
C TYR H 177 -23.28 19.85 67.84
N SER H 178 -24.23 18.95 67.56
CA SER H 178 -25.12 18.43 68.58
C SER H 178 -25.46 16.98 68.26
N LEU H 179 -25.48 16.14 69.30
CA LEU H 179 -25.80 14.73 69.13
C LEU H 179 -26.51 14.22 70.37
N SER H 180 -27.06 13.02 70.25
CA SER H 180 -27.73 12.35 71.35
C SER H 180 -27.23 10.92 71.46
N SER H 181 -27.03 10.46 72.69
CA SER H 181 -26.64 9.08 72.97
C SER H 181 -27.68 8.48 73.89
N VAL H 182 -28.36 7.43 73.41
CA VAL H 182 -29.49 6.85 74.14
C VAL H 182 -29.18 5.39 74.46
N VAL H 183 -29.95 4.85 75.40
CA VAL H 183 -29.83 3.45 75.80
C VAL H 183 -31.20 2.97 76.28
N THR H 184 -31.53 1.73 75.92
CA THR H 184 -32.75 1.06 76.35
C THR H 184 -32.41 0.06 77.44
N VAL H 185 -33.15 0.11 78.53
CA VAL H 185 -32.88 -0.71 79.71
C VAL H 185 -34.19 -1.31 80.20
N PRO H 186 -34.12 -2.37 81.00
CA PRO H 186 -35.33 -2.86 81.68
C PRO H 186 -35.88 -1.80 82.61
N SER H 187 -37.21 -1.71 82.68
CA SER H 187 -37.85 -0.72 83.54
C SER H 187 -37.55 -0.99 85.01
N SER H 188 -37.51 -2.27 85.40
CA SER H 188 -37.25 -2.63 86.78
C SER H 188 -35.90 -2.13 87.28
N SER H 189 -34.96 -1.88 86.38
CA SER H 189 -33.65 -1.38 86.77
C SER H 189 -33.62 0.13 86.95
N LEU H 190 -34.70 0.84 86.61
CA LEU H 190 -34.70 2.29 86.75
C LEU H 190 -34.58 2.72 88.21
N GLY H 191 -35.20 1.97 89.12
CA GLY H 191 -35.13 2.33 90.53
C GLY H 191 -33.87 1.85 91.23
N THR H 192 -33.26 0.77 90.75
CA THR H 192 -32.11 0.17 91.41
C THR H 192 -30.77 0.45 90.75
N GLN H 193 -30.75 0.66 89.43
CA GLN H 193 -29.51 0.86 88.69
C GLN H 193 -29.29 2.34 88.42
N THR H 194 -28.06 2.81 88.66
CA THR H 194 -27.68 4.18 88.39
C THR H 194 -27.02 4.26 87.01
N TYR H 195 -27.52 5.17 86.18
CA TYR H 195 -27.02 5.35 84.82
C TYR H 195 -26.35 6.71 84.71
N ILE H 196 -25.07 6.71 84.35
CA ILE H 196 -24.30 7.94 84.17
C ILE H 196 -23.59 7.88 82.83
N CYS H 197 -23.70 8.93 82.04
CA CYS H 197 -23.03 9.03 80.75
C CYS H 197 -21.79 9.89 80.89
N ASN H 198 -20.68 9.41 80.34
CA ASN H 198 -19.39 10.09 80.38
C ASN H 198 -19.07 10.61 78.98
N VAL H 199 -18.93 11.93 78.87
CA VAL H 199 -18.72 12.60 77.59
C VAL H 199 -17.35 13.26 77.62
N ASN H 200 -16.57 13.04 76.56
CA ASN H 200 -15.22 13.56 76.46
C ASN H 200 -15.05 14.29 75.14
N HIS H 201 -14.58 15.53 75.21
CA HIS H 201 -14.26 16.35 74.03
C HIS H 201 -12.81 16.78 74.16
N LYS H 202 -11.94 16.10 73.41
CA LYS H 202 -10.51 16.41 73.46
C LYS H 202 -10.15 17.82 72.99
N PRO H 203 -10.70 18.35 71.88
CA PRO H 203 -10.25 19.67 71.41
C PRO H 203 -10.40 20.78 72.45
N SER H 204 -11.44 20.74 73.28
CA SER H 204 -11.64 21.72 74.34
C SER H 204 -11.25 21.21 75.72
N ASN H 205 -10.75 19.96 75.81
CA ASN H 205 -10.36 19.36 77.08
C ASN H 205 -11.53 19.35 78.07
N THR H 206 -12.66 18.80 77.63
CA THR H 206 -13.87 18.75 78.44
C THR H 206 -14.19 17.30 78.79
N LYS H 207 -14.43 17.04 80.07
CA LYS H 207 -14.82 15.71 80.54
C LYS H 207 -15.99 15.88 81.50
N VAL H 208 -17.17 15.39 81.12
CA VAL H 208 -18.39 15.61 81.89
C VAL H 208 -19.04 14.26 82.17
N ASP H 209 -19.31 14.00 83.45
CA ASP H 209 -20.07 12.83 83.87
C ASP H 209 -21.45 13.29 84.34
N LYS H 210 -22.50 12.81 83.69
CA LYS H 210 -23.86 13.26 83.99
C LYS H 210 -24.73 12.07 84.38
N ARG H 211 -25.38 12.17 85.53
CA ARG H 211 -26.29 11.14 86.02
C ARG H 211 -27.69 11.39 85.47
N VAL H 212 -28.32 10.33 84.97
CA VAL H 212 -29.68 10.41 84.41
C VAL H 212 -30.61 9.63 85.33
N GLU H 213 -31.58 10.32 85.92
CA GLU H 213 -32.54 9.73 86.83
C GLU H 213 -33.94 10.17 86.47
N PRO H 214 -34.96 9.33 86.77
CA PRO H 214 -36.36 9.69 86.50
C PRO H 214 -36.81 10.92 87.29
N VAL I 1 -18.16 16.48 29.86
CA VAL I 1 -19.44 16.72 30.53
C VAL I 1 -20.29 15.45 30.42
N LYS I 2 -19.78 14.38 31.00
CA LYS I 2 -20.45 13.08 30.99
C LYS I 2 -21.23 12.87 32.28
N GLY I 3 -22.44 12.34 32.15
CA GLY I 3 -23.26 12.04 33.31
C GLY I 3 -23.34 10.55 33.59
N MET I 4 -22.94 10.15 34.79
CA MET I 4 -22.93 8.74 35.18
C MET I 4 -24.06 8.50 36.17
N THR I 5 -24.98 7.60 35.82
CA THR I 5 -26.16 7.32 36.62
C THR I 5 -26.05 5.91 37.20
N GLN I 6 -26.01 5.81 38.53
CA GLN I 6 -26.02 4.53 39.21
C GLN I 6 -27.43 4.19 39.67
N SER I 7 -27.77 2.90 39.61
CA SER I 7 -29.09 2.44 39.97
C SER I 7 -29.01 1.07 40.61
N PRO I 8 -29.65 0.86 41.77
CA PRO I 8 -30.34 1.87 42.59
C PRO I 8 -29.37 2.59 43.54
N LEU I 9 -29.81 3.63 44.22
CA LEU I 9 -28.96 4.35 45.17
C LEU I 9 -28.97 3.74 46.56
N PHE I 10 -29.88 2.81 46.84
CA PHE I 10 -29.93 2.11 48.13
C PHE I 10 -30.32 0.67 47.85
N LEU I 11 -29.41 -0.26 48.12
CA LEU I 11 -29.58 -1.66 47.71
C LEU I 11 -29.65 -2.58 48.92
N PRO I 12 -30.85 -3.02 49.32
CA PRO I 12 -30.95 -4.05 50.36
C PRO I 12 -30.64 -5.43 49.76
N VAL I 13 -29.73 -6.15 50.42
CA VAL I 13 -29.27 -7.45 49.93
C VAL I 13 -29.49 -8.50 51.02
N THR I 14 -29.36 -9.76 50.60
CA THR I 14 -29.39 -10.90 51.51
C THR I 14 -28.07 -11.65 51.34
N LEU I 15 -27.45 -12.01 52.46
CA LEU I 15 -26.17 -12.70 52.40
C LEU I 15 -26.30 -14.04 51.70
N GLY I 16 -25.36 -14.33 50.81
CA GLY I 16 -25.39 -15.54 50.01
C GLY I 16 -26.17 -15.42 48.72
N GLN I 17 -26.90 -14.30 48.51
CA GLN I 17 -27.71 -14.00 47.35
C GLN I 17 -27.01 -12.97 46.46
N PRO I 18 -27.23 -13.03 45.16
CA PRO I 18 -26.53 -12.10 44.25
C PRO I 18 -27.08 -10.69 44.36
N ALA I 19 -26.23 -9.74 43.95
CA ALA I 19 -26.63 -8.34 43.86
C ALA I 19 -26.03 -7.76 42.58
N SER I 20 -26.67 -6.70 42.07
CA SER I 20 -26.22 -6.08 40.84
C SER I 20 -26.50 -4.59 40.87
N ILE I 21 -25.55 -3.81 40.36
CA ILE I 21 -25.66 -2.35 40.27
C ILE I 21 -25.47 -1.96 38.82
N SER I 22 -26.39 -1.13 38.30
CA SER I 22 -26.33 -0.67 36.92
C SER I 22 -25.74 0.73 36.87
N CYS I 23 -24.84 0.96 35.90
CA CYS I 23 -24.22 2.25 35.70
C CYS I 23 -24.40 2.63 34.23
N ARG I 24 -24.99 3.80 33.98
CA ARG I 24 -25.28 4.27 32.64
C ARG I 24 -24.53 5.56 32.36
N SER I 25 -23.91 5.63 31.18
CA SER I 25 -23.14 6.79 30.77
C SER I 25 -23.94 7.63 29.79
N SER I 26 -23.82 8.96 29.94
CA SER I 26 -24.50 9.87 29.03
C SER I 26 -23.92 9.83 27.62
N GLN I 27 -22.68 9.37 27.46
CA GLN I 27 -22.03 9.29 26.18
C GLN I 27 -21.40 7.91 26.01
N SER I 28 -21.09 7.57 24.76
CA SER I 28 -20.38 6.32 24.48
C SER I 28 -18.98 6.39 25.09
N LEU I 29 -18.59 5.32 25.79
CA LEU I 29 -17.33 5.27 26.50
C LEU I 29 -16.24 4.51 25.76
N VAL I 30 -16.47 4.20 24.47
CA VAL I 30 -15.47 3.48 23.70
C VAL I 30 -14.30 4.39 23.41
N HIS I 31 -13.09 3.92 23.70
CA HIS I 31 -11.88 4.70 23.51
C HIS I 31 -11.30 4.45 22.12
N SER I 32 -10.47 5.40 21.66
CA SER I 32 -9.95 5.35 20.31
C SER I 32 -9.00 4.17 20.09
N ASP I 33 -8.52 3.54 21.16
CA ASP I 33 -7.62 2.40 21.03
C ASP I 33 -8.33 1.06 21.04
N GLY I 34 -9.67 1.06 21.02
CA GLY I 34 -10.44 -0.17 21.01
C GLY I 34 -10.88 -0.67 22.37
N ASN I 35 -10.45 -0.02 23.45
CA ASN I 35 -10.82 -0.43 24.79
C ASN I 35 -11.96 0.45 25.32
N ILE I 36 -12.57 -0.02 26.39
CA ILE I 36 -13.54 0.78 27.15
C ILE I 36 -12.99 0.90 28.57
N TYR I 37 -12.77 2.14 29.02
CA TYR I 37 -12.18 2.40 30.33
C TYR I 37 -13.30 2.79 31.29
N LEU I 38 -13.93 1.79 31.88
CA LEU I 38 -14.87 1.97 32.97
C LEU I 38 -14.43 1.13 34.15
N SER I 39 -14.38 1.75 35.32
CA SER I 39 -13.87 1.12 36.53
C SER I 39 -14.94 1.11 37.61
N TRP I 40 -14.85 0.11 38.47
CA TRP I 40 -15.73 -0.02 39.63
C TRP I 40 -14.89 0.00 40.89
N PHE I 41 -15.27 0.87 41.83
CA PHE I 41 -14.55 1.11 43.07
C PHE I 41 -15.43 0.76 44.26
N GLN I 42 -14.80 0.26 45.31
CA GLN I 42 -15.46 -0.01 46.59
C GLN I 42 -14.92 0.93 47.65
N GLN I 43 -15.81 1.40 48.52
CA GLN I 43 -15.45 2.32 49.60
C GLN I 43 -16.19 1.92 50.86
N ARG I 44 -15.46 1.40 51.85
CA ARG I 44 -16.05 1.13 53.15
C ARG I 44 -16.06 2.41 53.98
N PRO I 45 -16.98 2.51 54.95
CA PRO I 45 -17.04 3.74 55.76
C PRO I 45 -15.72 4.04 56.45
N GLY I 46 -15.33 5.31 56.41
CA GLY I 46 -14.09 5.76 57.01
C GLY I 46 -12.85 5.44 56.22
N GLN I 47 -12.96 4.76 55.08
CA GLN I 47 -11.83 4.36 54.28
C GLN I 47 -11.88 5.03 52.91
N SER I 48 -10.74 5.04 52.24
CA SER I 48 -10.65 5.54 50.89
C SER I 48 -11.19 4.52 49.90
N PRO I 49 -11.62 4.97 48.73
CA PRO I 49 -12.10 4.01 47.70
C PRO I 49 -11.01 3.05 47.29
N ARG I 50 -11.40 1.80 47.03
CA ARG I 50 -10.52 0.75 46.57
C ARG I 50 -11.03 0.23 45.24
N ARG I 51 -10.16 0.18 44.24
CA ARG I 51 -10.58 -0.24 42.91
C ARG I 51 -10.80 -1.75 42.87
N LEU I 52 -11.94 -2.16 42.35
CA LEU I 52 -12.27 -3.57 42.14
C LEU I 52 -12.20 -3.99 40.69
N ILE I 53 -12.69 -3.17 39.77
CA ILE I 53 -12.80 -3.53 38.37
C ILE I 53 -12.20 -2.41 37.52
N TYR I 54 -11.45 -2.79 36.50
CA TYR I 54 -10.98 -1.84 35.49
C TYR I 54 -11.23 -2.42 34.10
N LYS I 55 -11.43 -1.53 33.13
CA LYS I 55 -11.73 -1.93 31.75
C LYS I 55 -12.95 -2.85 31.70
N VAL I 56 -13.98 -2.49 32.45
CA VAL I 56 -15.30 -3.14 32.44
C VAL I 56 -15.25 -4.57 32.98
N PHE I 57 -14.33 -5.38 32.46
CA PHE I 57 -14.30 -6.81 32.78
C PHE I 57 -13.15 -7.22 33.70
N ASP I 58 -11.99 -6.59 33.56
CA ASP I 58 -10.80 -7.06 34.26
C ASP I 58 -10.94 -6.83 35.77
N ARG I 59 -10.64 -7.87 36.54
CA ARG I 59 -10.69 -7.81 38.00
C ARG I 59 -9.32 -7.41 38.54
N ASP I 60 -9.33 -6.53 39.54
CA ASP I 60 -8.08 -6.05 40.11
C ASP I 60 -7.51 -7.07 41.09
N SER I 61 -6.23 -6.90 41.41
CA SER I 61 -5.55 -7.83 42.31
C SER I 61 -6.12 -7.72 43.71
N GLY I 62 -6.30 -8.87 44.36
CA GLY I 62 -6.83 -8.90 45.71
C GLY I 62 -8.33 -8.76 45.82
N VAL I 63 -9.05 -8.98 44.73
CA VAL I 63 -10.51 -8.95 44.73
C VAL I 63 -11.02 -10.37 44.58
N PRO I 64 -11.87 -10.86 45.48
CA PRO I 64 -12.43 -12.20 45.32
C PRO I 64 -13.21 -12.32 44.02
N ASP I 65 -13.12 -13.50 43.40
CA ASP I 65 -13.74 -13.72 42.10
C ASP I 65 -15.25 -13.61 42.13
N ARG I 66 -15.86 -13.47 43.31
CA ARG I 66 -17.30 -13.27 43.40
C ARG I 66 -17.73 -11.97 42.74
N PHE I 67 -16.83 -11.00 42.64
CA PHE I 67 -17.12 -9.75 41.94
C PHE I 67 -16.89 -9.92 40.44
N SER I 68 -17.81 -9.40 39.64
CA SER I 68 -17.68 -9.45 38.19
C SER I 68 -18.19 -8.15 37.60
N GLY I 69 -17.65 -7.79 36.44
CA GLY I 69 -18.09 -6.61 35.73
C GLY I 69 -18.46 -6.95 34.30
N SER I 70 -19.46 -6.24 33.78
CA SER I 70 -19.92 -6.47 32.42
C SER I 70 -20.44 -5.15 31.85
N GLY I 71 -20.61 -5.13 30.53
CA GLY I 71 -21.21 -3.97 29.91
C GLY I 71 -20.56 -3.52 28.62
N SER I 72 -21.20 -2.56 27.96
CA SER I 72 -20.72 -2.01 26.69
C SER I 72 -21.54 -0.77 26.38
N GLY I 73 -21.11 -0.04 25.35
CA GLY I 73 -21.81 1.15 24.92
C GLY I 73 -21.94 2.18 26.02
N THR I 74 -23.17 2.34 26.54
CA THR I 74 -23.42 3.25 27.64
C THR I 74 -24.04 2.55 28.85
N ASP I 75 -24.08 1.22 28.86
CA ASP I 75 -24.70 0.48 29.96
C ASP I 75 -23.71 -0.54 30.50
N PHE I 76 -23.54 -0.55 31.82
CA PHE I 76 -22.59 -1.42 32.49
C PHE I 76 -23.20 -1.94 33.77
N THR I 77 -22.67 -3.05 34.26
CA THR I 77 -23.23 -3.72 35.44
C THR I 77 -22.11 -4.31 36.28
N LEU I 78 -22.19 -4.06 37.60
CA LEU I 78 -21.35 -4.73 38.58
C LEU I 78 -22.17 -5.79 39.29
N LYS I 79 -21.63 -7.00 39.42
CA LYS I 79 -22.37 -8.13 39.93
C LYS I 79 -21.59 -8.81 41.05
N ILE I 80 -22.30 -9.16 42.12
CA ILE I 80 -21.77 -9.93 43.23
C ILE I 80 -22.54 -11.23 43.28
N SER I 81 -21.86 -12.35 43.01
CA SER I 81 -22.53 -13.64 42.92
C SER I 81 -23.12 -14.06 44.27
N ARG I 82 -22.30 -14.06 45.32
CA ARG I 82 -22.74 -14.35 46.68
C ARG I 82 -22.32 -13.17 47.55
N VAL I 83 -23.30 -12.37 47.99
CA VAL I 83 -22.99 -11.23 48.84
C VAL I 83 -22.57 -11.71 50.22
N GLU I 84 -21.39 -11.28 50.66
CA GLU I 84 -20.86 -11.64 51.96
C GLU I 84 -21.02 -10.45 52.92
N ALA I 85 -20.63 -10.66 54.18
CA ALA I 85 -20.71 -9.60 55.17
C ALA I 85 -19.80 -8.43 54.82
N GLU I 86 -18.58 -8.74 54.35
CA GLU I 86 -17.61 -7.70 54.02
C GLU I 86 -18.01 -6.91 52.78
N ASP I 87 -18.98 -7.39 52.00
CA ASP I 87 -19.43 -6.66 50.81
C ASP I 87 -20.34 -5.49 51.14
N VAL I 88 -20.73 -5.31 52.40
CA VAL I 88 -21.58 -4.19 52.80
C VAL I 88 -20.74 -2.94 52.84
N ALA I 89 -20.86 -2.11 51.81
CA ALA I 89 -20.08 -0.88 51.67
C ALA I 89 -20.69 -0.05 50.54
N HIS I 90 -20.01 1.03 50.17
CA HIS I 90 -20.40 1.85 49.03
C HIS I 90 -19.68 1.40 47.78
N TYR I 91 -20.33 1.56 46.63
CA TYR I 91 -19.76 1.20 45.34
C TYR I 91 -19.98 2.32 44.34
N TYR I 92 -18.94 2.67 43.60
CA TYR I 92 -18.98 3.76 42.63
C TYR I 92 -18.52 3.25 41.27
N CYS I 93 -19.18 3.73 40.21
CA CYS I 93 -18.72 3.50 38.86
C CYS I 93 -18.08 4.77 38.32
N MET I 94 -17.03 4.60 37.52
CA MET I 94 -16.25 5.73 37.03
C MET I 94 -15.88 5.49 35.57
N GLN I 95 -16.28 6.41 34.69
CA GLN I 95 -15.80 6.39 33.32
C GLN I 95 -14.40 6.97 33.27
N ALA I 96 -13.53 6.35 32.47
CA ALA I 96 -12.14 6.76 32.38
C ALA I 96 -11.67 7.02 30.96
N THR I 97 -12.53 6.81 29.95
CA THR I 97 -12.12 7.04 28.57
C THR I 97 -11.86 8.52 28.32
N HIS I 98 -12.77 9.39 28.75
CA HIS I 98 -12.69 10.81 28.47
C HIS I 98 -12.12 11.56 29.67
N TRP I 99 -11.14 12.43 29.40
CA TRP I 99 -10.50 13.19 30.46
C TRP I 99 -11.52 14.14 31.11
N PRO I 100 -11.48 14.31 32.43
CA PRO I 100 -10.61 13.63 33.41
C PRO I 100 -11.35 12.53 34.17
N GLY I 101 -12.39 11.95 33.59
CA GLY I 101 -13.17 10.93 34.26
C GLY I 101 -14.34 11.50 35.03
N THR I 102 -15.35 10.65 35.22
CA THR I 102 -16.57 11.04 35.94
C THR I 102 -17.03 9.91 36.83
N PHE I 103 -17.54 10.26 38.01
CA PHE I 103 -18.05 9.30 38.97
C PHE I 103 -19.57 9.31 38.99
N GLY I 104 -20.14 8.15 39.30
CA GLY I 104 -21.57 8.05 39.49
C GLY I 104 -21.99 8.58 40.85
N GLY I 105 -23.30 8.56 41.08
CA GLY I 105 -23.83 9.04 42.34
C GLY I 105 -23.39 8.21 43.53
N GLY I 106 -23.19 6.91 43.32
CA GLY I 106 -22.81 6.01 44.39
C GLY I 106 -23.97 5.17 44.88
N THR I 107 -23.64 3.99 45.40
CA THR I 107 -24.65 3.04 45.88
C THR I 107 -24.27 2.58 47.27
N LYS I 108 -25.22 2.64 48.20
CA LYS I 108 -25.05 2.13 49.55
C LYS I 108 -25.63 0.73 49.63
N LEU I 109 -24.85 -0.20 50.18
CA LEU I 109 -25.29 -1.58 50.36
C LEU I 109 -25.67 -1.81 51.81
N THR I 110 -26.86 -2.41 52.01
CA THR I 110 -27.36 -2.74 53.33
C THR I 110 -28.03 -4.10 53.27
N VAL I 111 -28.25 -4.68 54.44
CA VAL I 111 -28.79 -6.04 54.54
C VAL I 111 -30.31 -5.97 54.61
N LEU I 112 -30.98 -6.70 53.71
CA LEU I 112 -32.43 -6.77 53.73
C LEU I 112 -32.90 -7.61 54.90
N ARG I 113 -33.94 -7.14 55.59
CA ARG I 113 -34.52 -7.86 56.71
C ARG I 113 -36.01 -7.58 56.75
N THR I 114 -36.70 -8.24 57.69
CA THR I 114 -38.13 -8.06 57.83
C THR I 114 -38.45 -6.68 58.42
N VAL I 115 -39.67 -6.22 58.14
CA VAL I 115 -40.11 -4.92 58.65
C VAL I 115 -40.27 -5.01 60.16
N ALA I 116 -39.71 -4.02 60.86
CA ALA I 116 -39.81 -3.95 62.31
C ALA I 116 -40.34 -2.57 62.69
N ALA I 117 -41.47 -2.55 63.40
CA ALA I 117 -42.04 -1.29 63.84
C ALA I 117 -41.16 -0.68 64.93
N PRO I 118 -40.93 0.63 64.90
CA PRO I 118 -40.03 1.24 65.87
C PRO I 118 -40.66 1.37 67.25
N SER I 119 -39.80 1.53 68.25
CA SER I 119 -40.21 1.93 69.58
C SER I 119 -39.97 3.42 69.71
N VAL I 120 -41.02 4.18 70.04
CA VAL I 120 -40.98 5.64 70.02
C VAL I 120 -41.00 6.15 71.44
N PHE I 121 -40.08 7.05 71.76
CA PHE I 121 -39.99 7.67 73.07
C PHE I 121 -39.83 9.18 72.91
N LEU I 122 -40.27 9.93 73.92
CA LEU I 122 -40.14 11.38 73.90
C LEU I 122 -39.53 11.86 75.20
N PHE I 123 -38.67 12.87 75.10
CA PHE I 123 -37.89 13.37 76.23
C PHE I 123 -38.01 14.88 76.28
N PRO I 124 -38.54 15.45 77.36
CA PRO I 124 -38.61 16.91 77.50
C PRO I 124 -37.24 17.49 77.77
N PRO I 125 -37.05 18.79 77.52
CA PRO I 125 -35.79 19.43 77.94
C PRO I 125 -35.63 19.38 79.45
N SER I 126 -34.38 19.21 79.88
CA SER I 126 -34.09 19.16 81.30
C SER I 126 -34.20 20.55 81.93
N SER I 127 -34.30 20.57 83.25
CA SER I 127 -34.33 21.84 83.97
C SER I 127 -33.03 22.61 83.78
N GLU I 128 -31.90 21.91 83.73
CA GLU I 128 -30.61 22.57 83.60
C GLU I 128 -30.51 23.34 82.28
N GLU I 129 -30.94 22.72 81.17
CA GLU I 129 -30.94 23.43 79.90
C GLU I 129 -31.93 24.58 79.91
N LEU I 130 -33.06 24.43 80.62
CA LEU I 130 -34.01 25.52 80.75
C LEU I 130 -33.36 26.71 81.45
N GLN I 131 -32.51 26.44 82.45
CA GLN I 131 -31.69 27.50 83.02
C GLN I 131 -30.71 28.05 81.99
N ALA I 132 -30.17 27.18 81.13
CA ALA I 132 -29.24 27.60 80.09
C ALA I 132 -29.89 28.42 78.99
N ASN I 133 -31.18 28.77 79.14
CA ASN I 133 -31.89 29.66 78.22
C ASN I 133 -32.06 29.07 76.82
N LYS I 134 -32.21 27.75 76.74
CA LYS I 134 -32.66 27.07 75.52
C LYS I 134 -33.42 25.81 75.94
N ALA I 135 -34.18 25.28 74.99
CA ALA I 135 -34.99 24.08 75.24
C ALA I 135 -34.90 23.15 74.06
N THR I 136 -34.73 21.85 74.34
CA THR I 136 -34.63 20.82 73.32
C THR I 136 -35.52 19.65 73.67
N LEU I 137 -36.30 19.19 72.70
CA LEU I 137 -37.22 18.07 72.86
C LEU I 137 -36.74 16.94 71.96
N VAL I 138 -36.52 15.76 72.54
CA VAL I 138 -35.84 14.68 71.83
C VAL I 138 -36.81 13.52 71.63
N CYS I 139 -37.00 13.12 70.38
CA CYS I 139 -37.85 12.00 70.03
C CYS I 139 -36.98 10.88 69.49
N LEU I 140 -37.06 9.71 70.11
CA LEU I 140 -36.23 8.56 69.78
C LEU I 140 -37.07 7.50 69.08
N ILE I 141 -36.54 6.99 67.97
CA ILE I 141 -37.19 5.99 67.13
C ILE I 141 -36.23 4.82 67.07
N SER I 142 -36.47 3.80 67.89
CA SER I 142 -35.48 2.77 68.15
C SER I 142 -35.84 1.46 67.44
N ASP I 143 -34.85 0.85 66.79
CA ASP I 143 -34.90 -0.53 66.31
C ASP I 143 -36.05 -0.75 65.32
N PHE I 144 -35.91 -0.10 64.17
CA PHE I 144 -36.89 -0.19 63.10
C PHE I 144 -36.20 -0.55 61.79
N TYR I 145 -37.01 -0.97 60.81
CA TYR I 145 -36.58 -1.22 59.44
C TYR I 145 -37.82 -1.15 58.55
N PRO I 146 -37.74 -0.54 57.35
CA PRO I 146 -36.55 0.04 56.70
C PRO I 146 -36.19 1.44 57.20
N GLY I 147 -35.15 2.03 56.61
CA GLY I 147 -34.67 3.33 57.07
C GLY I 147 -35.59 4.49 56.74
N ALA I 148 -36.49 4.32 55.78
CA ALA I 148 -37.41 5.39 55.41
C ALA I 148 -38.44 5.58 56.51
N VAL I 149 -38.59 6.82 56.98
CA VAL I 149 -39.47 7.13 58.09
C VAL I 149 -39.67 8.63 58.11
N THR I 150 -40.85 9.05 58.56
CA THR I 150 -41.22 10.46 58.61
C THR I 150 -41.50 10.86 60.04
N VAL I 151 -40.94 12.01 60.45
CA VAL I 151 -41.10 12.55 61.79
C VAL I 151 -41.67 13.96 61.68
N ALA I 152 -42.74 14.23 62.43
CA ALA I 152 -43.36 15.55 62.47
C ALA I 152 -43.44 16.02 63.92
N TRP I 153 -43.23 17.32 64.11
CA TRP I 153 -43.28 17.93 65.44
C TRP I 153 -44.44 18.90 65.49
N LYS I 154 -45.24 18.83 66.56
CA LYS I 154 -46.32 19.77 66.77
C LYS I 154 -46.22 20.36 68.18
N ALA I 155 -46.15 21.69 68.25
CA ALA I 155 -46.19 22.42 69.51
C ALA I 155 -47.56 23.08 69.61
N ASP I 156 -48.41 22.55 70.49
CA ASP I 156 -49.82 22.96 70.59
C ASP I 156 -50.52 22.80 69.24
N SER I 157 -50.34 21.62 68.65
CA SER I 157 -50.99 21.20 67.40
C SER I 157 -50.53 22.02 66.19
N SER I 158 -49.40 22.72 66.30
CA SER I 158 -48.89 23.49 65.18
C SER I 158 -47.71 22.76 64.55
N PRO I 159 -47.81 22.29 63.31
CA PRO I 159 -46.66 21.63 62.69
C PRO I 159 -45.47 22.57 62.59
N SER I 160 -44.30 22.04 62.92
CA SER I 160 -43.07 22.84 62.99
C SER I 160 -42.25 22.63 61.72
N LYS I 161 -41.86 23.73 61.10
CA LYS I 161 -40.95 23.73 59.96
C LYS I 161 -39.66 24.40 60.39
N ALA I 162 -38.53 23.74 60.10
CA ALA I 162 -37.23 24.10 60.64
C ALA I 162 -37.23 23.94 62.16
N GLY I 163 -36.10 24.24 62.80
CA GLY I 163 -35.99 24.03 64.23
C GLY I 163 -35.99 22.58 64.66
N VAL I 164 -35.79 21.65 63.72
CA VAL I 164 -35.74 20.22 64.02
C VAL I 164 -34.60 19.61 63.22
N GLU I 165 -33.86 18.70 63.86
CA GLU I 165 -32.75 18.01 63.21
C GLU I 165 -32.85 16.52 63.48
N THR I 166 -32.55 15.72 62.46
CA THR I 166 -32.74 14.27 62.49
C THR I 166 -31.40 13.58 62.27
N THR I 167 -31.16 12.51 63.04
CA THR I 167 -29.96 11.71 62.92
C THR I 167 -30.33 10.24 62.82
N THR I 168 -29.62 9.52 61.93
CA THR I 168 -29.79 8.09 61.73
C THR I 168 -28.44 7.40 61.81
N PRO I 169 -28.31 6.33 62.58
CA PRO I 169 -27.06 5.58 62.61
C PRO I 169 -27.01 4.52 61.52
N SER I 170 -25.82 3.94 61.34
CA SER I 170 -25.65 2.88 60.37
C SER I 170 -26.35 1.60 60.84
N LYS I 171 -26.53 0.67 59.91
CA LYS I 171 -27.25 -0.56 60.20
C LYS I 171 -26.53 -1.37 61.25
N GLN I 172 -27.27 -1.86 62.24
CA GLN I 172 -26.71 -2.54 63.39
C GLN I 172 -26.59 -4.04 63.11
N SER I 173 -26.18 -4.80 64.13
CA SER I 173 -26.02 -6.25 64.00
C SER I 173 -27.34 -7.00 64.14
N ASN I 174 -28.43 -6.32 64.49
CA ASN I 174 -29.77 -6.85 64.32
C ASN I 174 -30.41 -6.35 63.03
N ASN I 175 -29.63 -5.71 62.17
CA ASN I 175 -30.06 -5.19 60.87
C ASN I 175 -31.10 -4.08 61.00
N LYS I 176 -31.18 -3.45 62.17
CA LYS I 176 -32.14 -2.39 62.42
C LYS I 176 -31.44 -1.04 62.44
N TYR I 177 -32.24 0.02 62.39
CA TYR I 177 -31.77 1.39 62.53
C TYR I 177 -32.41 2.04 63.74
N SER I 178 -31.90 3.23 64.06
CA SER I 178 -32.50 4.12 65.06
C SER I 178 -32.67 5.50 64.42
N LEU I 179 -33.15 6.45 65.22
CA LEU I 179 -33.33 7.81 64.74
C LEU I 179 -33.58 8.76 65.90
N SER I 180 -32.87 9.88 65.94
CA SER I 180 -33.06 10.90 66.97
C SER I 180 -33.51 12.18 66.29
N SER I 181 -34.65 12.71 66.72
CA SER I 181 -35.19 13.97 66.20
C SER I 181 -35.21 14.98 67.33
N VAL I 182 -34.41 16.03 67.20
CA VAL I 182 -34.28 17.04 68.25
C VAL I 182 -34.92 18.33 67.76
N LEU I 183 -35.86 18.84 68.53
CA LEU I 183 -36.52 20.11 68.25
C LEU I 183 -35.99 21.17 69.22
N SER I 184 -35.51 22.28 68.67
CA SER I 184 -34.91 23.35 69.46
C SER I 184 -35.83 24.56 69.48
N LEU I 185 -36.12 25.06 70.68
CA LEU I 185 -36.91 26.27 70.87
C LEU I 185 -36.29 27.11 71.97
N THR I 186 -36.57 28.40 71.94
CA THR I 186 -36.16 29.27 73.02
C THR I 186 -36.97 28.96 74.29
N PRO I 187 -36.41 29.20 75.48
CA PRO I 187 -37.17 28.92 76.70
C PRO I 187 -38.45 29.73 76.82
N GLU I 188 -38.46 30.96 76.29
CA GLU I 188 -39.69 31.75 76.29
C GLU I 188 -40.77 31.07 75.45
N GLN I 189 -40.41 30.65 74.23
CA GLN I 189 -41.37 29.96 73.38
C GLN I 189 -41.78 28.62 73.99
N TRP I 190 -40.84 27.92 74.63
CA TRP I 190 -41.17 26.65 75.26
C TRP I 190 -42.18 26.84 76.39
N LYS I 191 -41.95 27.84 77.25
CA LYS I 191 -42.88 28.12 78.33
C LYS I 191 -44.18 28.73 77.83
N SER I 192 -44.21 29.22 76.59
CA SER I 192 -45.39 29.82 76.01
C SER I 192 -46.43 28.80 75.55
N HIS I 193 -46.07 27.52 75.44
CA HIS I 193 -46.94 26.51 74.87
C HIS I 193 -47.12 25.36 75.85
N ARG I 194 -48.13 24.53 75.60
CA ARG I 194 -48.51 23.45 76.51
C ARG I 194 -48.30 22.06 75.94
N SER I 195 -48.80 21.77 74.74
CA SER I 195 -48.76 20.42 74.19
C SER I 195 -47.58 20.29 73.23
N TYR I 196 -46.73 19.29 73.45
CA TYR I 196 -45.62 18.99 72.57
C TYR I 196 -45.73 17.53 72.14
N SER I 197 -45.76 17.30 70.84
CA SER I 197 -46.03 15.97 70.29
C SER I 197 -45.09 15.64 69.15
N CYS I 198 -44.62 14.40 69.15
CA CYS I 198 -43.82 13.82 68.08
C CYS I 198 -44.65 12.76 67.38
N GLN I 199 -44.85 12.92 66.08
CA GLN I 199 -45.66 12.03 65.26
C GLN I 199 -44.77 11.27 64.30
N VAL I 200 -44.91 9.95 64.27
CA VAL I 200 -44.02 9.06 63.53
C VAL I 200 -44.85 8.29 62.52
N THR I 201 -44.39 8.31 61.28
CA THR I 201 -44.96 7.52 60.18
C THR I 201 -43.89 6.56 59.68
N HIS I 202 -44.23 5.28 59.64
CA HIS I 202 -43.32 4.21 59.21
C HIS I 202 -44.20 3.05 58.74
N GLU I 203 -43.59 1.91 58.44
CA GLU I 203 -44.38 0.76 58.04
C GLU I 203 -44.91 0.03 59.27
N GLY I 204 -45.43 0.80 60.22
CA GLY I 204 -46.23 0.29 61.32
C GLY I 204 -47.62 0.91 61.26
N SER I 205 -47.82 1.92 62.09
CA SER I 205 -48.98 2.81 62.01
C SER I 205 -48.47 4.24 62.20
N THR I 206 -49.39 5.18 62.39
CA THR I 206 -49.03 6.56 62.72
C THR I 206 -49.13 6.72 64.24
N VAL I 207 -47.99 7.04 64.87
CA VAL I 207 -47.91 6.99 66.34
C VAL I 207 -47.42 8.34 66.86
N GLU I 208 -48.15 8.89 67.82
CA GLU I 208 -47.80 10.17 68.44
C GLU I 208 -47.49 9.99 69.92
N LYS I 209 -46.42 10.63 70.36
CA LYS I 209 -46.05 10.69 71.77
C LYS I 209 -46.01 12.16 72.19
N THR I 210 -46.64 12.48 73.32
CA THR I 210 -46.84 13.88 73.67
C THR I 210 -46.66 14.08 75.17
N PHE I 211 -46.44 15.35 75.54
CA PHE I 211 -46.35 15.75 76.94
C PHE I 211 -46.67 17.24 77.08
N ALA I 212 -46.96 17.64 78.32
CA ALA I 212 -47.50 18.97 78.64
C ALA I 212 -46.68 19.64 79.73
N PRO I 213 -45.62 20.37 79.37
CA PRO I 213 -44.81 21.07 80.39
C PRO I 213 -45.52 22.19 81.11
N THR I 214 -45.99 23.18 80.35
CA THR I 214 -46.51 24.43 80.91
C THR I 214 -47.79 24.85 80.22
N PHE J 1 31.28 19.58 -2.09
CA PHE J 1 32.70 19.22 -2.04
C PHE J 1 33.09 18.57 -0.72
N LEU J 2 33.33 19.41 0.29
CA LEU J 2 33.84 18.94 1.57
C LEU J 2 32.85 17.98 2.22
N GLY J 3 33.33 17.22 3.20
CA GLY J 3 32.50 16.25 3.87
C GLY J 3 33.22 14.98 4.25
N PHE J 4 34.41 14.76 3.68
CA PHE J 4 35.20 13.59 4.03
C PHE J 4 35.83 13.69 5.41
N LEU J 5 35.76 14.86 6.05
CA LEU J 5 36.36 15.09 7.36
C LEU J 5 35.42 14.82 8.52
N LEU J 6 34.15 14.51 8.25
CA LEU J 6 33.13 14.53 9.29
C LEU J 6 33.37 13.47 10.36
N GLY J 7 33.80 12.28 9.97
CA GLY J 7 33.87 11.19 10.92
C GLY J 7 32.54 10.47 11.06
N VAL J 8 32.62 9.19 11.41
CA VAL J 8 31.45 8.34 11.39
C VAL J 8 30.78 8.34 12.76
N GLY J 9 29.48 8.05 12.75
CA GLY J 9 28.72 7.95 13.98
C GLY J 9 27.54 7.03 13.78
N SER J 10 27.00 6.54 14.90
CA SER J 10 25.87 5.62 14.87
C SER J 10 24.58 6.42 14.93
N ALA J 11 23.78 6.33 13.87
CA ALA J 11 22.55 7.12 13.77
C ALA J 11 21.43 6.60 14.67
N ILE J 12 21.38 5.28 14.90
CA ILE J 12 20.29 4.68 15.64
C ILE J 12 20.80 4.09 16.95
N ALA J 13 21.87 4.67 17.48
CA ALA J 13 22.51 4.09 18.66
C ALA J 13 21.58 4.11 19.87
N SER J 14 20.89 5.23 20.11
CA SER J 14 20.01 5.33 21.27
C SER J 14 18.86 4.34 21.18
N GLY J 15 18.24 4.23 20.00
CA GLY J 15 17.18 3.25 19.83
C GLY J 15 17.67 1.83 19.96
N VAL J 16 18.90 1.56 19.50
CA VAL J 16 19.50 0.24 19.68
C VAL J 16 19.65 -0.07 21.16
N ALA J 17 20.08 0.92 21.95
CA ALA J 17 20.23 0.73 23.38
C ALA J 17 18.89 0.41 24.04
N VAL J 18 17.83 1.09 23.64
CA VAL J 18 16.51 0.83 24.22
C VAL J 18 16.04 -0.59 23.87
N CYS J 19 16.30 -1.01 22.63
CA CYS J 19 15.95 -2.38 22.23
C CYS J 19 16.70 -3.40 23.07
N LYS J 20 18.00 -3.19 23.28
CA LYS J 20 18.79 -4.16 24.03
C LYS J 20 18.37 -4.23 25.49
N VAL J 21 17.95 -3.10 26.06
CA VAL J 21 17.37 -3.13 27.39
C VAL J 21 16.03 -3.85 27.38
N LEU J 22 15.27 -3.72 26.28
CA LEU J 22 13.97 -4.36 26.17
C LEU J 22 14.05 -5.86 25.97
N HIS J 23 15.24 -6.41 25.72
CA HIS J 23 15.40 -7.85 25.51
C HIS J 23 15.67 -8.58 26.83
N LEU J 24 14.81 -8.35 27.81
CA LEU J 24 14.92 -9.00 29.11
C LEU J 24 13.67 -9.83 29.39
N GLU J 25 13.82 -10.79 30.30
CA GLU J 25 12.75 -11.75 30.55
C GLU J 25 11.49 -11.06 31.07
N GLY J 26 11.65 -10.10 31.97
CA GLY J 26 10.52 -9.42 32.56
C GLY J 26 10.32 -8.00 32.09
N GLU J 27 11.21 -7.51 31.23
CA GLU J 27 11.06 -6.15 30.71
C GLU J 27 9.78 -6.01 29.89
N VAL J 28 9.47 -7.03 29.08
CA VAL J 28 8.18 -7.05 28.38
C VAL J 28 7.04 -7.09 29.39
N ASN J 29 7.24 -7.84 30.49
CA ASN J 29 6.20 -7.91 31.52
C ASN J 29 6.09 -6.61 32.31
N LYS J 30 7.20 -5.88 32.47
CA LYS J 30 7.12 -4.57 33.11
C LYS J 30 6.27 -3.61 32.29
N ILE J 31 6.52 -3.56 30.98
CA ILE J 31 5.71 -2.71 30.11
C ILE J 31 4.27 -3.20 30.09
N LYS J 32 4.08 -4.52 30.05
CA LYS J 32 2.74 -5.09 30.02
C LYS J 32 1.96 -4.74 31.29
N SER J 33 2.62 -4.81 32.45
CA SER J 33 1.95 -4.52 33.71
C SER J 33 1.62 -3.04 33.84
N ALA J 34 2.57 -2.17 33.47
CA ALA J 34 2.35 -0.73 33.61
C ALA J 34 1.25 -0.23 32.66
N LEU J 35 1.11 -0.87 31.50
CA LEU J 35 0.12 -0.49 30.50
C LEU J 35 -1.12 -1.38 30.55
N LEU J 36 -1.29 -2.18 31.60
CA LEU J 36 -2.42 -3.10 31.66
C LEU J 36 -3.74 -2.38 31.79
N SER J 37 -3.77 -1.23 32.45
CA SER J 37 -5.02 -0.53 32.73
C SER J 37 -5.15 0.81 32.02
N THR J 38 -4.09 1.32 31.40
CA THR J 38 -4.13 2.60 30.68
C THR J 38 -3.58 2.41 29.27
N ASN J 39 -3.73 3.46 28.47
CA ASN J 39 -3.20 3.49 27.11
C ASN J 39 -1.82 4.14 27.01
N LYS J 40 -1.32 4.70 28.10
CA LYS J 40 -0.09 5.49 28.07
C LYS J 40 0.53 5.47 29.46
N ALA J 41 1.84 5.28 29.51
CA ALA J 41 2.55 5.24 30.79
C ALA J 41 4.03 5.48 30.58
N VAL J 42 4.71 5.81 31.66
CA VAL J 42 6.16 5.93 31.70
C VAL J 42 6.71 4.77 32.52
N VAL J 43 7.70 4.07 31.95
CA VAL J 43 8.28 2.89 32.58
C VAL J 43 9.77 3.14 32.78
N SER J 44 10.24 2.95 34.01
CA SER J 44 11.66 3.01 34.32
C SER J 44 12.26 1.63 34.05
N LEU J 45 13.04 1.51 32.99
CA LEU J 45 13.60 0.23 32.63
C LEU J 45 14.75 -0.14 33.56
N SER J 46 15.30 -1.34 33.39
CA SER J 46 16.28 -1.88 34.33
C SER J 46 17.56 -1.05 34.39
N ASN J 47 17.88 -0.32 33.33
CA ASN J 47 19.10 0.49 33.31
C ASN J 47 18.95 1.79 34.10
N GLY J 48 17.76 2.12 34.56
CA GLY J 48 17.53 3.34 35.31
C GLY J 48 16.97 4.49 34.50
N VAL J 49 16.94 4.37 33.18
CA VAL J 49 16.45 5.44 32.31
C VAL J 49 14.96 5.21 32.08
N SER J 50 14.15 6.23 32.39
CA SER J 50 12.72 6.17 32.14
C SER J 50 12.44 6.41 30.67
N VAL J 51 11.33 5.82 30.20
CA VAL J 51 10.94 5.93 28.80
C VAL J 51 9.43 6.06 28.72
N LEU J 52 8.97 6.98 27.87
CA LEU J 52 7.55 7.08 27.57
C LEU J 52 7.10 5.92 26.68
N THR J 53 5.95 5.34 27.00
CA THR J 53 5.45 4.18 26.29
C THR J 53 3.99 4.38 25.90
N PHE J 54 3.66 3.98 24.68
CA PHE J 54 2.30 4.05 24.14
C PHE J 54 1.77 2.64 23.93
N LYS J 55 0.47 2.46 24.17
CA LYS J 55 -0.26 1.28 23.72
C LYS J 55 -1.27 1.79 22.69
N VAL J 56 -0.81 1.93 21.44
CA VAL J 56 -1.59 2.62 20.43
C VAL J 56 -2.77 1.76 19.95
N LEU J 57 -2.59 0.44 19.86
CA LEU J 57 -3.64 -0.44 19.37
C LEU J 57 -3.61 -1.74 20.15
N ASP J 58 -4.79 -2.22 20.54
CA ASP J 58 -4.94 -3.44 21.33
C ASP J 58 -5.67 -4.46 20.46
N LEU J 59 -4.92 -5.21 19.66
CA LEU J 59 -5.52 -6.24 18.81
C LEU J 59 -5.99 -7.43 19.61
N LYS J 60 -5.37 -7.69 20.78
CA LYS J 60 -5.75 -8.85 21.58
C LYS J 60 -7.19 -8.74 22.05
N ASN J 61 -7.60 -7.56 22.53
CA ASN J 61 -8.97 -7.39 23.01
C ASN J 61 -9.97 -7.53 21.86
N TYR J 62 -9.64 -6.98 20.69
CA TYR J 62 -10.53 -7.11 19.54
C TYR J 62 -10.69 -8.57 19.14
N ILE J 63 -9.58 -9.31 19.07
CA ILE J 63 -9.63 -10.71 18.63
C ILE J 63 -10.34 -11.57 19.66
N ASP J 64 -10.05 -11.38 20.94
CA ASP J 64 -10.54 -12.26 21.99
C ASP J 64 -11.89 -11.83 22.56
N LYS J 65 -12.52 -10.79 22.02
CA LYS J 65 -13.82 -10.36 22.53
C LYS J 65 -14.86 -10.23 21.42
N GLN J 66 -14.42 -9.95 20.20
CA GLN J 66 -15.35 -9.75 19.09
C GLN J 66 -15.09 -10.63 17.88
N LEU J 67 -13.93 -11.29 17.79
CA LEU J 67 -13.61 -12.14 16.66
C LEU J 67 -13.56 -13.62 17.04
N LEU J 68 -12.80 -13.97 18.08
CA LEU J 68 -12.75 -15.36 18.53
C LEU J 68 -14.09 -15.90 18.96
N PRO J 69 -14.92 -15.20 19.77
CA PRO J 69 -16.22 -15.77 20.14
C PRO J 69 -17.11 -16.08 18.95
N ILE J 70 -17.09 -15.23 17.91
CA ILE J 70 -17.92 -15.48 16.74
C ILE J 70 -17.43 -16.71 15.98
N LEU J 71 -16.10 -16.89 15.92
CA LEU J 71 -15.55 -18.00 15.15
C LEU J 71 -15.94 -19.34 15.75
N ASN J 72 -15.77 -19.51 17.06
CA ASN J 72 -16.10 -20.76 17.73
C ASN J 72 -17.52 -20.70 18.26
N LYS J 73 -18.44 -21.39 17.58
CA LYS J 73 -19.81 -21.52 18.03
C LYS J 73 -20.31 -22.96 17.87
N GLN J 74 -19.43 -23.89 17.50
CA GLN J 74 -19.74 -25.28 17.15
C GLN J 74 -20.42 -25.31 15.79
N SER J 75 -20.78 -24.12 15.30
CA SER J 75 -21.25 -23.94 13.93
C SER J 75 -20.56 -22.68 13.41
N CYS J 76 -19.80 -22.81 12.33
CA CYS J 76 -19.02 -21.67 11.87
C CYS J 76 -19.93 -20.65 11.21
N SER J 77 -20.89 -20.14 11.95
CA SER J 77 -21.76 -19.07 11.48
C SER J 77 -21.08 -17.72 11.69
N ILE J 78 -21.38 -16.79 10.79
CA ILE J 78 -20.80 -15.46 10.86
C ILE J 78 -21.91 -14.41 10.87
N SER J 79 -23.05 -14.76 10.25
CA SER J 79 -24.32 -14.04 10.37
C SER J 79 -24.26 -12.62 9.79
N ASN J 80 -23.06 -12.14 9.43
CA ASN J 80 -22.89 -10.80 8.87
C ASN J 80 -21.50 -10.59 8.27
N ILE J 81 -21.45 -9.95 7.10
CA ILE J 81 -20.17 -9.72 6.44
C ILE J 81 -19.36 -8.67 7.17
N GLU J 82 -20.01 -7.83 8.00
CA GLU J 82 -19.35 -6.69 8.62
C GLU J 82 -18.11 -7.09 9.42
N THR J 83 -18.12 -8.30 9.99
CA THR J 83 -17.02 -8.71 10.86
C THR J 83 -15.70 -8.75 10.09
N VAL J 84 -15.72 -9.24 8.86
CA VAL J 84 -14.48 -9.34 8.08
C VAL J 84 -13.95 -7.96 7.76
N ILE J 85 -14.83 -7.00 7.50
CA ILE J 85 -14.40 -5.64 7.18
C ILE J 85 -13.78 -4.98 8.40
N GLU J 86 -14.42 -5.11 9.56
CA GLU J 86 -13.87 -4.57 10.79
C GLU J 86 -12.52 -5.21 11.11
N PHE J 87 -12.39 -6.51 10.85
CA PHE J 87 -11.10 -7.18 11.00
C PHE J 87 -10.06 -6.55 10.09
N GLN J 88 -10.39 -6.40 8.80
CA GLN J 88 -9.44 -5.84 7.85
C GLN J 88 -9.13 -4.37 8.14
N GLN J 89 -9.94 -3.71 8.98
CA GLN J 89 -9.63 -2.35 9.38
C GLN J 89 -8.62 -2.31 10.52
N LYS J 90 -8.87 -3.08 11.59
CA LYS J 90 -7.93 -3.12 12.70
C LYS J 90 -6.64 -3.83 12.30
N ASN J 91 -6.76 -4.92 11.54
CA ASN J 91 -5.57 -5.61 11.05
C ASN J 91 -4.79 -4.75 10.05
N ASN J 92 -5.44 -3.74 9.46
CA ASN J 92 -4.77 -2.87 8.51
C ASN J 92 -3.59 -2.15 9.15
N ARG J 93 -3.77 -1.67 10.38
CA ARG J 93 -2.69 -0.97 11.08
C ARG J 93 -1.47 -1.89 11.25
N LEU J 94 -1.70 -3.12 11.69
CA LEU J 94 -0.59 -4.06 11.86
C LEU J 94 0.05 -4.39 10.51
N LEU J 95 -0.77 -4.63 9.48
CA LEU J 95 -0.26 -5.15 8.22
C LEU J 95 0.68 -4.16 7.55
N GLU J 96 0.35 -2.87 7.58
CA GLU J 96 1.20 -1.87 6.94
C GLU J 96 2.55 -1.76 7.63
N ILE J 97 2.54 -1.70 8.97
CA ILE J 97 3.80 -1.50 9.71
C ILE J 97 4.74 -2.68 9.50
N THR J 98 4.22 -3.90 9.60
CA THR J 98 5.08 -5.06 9.44
C THR J 98 5.60 -5.17 8.00
N ARG J 99 4.82 -4.70 7.03
CA ARG J 99 5.30 -4.67 5.65
C ARG J 99 6.48 -3.70 5.51
N GLU J 100 6.31 -2.49 6.04
CA GLU J 100 7.35 -1.46 5.90
C GLU J 100 8.63 -1.87 6.63
N PHE J 101 8.48 -2.49 7.80
CA PHE J 101 9.66 -2.93 8.56
C PHE J 101 10.47 -3.95 7.78
N SER J 102 9.79 -4.83 7.04
CA SER J 102 10.45 -5.91 6.31
C SER J 102 11.21 -5.43 5.09
N VAL J 103 11.20 -4.12 4.80
CA VAL J 103 11.92 -3.57 3.65
C VAL J 103 13.02 -2.61 4.07
N ASN J 104 13.24 -2.41 5.38
CA ASN J 104 14.20 -1.40 5.82
C ASN J 104 15.08 -1.88 6.96
N ALA J 105 15.27 -3.20 7.11
CA ALA J 105 16.07 -3.79 8.19
C ALA J 105 15.55 -3.40 9.57
N GLY J 106 14.27 -3.04 9.66
CA GLY J 106 13.71 -2.55 10.91
C GLY J 106 14.03 -1.11 11.21
N VAL J 107 14.71 -0.41 10.31
CA VAL J 107 15.10 0.99 10.51
C VAL J 107 14.45 1.79 9.38
N THR J 108 13.30 2.38 9.66
CA THR J 108 12.54 3.13 8.67
C THR J 108 12.63 4.62 8.97
N THR J 109 13.19 5.38 8.03
CA THR J 109 13.25 6.82 8.13
C THR J 109 12.82 7.42 6.80
N PRO J 110 11.88 8.36 6.78
CA PRO J 110 11.15 8.94 7.92
C PRO J 110 10.12 7.99 8.53
N VAL J 111 9.64 8.33 9.73
CA VAL J 111 8.59 7.55 10.38
C VAL J 111 7.30 7.69 9.58
N SER J 112 6.66 6.57 9.29
CA SER J 112 5.43 6.61 8.52
C SER J 112 4.25 7.03 9.39
N THR J 113 3.18 7.48 8.73
CA THR J 113 1.97 7.83 9.46
C THR J 113 1.29 6.58 10.03
N TYR J 114 1.36 5.46 9.30
CA TYR J 114 0.79 4.21 9.80
C TYR J 114 1.54 3.73 11.04
N MET J 115 2.86 3.83 11.04
CA MET J 115 3.65 3.42 12.20
C MET J 115 3.31 4.29 13.41
N LEU J 116 3.23 5.61 13.22
CA LEU J 116 2.98 6.54 14.31
C LEU J 116 2.27 7.74 13.72
N THR J 117 0.96 7.84 13.96
CA THR J 117 0.18 8.92 13.38
C THR J 117 0.55 10.26 14.01
N ASN J 118 0.19 11.34 13.31
CA ASN J 118 0.59 12.67 13.76
C ASN J 118 -0.10 13.07 15.06
N SER J 119 -1.32 12.58 15.30
CA SER J 119 -2.00 12.90 16.55
C SER J 119 -1.25 12.30 17.74
N GLU J 120 -0.82 11.05 17.63
CA GLU J 120 -0.02 10.46 18.69
C GLU J 120 1.35 11.14 18.80
N LEU J 121 1.95 11.48 17.65
CA LEU J 121 3.22 12.21 17.69
C LEU J 121 3.06 13.58 18.33
N LEU J 122 1.94 14.25 18.05
CA LEU J 122 1.67 15.53 18.70
C LEU J 122 1.55 15.36 20.22
N SER J 123 0.89 14.29 20.66
CA SER J 123 0.82 13.99 22.08
C SER J 123 2.20 13.71 22.65
N LEU J 124 3.02 12.96 21.90
CA LEU J 124 4.38 12.67 22.36
C LEU J 124 5.20 13.95 22.50
N ILE J 125 5.07 14.87 21.54
CA ILE J 125 5.77 16.15 21.63
C ILE J 125 5.23 16.97 22.80
N ASN J 126 3.92 17.00 22.97
CA ASN J 126 3.29 17.86 23.98
C ASN J 126 3.59 17.40 25.41
N ASP J 127 4.05 16.16 25.59
CA ASP J 127 4.19 15.62 26.94
C ASP J 127 5.63 15.30 27.30
N MET J 128 6.55 16.23 27.01
CA MET J 128 7.93 16.07 27.41
C MET J 128 8.41 17.33 28.12
N PRO J 129 9.20 17.19 29.19
CA PRO J 129 9.69 18.38 29.90
C PRO J 129 10.80 19.10 29.15
N ILE J 130 10.40 19.93 28.19
CA ILE J 130 11.32 20.70 27.35
C ILE J 130 10.78 22.11 27.24
N THR J 131 11.67 23.07 26.99
CA THR J 131 11.26 24.47 26.86
C THR J 131 10.17 24.61 25.81
N ASN J 132 9.16 25.43 26.13
CA ASN J 132 8.00 25.57 25.26
C ASN J 132 8.36 26.09 23.88
N ASP J 133 9.48 26.79 23.74
CA ASP J 133 9.94 27.20 22.42
C ASP J 133 10.20 25.99 21.53
N GLN J 134 10.85 24.97 22.08
CA GLN J 134 11.09 23.74 21.32
C GLN J 134 9.81 22.94 21.11
N LYS J 135 8.87 23.02 22.07
CA LYS J 135 7.59 22.34 21.90
C LYS J 135 6.85 22.88 20.69
N LYS J 136 6.78 24.22 20.57
CA LYS J 136 6.13 24.82 19.41
C LYS J 136 6.88 24.50 18.12
N LEU J 137 8.21 24.51 18.18
CA LEU J 137 9.01 24.20 17.00
C LEU J 137 8.69 22.81 16.47
N MET J 138 8.67 21.81 17.35
CA MET J 138 8.34 20.46 16.92
C MET J 138 6.86 20.31 16.58
N SER J 139 6.00 21.15 17.15
CA SER J 139 4.57 21.03 16.86
C SER J 139 4.24 21.52 15.45
N ASN J 140 4.82 22.66 15.05
CA ASN J 140 4.48 23.27 13.77
C ASN J 140 5.15 22.58 12.58
N ASN J 141 6.11 21.70 12.80
CA ASN J 141 6.85 21.04 11.74
C ASN J 141 6.98 19.55 12.04
N VAL J 142 5.85 18.91 12.39
CA VAL J 142 5.88 17.52 12.83
C VAL J 142 6.40 16.60 11.73
N GLN J 143 6.13 16.91 10.47
CA GLN J 143 6.68 16.09 9.39
C GLN J 143 8.17 16.36 9.16
N ILE J 144 8.68 17.52 9.59
CA ILE J 144 10.10 17.79 9.48
C ILE J 144 10.89 16.96 10.49
N VAL J 145 10.47 16.97 11.76
CA VAL J 145 11.10 16.10 12.74
C VAL J 145 10.85 14.64 12.38
N ARG J 146 9.74 14.37 11.69
CA ARG J 146 9.48 13.02 11.20
C ARG J 146 10.57 12.58 10.22
N GLN J 147 10.97 13.46 9.30
CA GLN J 147 12.00 13.12 8.34
C GLN J 147 13.39 13.08 8.98
N GLN J 148 13.54 13.65 10.17
CA GLN J 148 14.76 13.54 10.95
C GLN J 148 14.59 12.57 12.12
N SER J 149 13.71 11.59 11.97
CA SER J 149 13.44 10.58 12.98
C SER J 149 13.79 9.20 12.44
N TYR J 150 13.78 8.22 13.35
CA TYR J 150 14.12 6.85 13.00
C TYR J 150 13.12 5.90 13.64
N SER J 151 13.18 4.65 13.22
CA SER J 151 12.39 3.56 13.77
C SER J 151 13.29 2.38 14.06
N ILE J 152 13.06 1.72 15.20
CA ILE J 152 13.85 0.56 15.59
C ILE J 152 12.89 -0.52 16.09
N MET J 153 13.01 -1.72 15.52
CA MET J 153 12.12 -2.83 15.83
C MET J 153 12.71 -3.66 16.97
N CYS J 154 12.04 -3.68 18.13
CA CYS J 154 12.66 -4.28 19.31
C CYS J 154 12.33 -5.74 19.57
N ILE J 155 11.07 -6.06 19.86
CA ILE J 155 10.70 -7.37 20.38
C ILE J 155 9.25 -7.70 20.07
N ILE J 156 8.94 -8.98 20.12
CA ILE J 156 7.60 -9.50 19.87
C ILE J 156 7.17 -10.46 20.98
N LYS J 157 7.65 -10.25 22.19
CA LYS J 157 7.52 -11.27 23.23
C LYS J 157 6.11 -11.29 23.79
N GLU J 158 5.94 -11.83 25.00
CA GLU J 158 4.84 -12.71 25.39
C GLU J 158 3.53 -12.46 24.64
N GLU J 159 2.98 -11.24 24.72
CA GLU J 159 1.77 -10.99 23.95
C GLU J 159 1.70 -9.56 23.43
N VAL J 160 2.85 -8.94 23.15
CA VAL J 160 2.83 -7.55 22.73
C VAL J 160 4.02 -7.28 21.81
N LEU J 161 3.77 -6.48 20.79
CA LEU J 161 4.81 -5.99 19.88
C LEU J 161 5.23 -4.59 20.32
N ALA J 162 6.54 -4.35 20.36
CA ALA J 162 7.05 -3.04 20.75
C ALA J 162 8.21 -2.65 19.86
N TYR J 163 8.29 -1.36 19.55
CA TYR J 163 9.36 -0.79 18.74
C TYR J 163 9.64 0.62 19.22
N VAL J 164 10.80 1.14 18.84
CA VAL J 164 11.32 2.40 19.37
C VAL J 164 11.20 3.48 18.30
N VAL J 165 10.68 4.64 18.71
CA VAL J 165 10.64 5.84 17.87
C VAL J 165 11.75 6.76 18.35
N GLN J 166 12.65 7.13 17.44
CA GLN J 166 13.81 7.96 17.76
C GLN J 166 13.61 9.35 17.16
N LEU J 167 12.99 10.23 17.94
CA LEU J 167 12.81 11.62 17.55
C LEU J 167 14.07 12.43 17.80
N PRO J 168 14.24 13.54 17.10
CA PRO J 168 15.30 14.49 17.44
C PRO J 168 14.83 15.54 18.44
N LEU J 169 15.75 15.95 19.30
CA LEU J 169 15.49 16.95 20.34
C LEU J 169 16.47 18.10 20.15
N TYR J 170 15.97 19.21 19.63
CA TYR J 170 16.83 20.30 19.13
C TYR J 170 17.30 21.18 20.28
N GLY J 171 18.62 21.34 20.41
CA GLY J 171 19.19 22.10 21.49
C GLY J 171 19.63 23.50 21.11
N VAL J 172 19.69 23.80 19.82
CA VAL J 172 20.09 25.11 19.33
C VAL J 172 19.03 25.61 18.35
N ILE J 173 18.38 26.72 18.69
CA ILE J 173 17.29 27.26 17.88
C ILE J 173 17.42 28.76 17.79
N ASP J 174 17.01 29.31 16.64
CA ASP J 174 16.86 30.76 16.44
C ASP J 174 18.17 31.51 16.62
N THR J 175 19.24 30.99 16.02
CA THR J 175 20.54 31.62 16.01
C THR J 175 20.92 31.98 14.58
N PRO J 176 21.79 32.96 14.39
CA PRO J 176 22.16 33.36 13.02
C PRO J 176 22.77 32.19 12.24
N CYS J 177 22.34 32.06 10.99
CA CYS J 177 22.80 30.97 10.14
C CYS J 177 22.81 31.45 8.70
N TRP J 178 23.68 30.86 7.89
CA TRP J 178 23.83 31.30 6.51
C TRP J 178 24.39 30.14 5.68
N LYS J 179 24.21 30.26 4.37
CA LYS J 179 24.73 29.30 3.40
C LYS J 179 25.74 29.99 2.50
N LEU J 180 26.75 29.22 2.06
CA LEU J 180 27.83 29.74 1.24
C LEU J 180 27.98 28.86 0.00
N HIS J 181 27.82 29.46 -1.17
CA HIS J 181 28.03 28.77 -2.44
C HIS J 181 29.31 29.26 -3.08
N THR J 182 30.08 28.33 -3.63
CA THR J 182 31.32 28.65 -4.33
C THR J 182 31.29 28.06 -5.73
N SER J 183 31.94 28.75 -6.66
CA SER J 183 32.05 28.35 -8.05
C SER J 183 33.50 28.51 -8.50
N PRO J 184 33.94 27.71 -9.47
CA PRO J 184 35.33 27.81 -9.91
C PRO J 184 35.63 29.16 -10.54
N LEU J 185 36.75 29.75 -10.12
CA LEU J 185 37.25 31.00 -10.67
C LEU J 185 38.56 30.73 -11.41
N CYS J 186 38.61 31.14 -12.67
CA CYS J 186 39.72 30.80 -13.55
C CYS J 186 40.26 32.05 -14.24
N THR J 187 41.40 31.88 -14.90
CA THR J 187 41.97 32.93 -15.72
C THR J 187 41.35 32.88 -17.12
N THR J 188 41.13 34.05 -17.70
CA THR J 188 40.47 34.19 -18.99
C THR J 188 41.43 34.66 -20.07
N ASN J 189 42.66 34.13 -20.04
CA ASN J 189 43.66 34.50 -21.04
C ASN J 189 43.26 33.97 -22.42
N THR J 190 43.75 34.65 -23.45
CA THR J 190 43.39 34.31 -24.83
C THR J 190 43.93 32.95 -25.25
N LYS J 191 44.93 32.41 -24.57
CA LYS J 191 45.47 31.11 -24.93
C LYS J 191 44.47 30.00 -24.65
N GLU J 192 44.53 28.95 -25.46
CA GLU J 192 43.58 27.85 -25.34
C GLU J 192 43.87 27.02 -24.10
N GLY J 193 45.11 26.59 -23.92
CA GLY J 193 45.55 25.92 -22.72
C GLY J 193 46.15 26.88 -21.72
N SER J 194 46.94 26.33 -20.81
CA SER J 194 47.73 27.11 -19.84
C SER J 194 46.85 27.96 -18.94
N ASN J 195 45.57 27.66 -18.83
CA ASN J 195 44.69 28.39 -17.93
C ASN J 195 44.98 28.01 -16.48
N ILE J 196 44.61 28.90 -15.56
CA ILE J 196 44.80 28.69 -14.13
C ILE J 196 43.45 28.85 -13.46
N CYS J 197 43.10 27.89 -12.61
CA CYS J 197 41.80 27.88 -11.93
C CYS J 197 42.01 27.76 -10.42
N LEU J 198 41.17 28.47 -9.66
CA LEU J 198 41.22 28.45 -8.20
C LEU J 198 39.79 28.51 -7.67
N THR J 199 39.51 27.69 -6.66
CA THR J 199 38.14 27.57 -6.15
C THR J 199 38.15 27.44 -4.64
N ARG J 200 37.18 28.11 -3.99
CA ARG J 200 36.97 27.95 -2.56
C ARG J 200 36.24 26.64 -2.29
N THR J 201 36.73 25.88 -1.31
CA THR J 201 36.17 24.58 -0.98
C THR J 201 35.17 24.62 0.17
N ASP J 202 34.99 25.76 0.83
CA ASP J 202 34.19 25.85 2.04
C ASP J 202 32.71 26.10 1.73
N ARG J 203 32.13 25.26 0.86
CA ARG J 203 30.72 25.36 0.55
C ARG J 203 29.89 24.63 1.60
N GLY J 204 28.72 25.17 1.90
CA GLY J 204 27.81 24.50 2.81
C GLY J 204 27.13 25.49 3.73
N TRP J 205 26.62 24.96 4.84
CA TRP J 205 25.86 25.74 5.82
C TRP J 205 26.74 26.10 7.01
N TYR J 206 26.54 27.30 7.53
CA TYR J 206 27.28 27.78 8.70
C TYR J 206 26.28 28.31 9.73
N CYS J 207 26.20 27.63 10.87
CA CYS J 207 25.28 27.99 11.94
C CYS J 207 26.07 28.31 13.20
N ASP J 208 25.89 29.53 13.73
CA ASP J 208 26.47 29.92 15.00
C ASP J 208 25.61 29.36 16.13
N ASN J 209 26.20 28.53 16.99
CA ASN J 209 25.42 27.95 18.07
C ASN J 209 25.93 28.29 19.47
N ALA J 210 27.22 28.10 19.75
CA ALA J 210 27.74 28.42 21.08
C ALA J 210 29.21 28.81 20.94
N GLY J 211 29.46 30.11 20.80
CA GLY J 211 30.82 30.63 20.77
C GLY J 211 31.56 30.32 19.49
N SER J 212 31.15 29.26 18.80
CA SER J 212 31.74 28.81 17.55
C SER J 212 30.62 28.52 16.56
N VAL J 213 30.99 28.01 15.39
CA VAL J 213 30.06 27.80 14.29
C VAL J 213 30.10 26.33 13.89
N SER J 214 28.92 25.73 13.76
CA SER J 214 28.79 24.38 13.21
C SER J 214 28.70 24.47 11.69
N PHE J 215 29.54 23.69 11.01
CA PHE J 215 29.65 23.75 9.55
C PHE J 215 29.15 22.45 8.95
N PHE J 216 28.15 22.55 8.08
CA PHE J 216 27.57 21.39 7.41
C PHE J 216 27.97 21.41 5.94
N PRO J 217 28.82 20.50 5.48
CA PRO J 217 29.36 20.62 4.11
C PRO J 217 28.42 20.12 3.02
N GLN J 218 27.44 19.29 3.34
CA GLN J 218 26.52 18.73 2.36
C GLN J 218 25.22 19.52 2.37
N ALA J 219 24.78 19.95 1.18
CA ALA J 219 23.50 20.65 1.07
C ALA J 219 22.31 19.72 1.26
N GLU J 220 22.52 18.39 1.19
CA GLU J 220 21.43 17.45 1.38
C GLU J 220 21.08 17.27 2.86
N THR J 221 22.08 17.32 3.74
CA THR J 221 21.89 16.98 5.14
C THR J 221 21.04 18.00 5.89
N CYS J 222 20.77 19.16 5.31
CA CYS J 222 19.99 20.21 5.97
C CYS J 222 18.73 20.49 5.16
N LYS J 223 17.59 20.46 5.83
CA LYS J 223 16.30 20.83 5.26
C LYS J 223 15.95 22.26 5.66
N VAL J 224 15.29 22.97 4.75
CA VAL J 224 14.96 24.38 4.95
C VAL J 224 13.46 24.58 4.76
N GLN J 225 12.82 25.24 5.73
CA GLN J 225 11.44 25.68 5.57
C GLN J 225 11.39 27.20 5.75
N SER J 226 11.82 27.91 4.71
CA SER J 226 11.50 29.30 4.42
C SER J 226 12.06 30.30 5.43
N ASN J 227 12.39 29.85 6.64
CA ASN J 227 13.19 30.66 7.56
C ASN J 227 14.22 29.79 8.30
N ARG J 228 13.80 28.59 8.66
CA ARG J 228 14.51 27.76 9.62
C ARG J 228 15.20 26.61 8.90
N VAL J 229 16.46 26.37 9.27
CA VAL J 229 17.28 25.34 8.65
C VAL J 229 17.46 24.22 9.66
N PHE J 230 16.87 23.06 9.36
CA PHE J 230 16.97 21.89 10.21
C PHE J 230 18.18 21.06 9.78
N CYS J 231 19.13 20.87 10.69
CA CYS J 231 20.38 20.19 10.39
C CYS J 231 20.66 19.12 11.42
N ASP J 232 21.64 18.28 11.12
CA ASP J 232 22.07 17.20 12.00
C ASP J 232 23.50 17.47 12.43
N THR J 233 23.71 17.62 13.74
CA THR J 233 25.02 17.96 14.27
C THR J 233 26.03 16.81 14.12
N MET J 234 25.55 15.58 13.94
CA MET J 234 26.46 14.43 13.87
C MET J 234 27.34 14.51 12.63
N ASN J 235 26.78 14.92 11.49
CA ASN J 235 27.54 15.14 10.26
C ASN J 235 27.97 16.60 10.13
N SER J 236 28.62 17.14 11.16
CA SER J 236 29.00 18.54 11.17
C SER J 236 30.40 18.72 11.74
N LEU J 237 31.04 19.81 11.35
CA LEU J 237 32.32 20.23 11.92
C LEU J 237 32.10 21.42 12.85
N THR J 238 33.05 21.62 13.76
CA THR J 238 33.03 22.74 14.69
C THR J 238 34.28 23.59 14.45
N LEU J 239 34.06 24.82 14.01
CA LEU J 239 35.15 25.71 13.63
C LEU J 239 35.01 27.05 14.33
N PRO J 240 36.12 27.76 14.52
CA PRO J 240 36.05 29.11 15.07
C PRO J 240 35.37 30.05 14.10
N SER J 241 34.89 31.18 14.66
CA SER J 241 34.15 32.16 13.87
C SER J 241 35.01 32.86 12.83
N GLU J 242 36.33 32.70 12.88
CA GLU J 242 37.22 33.37 11.95
C GLU J 242 37.11 32.85 10.51
N VAL J 243 36.38 31.75 10.30
CA VAL J 243 36.07 31.33 8.94
C VAL J 243 35.25 32.38 8.23
N ASN J 244 34.53 33.22 8.99
CA ASN J 244 33.76 34.31 8.40
C ASN J 244 34.66 35.28 7.64
N LEU J 245 35.91 35.42 8.05
CA LEU J 245 36.84 36.32 7.37
C LEU J 245 37.08 35.90 5.92
N CYS J 246 36.89 34.62 5.59
CA CYS J 246 37.16 34.14 4.24
C CYS J 246 36.26 34.77 3.21
N ASN J 247 35.11 35.32 3.61
CA ASN J 247 34.21 35.97 2.65
C ASN J 247 34.75 37.31 2.19
N VAL J 248 35.38 38.07 3.10
CA VAL J 248 35.84 39.42 2.78
C VAL J 248 37.32 39.40 2.38
N ASP J 249 38.17 38.89 3.27
CA ASP J 249 39.62 38.84 3.05
C ASP J 249 40.05 37.38 3.09
N ILE J 250 40.36 36.83 1.92
CA ILE J 250 40.77 35.43 1.85
C ILE J 250 42.24 35.24 2.21
N PHE J 251 43.04 36.31 2.18
CA PHE J 251 44.43 36.25 2.58
C PHE J 251 44.63 36.62 4.05
N ASN J 252 43.55 36.62 4.84
CA ASN J 252 43.64 37.09 6.21
C ASN J 252 44.54 36.18 7.03
N PRO J 253 45.33 36.72 7.95
CA PRO J 253 46.20 35.88 8.79
C PRO J 253 45.48 35.22 9.95
N LYS J 254 44.26 35.65 10.27
CA LYS J 254 43.57 35.12 11.44
C LYS J 254 42.97 33.74 11.21
N TYR J 255 42.78 33.32 9.96
CA TYR J 255 42.31 32.00 9.65
C TYR J 255 42.86 31.57 8.30
N ASP J 256 42.91 30.26 8.09
CA ASP J 256 43.44 29.67 6.86
C ASP J 256 42.27 29.14 6.04
N CYS J 257 41.95 29.84 4.96
CA CYS J 257 40.81 29.47 4.11
C CYS J 257 41.19 28.31 3.20
N LYS J 258 40.42 27.22 3.27
CA LYS J 258 40.70 26.03 2.47
C LYS J 258 40.21 26.22 1.05
N ILE J 259 41.06 25.89 0.08
CA ILE J 259 40.78 26.11 -1.34
C ILE J 259 41.26 24.90 -2.13
N MET J 260 41.02 24.93 -3.43
CA MET J 260 41.52 23.91 -4.35
C MET J 260 42.00 24.58 -5.62
N THR J 261 42.97 23.96 -6.28
CA THR J 261 43.53 24.47 -7.51
C THR J 261 43.32 23.47 -8.64
N SER J 262 43.11 24.00 -9.84
CA SER J 262 42.90 23.15 -11.01
C SER J 262 43.39 23.89 -12.24
N LYS J 263 43.66 23.12 -13.29
CA LYS J 263 43.84 23.64 -14.63
C LYS J 263 42.61 23.37 -15.49
N THR J 264 41.48 23.07 -14.85
CA THR J 264 40.25 22.64 -15.51
C THR J 264 39.48 23.88 -15.95
N ASP J 265 39.77 24.34 -17.16
CA ASP J 265 39.06 25.48 -17.76
C ASP J 265 37.71 24.99 -18.27
N VAL J 266 36.74 24.93 -17.36
CA VAL J 266 35.42 24.39 -17.64
C VAL J 266 34.36 25.35 -17.12
N SER J 267 33.34 25.62 -17.93
CA SER J 267 32.25 26.49 -17.55
C SER J 267 31.20 25.74 -16.74
N SER J 268 30.58 26.45 -15.81
CA SER J 268 29.55 25.87 -14.95
C SER J 268 28.69 26.98 -14.38
N SER J 269 27.63 26.58 -13.67
CA SER J 269 26.74 27.52 -13.02
C SER J 269 26.33 27.00 -11.66
N VAL J 270 26.08 27.91 -10.73
CA VAL J 270 25.66 27.58 -9.37
C VAL J 270 24.47 28.47 -9.04
N ILE J 271 23.30 27.86 -8.84
CA ILE J 271 22.11 28.60 -8.44
C ILE J 271 22.15 28.82 -6.93
N THR J 272 22.11 30.07 -6.52
CA THR J 272 22.09 30.42 -5.10
C THR J 272 20.65 30.69 -4.66
N SER J 273 20.49 31.11 -3.40
CA SER J 273 19.16 31.29 -2.84
C SER J 273 18.41 32.42 -3.53
N LEU J 274 19.08 33.56 -3.77
CA LEU J 274 18.44 34.75 -4.30
C LEU J 274 19.07 35.19 -5.62
N GLY J 275 19.64 34.24 -6.37
CA GLY J 275 20.30 34.57 -7.61
C GLY J 275 21.04 33.38 -8.17
N ALA J 276 22.09 33.66 -8.94
CA ALA J 276 22.91 32.61 -9.55
C ALA J 276 24.31 33.13 -9.78
N ILE J 277 25.29 32.27 -9.55
CA ILE J 277 26.69 32.52 -9.91
C ILE J 277 26.99 31.75 -11.19
N VAL J 278 27.59 32.43 -12.16
CA VAL J 278 27.94 31.83 -13.44
C VAL J 278 29.44 31.92 -13.63
N SER J 279 30.09 30.78 -13.84
CA SER J 279 31.51 30.71 -14.20
C SER J 279 31.57 30.40 -15.69
N CYS J 280 31.73 31.43 -16.51
CA CYS J 280 31.76 31.31 -17.95
C CYS J 280 33.20 31.42 -18.43
N TYR J 281 33.70 30.38 -19.09
CA TYR J 281 35.07 30.35 -19.57
C TYR J 281 35.11 29.70 -20.94
N GLY J 282 36.17 30.03 -21.69
CA GLY J 282 36.28 29.51 -23.04
C GLY J 282 35.25 30.15 -23.96
N LYS J 283 34.83 29.38 -24.95
CA LYS J 283 33.87 29.83 -25.97
C LYS J 283 32.48 29.28 -25.70
N THR J 284 32.10 29.14 -24.43
CA THR J 284 30.79 28.66 -24.04
C THR J 284 29.78 29.80 -24.02
N LYS J 285 28.56 29.51 -24.45
CA LYS J 285 27.48 30.48 -24.40
C LYS J 285 26.86 30.51 -23.01
N CYS J 286 26.75 31.71 -22.44
CA CYS J 286 26.18 31.90 -21.11
C CYS J 286 25.12 32.99 -21.18
N THR J 287 23.91 32.67 -20.72
CA THR J 287 22.76 33.55 -20.93
C THR J 287 21.87 33.55 -19.70
N ALA J 288 21.46 34.75 -19.27
CA ALA J 288 20.42 34.94 -18.27
C ALA J 288 19.18 35.44 -18.99
N SER J 289 18.07 34.72 -18.84
CA SER J 289 16.87 34.99 -19.62
C SER J 289 15.67 35.20 -18.71
N ASN J 290 14.68 35.94 -19.22
CA ASN J 290 13.43 36.18 -18.53
C ASN J 290 12.29 35.59 -19.34
N LYS J 291 11.26 35.10 -18.64
CA LYS J 291 10.17 34.41 -19.31
C LYS J 291 9.34 35.35 -20.17
N ASN J 292 9.22 36.62 -19.77
CA ASN J 292 8.41 37.59 -20.51
C ASN J 292 9.18 38.23 -21.66
N ARG J 293 10.36 38.77 -21.38
CA ARG J 293 11.14 39.49 -22.38
C ARG J 293 12.01 38.56 -23.23
N GLY J 294 12.62 37.55 -22.60
CA GLY J 294 13.54 36.69 -23.31
C GLY J 294 14.95 36.81 -22.77
N ILE J 295 15.94 36.78 -23.66
CA ILE J 295 17.33 36.94 -23.24
C ILE J 295 17.55 38.38 -22.79
N ILE J 296 18.07 38.55 -21.58
CA ILE J 296 18.25 39.88 -21.01
C ILE J 296 19.69 40.20 -20.63
N LYS J 297 20.57 39.22 -20.48
CA LYS J 297 21.95 39.50 -20.15
C LYS J 297 22.86 38.37 -20.62
N THR J 298 24.06 38.73 -21.05
CA THR J 298 25.10 37.78 -21.45
C THR J 298 26.30 37.95 -20.53
N PHE J 299 27.00 36.85 -20.29
CA PHE J 299 28.11 36.81 -19.35
C PHE J 299 29.43 36.90 -20.10
N SER J 300 30.28 37.83 -19.68
CA SER J 300 31.52 38.14 -20.40
C SER J 300 32.72 37.43 -19.76
N ASN J 301 32.68 36.10 -19.79
CA ASN J 301 33.84 35.26 -19.47
C ASN J 301 34.45 35.62 -18.11
N GLY J 302 33.68 35.35 -17.06
CA GLY J 302 34.19 35.60 -15.72
C GLY J 302 33.25 35.05 -14.67
N CYS J 303 33.63 35.28 -13.42
CA CYS J 303 32.80 34.94 -12.26
C CYS J 303 31.79 36.06 -12.05
N ASP J 304 30.53 35.79 -12.39
CA ASP J 304 29.48 36.80 -12.32
C ASP J 304 28.33 36.29 -11.47
N TYR J 305 27.49 37.23 -11.04
CA TYR J 305 26.29 36.93 -10.28
C TYR J 305 25.18 37.86 -10.74
N VAL J 306 23.97 37.32 -10.84
CA VAL J 306 22.79 38.08 -11.24
C VAL J 306 21.67 37.84 -10.25
N SER J 307 20.95 38.89 -9.90
CA SER J 307 19.84 38.79 -8.96
C SER J 307 18.65 38.09 -9.62
N ASN J 308 17.75 37.60 -8.77
CA ASN J 308 16.55 36.91 -9.21
C ASN J 308 15.38 37.85 -9.47
N LYS J 309 15.58 39.16 -9.33
CA LYS J 309 14.49 40.13 -9.46
C LYS J 309 13.85 40.03 -10.85
N GLY J 310 14.61 40.37 -11.88
CA GLY J 310 14.13 40.32 -13.24
C GLY J 310 14.57 39.13 -14.06
N VAL J 311 15.18 38.13 -13.43
CA VAL J 311 15.70 36.96 -14.12
C VAL J 311 14.93 35.73 -13.66
N ASP J 312 14.58 34.86 -14.60
CA ASP J 312 13.81 33.66 -14.30
C ASP J 312 14.49 32.36 -14.72
N THR J 313 15.45 32.40 -15.63
CA THR J 313 16.16 31.19 -16.03
C THR J 313 17.55 31.55 -16.53
N VAL J 314 18.43 30.56 -16.48
CA VAL J 314 19.81 30.69 -16.95
C VAL J 314 20.13 29.48 -17.82
N SER J 315 20.80 29.73 -18.95
CA SER J 315 21.22 28.67 -19.85
C SER J 315 22.69 28.85 -20.16
N VAL J 316 23.51 27.85 -19.81
CA VAL J 316 24.94 27.85 -20.10
C VAL J 316 25.19 26.70 -21.07
N GLY J 317 25.62 27.03 -22.29
CA GLY J 317 25.79 26.02 -23.31
C GLY J 317 24.49 25.32 -23.65
N ASN J 318 24.36 24.06 -23.22
CA ASN J 318 23.15 23.29 -23.42
C ASN J 318 22.43 22.99 -22.10
N THR J 319 22.96 23.46 -20.98
CA THR J 319 22.38 23.16 -19.67
C THR J 319 21.41 24.28 -19.29
N LEU J 320 20.19 23.89 -18.92
CA LEU J 320 19.16 24.84 -18.54
C LEU J 320 18.96 24.80 -17.03
N TYR J 321 19.18 25.94 -16.38
CA TYR J 321 18.98 26.09 -14.95
C TYR J 321 17.80 27.02 -14.69
N TYR J 322 16.95 26.64 -13.73
CA TYR J 322 15.80 27.44 -13.34
C TYR J 322 16.11 28.17 -12.03
N VAL J 323 15.95 29.49 -12.03
CA VAL J 323 16.27 30.29 -10.87
C VAL J 323 15.21 30.11 -9.79
N ASN J 324 15.63 30.19 -8.53
CA ASN J 324 14.70 30.11 -7.42
C ASN J 324 13.84 31.37 -7.35
N LYS J 325 12.54 31.17 -7.13
CA LYS J 325 11.59 32.28 -7.07
C LYS J 325 11.45 32.85 -5.67
N GLN J 326 12.46 32.68 -4.82
CA GLN J 326 12.43 33.29 -3.50
C GLN J 326 12.62 34.79 -3.60
N GLU J 327 12.22 35.50 -2.53
CA GLU J 327 12.30 36.95 -2.48
C GLU J 327 13.36 37.37 -1.46
N GLY J 328 13.96 38.52 -1.71
CA GLY J 328 14.96 39.07 -0.81
C GLY J 328 15.96 39.92 -1.57
N LYS J 329 16.58 40.83 -0.84
CA LYS J 329 17.53 41.77 -1.43
C LYS J 329 18.87 41.10 -1.66
N SER J 330 19.50 41.45 -2.79
CA SER J 330 20.78 40.88 -3.19
C SER J 330 21.81 41.99 -3.32
N LEU J 331 22.99 41.77 -2.77
CA LEU J 331 24.05 42.77 -2.74
C LEU J 331 25.24 42.27 -3.57
N TYR J 332 25.64 43.07 -4.55
CA TYR J 332 26.78 42.76 -5.40
C TYR J 332 28.01 43.51 -4.86
N VAL J 333 29.03 42.76 -4.48
CA VAL J 333 30.28 43.33 -3.97
C VAL J 333 31.31 43.24 -5.08
N LYS J 334 31.76 44.41 -5.57
CA LYS J 334 32.77 44.43 -6.60
C LYS J 334 34.14 44.06 -6.03
N GLY J 335 35.05 43.71 -6.94
CA GLY J 335 36.39 43.33 -6.54
C GLY J 335 37.07 42.48 -7.59
N GLU J 336 38.35 42.72 -7.82
CA GLU J 336 39.09 41.96 -8.82
C GLU J 336 39.22 40.51 -8.38
N PRO J 337 39.11 39.56 -9.31
CA PRO J 337 39.29 38.15 -8.94
C PRO J 337 40.66 37.90 -8.31
N ILE J 338 40.68 37.04 -7.30
CA ILE J 338 41.90 36.79 -6.54
C ILE J 338 42.94 36.10 -7.41
N ILE J 339 42.52 35.28 -8.37
CA ILE J 339 43.44 34.48 -9.16
C ILE J 339 44.42 35.34 -9.96
N ASN J 340 44.06 36.59 -10.25
CA ASN J 340 44.97 37.49 -10.95
C ASN J 340 46.17 37.89 -10.09
N PHE J 341 46.15 37.60 -8.79
CA PHE J 341 47.25 37.95 -7.90
C PHE J 341 48.37 36.93 -7.91
N TYR J 342 48.25 35.86 -8.68
CA TYR J 342 49.29 34.85 -8.83
C TYR J 342 49.75 34.84 -10.28
N ASP J 343 51.03 34.49 -10.49
CA ASP J 343 51.48 34.34 -11.86
C ASP J 343 51.62 32.86 -12.22
N PRO J 344 51.29 32.48 -13.44
CA PRO J 344 51.37 31.08 -13.84
C PRO J 344 52.82 30.61 -13.92
N LEU J 345 52.96 29.29 -14.09
CA LEU J 345 54.25 28.59 -14.18
C LEU J 345 54.92 28.53 -12.82
N VAL J 346 54.34 29.23 -11.84
CA VAL J 346 54.70 29.07 -10.44
C VAL J 346 53.52 28.65 -9.59
N PHE J 347 52.30 28.73 -10.12
CA PHE J 347 51.10 28.36 -9.40
C PHE J 347 50.90 26.85 -9.43
N PRO J 348 50.79 26.18 -8.28
CA PRO J 348 50.52 24.74 -8.29
C PRO J 348 49.11 24.47 -8.78
N SER J 349 49.00 23.66 -9.83
CA SER J 349 47.74 23.46 -10.52
C SER J 349 46.99 22.20 -10.11
N ASP J 350 47.54 21.41 -9.16
CA ASP J 350 46.87 20.19 -8.69
C ASP J 350 46.85 20.21 -7.16
N GLU J 351 45.86 20.90 -6.60
CA GLU J 351 45.58 20.89 -5.17
C GLU J 351 44.09 20.77 -4.97
N PHE J 352 43.67 20.03 -3.94
CA PHE J 352 42.26 19.70 -3.80
C PHE J 352 41.73 20.03 -2.41
N ASP J 353 42.57 19.94 -1.39
CA ASP J 353 42.20 20.35 -0.04
C ASP J 353 43.18 21.39 0.51
N ALA J 354 43.90 22.08 -0.37
CA ALA J 354 44.90 23.05 0.05
C ALA J 354 44.22 24.27 0.69
N SER J 355 45.05 25.24 1.07
CA SER J 355 44.56 26.46 1.69
C SER J 355 45.38 27.62 1.17
N ILE J 356 45.05 28.82 1.65
CA ILE J 356 45.83 30.01 1.28
C ILE J 356 47.27 29.85 1.74
N SER J 357 47.46 29.37 2.97
CA SER J 357 48.82 29.14 3.47
C SER J 357 49.53 28.04 2.66
N GLN J 358 48.80 26.98 2.31
CA GLN J 358 49.43 25.88 1.58
C GLN J 358 49.86 26.32 0.18
N VAL J 359 48.97 26.96 -0.57
CA VAL J 359 49.31 27.39 -1.93
C VAL J 359 50.41 28.44 -1.89
N ASN J 360 50.33 29.38 -0.94
CA ASN J 360 51.36 30.41 -0.83
C ASN J 360 52.71 29.81 -0.47
N GLU J 361 52.73 28.82 0.41
CA GLU J 361 53.99 28.17 0.76
C GLU J 361 54.60 27.45 -0.42
N LYS J 362 53.78 26.74 -1.20
CA LYS J 362 54.31 26.06 -2.39
C LYS J 362 54.84 27.06 -3.41
N ILE J 363 54.14 28.17 -3.60
CA ILE J 363 54.61 29.20 -4.52
C ILE J 363 55.89 29.84 -3.99
N ASN J 364 55.93 30.15 -2.69
CA ASN J 364 57.14 30.69 -2.10
C ASN J 364 58.30 29.70 -2.18
N GLN J 365 58.02 28.42 -1.92
CA GLN J 365 59.06 27.41 -2.01
C GLN J 365 59.51 27.19 -3.45
N SER J 366 58.56 27.20 -4.40
CA SER J 366 58.92 27.06 -5.81
C SER J 366 59.73 28.26 -6.29
N LEU J 367 59.36 29.47 -5.88
CA LEU J 367 60.12 30.65 -6.26
C LEU J 367 61.52 30.63 -5.65
N ALA J 368 61.64 30.16 -4.41
CA ALA J 368 62.95 29.98 -3.81
C ALA J 368 63.77 28.95 -4.58
N PHE J 369 63.11 27.90 -5.07
CA PHE J 369 63.79 26.91 -5.91
C PHE J 369 64.29 27.55 -7.20
N ILE J 370 63.48 28.40 -7.82
CA ILE J 370 63.86 29.05 -9.07
C ILE J 370 65.03 30.00 -8.82
N ARG J 371 64.99 30.76 -7.72
CA ARG J 371 66.01 31.76 -7.47
C ARG J 371 67.32 31.16 -6.98
N LYS J 372 67.26 30.17 -6.08
CA LYS J 372 68.48 29.63 -5.50
C LYS J 372 69.26 28.74 -6.47
N SER J 373 68.63 28.30 -7.55
CA SER J 373 69.33 27.57 -8.60
C SER J 373 69.83 28.47 -9.71
N ASP J 374 69.57 29.78 -9.63
CA ASP J 374 70.02 30.74 -10.62
C ASP J 374 71.04 31.74 -10.08
N GLU J 375 70.96 32.09 -8.79
CA GLU J 375 72.01 32.92 -8.19
C GLU J 375 73.35 32.21 -8.17
N LEU J 376 73.36 30.89 -8.26
CA LEU J 376 74.57 30.10 -8.24
C LEU J 376 75.23 29.99 -9.61
N LEU J 377 74.45 30.12 -10.69
CA LEU J 377 74.99 30.10 -12.05
C LEU J 377 75.27 31.51 -12.54
N PHE K 1 37.04 7.59 1.61
CA PHE K 1 38.14 7.88 0.68
C PHE K 1 38.15 6.89 -0.48
N LEU K 2 38.78 5.74 -0.25
CA LEU K 2 38.88 4.72 -1.29
C LEU K 2 37.49 4.18 -1.63
N GLY K 3 37.37 3.65 -2.84
CA GLY K 3 36.10 3.15 -3.33
C GLY K 3 35.86 3.43 -4.80
N PHE K 4 36.55 4.45 -5.32
CA PHE K 4 36.48 4.75 -6.74
C PHE K 4 37.20 3.71 -7.60
N LEU K 5 37.96 2.81 -6.98
CA LEU K 5 38.80 1.85 -7.69
C LEU K 5 38.10 0.55 -8.03
N LEU K 6 36.84 0.39 -7.61
CA LEU K 6 36.19 -0.92 -7.67
C LEU K 6 36.04 -1.40 -9.11
N GLY K 7 35.67 -0.51 -10.03
CA GLY K 7 35.31 -0.92 -11.36
C GLY K 7 33.86 -1.35 -11.40
N VAL K 8 33.19 -1.16 -12.53
CA VAL K 8 31.75 -1.36 -12.60
C VAL K 8 31.43 -2.78 -13.01
N GLY K 9 30.31 -3.28 -12.50
CA GLY K 9 29.80 -4.58 -12.88
C GLY K 9 28.29 -4.59 -12.76
N SER K 10 27.65 -5.51 -13.50
CA SER K 10 26.20 -5.58 -13.54
C SER K 10 25.72 -6.50 -12.41
N ALA K 11 24.99 -5.92 -11.46
CA ALA K 11 24.53 -6.70 -10.31
C ALA K 11 23.36 -7.61 -10.67
N ILE K 12 22.58 -7.25 -11.69
CA ILE K 12 21.41 -8.02 -12.07
C ILE K 12 21.60 -8.62 -13.46
N ALA K 13 22.86 -8.86 -13.84
CA ALA K 13 23.14 -9.36 -15.18
C ALA K 13 22.53 -10.74 -15.40
N SER K 14 22.63 -11.61 -14.39
CA SER K 14 22.07 -12.96 -14.54
C SER K 14 20.56 -12.91 -14.73
N GLY K 15 19.87 -12.09 -13.95
CA GLY K 15 18.44 -11.90 -14.15
C GLY K 15 18.11 -11.27 -15.48
N VAL K 16 18.96 -10.36 -15.96
CA VAL K 16 18.77 -9.77 -17.28
C VAL K 16 18.87 -10.85 -18.35
N ALA K 17 19.85 -11.75 -18.22
CA ALA K 17 19.99 -12.83 -19.18
C ALA K 17 18.78 -13.74 -19.19
N VAL K 18 18.23 -14.04 -18.00
CA VAL K 18 17.05 -14.89 -17.93
C VAL K 18 15.87 -14.22 -18.61
N CYS K 19 15.72 -12.90 -18.42
CA CYS K 19 14.66 -12.17 -19.11
C CYS K 19 14.82 -12.26 -20.62
N LYS K 20 16.05 -12.12 -21.11
CA LYS K 20 16.29 -12.15 -22.55
C LYS K 20 16.00 -13.53 -23.13
N VAL K 21 16.31 -14.60 -22.39
CA VAL K 21 15.94 -15.94 -22.81
C VAL K 21 14.44 -16.14 -22.68
N LEU K 22 13.78 -15.41 -21.78
CA LEU K 22 12.34 -15.46 -21.66
C LEU K 22 11.63 -14.71 -22.79
N HIS K 23 12.37 -14.00 -23.64
CA HIS K 23 11.80 -13.19 -24.72
C HIS K 23 11.83 -13.91 -26.06
N LEU K 24 11.64 -15.23 -26.08
CA LEU K 24 11.54 -15.99 -27.31
C LEU K 24 10.11 -16.48 -27.52
N GLU K 25 9.83 -16.88 -28.76
CA GLU K 25 8.45 -17.01 -29.22
C GLU K 25 7.69 -18.08 -28.43
N GLY K 26 8.32 -19.23 -28.18
CA GLY K 26 7.65 -20.33 -27.52
C GLY K 26 8.15 -20.63 -26.13
N GLU K 27 9.07 -19.83 -25.59
CA GLU K 27 9.57 -20.08 -24.24
C GLU K 27 8.46 -19.93 -23.21
N VAL K 28 7.57 -18.97 -23.43
CA VAL K 28 6.41 -18.81 -22.54
C VAL K 28 5.53 -20.06 -22.59
N ASN K 29 5.40 -20.67 -23.77
CA ASN K 29 4.60 -21.88 -23.88
C ASN K 29 5.27 -23.06 -23.18
N LYS K 30 6.61 -23.13 -23.22
CA LYS K 30 7.30 -24.18 -22.49
C LYS K 30 7.10 -24.05 -20.99
N ILE K 31 7.18 -22.82 -20.48
CA ILE K 31 6.92 -22.58 -19.06
C ILE K 31 5.47 -22.90 -18.73
N LYS K 32 4.55 -22.52 -19.62
CA LYS K 32 3.14 -22.84 -19.41
C LYS K 32 2.90 -24.34 -19.40
N SER K 33 3.58 -25.07 -20.28
CA SER K 33 3.41 -26.53 -20.33
C SER K 33 3.97 -27.19 -19.07
N ALA K 34 5.16 -26.77 -18.63
CA ALA K 34 5.75 -27.36 -17.43
C ALA K 34 4.93 -27.05 -16.18
N LEU K 35 4.27 -25.90 -16.15
CA LEU K 35 3.42 -25.51 -15.03
C LEU K 35 1.94 -25.77 -15.31
N LEU K 36 1.63 -26.50 -16.39
CA LEU K 36 0.24 -26.75 -16.73
C LEU K 36 -0.45 -27.62 -15.68
N SER K 37 0.28 -28.59 -15.12
CA SER K 37 -0.32 -29.55 -14.20
C SER K 37 0.20 -29.45 -12.77
N THR K 38 1.25 -28.67 -12.52
CA THR K 38 1.80 -28.51 -11.19
C THR K 38 1.92 -27.04 -10.85
N ASN K 39 2.26 -26.77 -9.59
CA ASN K 39 2.52 -25.42 -9.11
C ASN K 39 4.01 -25.07 -9.10
N LYS K 40 4.88 -26.03 -9.44
CA LYS K 40 6.32 -25.83 -9.32
C LYS K 40 7.02 -26.81 -10.24
N ALA K 41 8.10 -26.37 -10.87
CA ALA K 41 8.88 -27.22 -11.76
C ALA K 41 10.24 -26.58 -12.01
N VAL K 42 11.14 -27.37 -12.58
CA VAL K 42 12.42 -26.89 -13.08
C VAL K 42 12.38 -26.95 -14.60
N VAL K 43 12.73 -25.85 -15.25
CA VAL K 43 12.67 -25.72 -16.70
C VAL K 43 14.07 -25.45 -17.23
N SER K 44 14.50 -26.26 -18.20
CA SER K 44 15.73 -26.01 -18.93
C SER K 44 15.39 -25.13 -20.14
N LEU K 45 15.85 -23.88 -20.09
CA LEU K 45 15.55 -22.95 -21.17
C LEU K 45 16.46 -23.21 -22.37
N SER K 46 16.28 -22.43 -23.43
CA SER K 46 16.96 -22.71 -24.69
C SER K 46 18.47 -22.64 -24.59
N ASN K 47 19.01 -21.89 -23.62
CA ASN K 47 20.45 -21.76 -23.48
C ASN K 47 21.09 -22.94 -22.73
N GLY K 48 20.29 -23.82 -22.14
CA GLY K 48 20.80 -24.98 -21.43
C GLY K 48 20.88 -24.83 -19.93
N VAL K 49 20.64 -23.64 -19.39
CA VAL K 49 20.71 -23.40 -17.96
C VAL K 49 19.35 -23.68 -17.34
N SER K 50 19.33 -24.54 -16.32
CA SER K 50 18.11 -24.86 -15.61
C SER K 50 17.71 -23.73 -14.66
N VAL K 51 16.42 -23.59 -14.44
CA VAL K 51 15.89 -22.53 -13.58
C VAL K 51 14.64 -23.04 -12.87
N LEU K 52 14.52 -22.69 -11.59
CA LEU K 52 13.31 -22.99 -10.84
C LEU K 52 12.18 -22.06 -11.28
N THR K 53 10.97 -22.62 -11.38
CA THR K 53 9.80 -21.86 -11.80
C THR K 53 8.65 -22.13 -10.83
N PHE K 54 7.98 -21.06 -10.41
CA PHE K 54 6.85 -21.12 -9.50
C PHE K 54 5.59 -20.65 -10.21
N LYS K 55 4.46 -21.26 -9.87
CA LYS K 55 3.14 -20.72 -10.18
C LYS K 55 2.49 -20.38 -8.85
N VAL K 56 2.80 -19.18 -8.35
CA VAL K 56 2.43 -18.81 -6.99
C VAL K 56 0.94 -18.51 -6.90
N LEU K 57 0.37 -17.89 -7.93
CA LEU K 57 -1.03 -17.49 -7.91
C LEU K 57 -1.63 -17.77 -9.28
N ASP K 58 -2.82 -18.38 -9.29
CA ASP K 58 -3.52 -18.69 -10.53
C ASP K 58 -4.80 -17.85 -10.57
N LEU K 59 -4.67 -16.63 -11.07
CA LEU K 59 -5.84 -15.78 -11.28
C LEU K 59 -6.70 -16.30 -12.44
N LYS K 60 -6.12 -17.05 -13.37
CA LYS K 60 -6.89 -17.66 -14.44
C LYS K 60 -7.97 -18.57 -13.88
N ASN K 61 -7.59 -19.47 -12.96
CA ASN K 61 -8.56 -20.40 -12.39
C ASN K 61 -9.61 -19.66 -11.56
N TYR K 62 -9.17 -18.74 -10.71
CA TYR K 62 -10.12 -18.02 -9.86
C TYR K 62 -11.13 -17.23 -10.67
N ILE K 63 -10.68 -16.54 -11.71
CA ILE K 63 -11.57 -15.70 -12.51
C ILE K 63 -12.54 -16.58 -13.31
N ASP K 64 -12.04 -17.66 -13.90
CA ASP K 64 -12.84 -18.51 -14.76
C ASP K 64 -13.56 -19.62 -14.00
N LYS K 65 -13.49 -19.63 -12.68
CA LYS K 65 -14.24 -20.58 -11.86
C LYS K 65 -15.20 -19.91 -10.89
N GLN K 66 -14.88 -18.70 -10.40
CA GLN K 66 -15.67 -18.03 -9.39
C GLN K 66 -16.15 -16.65 -9.79
N LEU K 67 -15.58 -16.04 -10.83
CA LEU K 67 -15.89 -14.66 -11.19
C LEU K 67 -16.61 -14.56 -12.53
N LEU K 68 -16.02 -15.09 -13.60
CA LEU K 68 -16.64 -15.00 -14.93
C LEU K 68 -17.98 -15.72 -15.01
N PRO K 69 -18.14 -16.95 -14.52
CA PRO K 69 -19.48 -17.59 -14.59
C PRO K 69 -20.55 -16.80 -13.85
N ILE K 70 -20.22 -16.20 -12.71
CA ILE K 70 -21.20 -15.41 -11.98
C ILE K 70 -21.49 -14.10 -12.71
N LEU K 71 -20.48 -13.50 -13.33
CA LEU K 71 -20.67 -12.23 -14.02
C LEU K 71 -21.60 -12.37 -15.21
N ASN K 72 -21.34 -13.36 -16.08
CA ASN K 72 -22.14 -13.55 -17.28
C ASN K 72 -23.25 -14.55 -16.99
N LYS K 73 -24.47 -14.03 -16.88
CA LYS K 73 -25.66 -14.86 -16.74
C LYS K 73 -26.82 -14.39 -17.60
N GLN K 74 -26.64 -13.28 -18.34
CA GLN K 74 -27.67 -12.52 -19.05
C GLN K 74 -28.55 -11.80 -18.04
N SER K 75 -28.37 -12.12 -16.76
CA SER K 75 -28.96 -11.37 -15.65
C SER K 75 -27.84 -11.14 -14.65
N CYS K 76 -27.36 -9.90 -14.56
CA CYS K 76 -26.17 -9.60 -13.80
C CYS K 76 -26.48 -9.49 -12.31
N SER K 77 -27.17 -10.47 -11.76
CA SER K 77 -27.28 -10.60 -10.32
C SER K 77 -26.01 -11.19 -9.72
N ILE K 78 -25.66 -10.69 -8.54
CA ILE K 78 -24.53 -11.20 -7.78
C ILE K 78 -25.00 -11.90 -6.51
N SER K 79 -26.06 -11.36 -5.89
CA SER K 79 -26.81 -12.02 -4.82
C SER K 79 -26.04 -12.17 -3.53
N ASN K 80 -24.80 -11.71 -3.51
CA ASN K 80 -23.94 -12.01 -2.39
C ASN K 80 -22.75 -11.07 -2.49
N ILE K 81 -22.57 -10.23 -1.47
CA ILE K 81 -21.50 -9.24 -1.49
C ILE K 81 -20.12 -9.88 -1.36
N GLU K 82 -20.01 -11.00 -0.63
CA GLU K 82 -18.74 -11.69 -0.39
C GLU K 82 -17.85 -11.78 -1.62
N THR K 83 -18.46 -11.99 -2.79
CA THR K 83 -17.70 -12.24 -4.01
C THR K 83 -16.74 -11.09 -4.31
N VAL K 84 -17.19 -9.85 -4.12
CA VAL K 84 -16.33 -8.70 -4.43
C VAL K 84 -15.15 -8.66 -3.46
N ILE K 85 -15.37 -9.06 -2.20
CA ILE K 85 -14.30 -9.03 -1.22
C ILE K 85 -13.28 -10.12 -1.53
N GLU K 86 -13.75 -11.30 -1.92
CA GLU K 86 -12.84 -12.39 -2.29
C GLU K 86 -12.01 -12.00 -3.51
N PHE K 87 -12.63 -11.30 -4.47
CA PHE K 87 -11.88 -10.80 -5.62
C PHE K 87 -10.78 -9.84 -5.17
N GLN K 88 -11.13 -8.84 -4.36
CA GLN K 88 -10.15 -7.87 -3.91
C GLN K 88 -9.07 -8.48 -3.03
N GLN K 89 -9.28 -9.71 -2.54
CA GLN K 89 -8.23 -10.44 -1.85
C GLN K 89 -7.29 -11.12 -2.84
N LYS K 90 -7.84 -11.88 -3.79
CA LYS K 90 -7.01 -12.51 -4.80
C LYS K 90 -6.35 -11.47 -5.70
N ASN K 91 -7.08 -10.41 -6.04
CA ASN K 91 -6.51 -9.31 -6.81
C ASN K 91 -5.42 -8.58 -6.04
N ASN K 92 -5.54 -8.56 -4.70
CA ASN K 92 -4.64 -7.76 -3.87
C ASN K 92 -3.18 -8.08 -4.15
N ARG K 93 -2.84 -9.37 -4.26
CA ARG K 93 -1.45 -9.77 -4.44
C ARG K 93 -0.85 -9.15 -5.70
N LEU K 94 -1.57 -9.23 -6.82
CA LEU K 94 -1.04 -8.70 -8.08
C LEU K 94 -0.88 -7.18 -8.02
N LEU K 95 -1.85 -6.49 -7.42
CA LEU K 95 -1.79 -5.03 -7.37
C LEU K 95 -0.59 -4.53 -6.58
N GLU K 96 -0.28 -5.19 -5.46
CA GLU K 96 0.86 -4.78 -4.65
C GLU K 96 2.16 -4.92 -5.42
N ILE K 97 2.32 -6.00 -6.18
CA ILE K 97 3.51 -6.19 -7.01
C ILE K 97 3.61 -5.09 -8.06
N THR K 98 2.47 -4.72 -8.65
CA THR K 98 2.48 -3.70 -9.69
C THR K 98 2.97 -2.36 -9.14
N ARG K 99 2.57 -2.02 -7.91
CA ARG K 99 2.99 -0.76 -7.32
C ARG K 99 4.50 -0.63 -7.30
N GLU K 100 5.19 -1.62 -6.75
CA GLU K 100 6.64 -1.55 -6.66
C GLU K 100 7.29 -1.57 -8.03
N PHE K 101 6.80 -2.44 -8.93
CA PHE K 101 7.38 -2.54 -10.26
C PHE K 101 7.17 -1.27 -11.06
N SER K 102 5.98 -0.65 -10.95
CA SER K 102 5.66 0.52 -11.74
C SER K 102 6.34 1.78 -11.23
N VAL K 103 7.04 1.73 -10.09
CA VAL K 103 7.76 2.85 -9.53
C VAL K 103 9.26 2.56 -9.41
N ASN K 104 9.72 1.41 -9.92
CA ASN K 104 11.12 1.04 -9.74
C ASN K 104 11.76 0.49 -11.01
N ALA K 105 11.17 0.73 -12.18
CA ALA K 105 11.71 0.28 -13.48
C ALA K 105 11.91 -1.22 -13.54
N GLY K 106 11.20 -1.99 -12.71
CA GLY K 106 11.39 -3.41 -12.67
C GLY K 106 12.54 -3.89 -11.82
N VAL K 107 13.16 -3.00 -11.03
CA VAL K 107 14.28 -3.35 -10.17
C VAL K 107 13.88 -2.99 -8.74
N THR K 108 13.46 -4.00 -7.97
CA THR K 108 13.03 -3.80 -6.59
C THR K 108 13.99 -4.53 -5.67
N THR K 109 14.60 -3.80 -4.74
CA THR K 109 15.45 -4.36 -3.71
C THR K 109 15.16 -3.63 -2.40
N PRO K 110 14.94 -4.36 -1.30
CA PRO K 110 14.87 -5.83 -1.19
C PRO K 110 13.59 -6.40 -1.80
N VAL K 111 13.51 -7.71 -1.97
CA VAL K 111 12.28 -8.33 -2.47
C VAL K 111 11.21 -8.25 -1.40
N SER K 112 10.05 -7.70 -1.76
CA SER K 112 9.00 -7.46 -0.79
C SER K 112 8.27 -8.76 -0.44
N THR K 113 7.49 -8.70 0.64
CA THR K 113 6.74 -9.88 1.08
C THR K 113 5.63 -10.25 0.09
N TYR K 114 4.97 -9.24 -0.50
CA TYR K 114 3.98 -9.53 -1.52
C TYR K 114 4.63 -10.02 -2.81
N MET K 115 5.82 -9.52 -3.12
CA MET K 115 6.55 -9.99 -4.29
C MET K 115 6.90 -11.46 -4.17
N LEU K 116 7.36 -11.87 -2.98
CA LEU K 116 7.75 -13.25 -2.73
C LEU K 116 7.64 -13.49 -1.24
N THR K 117 6.64 -14.28 -0.83
CA THR K 117 6.40 -14.50 0.59
C THR K 117 7.53 -15.30 1.21
N ASN K 118 7.68 -15.15 2.53
CA ASN K 118 8.76 -15.84 3.24
C ASN K 118 8.58 -17.35 3.21
N SER K 119 7.33 -17.83 3.23
CA SER K 119 7.10 -19.27 3.13
C SER K 119 7.59 -19.79 1.78
N GLU K 120 7.30 -19.07 0.70
CA GLU K 120 7.81 -19.46 -0.61
C GLU K 120 9.33 -19.36 -0.66
N LEU K 121 9.88 -18.31 -0.06
CA LEU K 121 11.34 -18.16 -0.02
C LEU K 121 12.00 -19.29 0.75
N LEU K 122 11.42 -19.69 1.88
CA LEU K 122 11.97 -20.80 2.65
C LEU K 122 11.91 -22.09 1.85
N SER K 123 10.83 -22.30 1.10
CA SER K 123 10.76 -23.46 0.22
C SER K 123 11.87 -23.42 -0.83
N LEU K 124 12.12 -22.24 -1.40
CA LEU K 124 13.21 -22.12 -2.37
C LEU K 124 14.55 -22.43 -1.73
N ILE K 125 14.76 -21.99 -0.48
CA ILE K 125 15.99 -22.29 0.22
C ILE K 125 16.16 -23.79 0.40
N ASN K 126 15.09 -24.48 0.79
CA ASN K 126 15.14 -25.92 1.01
C ASN K 126 15.31 -26.71 -0.27
N ASP K 127 15.15 -26.08 -1.44
CA ASP K 127 15.17 -26.79 -2.71
C ASP K 127 16.45 -26.63 -3.50
N MET K 128 17.20 -25.54 -3.29
CA MET K 128 18.44 -25.34 -4.03
C MET K 128 19.43 -26.47 -3.71
N PRO K 129 20.08 -27.05 -4.71
CA PRO K 129 21.07 -28.12 -4.44
C PRO K 129 22.39 -27.54 -3.94
N ILE K 130 22.39 -27.15 -2.67
CA ILE K 130 23.55 -26.55 -2.02
C ILE K 130 23.81 -27.30 -0.73
N THR K 131 24.95 -26.98 -0.11
CA THR K 131 25.33 -27.61 1.14
C THR K 131 24.31 -27.30 2.22
N ASN K 132 24.03 -28.28 3.09
CA ASN K 132 23.08 -28.08 4.16
C ASN K 132 23.50 -26.94 5.08
N ASP K 133 24.80 -26.65 5.14
CA ASP K 133 25.27 -25.47 5.85
C ASP K 133 24.71 -24.21 5.24
N GLN K 134 24.74 -24.12 3.90
CA GLN K 134 24.17 -22.96 3.22
C GLN K 134 22.66 -22.90 3.38
N LYS K 135 21.99 -24.06 3.33
CA LYS K 135 20.54 -24.08 3.54
C LYS K 135 20.18 -23.57 4.92
N LYS K 136 20.91 -24.00 5.94
CA LYS K 136 20.67 -23.50 7.29
C LYS K 136 20.99 -22.02 7.40
N LEU K 137 22.06 -21.56 6.73
CA LEU K 137 22.43 -20.15 6.77
C LEU K 137 21.33 -19.28 6.18
N MET K 138 20.85 -19.63 4.99
CA MET K 138 19.80 -18.84 4.34
C MET K 138 18.47 -18.96 5.06
N SER K 139 18.28 -20.01 5.86
CA SER K 139 17.06 -20.14 6.63
C SER K 139 17.03 -19.15 7.79
N ASN K 140 18.16 -18.99 8.48
CA ASN K 140 18.22 -18.15 9.68
C ASN K 140 18.34 -16.66 9.39
N ASN K 141 18.55 -16.28 8.12
CA ASN K 141 18.77 -14.89 7.75
C ASN K 141 17.93 -14.54 6.53
N VAL K 142 16.64 -14.87 6.57
CA VAL K 142 15.77 -14.68 5.41
C VAL K 142 15.68 -13.21 5.04
N GLN K 143 15.58 -12.32 6.04
CA GLN K 143 15.54 -10.89 5.74
C GLN K 143 16.87 -10.38 5.21
N ILE K 144 17.98 -11.00 5.65
CA ILE K 144 19.28 -10.67 5.07
C ILE K 144 19.35 -11.06 3.61
N VAL K 145 18.86 -12.25 3.28
CA VAL K 145 18.80 -12.67 1.89
C VAL K 145 17.91 -11.73 1.08
N ARG K 146 16.79 -11.31 1.68
CA ARG K 146 15.93 -10.31 1.03
C ARG K 146 16.71 -9.04 0.72
N GLN K 147 17.43 -8.52 1.71
CA GLN K 147 18.14 -7.25 1.55
C GLN K 147 19.28 -7.34 0.54
N GLN K 148 19.73 -8.55 0.21
CA GLN K 148 20.75 -8.75 -0.82
C GLN K 148 20.17 -9.48 -2.03
N SER K 149 18.89 -9.28 -2.30
CA SER K 149 18.20 -9.90 -3.43
C SER K 149 17.58 -8.83 -4.31
N TYR K 150 17.19 -9.25 -5.52
CA TYR K 150 16.57 -8.38 -6.49
C TYR K 150 15.34 -9.07 -7.08
N SER K 151 14.50 -8.27 -7.74
CA SER K 151 13.38 -8.77 -8.51
C SER K 151 13.36 -8.05 -9.84
N ILE K 152 13.26 -8.82 -10.94
CA ILE K 152 13.33 -8.27 -12.28
C ILE K 152 12.11 -8.74 -13.07
N MET K 153 11.40 -7.80 -13.68
CA MET K 153 10.14 -8.06 -14.37
C MET K 153 10.42 -8.42 -15.83
N CYS K 154 10.08 -9.65 -16.22
CA CYS K 154 10.47 -10.11 -17.56
C CYS K 154 9.42 -9.93 -18.66
N ILE K 155 8.28 -10.61 -18.56
CA ILE K 155 7.36 -10.72 -19.69
C ILE K 155 5.92 -10.88 -19.22
N ILE K 156 5.00 -10.67 -20.16
CA ILE K 156 3.56 -10.57 -19.91
C ILE K 156 2.82 -11.44 -20.91
N LYS K 157 3.50 -12.43 -21.48
CA LYS K 157 3.03 -13.04 -22.73
C LYS K 157 1.90 -14.03 -22.48
N GLU K 158 1.66 -14.93 -23.44
CA GLU K 158 0.33 -15.36 -23.88
C GLU K 158 -0.74 -15.32 -22.79
N GLU K 159 -0.53 -16.01 -21.68
CA GLU K 159 -1.52 -15.94 -20.61
C GLU K 159 -0.89 -16.02 -19.24
N VAL K 160 0.35 -15.53 -19.09
CA VAL K 160 1.04 -15.67 -17.81
C VAL K 160 2.05 -14.55 -17.66
N LEU K 161 2.08 -13.96 -16.47
CA LEU K 161 3.12 -13.03 -16.07
C LEU K 161 4.26 -13.77 -15.41
N ALA K 162 5.50 -13.41 -15.76
CA ALA K 162 6.68 -14.03 -15.16
C ALA K 162 7.74 -12.97 -14.91
N TYR K 163 8.42 -13.09 -13.77
CA TYR K 163 9.49 -12.18 -13.40
C TYR K 163 10.55 -12.97 -12.64
N VAL K 164 11.74 -12.40 -12.56
CA VAL K 164 12.93 -13.10 -12.07
C VAL K 164 13.23 -12.68 -10.65
N VAL K 165 13.44 -13.67 -9.77
CA VAL K 165 13.98 -13.44 -8.44
C VAL K 165 15.44 -13.86 -8.45
N GLN K 166 16.34 -12.93 -8.16
CA GLN K 166 17.78 -13.18 -8.19
C GLN K 166 18.29 -13.26 -6.75
N LEU K 167 18.27 -14.46 -6.20
CA LEU K 167 18.76 -14.70 -4.85
C LEU K 167 20.28 -14.83 -4.84
N PRO K 168 20.93 -14.48 -3.74
CA PRO K 168 22.38 -14.70 -3.63
C PRO K 168 22.69 -16.06 -3.00
N LEU K 169 23.71 -16.71 -3.53
CA LEU K 169 24.21 -17.97 -2.97
C LEU K 169 25.64 -17.74 -2.48
N TYR K 170 25.84 -17.85 -1.16
CA TYR K 170 27.09 -17.47 -0.54
C TYR K 170 28.11 -18.59 -0.66
N GLY K 171 29.24 -18.32 -1.31
CA GLY K 171 30.26 -19.33 -1.52
C GLY K 171 31.43 -19.26 -0.55
N VAL K 172 31.55 -18.15 0.18
CA VAL K 172 32.61 -17.96 1.16
C VAL K 172 31.94 -17.60 2.48
N ILE K 173 32.02 -18.50 3.46
CA ILE K 173 31.36 -18.32 4.74
C ILE K 173 32.31 -18.74 5.86
N ASP K 174 32.14 -18.11 7.03
CA ASP K 174 32.82 -18.53 8.27
C ASP K 174 34.35 -18.48 8.12
N THR K 175 34.84 -17.39 7.55
CA THR K 175 36.26 -17.16 7.42
C THR K 175 36.67 -15.95 8.24
N PRO K 176 37.94 -15.85 8.67
CA PRO K 176 38.34 -14.69 9.49
C PRO K 176 38.11 -13.38 8.76
N CYS K 177 37.49 -12.43 9.47
CA CYS K 177 37.16 -11.13 8.90
C CYS K 177 37.24 -10.08 10.00
N TRP K 178 37.52 -8.84 9.61
CA TRP K 178 37.66 -7.77 10.57
C TRP K 178 37.33 -6.43 9.92
N LYS K 179 37.08 -5.44 10.77
CA LYS K 179 36.75 -4.08 10.35
C LYS K 179 37.86 -3.13 10.78
N LEU K 180 38.10 -2.10 9.98
CA LEU K 180 39.16 -1.13 10.24
C LEU K 180 38.60 0.28 10.11
N HIS K 181 38.63 1.04 11.20
CA HIS K 181 38.26 2.45 11.21
C HIS K 181 39.52 3.30 11.32
N THR K 182 39.56 4.39 10.56
CA THR K 182 40.68 5.31 10.59
C THR K 182 40.18 6.72 10.89
N SER K 183 41.03 7.50 11.54
CA SER K 183 40.76 8.88 11.89
C SER K 183 41.97 9.74 11.55
N PRO K 184 41.78 11.01 11.23
CA PRO K 184 42.92 11.86 10.87
C PRO K 184 43.89 12.01 12.03
N LEU K 185 45.18 11.86 11.72
CA LEU K 185 46.27 12.02 12.68
C LEU K 185 47.09 13.24 12.28
N CYS K 186 47.21 14.20 13.19
CA CYS K 186 47.81 15.48 12.89
C CYS K 186 48.86 15.83 13.94
N THR K 187 49.60 16.90 13.67
CA THR K 187 50.53 17.47 14.63
C THR K 187 49.84 18.52 15.48
N THR K 188 50.20 18.56 16.76
CA THR K 188 49.59 19.45 17.73
C THR K 188 50.58 20.50 18.24
N ASN K 189 51.41 21.03 17.35
CA ASN K 189 52.36 22.06 17.73
C ASN K 189 51.63 23.35 18.10
N THR K 190 52.28 24.16 18.94
CA THR K 190 51.65 25.35 19.49
C THR K 190 51.32 26.40 18.43
N LYS K 191 51.98 26.36 17.28
CA LYS K 191 51.68 27.32 16.22
C LYS K 191 50.33 27.01 15.58
N GLU K 192 49.60 28.06 15.22
CA GLU K 192 48.27 27.88 14.64
C GLU K 192 48.38 27.29 13.23
N GLY K 193 49.24 27.86 12.39
CA GLY K 193 49.49 27.33 11.07
C GLY K 193 50.62 26.33 11.06
N SER K 194 51.09 26.02 9.86
CA SER K 194 52.23 25.13 9.64
C SER K 194 52.00 23.73 10.20
N ASN K 195 50.74 23.37 10.47
CA ASN K 195 50.42 22.06 11.00
C ASN K 195 50.52 21.01 9.90
N ILE K 196 50.71 19.76 10.33
CA ILE K 196 50.85 18.63 9.42
C ILE K 196 49.82 17.58 9.82
N CYS K 197 49.10 17.04 8.82
CA CYS K 197 48.09 16.02 9.05
C CYS K 197 48.37 14.80 8.18
N LEU K 198 48.08 13.62 8.71
CA LEU K 198 48.34 12.36 8.02
C LEU K 198 47.24 11.37 8.37
N THR K 199 46.68 10.72 7.36
CA THR K 199 45.53 9.84 7.56
C THR K 199 45.66 8.60 6.70
N ARG K 200 45.29 7.45 7.27
CA ARG K 200 45.20 6.21 6.52
C ARG K 200 43.95 6.21 5.65
N THR K 201 44.11 5.82 4.39
CA THR K 201 43.01 5.82 3.43
C THR K 201 42.38 4.46 3.24
N ASP K 202 43.02 3.39 3.71
CA ASP K 202 42.53 2.03 3.49
C ASP K 202 41.56 1.61 4.60
N ARG K 203 40.49 2.40 4.75
CA ARG K 203 39.45 2.12 5.72
C ARG K 203 38.38 1.23 5.12
N GLY K 204 37.82 0.36 5.95
CA GLY K 204 36.71 -0.47 5.54
C GLY K 204 36.82 -1.87 6.12
N TRP K 205 36.15 -2.81 5.45
CA TRP K 205 36.09 -4.19 5.90
C TRP K 205 37.17 -5.01 5.20
N TYR K 206 37.75 -5.96 5.93
CA TYR K 206 38.77 -6.86 5.41
C TYR K 206 38.37 -8.30 5.71
N CYS K 207 38.04 -9.06 4.68
CA CYS K 207 37.62 -10.44 4.81
C CYS K 207 38.63 -11.35 4.14
N ASP K 208 39.23 -12.27 4.92
CA ASP K 208 40.10 -13.29 4.37
C ASP K 208 39.24 -14.39 3.76
N ASN K 209 39.38 -14.63 2.46
CA ASN K 209 38.55 -15.65 1.84
C ASN K 209 39.33 -16.78 1.18
N ALA K 210 40.32 -16.48 0.33
CA ALA K 210 41.08 -17.54 -0.32
C ALA K 210 42.49 -17.02 -0.62
N GLY K 211 43.41 -17.25 0.31
CA GLY K 211 44.80 -16.89 0.11
C GLY K 211 45.05 -15.40 0.17
N SER K 212 44.02 -14.62 -0.10
CA SER K 212 44.06 -13.17 -0.12
C SER K 212 42.88 -12.63 0.66
N VAL K 213 42.72 -11.31 0.64
CA VAL K 213 41.69 -10.64 1.43
C VAL K 213 40.84 -9.79 0.50
N SER K 214 39.52 -9.92 0.62
CA SER K 214 38.58 -9.05 -0.07
C SER K 214 38.37 -7.80 0.77
N PHE K 215 38.55 -6.63 0.16
CA PHE K 215 38.50 -5.36 0.86
C PHE K 215 37.28 -4.58 0.38
N PHE K 216 36.43 -4.17 1.31
CA PHE K 216 35.22 -3.42 1.00
C PHE K 216 35.35 -2.01 1.53
N PRO K 217 35.43 -0.99 0.66
CA PRO K 217 35.70 0.37 1.16
C PRO K 217 34.50 1.07 1.77
N GLN K 218 33.29 0.62 1.50
CA GLN K 218 32.08 1.26 2.00
C GLN K 218 31.51 0.45 3.16
N ALA K 219 31.28 1.12 4.28
CA ALA K 219 30.66 0.46 5.44
C ALA K 219 29.19 0.18 5.24
N GLU K 220 28.56 0.76 4.22
CA GLU K 220 27.15 0.52 3.97
C GLU K 220 26.91 -0.73 3.15
N THR K 221 27.83 -1.07 2.24
CA THR K 221 27.61 -2.20 1.35
C THR K 221 27.65 -3.54 2.09
N CYS K 222 28.19 -3.57 3.30
CA CYS K 222 28.25 -4.77 4.11
C CYS K 222 27.35 -4.60 5.34
N LYS K 223 26.40 -5.52 5.50
CA LYS K 223 25.50 -5.54 6.63
C LYS K 223 25.97 -6.58 7.64
N VAL K 224 25.71 -6.30 8.93
CA VAL K 224 26.22 -7.11 10.04
C VAL K 224 25.05 -7.58 10.87
N GLN K 225 25.01 -8.88 11.19
CA GLN K 225 24.06 -9.43 12.15
C GLN K 225 24.83 -10.16 13.25
N SER K 226 25.39 -9.38 14.17
CA SER K 226 25.83 -9.78 15.50
C SER K 226 26.96 -10.81 15.50
N ASN K 227 27.15 -11.51 14.38
CA ASN K 227 28.36 -12.28 14.12
C ASN K 227 28.79 -12.26 12.66
N ARG K 228 27.88 -12.03 11.72
CA ARG K 228 28.12 -12.26 10.30
C ARG K 228 28.25 -10.93 9.59
N VAL K 229 29.19 -10.87 8.66
CA VAL K 229 29.39 -9.69 7.82
C VAL K 229 28.98 -10.08 6.41
N PHE K 230 27.75 -9.73 6.05
CA PHE K 230 27.22 -10.03 4.72
C PHE K 230 27.72 -8.99 3.73
N CYS K 231 28.53 -9.44 2.77
CA CYS K 231 29.16 -8.55 1.80
C CYS K 231 28.90 -9.05 0.39
N ASP K 232 29.17 -8.20 -0.58
CA ASP K 232 29.04 -8.53 -2.00
C ASP K 232 30.42 -8.49 -2.63
N THR K 233 30.82 -9.62 -3.23
CA THR K 233 32.18 -9.75 -3.74
C THR K 233 32.42 -8.91 -4.99
N MET K 234 31.37 -8.51 -5.71
CA MET K 234 31.57 -7.78 -6.96
C MET K 234 32.10 -6.38 -6.71
N ASN K 235 31.61 -5.71 -5.67
CA ASN K 235 32.13 -4.40 -5.29
C ASN K 235 33.24 -4.50 -4.24
N SER K 236 34.22 -5.35 -4.52
CA SER K 236 35.31 -5.60 -3.58
C SER K 236 36.63 -5.59 -4.32
N LEU K 237 37.70 -5.30 -3.59
CA LEU K 237 39.05 -5.40 -4.09
C LEU K 237 39.72 -6.63 -3.51
N THR K 238 40.66 -7.19 -4.27
CA THR K 238 41.38 -8.40 -3.88
C THR K 238 42.83 -8.02 -3.66
N LEU K 239 43.29 -8.13 -2.41
CA LEU K 239 44.61 -7.67 -2.03
C LEU K 239 45.37 -8.79 -1.31
N PRO K 240 46.69 -8.78 -1.37
CA PRO K 240 47.46 -9.78 -0.62
C PRO K 240 47.26 -9.62 0.89
N SER K 241 47.52 -10.71 1.62
CA SER K 241 47.31 -10.73 3.06
C SER K 241 48.24 -9.77 3.81
N GLU K 242 49.29 -9.25 3.16
CA GLU K 242 50.22 -8.34 3.80
C GLU K 242 49.61 -6.97 4.10
N VAL K 243 48.40 -6.69 3.62
CA VAL K 243 47.72 -5.46 4.01
C VAL K 243 47.44 -5.45 5.50
N ASN K 244 47.29 -6.63 6.11
CA ASN K 244 47.13 -6.71 7.56
C ASN K 244 48.36 -6.17 8.27
N LEU K 245 49.53 -6.24 7.63
CA LEU K 245 50.74 -5.68 8.23
C LEU K 245 50.60 -4.17 8.44
N CYS K 246 49.81 -3.50 7.60
CA CYS K 246 49.64 -2.06 7.72
C CYS K 246 49.02 -1.65 9.04
N ASN K 247 48.30 -2.55 9.71
CA ASN K 247 47.72 -2.23 11.01
C ASN K 247 48.76 -2.23 12.11
N VAL K 248 49.77 -3.11 12.04
CA VAL K 248 50.76 -3.21 13.09
C VAL K 248 52.02 -2.42 12.72
N ASP K 249 52.60 -2.71 11.56
CA ASP K 249 53.82 -2.05 11.09
C ASP K 249 53.53 -1.41 9.75
N ILE K 250 53.36 -0.08 9.74
CA ILE K 250 53.00 0.62 8.51
C ILE K 250 54.18 0.92 7.61
N PHE K 251 55.40 0.81 8.12
CA PHE K 251 56.60 1.02 7.33
C PHE K 251 57.19 -0.29 6.79
N ASN K 252 56.38 -1.34 6.74
CA ASN K 252 56.89 -2.64 6.31
C ASN K 252 57.34 -2.59 4.86
N PRO K 253 58.44 -3.25 4.50
CA PRO K 253 58.91 -3.23 3.11
C PRO K 253 58.15 -4.18 2.19
N LYS K 254 57.40 -5.14 2.74
CA LYS K 254 56.73 -6.14 1.91
C LYS K 254 55.46 -5.61 1.27
N TYR K 255 54.90 -4.51 1.77
CA TYR K 255 53.71 -3.92 1.17
C TYR K 255 53.74 -2.42 1.39
N ASP K 256 53.05 -1.70 0.51
CA ASP K 256 53.01 -0.23 0.52
C ASP K 256 51.64 0.21 0.99
N CYS K 257 51.56 0.75 2.21
CA CYS K 257 50.29 1.17 2.79
C CYS K 257 49.90 2.54 2.26
N LYS K 258 48.67 2.64 1.76
CA LYS K 258 48.19 3.89 1.18
C LYS K 258 47.74 4.85 2.27
N ILE K 259 48.14 6.12 2.15
CA ILE K 259 47.85 7.16 3.12
C ILE K 259 47.51 8.45 2.37
N MET K 260 47.16 9.48 3.13
CA MET K 260 46.92 10.80 2.58
C MET K 260 47.49 11.84 3.53
N THR K 261 47.89 12.98 2.97
CA THR K 261 48.46 14.07 3.75
C THR K 261 47.64 15.33 3.54
N SER K 262 47.55 16.15 4.58
CA SER K 262 46.78 17.38 4.52
C SER K 262 47.35 18.37 5.52
N LYS K 263 47.00 19.64 5.31
CA LYS K 263 47.16 20.66 6.34
C LYS K 263 45.82 20.97 7.02
N THR K 264 44.85 20.05 6.87
CA THR K 264 43.50 20.24 7.38
C THR K 264 43.47 19.93 8.87
N ASP K 265 43.82 20.94 9.66
CA ASP K 265 43.83 20.81 11.11
C ASP K 265 42.41 20.82 11.64
N VAL K 266 41.76 19.66 11.66
CA VAL K 266 40.35 19.54 12.00
C VAL K 266 40.17 18.44 13.04
N SER K 267 39.39 18.73 14.08
CA SER K 267 39.06 17.75 15.10
C SER K 267 37.79 17.00 14.72
N SER K 268 37.74 15.71 15.07
CA SER K 268 36.60 14.86 14.69
C SER K 268 36.56 13.66 15.62
N SER K 269 35.55 12.81 15.42
CA SER K 269 35.39 11.58 16.19
C SER K 269 34.96 10.46 15.24
N VAL K 270 35.37 9.24 15.59
CA VAL K 270 35.04 8.05 14.82
C VAL K 270 34.55 6.99 15.80
N ILE K 271 33.29 6.61 15.69
CA ILE K 271 32.73 5.56 16.55
C ILE K 271 33.04 4.21 15.96
N THR K 272 33.75 3.37 16.70
CA THR K 272 34.06 2.02 16.30
C THR K 272 33.05 1.06 16.91
N SER K 273 33.30 -0.25 16.75
CA SER K 273 32.36 -1.25 17.23
C SER K 273 32.31 -1.31 18.76
N LEU K 274 33.48 -1.21 19.40
CA LEU K 274 33.59 -1.40 20.85
C LEU K 274 34.23 -0.20 21.53
N GLY K 275 34.10 0.99 20.94
CA GLY K 275 34.70 2.17 21.53
C GLY K 275 34.57 3.36 20.59
N ALA K 276 35.48 4.31 20.75
CA ALA K 276 35.47 5.52 19.96
C ALA K 276 36.89 6.09 19.86
N ILE K 277 37.22 6.62 18.69
CA ILE K 277 38.48 7.30 18.45
C ILE K 277 38.20 8.79 18.35
N VAL K 278 39.01 9.59 19.03
CA VAL K 278 38.87 11.04 19.04
C VAL K 278 40.16 11.66 18.54
N SER K 279 40.05 12.51 17.52
CA SER K 279 41.16 13.32 17.03
C SER K 279 40.88 14.76 17.47
N CYS K 280 41.64 15.24 18.44
CA CYS K 280 41.43 16.55 19.04
C CYS K 280 42.59 17.45 18.67
N TYR K 281 42.30 18.59 18.03
CA TYR K 281 43.31 19.51 17.57
C TYR K 281 42.85 20.94 17.81
N GLY K 282 43.83 21.85 17.90
CA GLY K 282 43.53 23.24 18.16
C GLY K 282 42.98 23.43 19.57
N LYS K 283 42.11 24.44 19.70
CA LYS K 283 41.46 24.75 20.97
C LYS K 283 40.06 24.15 21.06
N THR K 284 39.85 22.99 20.43
CA THR K 284 38.55 22.34 20.44
C THR K 284 38.36 21.52 21.72
N LYS K 285 37.15 21.55 22.25
CA LYS K 285 36.81 20.76 23.42
C LYS K 285 36.46 19.33 23.01
N CYS K 286 37.07 18.37 23.69
CA CYS K 286 36.82 16.95 23.45
C CYS K 286 36.58 16.28 24.79
N THR K 287 35.43 15.62 24.93
CA THR K 287 35.02 15.08 26.22
C THR K 287 34.39 13.71 26.04
N ALA K 288 34.80 12.76 26.88
CA ALA K 288 34.12 11.47 27.02
C ALA K 288 33.27 11.52 28.28
N SER K 289 31.98 11.22 28.14
CA SER K 289 31.03 11.41 29.23
C SER K 289 30.27 10.11 29.50
N ASN K 290 29.79 9.98 30.74
CA ASN K 290 28.98 8.84 31.16
C ASN K 290 27.59 9.33 31.54
N LYS K 291 26.58 8.48 31.29
CA LYS K 291 25.21 8.89 31.52
C LYS K 291 24.90 9.05 33.01
N ASN K 292 25.57 8.29 33.87
CA ASN K 292 25.28 8.32 35.30
C ASN K 292 26.11 9.37 36.03
N ARG K 293 27.43 9.34 35.86
CA ARG K 293 28.31 10.24 36.60
C ARG K 293 28.45 11.60 35.91
N GLY K 294 28.53 11.63 34.58
CA GLY K 294 28.69 12.86 33.84
C GLY K 294 30.01 12.86 33.07
N ILE K 295 30.69 14.01 33.09
CA ILE K 295 31.98 14.14 32.43
C ILE K 295 32.99 13.28 33.18
N ILE K 296 33.66 12.37 32.45
CA ILE K 296 34.59 11.45 33.07
C ILE K 296 36.00 11.55 32.51
N LYS K 297 36.21 12.13 31.33
CA LYS K 297 37.57 12.33 30.83
C LYS K 297 37.60 13.51 29.87
N THR K 298 38.71 14.26 29.91
CA THR K 298 39.03 15.29 28.94
C THR K 298 40.20 14.82 28.08
N PHE K 299 40.17 15.20 26.81
CA PHE K 299 41.15 14.75 25.84
C PHE K 299 42.24 15.80 25.65
N SER K 300 43.49 15.37 25.70
CA SER K 300 44.63 16.29 25.65
C SER K 300 45.20 16.38 24.23
N ASN K 301 44.37 16.84 23.30
CA ASN K 301 44.79 17.28 21.97
C ASN K 301 45.66 16.23 21.26
N GLY K 302 45.03 15.09 20.94
CA GLY K 302 45.75 14.07 20.21
C GLY K 302 44.82 12.97 19.73
N CYS K 303 45.43 11.95 19.14
CA CYS K 303 44.70 10.75 18.71
C CYS K 303 44.49 9.86 19.93
N ASP K 304 43.26 9.76 20.39
CA ASP K 304 42.93 8.99 21.59
C ASP K 304 41.84 7.98 21.26
N TYR K 305 41.76 6.95 22.09
CA TYR K 305 40.70 5.95 22.01
C TYR K 305 40.25 5.61 23.41
N VAL K 306 38.94 5.44 23.59
CA VAL K 306 38.35 5.08 24.88
C VAL K 306 37.42 3.90 24.67
N SER K 307 37.45 2.96 25.62
CA SER K 307 36.60 1.79 25.55
C SER K 307 35.15 2.17 25.83
N ASN K 308 34.23 1.32 25.34
CA ASN K 308 32.81 1.56 25.48
C ASN K 308 32.24 1.05 26.79
N LYS K 309 33.05 0.44 27.65
CA LYS K 309 32.57 -0.14 28.89
C LYS K 309 32.00 0.90 29.84
N GLY K 310 32.85 1.82 30.31
CA GLY K 310 32.44 2.85 31.23
C GLY K 310 32.06 4.16 30.59
N VAL K 311 32.01 4.24 29.27
CA VAL K 311 31.71 5.46 28.54
C VAL K 311 30.46 5.25 27.71
N ASP K 312 29.59 6.25 27.70
CA ASP K 312 28.30 6.15 27.01
C ASP K 312 28.10 7.19 25.92
N THR K 313 28.84 8.30 25.93
CA THR K 313 28.72 9.30 24.89
C THR K 313 30.04 10.06 24.76
N VAL K 314 30.24 10.65 23.59
CA VAL K 314 31.39 11.49 23.30
C VAL K 314 30.91 12.80 22.70
N SER K 315 31.48 13.90 23.16
CA SER K 315 31.13 15.23 22.65
C SER K 315 32.42 15.95 22.25
N VAL K 316 32.52 16.28 20.96
CA VAL K 316 33.64 17.06 20.44
C VAL K 316 33.07 18.32 19.80
N GLY K 317 33.48 19.48 20.32
CA GLY K 317 32.92 20.73 19.87
C GLY K 317 31.42 20.80 20.13
N ASN K 318 30.63 20.73 19.06
CA ASN K 318 29.18 20.72 19.15
C ASN K 318 28.57 19.41 18.67
N THR K 319 29.38 18.44 18.30
CA THR K 319 28.90 17.17 17.78
C THR K 319 28.78 16.15 18.92
N LEU K 320 27.60 15.55 19.04
CA LEU K 320 27.32 14.57 20.07
C LEU K 320 27.24 13.19 19.43
N TYR K 321 28.15 12.30 19.82
CA TYR K 321 28.23 10.95 19.28
C TYR K 321 27.84 9.93 20.35
N TYR K 322 27.01 8.96 19.97
CA TYR K 322 26.54 7.93 20.87
C TYR K 322 27.34 6.66 20.63
N VAL K 323 27.94 6.13 21.70
CA VAL K 323 28.83 4.97 21.57
C VAL K 323 28.00 3.70 21.52
N ASN K 324 28.54 2.69 20.83
CA ASN K 324 27.90 1.38 20.76
C ASN K 324 28.13 0.63 22.06
N LYS K 325 27.07 0.01 22.59
CA LYS K 325 27.13 -0.68 23.87
C LYS K 325 27.30 -2.19 23.73
N GLN K 326 28.01 -2.64 22.70
CA GLN K 326 28.32 -4.05 22.59
C GLN K 326 29.37 -4.45 23.62
N GLU K 327 29.47 -5.75 23.86
CA GLU K 327 30.43 -6.30 24.82
C GLU K 327 31.59 -6.94 24.07
N GLY K 328 32.75 -6.89 24.68
CA GLY K 328 33.97 -7.45 24.09
C GLY K 328 35.19 -6.66 24.52
N LYS K 329 36.32 -7.35 24.58
CA LYS K 329 37.55 -6.76 25.08
C LYS K 329 38.09 -5.73 24.10
N SER K 330 38.61 -4.62 24.64
CA SER K 330 39.23 -3.57 23.85
C SER K 330 40.67 -3.39 24.33
N LEU K 331 41.61 -3.40 23.39
CA LEU K 331 43.03 -3.37 23.70
C LEU K 331 43.64 -2.08 23.17
N TYR K 332 44.26 -1.31 24.07
CA TYR K 332 44.98 -0.10 23.70
C TYR K 332 46.45 -0.44 23.53
N VAL K 333 46.96 -0.31 22.31
CA VAL K 333 48.36 -0.57 22.01
C VAL K 333 49.07 0.76 21.88
N LYS K 334 50.00 1.03 22.80
CA LYS K 334 50.71 2.29 22.78
C LYS K 334 51.77 2.29 21.69
N GLY K 335 52.26 3.49 21.38
CA GLY K 335 53.21 3.70 20.30
C GLY K 335 53.09 5.11 19.77
N GLU K 336 54.22 5.76 19.51
CA GLU K 336 54.19 7.15 19.11
C GLU K 336 53.54 7.29 17.74
N PRO K 337 52.73 8.34 17.54
CA PRO K 337 52.13 8.56 16.21
C PRO K 337 53.19 8.72 15.14
N ILE K 338 52.88 8.20 13.95
CA ILE K 338 53.84 8.17 12.85
C ILE K 338 54.20 9.57 12.38
N ILE K 339 53.28 10.52 12.51
CA ILE K 339 53.44 11.84 11.92
C ILE K 339 54.65 12.59 12.47
N ASN K 340 55.15 12.21 13.64
CA ASN K 340 56.29 12.88 14.24
C ASN K 340 57.61 12.55 13.55
N PHE K 341 57.62 11.58 12.63
CA PHE K 341 58.85 11.15 11.97
C PHE K 341 59.19 11.98 10.73
N TYR K 342 58.41 13.02 10.44
CA TYR K 342 58.66 13.89 9.30
C TYR K 342 58.74 15.34 9.75
N ASP K 343 59.55 16.12 9.05
CA ASP K 343 59.71 17.52 9.38
C ASP K 343 58.97 18.42 8.39
N PRO K 344 58.43 19.54 8.85
CA PRO K 344 57.70 20.45 7.94
C PRO K 344 58.65 21.11 6.96
N LEU K 345 58.02 21.75 5.94
CA LEU K 345 58.69 22.45 4.85
C LEU K 345 59.41 21.48 3.92
N VAL K 346 59.42 20.20 4.30
CA VAL K 346 59.82 19.12 3.42
C VAL K 346 58.72 18.09 3.25
N PHE K 347 57.69 18.14 4.09
CA PHE K 347 56.58 17.19 4.04
C PHE K 347 55.58 17.62 2.97
N PRO K 348 55.29 16.78 1.99
CA PRO K 348 54.25 17.13 1.00
C PRO K 348 52.87 17.09 1.65
N SER K 349 52.20 18.24 1.65
CA SER K 349 50.98 18.42 2.42
C SER K 349 49.71 18.26 1.61
N ASP K 350 49.79 17.89 0.33
CA ASP K 350 48.60 17.64 -0.49
C ASP K 350 48.77 16.30 -1.20
N GLU K 351 48.43 15.23 -0.50
CA GLU K 351 48.39 13.88 -1.05
C GLU K 351 47.09 13.24 -0.64
N PHE K 352 46.50 12.43 -1.53
CA PHE K 352 45.15 11.94 -1.29
C PHE K 352 45.06 10.43 -1.44
N ASP K 353 45.90 9.84 -2.30
CA ASP K 353 45.97 8.39 -2.43
C ASP K 353 47.40 7.90 -2.39
N ALA K 354 48.32 8.69 -1.83
CA ALA K 354 49.72 8.33 -1.80
C ALA K 354 49.96 7.19 -0.81
N SER K 355 51.22 6.82 -0.64
CA SER K 355 51.60 5.72 0.22
C SER K 355 52.89 6.08 0.95
N ILE K 356 53.33 5.16 1.83
CA ILE K 356 54.56 5.38 2.58
C ILE K 356 55.75 5.51 1.64
N SER K 357 55.85 4.59 0.67
CA SER K 357 56.95 4.63 -0.28
C SER K 357 56.88 5.87 -1.16
N GLN K 358 55.66 6.27 -1.55
CA GLN K 358 55.51 7.44 -2.40
C GLN K 358 55.98 8.70 -1.69
N VAL K 359 55.48 8.95 -0.48
CA VAL K 359 55.84 10.15 0.25
C VAL K 359 57.33 10.14 0.59
N ASN K 360 57.85 8.98 0.98
CA ASN K 360 59.28 8.88 1.30
C ASN K 360 60.13 9.18 0.08
N GLU K 361 59.72 8.70 -1.10
CA GLU K 361 60.47 8.98 -2.31
C GLU K 361 60.42 10.47 -2.66
N LYS K 362 59.25 11.10 -2.49
CA LYS K 362 59.15 12.53 -2.76
C LYS K 362 60.01 13.35 -1.80
N ILE K 363 59.99 12.97 -0.52
CA ILE K 363 60.86 13.63 0.45
C ILE K 363 62.32 13.37 0.13
N ASN K 364 62.64 12.14 -0.29
CA ASN K 364 64.00 11.83 -0.72
C ASN K 364 64.40 12.65 -1.94
N GLN K 365 63.49 12.80 -2.90
CA GLN K 365 63.78 13.63 -4.06
C GLN K 365 63.95 15.09 -3.68
N SER K 366 63.11 15.59 -2.78
CA SER K 366 63.26 16.96 -2.29
C SER K 366 64.56 17.11 -1.50
N LEU K 367 64.92 16.09 -0.71
CA LEU K 367 66.17 16.13 0.03
C LEU K 367 67.37 16.11 -0.91
N ALA K 368 67.28 15.38 -2.01
CA ALA K 368 68.34 15.40 -3.02
C ALA K 368 68.49 16.79 -3.62
N PHE K 369 67.37 17.47 -3.87
CA PHE K 369 67.42 18.86 -4.32
C PHE K 369 68.13 19.72 -3.28
N ILE K 370 67.71 19.64 -2.01
CA ILE K 370 68.28 20.49 -0.98
C ILE K 370 69.77 20.25 -0.83
N ARG K 371 70.19 18.97 -0.92
CA ARG K 371 71.60 18.65 -0.77
C ARG K 371 72.41 19.02 -2.01
N LYS K 372 71.89 18.74 -3.20
CA LYS K 372 72.65 18.99 -4.42
C LYS K 372 72.62 20.46 -4.86
N SER K 373 71.73 21.27 -4.31
CA SER K 373 71.75 22.70 -4.53
C SER K 373 72.64 23.43 -3.52
N ASP K 374 73.18 22.71 -2.55
CA ASP K 374 74.11 23.27 -1.57
C ASP K 374 75.53 22.72 -1.71
N GLU K 375 75.68 21.49 -2.21
CA GLU K 375 77.01 20.99 -2.52
C GLU K 375 77.67 21.80 -3.62
N LEU K 376 76.88 22.43 -4.47
CA LEU K 376 77.38 23.23 -5.58
C LEU K 376 77.62 24.68 -5.19
N LEU K 377 76.92 25.19 -4.18
CA LEU K 377 77.10 26.55 -3.71
C LEU K 377 78.12 26.60 -2.57
N PHE L 1 34.65 9.15 -11.52
CA PHE L 1 35.64 10.18 -11.31
C PHE L 1 35.04 11.58 -11.46
N LEU L 2 34.89 12.04 -12.70
CA LEU L 2 34.32 13.35 -12.96
C LEU L 2 32.88 13.41 -12.50
N GLY L 3 32.41 14.63 -12.23
CA GLY L 3 31.08 14.85 -11.70
C GLY L 3 31.04 16.00 -10.70
N PHE L 4 32.21 16.35 -10.17
CA PHE L 4 32.32 17.50 -9.27
C PHE L 4 32.19 18.83 -10.01
N LEU L 5 32.29 18.83 -11.33
CA LEU L 5 32.32 20.06 -12.14
C LEU L 5 30.93 20.52 -12.57
N LEU L 6 29.88 19.77 -12.25
CA LEU L 6 28.59 19.98 -12.90
C LEU L 6 27.92 21.27 -12.44
N GLY L 7 28.09 21.62 -11.17
CA GLY L 7 27.35 22.78 -10.70
C GLY L 7 25.96 22.39 -10.24
N VAL L 8 25.45 23.15 -9.27
CA VAL L 8 24.21 22.81 -8.59
C VAL L 8 23.04 23.49 -9.28
N GLY L 9 21.87 22.86 -9.16
CA GLY L 9 20.63 23.40 -9.69
C GLY L 9 19.46 22.79 -8.97
N SER L 10 18.33 23.49 -9.03
CA SER L 10 17.11 23.07 -8.35
C SER L 10 16.27 22.23 -9.31
N ALA L 11 16.05 20.97 -8.95
CA ALA L 11 15.29 20.08 -9.82
C ALA L 11 13.80 20.39 -9.79
N ILE L 12 13.31 20.98 -8.71
CA ILE L 12 11.90 21.28 -8.56
C ILE L 12 11.65 22.79 -8.58
N ALA L 13 12.55 23.56 -9.19
CA ALA L 13 12.41 25.01 -9.20
C ALA L 13 11.15 25.45 -9.94
N SER L 14 10.87 24.84 -11.09
CA SER L 14 9.67 25.20 -11.84
C SER L 14 8.41 24.83 -11.06
N GLY L 15 8.40 23.65 -10.44
CA GLY L 15 7.27 23.28 -9.59
C GLY L 15 7.14 24.18 -8.37
N VAL L 16 8.26 24.64 -7.83
CA VAL L 16 8.22 25.61 -6.73
C VAL L 16 7.55 26.90 -7.17
N ALA L 17 7.91 27.37 -8.38
CA ALA L 17 7.29 28.59 -8.90
C ALA L 17 5.79 28.42 -9.09
N VAL L 18 5.36 27.27 -9.60
CA VAL L 18 3.93 27.03 -9.78
C VAL L 18 3.23 27.00 -8.43
N CYS L 19 3.84 26.37 -7.43
CA CYS L 19 3.27 26.37 -6.09
C CYS L 19 3.13 27.79 -5.55
N LYS L 20 4.16 28.62 -5.75
CA LYS L 20 4.14 29.97 -5.21
C LYS L 20 3.06 30.82 -5.87
N VAL L 21 2.84 30.64 -7.18
CA VAL L 21 1.74 31.33 -7.83
C VAL L 21 0.40 30.77 -7.35
N LEU L 22 0.35 29.46 -7.06
CA LEU L 22 -0.87 28.85 -6.53
C LEU L 22 -1.23 29.34 -5.14
N HIS L 23 -0.32 30.03 -4.45
CA HIS L 23 -0.61 30.56 -3.12
C HIS L 23 -1.19 31.98 -3.19
N LEU L 24 -2.25 32.14 -3.98
CA LEU L 24 -2.93 33.42 -4.12
C LEU L 24 -4.36 33.28 -3.60
N GLU L 25 -4.94 34.41 -3.19
CA GLU L 25 -6.22 34.36 -2.49
C GLU L 25 -7.32 33.78 -3.38
N GLY L 26 -7.36 34.17 -4.65
CA GLY L 26 -8.44 33.75 -5.52
C GLY L 26 -8.01 32.82 -6.62
N GLU L 27 -6.73 32.44 -6.62
CA GLU L 27 -6.23 31.50 -7.62
C GLU L 27 -6.90 30.15 -7.49
N VAL L 28 -7.15 29.71 -6.26
CA VAL L 28 -7.90 28.48 -6.05
C VAL L 28 -9.30 28.59 -6.62
N ASN L 29 -9.92 29.77 -6.48
CA ASN L 29 -11.25 29.98 -7.04
C ASN L 29 -11.21 30.01 -8.56
N LYS L 30 -10.13 30.52 -9.14
CA LYS L 30 -10.00 30.51 -10.60
C LYS L 30 -9.94 29.09 -11.14
N ILE L 31 -9.19 28.21 -10.46
CA ILE L 31 -9.14 26.80 -10.85
C ILE L 31 -10.50 26.15 -10.64
N LYS L 32 -11.16 26.46 -9.52
CA LYS L 32 -12.48 25.89 -9.23
C LYS L 32 -13.51 26.31 -10.27
N SER L 33 -13.48 27.59 -10.67
CA SER L 33 -14.45 28.07 -11.64
C SER L 33 -14.19 27.50 -13.03
N ALA L 34 -12.93 27.46 -13.45
CA ALA L 34 -12.60 26.95 -14.78
C ALA L 34 -12.93 25.47 -14.90
N LEU L 35 -12.84 24.71 -13.80
CA LEU L 35 -13.14 23.29 -13.79
C LEU L 35 -14.55 23.00 -13.32
N LEU L 36 -15.42 24.02 -13.25
CA LEU L 36 -16.75 23.83 -12.70
C LEU L 36 -17.60 22.90 -13.58
N SER L 37 -17.45 23.00 -14.90
CA SER L 37 -18.25 22.23 -15.83
C SER L 37 -17.47 21.19 -16.60
N THR L 38 -16.15 21.09 -16.39
CA THR L 38 -15.32 20.14 -17.11
C THR L 38 -14.30 19.52 -16.16
N ASN L 39 -13.70 18.42 -16.61
CA ASN L 39 -12.67 17.75 -15.84
C ASN L 39 -11.26 18.21 -16.19
N LYS L 40 -11.10 19.02 -17.23
CA LYS L 40 -9.79 19.45 -17.69
C LYS L 40 -9.90 20.86 -18.26
N ALA L 41 -8.95 21.72 -17.89
CA ALA L 41 -8.88 23.06 -18.47
C ALA L 41 -7.49 23.62 -18.21
N VAL L 42 -7.14 24.65 -18.98
CA VAL L 42 -5.91 25.40 -18.81
C VAL L 42 -6.27 26.78 -18.28
N VAL L 43 -5.59 27.21 -17.23
CA VAL L 43 -5.91 28.44 -16.52
C VAL L 43 -4.72 29.38 -16.60
N SER L 44 -4.98 30.63 -17.02
CA SER L 44 -3.95 31.66 -17.05
C SER L 44 -3.79 32.22 -15.65
N LEU L 45 -2.63 31.98 -15.04
CA LEU L 45 -2.39 32.46 -13.69
C LEU L 45 -2.09 33.95 -13.70
N SER L 46 -1.96 34.52 -12.49
CA SER L 46 -1.87 35.97 -12.36
C SER L 46 -0.64 36.55 -13.06
N ASN L 47 0.43 35.77 -13.19
CA ASN L 47 1.65 36.25 -13.83
C ASN L 47 1.59 36.20 -15.34
N GLY L 48 0.55 35.59 -15.93
CA GLY L 48 0.44 35.44 -17.36
C GLY L 48 0.84 34.09 -17.90
N VAL L 49 1.37 33.21 -17.06
CA VAL L 49 1.77 31.87 -17.47
C VAL L 49 0.59 30.93 -17.30
N SER L 50 0.21 30.26 -18.39
CA SER L 50 -0.88 29.30 -18.34
C SER L 50 -0.39 27.96 -17.80
N VAL L 51 -1.35 27.17 -17.28
CA VAL L 51 -1.04 25.86 -16.72
C VAL L 51 -2.18 24.90 -17.05
N LEU L 52 -1.82 23.73 -17.56
CA LEU L 52 -2.80 22.66 -17.78
C LEU L 52 -3.19 22.04 -16.45
N THR L 53 -4.48 21.75 -16.28
CA THR L 53 -4.99 21.28 -15.01
C THR L 53 -6.01 20.16 -15.23
N PHE L 54 -5.89 19.11 -14.43
CA PHE L 54 -6.80 17.97 -14.48
C PHE L 54 -7.62 17.88 -13.19
N LYS L 55 -8.86 17.45 -13.34
CA LYS L 55 -9.79 17.20 -12.22
C LYS L 55 -10.03 15.70 -12.17
N VAL L 56 -9.19 14.99 -11.42
CA VAL L 56 -9.18 13.53 -11.52
C VAL L 56 -10.23 12.89 -10.63
N LEU L 57 -10.59 13.51 -9.51
CA LEU L 57 -11.52 12.85 -8.59
C LEU L 57 -12.37 13.91 -7.91
N ASP L 58 -13.63 13.58 -7.65
CA ASP L 58 -14.66 14.50 -7.15
C ASP L 58 -15.34 13.94 -5.90
N LEU L 59 -14.54 13.57 -4.88
CA LEU L 59 -15.08 13.15 -3.59
C LEU L 59 -16.26 13.99 -3.11
N LYS L 60 -16.28 15.28 -3.44
CA LYS L 60 -17.33 16.17 -2.95
C LYS L 60 -18.70 15.67 -3.36
N ASN L 61 -18.85 15.28 -4.63
CA ASN L 61 -20.17 14.87 -5.13
C ASN L 61 -20.64 13.59 -4.47
N TYR L 62 -19.76 12.59 -4.38
CA TYR L 62 -20.16 11.31 -3.80
C TYR L 62 -20.53 11.46 -2.34
N ILE L 63 -19.73 12.19 -1.57
CA ILE L 63 -19.97 12.31 -0.13
C ILE L 63 -21.23 13.12 0.14
N ASP L 64 -21.38 14.27 -0.52
CA ASP L 64 -22.44 15.21 -0.20
C ASP L 64 -23.71 15.01 -1.01
N LYS L 65 -23.84 13.88 -1.71
CA LYS L 65 -25.07 13.59 -2.44
C LYS L 65 -25.60 12.20 -2.09
N GLN L 66 -24.71 11.28 -1.72
CA GLN L 66 -25.09 9.91 -1.42
C GLN L 66 -24.75 9.44 -0.01
N LEU L 67 -23.82 10.09 0.68
CA LEU L 67 -23.37 9.67 1.99
C LEU L 67 -23.73 10.64 3.10
N LEU L 68 -23.42 11.93 2.92
CA LEU L 68 -23.76 12.91 3.95
C LEU L 68 -25.26 13.00 4.24
N PRO L 69 -26.17 13.03 3.24
CA PRO L 69 -27.60 13.14 3.59
C PRO L 69 -28.11 12.00 4.46
N ILE L 70 -27.62 10.78 4.26
CA ILE L 70 -28.10 9.66 5.06
C ILE L 70 -27.48 9.64 6.46
N LEU L 71 -26.34 10.32 6.65
CA LEU L 71 -25.65 10.26 7.93
C LEU L 71 -26.39 11.06 9.01
N ASN L 72 -26.80 12.28 8.68
CA ASN L 72 -27.25 13.23 9.69
C ASN L 72 -28.72 13.02 10.04
N LYS L 73 -29.03 13.06 11.33
CA LYS L 73 -28.03 13.25 12.39
C LYS L 73 -27.97 12.10 13.39
N GLN L 74 -29.12 11.69 13.93
CA GLN L 74 -29.15 10.71 15.01
C GLN L 74 -29.78 9.39 14.61
N SER L 75 -30.50 9.32 13.50
CA SER L 75 -30.95 8.06 12.91
C SER L 75 -30.00 7.75 11.76
N CYS L 76 -29.07 6.81 12.00
CA CYS L 76 -27.93 6.61 11.12
C CYS L 76 -27.79 5.13 10.77
N SER L 77 -28.92 4.48 10.48
CA SER L 77 -28.90 3.11 9.99
C SER L 77 -28.53 3.08 8.51
N ILE L 78 -27.78 2.05 8.13
CA ILE L 78 -27.24 1.91 6.78
C ILE L 78 -27.49 0.46 6.36
N SER L 79 -28.60 0.22 5.67
CA SER L 79 -28.79 -1.02 4.94
C SER L 79 -27.89 -1.02 3.71
N ASN L 80 -27.70 -2.19 3.10
CA ASN L 80 -26.83 -2.34 1.93
C ASN L 80 -25.40 -1.89 2.27
N ILE L 81 -24.76 -2.70 3.11
CA ILE L 81 -23.40 -2.46 3.61
C ILE L 81 -22.46 -1.99 2.51
N GLU L 82 -22.71 -2.39 1.27
CA GLU L 82 -21.87 -2.08 0.11
C GLU L 82 -21.38 -0.63 0.08
N THR L 83 -22.15 0.28 0.67
CA THR L 83 -21.81 1.70 0.63
C THR L 83 -20.44 1.97 1.24
N VAL L 84 -20.12 1.34 2.37
CA VAL L 84 -18.84 1.60 3.03
C VAL L 84 -17.69 1.10 2.16
N ILE L 85 -17.87 -0.03 1.49
CA ILE L 85 -16.83 -0.53 0.59
C ILE L 85 -16.66 0.39 -0.60
N GLU L 86 -17.77 0.96 -1.09
CA GLU L 86 -17.67 1.95 -2.16
C GLU L 86 -16.88 3.17 -1.71
N PHE L 87 -17.06 3.58 -0.45
CA PHE L 87 -16.23 4.65 0.10
C PHE L 87 -14.75 4.26 0.09
N GLN L 88 -14.45 3.02 0.47
CA GLN L 88 -13.08 2.55 0.46
C GLN L 88 -12.47 2.58 -0.94
N GLN L 89 -13.30 2.63 -1.99
CA GLN L 89 -12.80 2.73 -3.35
C GLN L 89 -12.50 4.17 -3.74
N LYS L 90 -13.48 5.06 -3.55
CA LYS L 90 -13.25 6.47 -3.87
C LYS L 90 -12.18 7.07 -2.96
N ASN L 91 -12.20 6.72 -1.68
CA ASN L 91 -11.19 7.19 -0.74
C ASN L 91 -9.82 6.55 -1.00
N ASN L 92 -9.78 5.43 -1.72
CA ASN L 92 -8.53 4.69 -1.89
C ASN L 92 -7.42 5.55 -2.48
N ARG L 93 -7.71 6.23 -3.59
CA ARG L 93 -6.70 7.06 -4.23
C ARG L 93 -6.21 8.17 -3.31
N LEU L 94 -7.14 8.78 -2.56
CA LEU L 94 -6.77 9.87 -1.67
C LEU L 94 -5.78 9.42 -0.60
N LEU L 95 -6.06 8.26 0.02
CA LEU L 95 -5.18 7.79 1.09
C LEU L 95 -3.77 7.52 0.59
N GLU L 96 -3.65 6.89 -0.57
CA GLU L 96 -2.32 6.52 -1.07
C GLU L 96 -1.47 7.76 -1.34
N ILE L 97 -2.04 8.78 -1.98
CA ILE L 97 -1.29 10.00 -2.25
C ILE L 97 -0.90 10.69 -0.95
N THR L 98 -1.81 10.74 0.02
CA THR L 98 -1.50 11.38 1.30
C THR L 98 -0.35 10.67 2.00
N ARG L 99 -0.32 9.33 1.95
CA ARG L 99 0.79 8.62 2.57
C ARG L 99 2.11 8.92 1.87
N GLU L 100 2.12 8.83 0.54
CA GLU L 100 3.37 8.99 -0.20
C GLU L 100 3.98 10.37 0.00
N PHE L 101 3.15 11.41 -0.08
CA PHE L 101 3.66 12.76 0.13
C PHE L 101 4.17 12.95 1.56
N SER L 102 3.46 12.39 2.53
CA SER L 102 3.81 12.61 3.93
C SER L 102 5.06 11.85 4.36
N VAL L 103 5.59 10.97 3.52
CA VAL L 103 6.83 10.26 3.80
C VAL L 103 7.94 10.63 2.83
N ASN L 104 7.69 11.58 1.92
CA ASN L 104 8.70 11.99 0.95
C ASN L 104 8.90 13.50 0.91
N ALA L 105 8.49 14.21 1.96
CA ALA L 105 8.63 15.66 2.07
C ALA L 105 7.93 16.40 0.94
N GLY L 106 6.93 15.78 0.32
CA GLY L 106 6.21 16.40 -0.77
C GLY L 106 6.85 16.27 -2.13
N VAL L 107 7.97 15.56 -2.25
CA VAL L 107 8.69 15.38 -3.51
C VAL L 107 8.80 13.88 -3.75
N THR L 108 7.99 13.35 -4.65
CA THR L 108 7.98 11.93 -4.97
C THR L 108 8.52 11.73 -6.38
N THR L 109 9.59 10.93 -6.50
CA THR L 109 10.15 10.56 -7.79
C THR L 109 10.47 9.07 -7.78
N PRO L 110 10.01 8.30 -8.77
CA PRO L 110 9.11 8.69 -9.87
C PRO L 110 7.68 8.91 -9.42
N VAL L 111 6.84 9.48 -10.30
CA VAL L 111 5.43 9.68 -9.98
C VAL L 111 4.73 8.34 -10.02
N SER L 112 4.02 8.01 -8.94
CA SER L 112 3.36 6.72 -8.81
C SER L 112 2.08 6.67 -9.65
N THR L 113 1.56 5.46 -9.83
CA THR L 113 0.32 5.29 -10.57
C THR L 113 -0.87 5.87 -9.81
N TYR L 114 -0.87 5.75 -8.48
CA TYR L 114 -1.94 6.36 -7.69
C TYR L 114 -1.91 7.87 -7.82
N MET L 115 -0.72 8.46 -7.85
CA MET L 115 -0.61 9.91 -8.01
C MET L 115 -1.14 10.37 -9.35
N LEU L 116 -0.79 9.65 -10.42
CA LEU L 116 -1.24 10.00 -11.77
C LEU L 116 -1.29 8.70 -12.58
N THR L 117 -2.50 8.25 -12.90
CA THR L 117 -2.65 7.00 -13.62
C THR L 117 -2.13 7.14 -15.05
N ASN L 118 -1.87 5.98 -15.67
CA ASN L 118 -1.30 5.98 -17.02
C ASN L 118 -2.28 6.56 -18.03
N SER L 119 -3.58 6.31 -17.86
CA SER L 119 -4.57 6.87 -18.79
C SER L 119 -4.55 8.39 -18.77
N GLU L 120 -4.53 8.97 -17.57
CA GLU L 120 -4.46 10.43 -17.45
C GLU L 120 -3.11 10.96 -17.95
N LEU L 121 -2.04 10.21 -17.69
CA LEU L 121 -0.72 10.62 -18.18
C LEU L 121 -0.68 10.63 -19.70
N LEU L 122 -1.26 9.61 -20.35
CA LEU L 122 -1.28 9.58 -21.81
C LEU L 122 -2.13 10.72 -22.38
N SER L 123 -3.26 11.02 -21.73
CA SER L 123 -4.05 12.18 -22.14
C SER L 123 -3.25 13.46 -22.00
N LEU L 124 -2.48 13.58 -20.93
CA LEU L 124 -1.62 14.74 -20.76
C LEU L 124 -0.56 14.81 -21.85
N ILE L 125 -0.02 13.65 -22.25
CA ILE L 125 0.98 13.59 -23.30
C ILE L 125 0.40 14.07 -24.63
N ASN L 126 -0.80 13.59 -24.96
CA ASN L 126 -1.41 13.93 -26.25
C ASN L 126 -1.98 15.33 -26.28
N ASP L 127 -2.15 15.97 -25.11
CA ASP L 127 -2.68 17.32 -25.03
C ASP L 127 -1.58 18.36 -24.83
N MET L 128 -0.33 17.98 -25.06
CA MET L 128 0.87 18.79 -24.94
C MET L 128 1.12 19.56 -26.23
N PRO L 129 1.34 20.87 -26.16
CA PRO L 129 1.74 21.60 -27.39
C PRO L 129 3.23 21.43 -27.69
N ILE L 130 3.60 20.20 -28.06
CA ILE L 130 4.99 19.85 -28.30
C ILE L 130 5.09 19.13 -29.66
N THR L 131 6.32 18.94 -30.12
CA THR L 131 6.58 18.31 -31.41
C THR L 131 6.03 16.89 -31.43
N ASN L 132 5.51 16.48 -32.60
CA ASN L 132 5.01 15.12 -32.77
C ASN L 132 6.12 14.10 -32.54
N ASP L 133 7.37 14.45 -32.84
CA ASP L 133 8.49 13.57 -32.54
C ASP L 133 8.60 13.34 -31.03
N GLN L 134 8.46 14.41 -30.24
CA GLN L 134 8.51 14.26 -28.79
C GLN L 134 7.27 13.55 -28.28
N LYS L 135 6.11 13.79 -28.89
CA LYS L 135 4.89 13.08 -28.51
C LYS L 135 5.06 11.58 -28.69
N LYS L 136 5.62 11.16 -29.84
CA LYS L 136 5.88 9.75 -30.06
C LYS L 136 6.96 9.25 -29.10
N LEU L 137 8.00 10.05 -28.87
CA LEU L 137 9.07 9.64 -27.95
C LEU L 137 8.52 9.40 -26.54
N MET L 138 7.79 10.37 -26.01
CA MET L 138 7.25 10.23 -24.66
C MET L 138 6.15 9.17 -24.58
N SER L 139 5.52 8.83 -25.71
CA SER L 139 4.50 7.78 -25.68
C SER L 139 5.12 6.40 -25.57
N ASN L 140 6.21 6.14 -26.28
CA ASN L 140 6.82 4.82 -26.32
C ASN L 140 7.66 4.50 -25.09
N ASN L 141 7.96 5.48 -24.25
CA ASN L 141 8.82 5.28 -23.08
C ASN L 141 8.21 5.97 -21.87
N VAL L 142 6.92 5.74 -21.64
CA VAL L 142 6.17 6.45 -20.60
C VAL L 142 6.73 6.18 -19.20
N GLN L 143 7.21 4.96 -18.94
CA GLN L 143 7.81 4.72 -17.62
C GLN L 143 9.11 5.50 -17.44
N ILE L 144 9.88 5.70 -18.51
CA ILE L 144 11.08 6.53 -18.41
C ILE L 144 10.70 7.96 -18.08
N VAL L 145 9.66 8.48 -18.73
CA VAL L 145 9.17 9.82 -18.40
C VAL L 145 8.71 9.88 -16.96
N ARG L 146 8.04 8.83 -16.49
CA ARG L 146 7.66 8.74 -15.07
C ARG L 146 8.88 8.86 -14.18
N GLN L 147 9.96 8.14 -14.49
CA GLN L 147 11.13 8.08 -13.63
C GLN L 147 12.00 9.32 -13.72
N GLN L 148 11.82 10.16 -14.73
CA GLN L 148 12.46 11.46 -14.78
C GLN L 148 11.46 12.58 -14.50
N SER L 149 10.43 12.27 -13.74
CA SER L 149 9.39 13.22 -13.35
C SER L 149 9.38 13.40 -11.83
N TYR L 150 8.70 14.45 -11.39
CA TYR L 150 8.54 14.75 -9.98
C TYR L 150 7.07 15.01 -9.70
N SER L 151 6.72 14.96 -8.41
CA SER L 151 5.40 15.38 -7.95
C SER L 151 5.58 16.27 -6.73
N ILE L 152 4.99 17.45 -6.76
CA ILE L 152 5.16 18.47 -5.72
C ILE L 152 3.78 18.85 -5.19
N MET L 153 3.66 18.89 -3.86
CA MET L 153 2.39 19.14 -3.19
C MET L 153 2.24 20.64 -2.93
N CYS L 154 1.24 21.27 -3.54
CA CYS L 154 1.12 22.72 -3.45
C CYS L 154 0.17 23.26 -2.37
N ILE L 155 -1.14 23.00 -2.49
CA ILE L 155 -2.12 23.73 -1.70
C ILE L 155 -3.34 22.86 -1.41
N ILE L 156 -4.09 23.27 -0.38
CA ILE L 156 -5.20 22.51 0.17
C ILE L 156 -6.44 23.38 0.39
N LYS L 157 -6.58 24.46 -0.38
CA LYS L 157 -7.55 25.50 -0.03
C LYS L 157 -8.97 25.08 -0.42
N GLU L 158 -9.86 26.06 -0.59
CA GLU L 158 -11.27 26.04 -0.21
C GLU L 158 -11.93 24.66 -0.26
N GLU L 159 -11.99 24.03 -1.43
CA GLU L 159 -12.69 22.76 -1.52
C GLU L 159 -11.98 21.79 -2.45
N VAL L 160 -10.68 21.93 -2.62
CA VAL L 160 -9.96 21.13 -3.62
C VAL L 160 -8.53 20.91 -3.15
N LEU L 161 -8.03 19.70 -3.41
CA LEU L 161 -6.63 19.37 -3.28
C LEU L 161 -5.93 19.61 -4.61
N ALA L 162 -4.72 20.16 -4.58
CA ALA L 162 -3.99 20.43 -5.80
C ALA L 162 -2.50 20.19 -5.58
N TYR L 163 -1.87 19.52 -6.56
CA TYR L 163 -0.44 19.27 -6.55
C TYR L 163 0.08 19.35 -7.98
N VAL L 164 1.40 19.49 -8.11
CA VAL L 164 2.06 19.76 -9.38
C VAL L 164 2.77 18.52 -9.86
N VAL L 165 2.51 18.14 -11.12
CA VAL L 165 3.27 17.10 -11.80
C VAL L 165 4.26 17.79 -12.72
N GLN L 166 5.55 17.57 -12.49
CA GLN L 166 6.62 18.23 -13.22
C GLN L 166 7.21 17.23 -14.21
N LEU L 167 6.62 17.15 -15.40
CA LEU L 167 7.11 16.24 -16.42
C LEU L 167 8.28 16.87 -17.18
N PRO L 168 9.17 16.04 -17.72
CA PRO L 168 10.23 16.56 -18.60
C PRO L 168 9.82 16.48 -20.06
N LEU L 169 10.20 17.50 -20.83
CA LEU L 169 10.00 17.51 -22.28
C LEU L 169 11.36 17.58 -22.94
N TYR L 170 11.66 16.62 -23.81
CA TYR L 170 13.01 16.38 -24.30
C TYR L 170 13.24 17.18 -25.59
N GLY L 171 14.20 18.10 -25.56
CA GLY L 171 14.49 18.94 -26.70
C GLY L 171 15.63 18.45 -27.57
N VAL L 172 16.32 17.41 -27.13
CA VAL L 172 17.40 16.78 -27.90
C VAL L 172 17.05 15.30 -28.05
N ILE L 173 16.77 14.88 -29.28
CA ILE L 173 16.31 13.52 -29.55
C ILE L 173 17.02 13.00 -30.80
N ASP L 174 17.31 11.70 -30.81
CA ASP L 174 17.78 10.97 -31.99
C ASP L 174 19.08 11.58 -32.55
N THR L 175 20.00 11.93 -31.66
CA THR L 175 21.29 12.43 -32.07
C THR L 175 22.37 11.42 -31.72
N PRO L 176 23.52 11.42 -32.41
CA PRO L 176 24.57 10.45 -32.11
C PRO L 176 25.06 10.60 -30.66
N CYS L 177 25.19 9.48 -29.98
CA CYS L 177 25.61 9.46 -28.58
C CYS L 177 26.41 8.19 -28.34
N TRP L 178 27.31 8.25 -27.35
CA TRP L 178 28.17 7.11 -27.07
C TRP L 178 28.59 7.13 -25.61
N LYS L 179 29.00 5.96 -25.12
CA LYS L 179 29.44 5.75 -23.75
C LYS L 179 30.93 5.42 -23.75
N LEU L 180 31.65 5.92 -22.75
CA LEU L 180 33.09 5.73 -22.66
C LEU L 180 33.44 5.19 -21.28
N HIS L 181 34.06 4.00 -21.24
CA HIS L 181 34.59 3.42 -20.01
C HIS L 181 36.11 3.49 -20.06
N THR L 182 36.71 3.87 -18.93
CA THR L 182 38.15 3.94 -18.79
C THR L 182 38.61 3.09 -17.62
N SER L 183 39.81 2.53 -17.74
CA SER L 183 40.37 1.64 -16.74
C SER L 183 41.79 2.07 -16.41
N PRO L 184 42.26 1.80 -15.19
CA PRO L 184 43.62 2.20 -14.82
C PRO L 184 44.66 1.49 -15.68
N LEU L 185 45.67 2.25 -16.10
CA LEU L 185 46.79 1.74 -16.87
C LEU L 185 48.05 1.88 -16.03
N CYS L 186 48.77 0.78 -15.82
CA CYS L 186 49.87 0.75 -14.88
C CYS L 186 51.07 0.05 -15.49
N THR L 187 52.18 0.09 -14.74
CA THR L 187 53.41 -0.57 -15.13
C THR L 187 53.48 -1.97 -14.55
N THR L 188 54.25 -2.83 -15.22
CA THR L 188 54.39 -4.24 -14.85
C THR L 188 55.78 -4.55 -14.29
N ASN L 189 56.34 -3.62 -13.52
CA ASN L 189 57.64 -3.83 -12.91
C ASN L 189 57.55 -4.85 -11.76
N THR L 190 58.69 -5.47 -11.47
CA THR L 190 58.69 -6.60 -10.54
C THR L 190 58.50 -6.18 -9.08
N LYS L 191 58.97 -4.98 -8.72
CA LYS L 191 58.86 -4.52 -7.35
C LYS L 191 57.41 -4.17 -7.02
N GLU L 192 57.03 -4.41 -5.75
CA GLU L 192 55.68 -4.06 -5.31
C GLU L 192 55.42 -2.57 -5.45
N GLY L 193 56.36 -1.75 -4.97
CA GLY L 193 56.32 -0.32 -5.16
C GLY L 193 57.01 0.08 -6.44
N SER L 194 57.36 1.38 -6.51
CA SER L 194 58.06 1.98 -7.64
C SER L 194 57.29 1.86 -8.95
N ASN L 195 56.02 1.45 -8.90
CA ASN L 195 55.19 1.34 -10.08
C ASN L 195 54.47 2.65 -10.37
N ILE L 196 54.00 2.79 -11.60
CA ILE L 196 53.32 3.99 -12.06
C ILE L 196 51.99 3.60 -12.66
N CYS L 197 50.93 4.34 -12.31
CA CYS L 197 49.60 4.09 -12.83
C CYS L 197 49.05 5.38 -13.44
N LEU L 198 48.35 5.25 -14.56
CA LEU L 198 47.78 6.39 -15.27
C LEU L 198 46.41 6.01 -15.78
N THR L 199 45.44 6.92 -15.63
CA THR L 199 44.06 6.60 -15.95
C THR L 199 43.37 7.81 -16.58
N ARG L 200 42.53 7.54 -17.59
CA ARG L 200 41.64 8.58 -18.11
C ARG L 200 40.49 8.79 -17.13
N THR L 201 40.18 10.06 -16.86
CA THR L 201 39.10 10.41 -15.94
C THR L 201 37.82 10.83 -16.64
N ASP L 202 37.88 11.13 -17.95
CA ASP L 202 36.71 11.62 -18.67
C ASP L 202 35.83 10.48 -19.16
N ARG L 203 35.45 9.59 -18.27
CA ARG L 203 34.51 8.51 -18.59
C ARG L 203 33.08 8.98 -18.37
N GLY L 204 32.17 8.41 -19.15
CA GLY L 204 30.76 8.74 -19.04
C GLY L 204 30.11 8.76 -20.41
N TRP L 205 28.99 9.47 -20.49
CA TRP L 205 28.20 9.56 -21.70
C TRP L 205 28.52 10.84 -22.46
N TYR L 206 28.63 10.73 -23.77
CA TYR L 206 28.88 11.87 -24.65
C TYR L 206 27.79 11.93 -25.70
N CYS L 207 26.93 12.94 -25.62
CA CYS L 207 25.82 13.13 -26.55
C CYS L 207 26.07 14.38 -27.37
N ASP L 208 26.09 14.23 -28.69
CA ASP L 208 26.22 15.36 -29.60
C ASP L 208 24.86 16.04 -29.74
N ASN L 209 24.76 17.29 -29.30
CA ASN L 209 23.42 17.87 -29.39
C ASN L 209 23.33 19.18 -30.17
N ALA L 210 24.27 20.12 -29.97
CA ALA L 210 24.19 21.38 -30.71
C ALA L 210 25.60 21.97 -30.82
N GLY L 211 26.27 21.68 -31.93
CA GLY L 211 27.55 22.30 -32.24
C GLY L 211 28.68 21.81 -31.36
N SER L 212 28.33 21.33 -30.18
CA SER L 212 29.27 20.80 -29.21
C SER L 212 28.72 19.49 -28.67
N VAL L 213 29.34 18.94 -27.63
CA VAL L 213 28.94 17.66 -27.07
C VAL L 213 28.56 17.86 -25.61
N SER L 214 27.37 17.39 -25.24
CA SER L 214 26.95 17.37 -23.85
C SER L 214 27.54 16.12 -23.18
N PHE L 215 28.28 16.33 -22.10
CA PHE L 215 29.02 15.26 -21.43
C PHE L 215 28.40 15.00 -20.07
N PHE L 216 27.99 13.77 -19.85
CA PHE L 216 27.42 13.36 -18.56
C PHE L 216 28.44 12.50 -17.82
N PRO L 217 29.07 13.02 -16.76
CA PRO L 217 30.20 12.29 -16.16
C PRO L 217 29.80 11.05 -15.38
N GLN L 218 28.56 10.95 -14.94
CA GLN L 218 28.09 9.81 -14.17
C GLN L 218 27.27 8.89 -15.06
N ALA L 219 27.63 7.61 -15.08
CA ALA L 219 26.83 6.62 -15.80
C ALA L 219 25.48 6.37 -15.12
N GLU L 220 25.30 6.84 -13.88
CA GLU L 220 24.05 6.65 -13.17
C GLU L 220 22.96 7.58 -13.67
N THR L 221 23.32 8.80 -14.07
CA THR L 221 22.33 9.82 -14.40
C THR L 221 21.58 9.54 -15.69
N CYS L 222 22.01 8.55 -16.48
CA CYS L 222 21.39 8.26 -17.77
C CYS L 222 20.82 6.84 -17.77
N LYS L 223 19.55 6.72 -18.12
CA LYS L 223 18.93 5.43 -18.38
C LYS L 223 19.04 5.10 -19.86
N VAL L 224 19.12 3.80 -20.17
CA VAL L 224 19.34 3.32 -21.53
C VAL L 224 18.22 2.37 -21.90
N GLN L 225 17.60 2.58 -23.07
CA GLN L 225 16.69 1.61 -23.65
C GLN L 225 17.14 1.29 -25.08
N SER L 226 18.19 0.47 -25.16
CA SER L 226 18.55 -0.34 -26.32
C SER L 226 18.93 0.46 -27.56
N ASN L 227 18.52 1.72 -27.63
CA ASN L 227 19.06 2.67 -28.61
C ASN L 227 19.28 4.04 -27.97
N ARG L 228 18.35 4.43 -27.11
CA ARG L 228 18.23 5.79 -26.63
C ARG L 228 18.77 5.90 -25.22
N VAL L 229 19.44 7.01 -24.94
CA VAL L 229 20.05 7.27 -23.65
C VAL L 229 19.33 8.47 -23.05
N PHE L 230 18.42 8.21 -22.12
CA PHE L 230 17.65 9.26 -21.47
C PHE L 230 18.50 9.92 -20.39
N CYS L 231 18.81 11.19 -20.56
CA CYS L 231 19.71 11.90 -19.67
C CYS L 231 19.08 13.23 -19.23
N ASP L 232 19.73 13.86 -18.25
CA ASP L 232 19.33 15.16 -17.73
C ASP L 232 20.43 16.16 -18.02
N THR L 233 20.10 17.23 -18.72
CA THR L 233 21.11 18.21 -19.11
C THR L 233 21.60 19.04 -17.92
N MET L 234 20.83 19.09 -16.83
CA MET L 234 21.22 19.94 -15.70
C MET L 234 22.45 19.41 -14.99
N ASN L 235 22.70 18.10 -15.05
CA ASN L 235 23.91 17.49 -14.51
C ASN L 235 24.90 17.13 -15.62
N SER L 236 25.01 17.99 -16.63
CA SER L 236 25.86 17.74 -17.77
C SER L 236 26.80 18.93 -18.00
N LEU L 237 27.91 18.65 -18.66
CA LEU L 237 28.83 19.68 -19.12
C LEU L 237 28.69 19.84 -20.63
N THR L 238 29.19 20.98 -21.13
CA THR L 238 29.20 21.27 -22.55
C THR L 238 30.64 21.48 -22.99
N LEU L 239 31.14 20.58 -23.84
CA LEU L 239 32.53 20.56 -24.24
C LEU L 239 32.64 20.57 -25.75
N PRO L 240 33.76 21.05 -26.30
CA PRO L 240 33.95 21.01 -27.74
C PRO L 240 34.03 19.58 -28.26
N SER L 241 33.78 19.42 -29.56
CA SER L 241 33.82 18.10 -30.17
C SER L 241 35.22 17.49 -30.16
N GLU L 242 36.25 18.27 -29.87
CA GLU L 242 37.62 17.77 -29.84
C GLU L 242 37.88 16.83 -28.66
N VAL L 243 36.95 16.72 -27.71
CA VAL L 243 37.08 15.72 -26.66
C VAL L 243 37.06 14.32 -27.26
N ASN L 244 36.31 14.14 -28.35
CA ASN L 244 36.30 12.84 -29.04
C ASN L 244 37.69 12.48 -29.56
N LEU L 245 38.51 13.49 -29.90
CA LEU L 245 39.87 13.22 -30.34
C LEU L 245 40.71 12.54 -29.28
N CYS L 246 40.35 12.71 -28.00
CA CYS L 246 41.10 12.10 -26.91
C CYS L 246 41.02 10.59 -26.93
N ASN L 247 40.01 10.01 -27.58
CA ASN L 247 39.90 8.56 -27.64
C ASN L 247 40.92 7.94 -28.58
N VAL L 248 41.26 8.63 -29.66
CA VAL L 248 42.20 8.10 -30.65
C VAL L 248 43.62 8.58 -30.36
N ASP L 249 43.81 9.89 -30.30
CA ASP L 249 45.12 10.48 -30.03
C ASP L 249 45.01 11.35 -28.78
N ILE L 250 45.63 10.88 -27.69
CA ILE L 250 45.54 11.60 -26.42
C ILE L 250 46.53 12.75 -26.32
N PHE L 251 47.54 12.78 -27.20
CA PHE L 251 48.54 13.84 -27.22
C PHE L 251 48.20 14.95 -28.20
N ASN L 252 46.95 15.03 -28.64
CA ASN L 252 46.59 16.01 -29.66
C ASN L 252 46.75 17.43 -29.13
N PRO L 253 47.20 18.36 -29.97
CA PRO L 253 47.34 19.75 -29.52
C PRO L 253 46.05 20.54 -29.52
N LYS L 254 45.00 20.07 -30.20
CA LYS L 254 43.77 20.83 -30.30
C LYS L 254 42.89 20.69 -29.07
N TYR L 255 43.14 19.70 -28.21
CA TYR L 255 42.40 19.58 -26.96
C TYR L 255 43.29 18.97 -25.90
N ASP L 256 42.98 19.25 -24.64
CA ASP L 256 43.74 18.78 -23.49
C ASP L 256 42.92 17.68 -22.79
N CYS L 257 43.41 16.45 -22.86
CA CYS L 257 42.68 15.31 -22.33
C CYS L 257 42.90 15.18 -20.83
N LYS L 258 41.82 15.15 -20.07
CA LYS L 258 41.89 15.15 -18.61
C LYS L 258 42.09 13.72 -18.10
N ILE L 259 43.09 13.55 -17.23
CA ILE L 259 43.49 12.24 -16.73
C ILE L 259 43.86 12.37 -15.26
N MET L 260 44.23 11.25 -14.65
CA MET L 260 44.72 11.23 -13.28
C MET L 260 45.91 10.29 -13.19
N THR L 261 46.79 10.57 -12.22
CA THR L 261 47.97 9.76 -11.98
C THR L 261 47.91 9.20 -10.57
N SER L 262 48.32 7.94 -10.43
CA SER L 262 48.32 7.28 -9.13
C SER L 262 49.44 6.24 -9.11
N LYS L 263 49.79 5.82 -7.90
CA LYS L 263 50.63 4.65 -7.69
C LYS L 263 49.81 3.46 -7.23
N THR L 264 48.50 3.49 -7.50
CA THR L 264 47.55 2.48 -7.01
C THR L 264 47.63 1.26 -7.92
N ASP L 265 48.60 0.39 -7.63
CA ASP L 265 48.77 -0.86 -8.36
C ASP L 265 47.73 -1.85 -7.84
N VAL L 266 46.52 -1.74 -8.37
CA VAL L 266 45.38 -2.53 -7.93
C VAL L 266 44.69 -3.12 -9.15
N SER L 267 44.34 -4.41 -9.08
CA SER L 267 43.66 -5.09 -10.16
C SER L 267 42.15 -4.92 -10.01
N SER L 268 41.47 -4.74 -11.14
CA SER L 268 40.02 -4.58 -11.16
C SER L 268 39.53 -4.89 -12.57
N SER L 269 38.21 -4.82 -12.76
CA SER L 269 37.60 -5.06 -14.05
C SER L 269 36.44 -4.10 -14.27
N VAL L 270 36.24 -3.72 -15.53
CA VAL L 270 35.16 -2.83 -15.93
C VAL L 270 34.42 -3.50 -17.09
N ILE L 271 33.14 -3.80 -16.89
CA ILE L 271 32.34 -4.45 -17.93
C ILE L 271 31.79 -3.38 -18.86
N THR L 272 32.05 -3.53 -20.15
CA THR L 272 31.58 -2.59 -21.16
C THR L 272 30.33 -3.16 -21.84
N SER L 273 29.85 -2.46 -22.87
CA SER L 273 28.59 -2.85 -23.50
C SER L 273 28.69 -4.20 -24.21
N LEU L 274 29.79 -4.44 -24.92
CA LEU L 274 29.96 -5.66 -25.70
C LEU L 274 31.15 -6.48 -25.23
N GLY L 275 31.55 -6.33 -23.98
CA GLY L 275 32.71 -7.07 -23.47
C GLY L 275 33.10 -6.58 -22.10
N ALA L 276 34.40 -6.69 -21.81
CA ALA L 276 34.91 -6.28 -20.52
C ALA L 276 36.38 -5.89 -20.65
N ILE L 277 36.78 -4.88 -19.88
CA ILE L 277 38.18 -4.49 -19.74
C ILE L 277 38.66 -4.94 -18.38
N VAL L 278 39.82 -5.59 -18.35
CA VAL L 278 40.40 -6.10 -17.12
C VAL L 278 41.77 -5.47 -16.92
N SER L 279 41.99 -4.88 -15.76
CA SER L 279 43.30 -4.38 -15.35
C SER L 279 43.90 -5.40 -14.40
N CYS L 280 44.88 -6.15 -14.87
CA CYS L 280 45.50 -7.22 -14.10
C CYS L 280 46.92 -6.81 -13.74
N TYR L 281 47.21 -6.75 -12.44
CA TYR L 281 48.51 -6.30 -11.96
C TYR L 281 48.93 -7.14 -10.77
N GLY L 282 50.24 -7.22 -10.56
CA GLY L 282 50.77 -8.02 -9.46
C GLY L 282 50.59 -9.50 -9.71
N LYS L 283 50.42 -10.24 -8.61
CA LYS L 283 50.20 -11.68 -8.65
C LYS L 283 48.72 -12.04 -8.55
N THR L 284 47.84 -11.19 -9.07
CA THR L 284 46.41 -11.44 -9.02
C THR L 284 46.01 -12.40 -10.14
N LYS L 285 45.04 -13.26 -9.86
CA LYS L 285 44.51 -14.18 -10.86
C LYS L 285 43.42 -13.48 -11.67
N CYS L 286 43.54 -13.54 -12.99
CA CYS L 286 42.58 -12.93 -13.90
C CYS L 286 42.17 -13.97 -14.94
N THR L 287 40.87 -14.22 -15.04
CA THR L 287 40.37 -15.33 -15.85
C THR L 287 39.08 -14.93 -16.54
N ALA L 288 38.99 -15.23 -17.83
CA ALA L 288 37.74 -15.14 -18.58
C ALA L 288 37.23 -16.56 -18.81
N SER L 289 35.99 -16.82 -18.40
CA SER L 289 35.45 -18.17 -18.41
C SER L 289 34.14 -18.22 -19.18
N ASN L 290 33.84 -19.39 -19.72
CA ASN L 290 32.59 -19.67 -20.42
C ASN L 290 31.82 -20.73 -19.64
N LYS L 291 30.49 -20.63 -19.68
CA LYS L 291 29.68 -21.55 -18.88
C LYS L 291 29.66 -22.96 -19.46
N ASN L 292 29.89 -23.10 -20.77
CA ASN L 292 29.88 -24.42 -21.40
C ASN L 292 31.25 -25.10 -21.33
N ARG L 293 32.31 -24.38 -21.73
CA ARG L 293 33.65 -24.98 -21.72
C ARG L 293 34.32 -24.85 -20.36
N GLY L 294 34.12 -23.72 -19.68
CA GLY L 294 34.83 -23.45 -18.45
C GLY L 294 35.76 -22.27 -18.61
N ILE L 295 36.95 -22.36 -18.01
CA ILE L 295 37.95 -21.32 -18.20
C ILE L 295 38.48 -21.37 -19.62
N ILE L 296 38.42 -20.23 -20.31
CA ILE L 296 38.75 -20.20 -21.73
C ILE L 296 39.90 -19.27 -22.07
N LYS L 297 40.25 -18.31 -21.22
CA LYS L 297 41.38 -17.44 -21.52
C LYS L 297 41.95 -16.88 -20.23
N THR L 298 43.26 -16.70 -20.21
CA THR L 298 43.99 -16.13 -19.09
C THR L 298 44.58 -14.79 -19.48
N PHE L 299 44.65 -13.87 -18.51
CA PHE L 299 45.10 -12.50 -18.75
C PHE L 299 46.54 -12.34 -18.28
N SER L 300 47.38 -11.79 -19.14
CA SER L 300 48.82 -11.68 -18.88
C SER L 300 49.18 -10.29 -18.35
N ASN L 301 48.62 -9.94 -17.20
CA ASN L 301 49.05 -8.80 -16.39
C ASN L 301 49.15 -7.51 -17.20
N GLY L 302 47.99 -7.06 -17.67
CA GLY L 302 47.97 -5.80 -18.39
C GLY L 302 46.55 -5.30 -18.61
N CYS L 303 46.44 -4.20 -19.34
CA CYS L 303 45.16 -3.65 -19.75
C CYS L 303 44.66 -4.42 -20.97
N ASP L 304 43.64 -5.25 -20.78
CA ASP L 304 43.13 -6.10 -21.84
C ASP L 304 41.62 -5.94 -21.95
N TYR L 305 41.09 -6.35 -23.11
CA TYR L 305 39.67 -6.32 -23.38
C TYR L 305 39.29 -7.54 -24.20
N VAL L 306 38.17 -8.16 -23.86
CA VAL L 306 37.70 -9.37 -24.53
C VAL L 306 36.24 -9.18 -24.95
N SER L 307 35.90 -9.68 -26.13
CA SER L 307 34.54 -9.58 -26.64
C SER L 307 33.61 -10.51 -25.86
N ASN L 308 32.31 -10.21 -25.95
CA ASN L 308 31.29 -10.95 -25.23
C ASN L 308 30.75 -12.15 -26.02
N LYS L 309 31.24 -12.38 -27.24
CA LYS L 309 30.70 -13.45 -28.06
C LYS L 309 30.91 -14.81 -27.41
N GLY L 310 32.16 -15.21 -27.23
CA GLY L 310 32.48 -16.49 -26.64
C GLY L 310 32.68 -16.50 -25.14
N VAL L 311 32.49 -15.36 -24.47
CA VAL L 311 32.75 -15.22 -23.05
C VAL L 311 31.45 -14.96 -22.31
N ASP L 312 31.28 -15.62 -21.16
CA ASP L 312 30.08 -15.46 -20.35
C ASP L 312 30.34 -14.93 -18.95
N THR L 313 31.55 -15.06 -18.42
CA THR L 313 31.85 -14.53 -17.10
C THR L 313 33.34 -14.19 -17.01
N VAL L 314 33.65 -13.29 -16.08
CA VAL L 314 35.02 -12.87 -15.81
C VAL L 314 35.25 -12.94 -14.31
N SER L 315 36.39 -13.50 -13.91
CA SER L 315 36.77 -13.58 -12.50
C SER L 315 38.14 -12.96 -12.32
N VAL L 316 38.20 -11.89 -11.53
CA VAL L 316 39.47 -11.23 -11.20
C VAL L 316 39.67 -11.41 -9.70
N GLY L 317 40.67 -12.22 -9.34
CA GLY L 317 40.87 -12.54 -7.94
C GLY L 317 39.68 -13.26 -7.33
N ASN L 318 38.94 -12.54 -6.49
CA ASN L 318 37.74 -13.08 -5.83
C ASN L 318 36.47 -12.42 -6.33
N THR L 319 36.56 -11.49 -7.28
CA THR L 319 35.39 -10.78 -7.77
C THR L 319 34.86 -11.45 -9.02
N LEU L 320 33.55 -11.71 -9.04
CA LEU L 320 32.90 -12.39 -10.14
C LEU L 320 32.06 -11.38 -10.92
N TYR L 321 32.39 -11.20 -12.20
CA TYR L 321 31.68 -10.28 -13.08
C TYR L 321 30.97 -11.05 -14.17
N TYR L 322 29.74 -10.64 -14.48
CA TYR L 322 28.93 -11.25 -15.52
C TYR L 322 28.99 -10.38 -16.78
N VAL L 323 29.33 -11.00 -17.91
CA VAL L 323 29.50 -10.26 -19.16
C VAL L 323 28.14 -9.91 -19.75
N ASN L 324 28.10 -8.83 -20.51
CA ASN L 324 26.87 -8.42 -21.17
C ASN L 324 26.52 -9.37 -22.31
N LYS L 325 25.24 -9.73 -22.40
CA LYS L 325 24.74 -10.60 -23.46
C LYS L 325 24.18 -9.83 -24.64
N GLN L 326 24.64 -8.59 -24.86
CA GLN L 326 24.21 -7.83 -26.01
C GLN L 326 24.82 -8.39 -27.29
N GLU L 327 24.25 -8.00 -28.42
CA GLU L 327 24.74 -8.37 -29.73
C GLU L 327 25.36 -7.16 -30.42
N GLY L 328 26.37 -7.41 -31.21
CA GLY L 328 27.05 -6.35 -31.95
C GLY L 328 28.51 -6.65 -32.12
N LYS L 329 29.10 -6.04 -33.13
CA LYS L 329 30.52 -6.23 -33.42
C LYS L 329 31.38 -5.44 -32.46
N SER L 330 32.46 -6.05 -32.01
CA SER L 330 33.43 -5.42 -31.11
C SER L 330 34.78 -5.39 -31.80
N LEU L 331 35.40 -4.21 -31.83
CA LEU L 331 36.65 -4.00 -32.53
C LEU L 331 37.77 -3.77 -31.53
N TYR L 332 38.83 -4.57 -31.62
CA TYR L 332 40.02 -4.40 -30.80
C TYR L 332 41.02 -3.53 -31.55
N VAL L 333 41.37 -2.40 -30.97
CA VAL L 333 42.34 -1.47 -31.55
C VAL L 333 43.66 -1.69 -30.85
N LYS L 334 44.63 -2.24 -31.56
CA LYS L 334 45.95 -2.46 -30.99
C LYS L 334 46.70 -1.14 -30.85
N GLY L 335 47.78 -1.17 -30.07
CA GLY L 335 48.55 0.00 -29.78
C GLY L 335 49.19 -0.08 -28.41
N GLU L 336 50.45 0.32 -28.30
CA GLU L 336 51.16 0.19 -27.04
C GLU L 336 50.53 1.13 -26.01
N PRO L 337 50.42 0.70 -24.75
CA PRO L 337 49.90 1.59 -23.71
C PRO L 337 50.74 2.85 -23.56
N ILE L 338 50.06 3.95 -23.26
CA ILE L 338 50.70 5.26 -23.19
C ILE L 338 51.74 5.33 -22.07
N ILE L 339 51.51 4.58 -20.99
CA ILE L 339 52.33 4.72 -19.79
C ILE L 339 53.79 4.37 -20.03
N ASN L 340 54.10 3.63 -21.09
CA ASN L 340 55.47 3.28 -21.40
C ASN L 340 56.29 4.47 -21.89
N PHE L 341 55.66 5.60 -22.15
CA PHE L 341 56.31 6.77 -22.75
C PHE L 341 56.91 7.72 -21.72
N TYR L 342 56.87 7.37 -20.44
CA TYR L 342 57.44 8.20 -19.39
C TYR L 342 58.39 7.36 -18.54
N ASP L 343 59.44 8.01 -18.01
CA ASP L 343 60.36 7.32 -17.12
C ASP L 343 60.17 7.79 -15.69
N PRO L 344 60.35 6.91 -14.71
CA PRO L 344 60.04 7.26 -13.32
C PRO L 344 61.04 8.25 -12.74
N LEU L 345 60.71 8.70 -11.52
CA LEU L 345 61.50 9.63 -10.71
C LEU L 345 61.42 11.04 -11.29
N VAL L 346 60.82 11.17 -12.47
CA VAL L 346 60.46 12.47 -13.03
C VAL L 346 58.96 12.61 -13.18
N PHE L 347 58.20 11.53 -13.01
CA PHE L 347 56.76 11.53 -13.19
C PHE L 347 56.06 11.95 -11.91
N PRO L 348 55.29 13.03 -11.90
CA PRO L 348 54.47 13.35 -10.72
C PRO L 348 53.37 12.32 -10.55
N SER L 349 53.41 11.61 -9.42
CA SER L 349 52.59 10.42 -9.23
C SER L 349 51.28 10.68 -8.50
N ASP L 350 50.98 11.93 -8.13
CA ASP L 350 49.73 12.26 -7.44
C ASP L 350 49.06 13.41 -8.18
N GLU L 351 48.31 13.05 -9.21
CA GLU L 351 47.47 13.99 -9.94
C GLU L 351 46.09 13.35 -10.08
N PHE L 352 45.06 14.15 -9.84
CA PHE L 352 43.70 13.63 -9.72
C PHE L 352 42.72 14.29 -10.66
N ASP L 353 43.00 15.51 -11.11
CA ASP L 353 42.20 16.18 -12.13
C ASP L 353 43.09 16.71 -13.24
N ALA L 354 44.30 16.19 -13.38
CA ALA L 354 45.29 16.73 -14.29
C ALA L 354 44.93 16.38 -15.73
N SER L 355 45.82 16.73 -16.65
CA SER L 355 45.61 16.49 -18.06
C SER L 355 46.95 16.15 -18.71
N ILE L 356 46.92 15.96 -20.03
CA ILE L 356 48.16 15.72 -20.77
C ILE L 356 49.08 16.92 -20.66
N SER L 357 48.53 18.13 -20.83
CA SER L 357 49.34 19.34 -20.74
C SER L 357 49.89 19.56 -19.34
N GLN L 358 49.07 19.28 -18.31
CA GLN L 358 49.50 19.51 -16.94
C GLN L 358 50.68 18.63 -16.58
N VAL L 359 50.55 17.33 -16.83
CA VAL L 359 51.63 16.39 -16.50
C VAL L 359 52.86 16.70 -17.35
N ASN L 360 52.66 17.00 -18.63
CA ASN L 360 53.78 17.33 -19.50
C ASN L 360 54.50 18.59 -19.02
N GLU L 361 53.75 19.59 -18.57
CA GLU L 361 54.38 20.82 -18.06
C GLU L 361 55.19 20.54 -16.81
N LYS L 362 54.64 19.73 -15.89
CA LYS L 362 55.38 19.39 -14.68
C LYS L 362 56.63 18.56 -15.01
N ILE L 363 56.51 17.62 -15.94
CA ILE L 363 57.67 16.83 -16.35
C ILE L 363 58.70 17.70 -17.06
N ASN L 364 58.24 18.64 -17.89
CA ASN L 364 59.16 19.57 -18.55
C ASN L 364 59.89 20.43 -17.53
N GLN L 365 59.17 20.90 -16.50
CA GLN L 365 59.82 21.67 -15.44
C GLN L 365 60.83 20.81 -14.68
N SER L 366 60.47 19.56 -14.39
CA SER L 366 61.39 18.67 -13.69
C SER L 366 62.59 18.32 -14.55
N LEU L 367 62.36 18.08 -15.85
CA LEU L 367 63.46 17.71 -16.73
C LEU L 367 64.36 18.91 -17.01
N ALA L 368 63.79 20.10 -17.15
CA ALA L 368 64.60 21.30 -17.26
C ALA L 368 65.41 21.53 -15.98
N PHE L 369 64.83 21.20 -14.83
CA PHE L 369 65.57 21.20 -13.58
C PHE L 369 66.75 20.23 -13.66
N ILE L 370 66.51 19.01 -14.17
CA ILE L 370 67.58 18.01 -14.26
C ILE L 370 68.70 18.51 -15.16
N ARG L 371 68.36 19.16 -16.26
CA ARG L 371 69.37 19.64 -17.19
C ARG L 371 70.09 20.88 -16.64
N LYS L 372 69.35 21.81 -16.05
CA LYS L 372 69.96 23.04 -15.55
C LYS L 372 70.73 22.84 -14.26
N SER L 373 70.46 21.77 -13.51
CA SER L 373 71.26 21.43 -12.34
C SER L 373 72.50 20.62 -12.69
N ASP L 374 72.65 20.22 -13.96
CA ASP L 374 73.86 19.54 -14.43
C ASP L 374 74.72 20.41 -15.33
N GLU L 375 74.12 21.39 -16.01
CA GLU L 375 74.92 22.36 -16.78
C GLU L 375 75.75 23.24 -15.86
N LEU L 376 75.30 23.45 -14.63
CA LEU L 376 76.00 24.30 -13.67
C LEU L 376 77.02 23.52 -12.85
N LEU L 377 76.70 22.30 -12.45
CA LEU L 377 77.61 21.48 -11.67
C LEU L 377 78.49 20.61 -12.58
#